data_2GX2
#
_entry.id   2GX2
#
_cell.length_a   73.091
_cell.length_b   106.160
_cell.length_c   110.070
_cell.angle_alpha   61.17
_cell.angle_beta   70.85
_cell.angle_gamma   86.21
#
_symmetry.space_group_name_H-M   'P 1'
#
loop_
_entity.id
_entity.type
_entity.pdbx_description
1 polymer 'fluorescent protein Dronpa'
2 non-polymer 'MAGNESIUM ION'
3 water water
#
_entity_poly.entity_id   1
_entity_poly.type   'polypeptide(L)'
_entity_poly.pdbx_seq_one_letter_code
;MRGSHHHHHHGSLVPRGSMVSVIKPDMKIKLRMEGAVNGHPFAIEGVGLGKPFEGKQSMDLKVKEGGPLPFAYDILTTVF
(GYS)NRVFAKYPENIVDYFKQSFPEGYSWERSMNYEDGGICNATNDITLDGDCYIYEIRFDGVNFPANGPVMQKRTVKW
EPSTEKLYVRDGVLKGDVNMALSLEGGGHYRCDFKTTYKAKKVVQLPDYHFVDHHIEIKSHDKDYSNVNLHEHAEAHSEL
PRQAK
;
_entity_poly.pdbx_strand_id   A,B,C,D,E,F,G,H,I,J,K,L
#
loop_
_chem_comp.id
_chem_comp.type
_chem_comp.name
_chem_comp.formula
MG non-polymer 'MAGNESIUM ION' 'Mg 2'
#
# COMPACT_ATOMS: atom_id res chain seq x y z
N SER A 21 47.72 25.07 -0.58
CA SER A 21 47.84 23.81 -1.38
C SER A 21 46.54 23.52 -2.12
N VAL A 22 46.63 22.73 -3.19
CA VAL A 22 45.45 22.36 -3.97
C VAL A 22 44.40 21.62 -3.15
N ILE A 23 44.85 20.65 -2.35
CA ILE A 23 43.96 19.88 -1.49
C ILE A 23 43.95 20.51 -0.11
N LYS A 24 42.78 20.97 0.32
CA LYS A 24 42.63 21.60 1.63
C LYS A 24 42.09 20.61 2.66
N PRO A 25 42.39 20.83 3.96
CA PRO A 25 41.96 19.97 5.06
C PRO A 25 40.43 19.78 5.12
N ASP A 26 39.70 20.79 4.66
CA ASP A 26 38.24 20.75 4.65
C ASP A 26 37.73 21.15 3.26
N MET A 27 36.99 20.25 2.64
CA MET A 27 36.47 20.50 1.30
C MET A 27 35.00 20.10 1.16
N LYS A 28 34.38 20.51 0.06
CA LYS A 28 32.97 20.20 -0.19
C LYS A 28 32.75 19.24 -1.35
N ILE A 29 31.50 18.81 -1.49
CA ILE A 29 31.10 17.86 -2.53
C ILE A 29 29.74 18.23 -3.15
N LYS A 30 29.69 18.19 -4.47
CA LYS A 30 28.47 18.46 -5.24
C LYS A 30 28.40 17.30 -6.25
N LEU A 31 27.25 16.65 -6.35
CA LEU A 31 27.11 15.54 -7.27
C LEU A 31 25.72 15.34 -7.84
N ARG A 32 25.67 14.65 -8.97
CA ARG A 32 24.42 14.29 -9.62
C ARG A 32 24.61 12.94 -10.28
N MET A 33 23.74 12.01 -9.90
CA MET A 33 23.77 10.67 -10.47
C MET A 33 22.56 10.46 -11.36
N GLU A 34 22.81 9.93 -12.54
CA GLU A 34 21.76 9.60 -13.48
C GLU A 34 21.97 8.12 -13.74
N GLY A 35 20.92 7.33 -13.59
CA GLY A 35 21.07 5.92 -13.82
C GLY A 35 19.81 5.14 -14.01
N ALA A 36 19.96 3.81 -14.00
CA ALA A 36 18.84 2.90 -14.18
C ALA A 36 19.18 1.55 -13.58
N VAL A 37 18.15 0.85 -13.10
CA VAL A 37 18.30 -0.48 -12.53
C VAL A 37 17.19 -1.32 -13.13
N ASN A 38 17.56 -2.39 -13.84
CA ASN A 38 16.60 -3.26 -14.51
C ASN A 38 15.71 -2.48 -15.48
N GLY A 39 16.25 -1.38 -16.00
CA GLY A 39 15.49 -0.56 -16.94
C GLY A 39 14.71 0.59 -16.33
N HIS A 40 14.68 0.67 -15.00
CA HIS A 40 13.98 1.74 -14.28
C HIS A 40 14.92 2.94 -14.10
N PRO A 41 14.68 4.03 -14.83
CA PRO A 41 15.53 5.22 -14.71
C PRO A 41 15.29 6.01 -13.43
N PHE A 42 16.32 6.72 -12.97
CA PHE A 42 16.24 7.53 -11.77
C PHE A 42 17.36 8.57 -11.77
N ALA A 43 17.28 9.53 -10.85
CA ALA A 43 18.28 10.57 -10.74
C ALA A 43 18.39 11.03 -9.30
N ILE A 44 19.62 11.18 -8.82
CA ILE A 44 19.87 11.58 -7.45
C ILE A 44 20.93 12.68 -7.41
N GLU A 45 20.73 13.66 -6.54
CA GLU A 45 21.68 14.75 -6.38
C GLU A 45 22.10 14.82 -4.93
N GLY A 46 23.28 15.36 -4.67
CA GLY A 46 23.74 15.44 -3.31
C GLY A 46 24.81 16.48 -3.05
N VAL A 47 24.92 16.85 -1.79
CA VAL A 47 25.90 17.82 -1.33
C VAL A 47 26.55 17.24 -0.08
N GLY A 48 27.83 17.51 0.10
CA GLY A 48 28.51 17.00 1.27
C GLY A 48 29.81 17.71 1.57
N LEU A 49 30.56 17.16 2.51
CA LEU A 49 31.84 17.74 2.91
C LEU A 49 32.72 16.65 3.51
N GLY A 50 34.03 16.88 3.48
CA GLY A 50 34.95 15.91 4.03
C GLY A 50 36.35 16.45 4.29
N LYS A 51 37.14 15.62 4.95
CA LYS A 51 38.52 15.94 5.29
C LYS A 51 39.41 14.93 4.55
N PRO A 52 39.95 15.34 3.40
CA PRO A 52 40.82 14.51 2.56
C PRO A 52 41.99 13.84 3.29
N PHE A 53 42.66 14.61 4.15
CA PHE A 53 43.80 14.10 4.89
C PHE A 53 43.46 13.18 6.06
N GLU A 54 42.20 13.19 6.47
CA GLU A 54 41.77 12.33 7.57
C GLU A 54 41.02 11.10 7.05
N GLY A 55 40.72 11.11 5.75
CA GLY A 55 40.02 10.01 5.12
C GLY A 55 38.54 9.92 5.46
N LYS A 56 37.96 11.02 5.94
CA LYS A 56 36.55 11.03 6.31
C LYS A 56 35.70 11.94 5.43
N GLN A 57 34.46 11.54 5.21
CA GLN A 57 33.51 12.31 4.39
C GLN A 57 32.07 11.98 4.75
N SER A 58 31.16 12.91 4.43
CA SER A 58 29.74 12.73 4.70
C SER A 58 28.93 13.51 3.67
N MET A 59 27.75 13.01 3.34
CA MET A 59 26.90 13.66 2.35
C MET A 59 25.41 13.37 2.51
N ASP A 60 24.60 14.33 2.03
CA ASP A 60 23.15 14.22 2.06
C ASP A 60 22.68 14.05 0.63
N LEU A 61 22.01 12.94 0.36
CA LEU A 61 21.54 12.62 -0.98
C LEU A 61 20.02 12.72 -1.10
N LYS A 62 19.56 13.28 -2.21
CA LYS A 62 18.13 13.44 -2.45
C LYS A 62 17.72 12.90 -3.82
N VAL A 63 16.74 12.00 -3.83
CA VAL A 63 16.23 11.43 -5.06
C VAL A 63 15.38 12.50 -5.77
N LYS A 64 15.83 12.91 -6.96
CA LYS A 64 15.14 13.93 -7.72
C LYS A 64 14.17 13.35 -8.76
N GLU A 65 14.52 12.18 -9.28
CA GLU A 65 13.69 11.51 -10.29
C GLU A 65 13.67 10.00 -10.08
N GLY A 66 12.57 9.37 -10.51
CA GLY A 66 12.43 7.93 -10.38
C GLY A 66 12.01 7.42 -9.02
N GLY A 67 11.79 8.32 -8.07
CA GLY A 67 11.38 7.92 -6.73
C GLY A 67 9.92 7.50 -6.63
N PRO A 68 9.58 6.61 -5.68
CA PRO A 68 10.49 5.99 -4.72
C PRO A 68 11.27 4.83 -5.36
N LEU A 69 12.56 4.75 -5.06
CA LEU A 69 13.43 3.71 -5.60
C LEU A 69 12.95 2.30 -5.24
N PRO A 70 12.68 1.47 -6.26
CA PRO A 70 12.22 0.08 -6.09
C PRO A 70 13.31 -0.95 -5.81
N PHE A 71 14.52 -0.48 -5.52
CA PHE A 71 15.66 -1.37 -5.23
C PHE A 71 16.43 -0.93 -4.00
N ALA A 72 17.28 -1.82 -3.48
CA ALA A 72 18.09 -1.54 -2.30
C ALA A 72 19.04 -0.37 -2.55
N TYR A 73 18.94 0.67 -1.73
CA TYR A 73 19.77 1.85 -1.87
C TYR A 73 21.27 1.57 -1.73
N ASP A 74 21.61 0.53 -0.97
CA ASP A 74 23.02 0.17 -0.74
C ASP A 74 23.86 -0.06 -1.99
N ILE A 75 23.24 -0.51 -3.08
CA ILE A 75 23.99 -0.76 -4.30
C ILE A 75 24.55 0.53 -4.92
N LEU A 76 24.01 1.67 -4.46
CA LEU A 76 24.41 2.99 -4.97
C LEU A 76 25.48 3.70 -4.15
N THR A 77 25.50 3.42 -2.85
CA THR A 77 26.41 4.09 -1.92
C THR A 77 27.91 4.21 -2.21
N THR A 78 28.54 3.15 -2.67
CA THR A 78 29.97 3.23 -2.98
C THR A 78 30.24 4.03 -4.25
N VAL A 79 29.19 4.34 -4.99
CA VAL A 79 29.35 5.14 -6.20
C VAL A 79 29.32 6.62 -5.82
N PHE A 80 28.55 6.96 -4.78
CA PHE A 80 28.48 8.35 -4.29
C PHE A 80 29.77 8.61 -3.51
N1 GYS A 81 30.38 7.58 -2.71
OG1 GYS A 81 31.67 7.66 0.67
CB1 GYS A 81 30.94 7.04 -0.47
CA1 GYS A 81 31.50 7.41 -1.81
C1 GYS A 81 32.43 6.37 -2.35
N2 GYS A 81 32.75 5.25 -1.81
N3 GYS A 81 33.07 6.51 -3.57
C2 GYS A 81 33.85 5.40 -3.83
O2 GYS A 81 34.53 5.27 -4.88
CA2 GYS A 81 33.62 4.58 -2.66
CA3 GYS A 81 32.99 7.62 -4.55
CB2 GYS A 81 34.23 3.34 -2.51
CG2 GYS A 81 34.14 2.39 -1.49
CD1 GYS A 81 33.33 2.60 -0.33
CD2 GYS A 81 34.86 1.16 -1.62
CE1 GYS A 81 33.23 1.59 0.67
CE2 GYS A 81 34.76 0.17 -0.62
CZ GYS A 81 33.95 0.38 0.53
OH GYS A 81 33.89 -0.59 1.46
C3 GYS A 81 34.16 8.30 -5.14
O3 GYS A 81 34.09 8.79 -6.25
N ASN A 82 35.04 8.59 -4.25
CA ASN A 82 36.15 9.52 -4.41
C ASN A 82 37.27 9.15 -3.46
N ARG A 83 38.30 8.50 -4.00
CA ARG A 83 39.42 8.06 -3.20
C ARG A 83 40.34 9.17 -2.68
N VAL A 84 40.04 10.43 -3.00
CA VAL A 84 40.86 11.52 -2.46
C VAL A 84 40.59 11.56 -0.96
N PHE A 85 39.39 11.11 -0.59
CA PHE A 85 38.97 11.04 0.80
C PHE A 85 39.45 9.73 1.41
N ALA A 86 40.77 9.60 1.49
CA ALA A 86 41.41 8.41 2.06
C ALA A 86 42.74 8.87 2.63
N LYS A 87 42.98 8.52 3.88
CA LYS A 87 44.21 8.90 4.57
C LYS A 87 45.40 8.08 4.08
N TYR A 88 46.28 8.73 3.33
CA TYR A 88 47.49 8.10 2.80
C TYR A 88 48.71 8.45 3.63
N PRO A 89 49.45 7.44 4.11
CA PRO A 89 50.65 7.70 4.91
C PRO A 89 51.69 8.31 3.97
N GLU A 90 52.71 8.95 4.53
CA GLU A 90 53.75 9.58 3.73
C GLU A 90 54.60 8.63 2.87
N ASN A 91 54.64 7.35 3.24
CA ASN A 91 55.43 6.38 2.48
C ASN A 91 54.68 5.66 1.35
N ILE A 92 53.52 6.17 0.98
CA ILE A 92 52.73 5.58 -0.11
C ILE A 92 52.30 6.72 -1.02
N VAL A 93 52.64 6.64 -2.31
CA VAL A 93 52.24 7.70 -3.22
C VAL A 93 50.73 7.76 -3.36
N ASP A 94 50.20 8.98 -3.33
CA ASP A 94 48.78 9.24 -3.42
C ASP A 94 48.40 9.64 -4.85
N TYR A 95 47.97 8.66 -5.63
CA TYR A 95 47.56 8.85 -7.01
C TYR A 95 46.44 9.88 -7.16
N PHE A 96 45.55 9.89 -6.17
CA PHE A 96 44.39 10.76 -6.17
C PHE A 96 44.62 12.23 -5.86
N LYS A 97 45.27 12.52 -4.74
CA LYS A 97 45.53 13.90 -4.37
C LYS A 97 46.47 14.59 -5.37
N GLN A 98 47.29 13.80 -6.04
CA GLN A 98 48.21 14.30 -7.06
C GLN A 98 47.47 14.75 -8.31
N SER A 99 46.36 14.08 -8.62
CA SER A 99 45.59 14.38 -9.83
C SER A 99 44.94 15.75 -9.93
N PHE A 100 44.80 16.44 -8.80
CA PHE A 100 44.18 17.76 -8.82
C PHE A 100 45.17 18.89 -9.02
N PRO A 101 44.70 20.08 -9.46
CA PRO A 101 43.32 20.49 -9.75
C PRO A 101 42.62 19.83 -10.94
N GLU A 102 43.37 19.26 -11.87
CA GLU A 102 42.77 18.61 -13.05
C GLU A 102 41.73 17.54 -12.68
N GLY A 103 42.07 16.73 -11.69
CA GLY A 103 41.16 15.69 -11.24
C GLY A 103 41.39 14.34 -11.90
N TYR A 104 40.39 13.46 -11.75
CA TYR A 104 40.46 12.12 -12.33
C TYR A 104 39.06 11.58 -12.52
N SER A 105 38.97 10.44 -13.17
CA SER A 105 37.69 9.78 -13.39
C SER A 105 37.87 8.30 -13.10
N TRP A 106 36.76 7.61 -12.82
CA TRP A 106 36.83 6.19 -12.57
C TRP A 106 35.68 5.42 -13.20
N GLU A 107 35.92 4.15 -13.48
CA GLU A 107 34.95 3.26 -14.08
C GLU A 107 34.94 2.04 -13.17
N ARG A 108 33.77 1.44 -12.98
CA ARG A 108 33.66 0.27 -12.11
C ARG A 108 32.56 -0.69 -12.50
N SER A 109 32.83 -1.98 -12.32
CA SER A 109 31.85 -3.02 -12.57
C SER A 109 31.68 -3.70 -11.22
N MET A 110 30.44 -3.90 -10.81
CA MET A 110 30.12 -4.54 -9.53
C MET A 110 29.31 -5.78 -9.86
N ASN A 111 29.98 -6.91 -9.71
CA ASN A 111 29.44 -8.23 -10.03
C ASN A 111 28.90 -8.96 -8.80
N TYR A 112 27.57 -8.98 -8.66
CA TYR A 112 26.92 -9.64 -7.52
C TYR A 112 26.82 -11.14 -7.74
N GLU A 113 26.91 -11.91 -6.66
CA GLU A 113 26.89 -13.35 -6.75
C GLU A 113 25.69 -14.00 -7.45
N ASP A 114 24.54 -13.33 -7.46
CA ASP A 114 23.37 -13.90 -8.12
C ASP A 114 23.21 -13.43 -9.57
N GLY A 115 24.25 -12.83 -10.13
CA GLY A 115 24.18 -12.40 -11.51
C GLY A 115 23.85 -10.94 -11.78
N GLY A 116 23.38 -10.23 -10.76
CA GLY A 116 23.11 -8.81 -10.93
C GLY A 116 24.43 -8.10 -11.17
N ILE A 117 24.48 -7.25 -12.20
CA ILE A 117 25.73 -6.54 -12.51
C ILE A 117 25.47 -5.04 -12.61
N CYS A 118 26.33 -4.25 -11.97
CA CYS A 118 26.22 -2.80 -12.00
C CYS A 118 27.49 -2.13 -12.50
N ASN A 119 27.35 -1.29 -13.51
CA ASN A 119 28.45 -0.55 -14.08
C ASN A 119 28.26 0.91 -13.67
N ALA A 120 29.32 1.56 -13.23
CA ALA A 120 29.23 2.95 -12.82
C ALA A 120 30.47 3.72 -13.24
N THR A 121 30.29 5.03 -13.42
CA THR A 121 31.39 5.90 -13.79
C THR A 121 31.25 7.20 -13.01
N ASN A 122 32.38 7.83 -12.72
CA ASN A 122 32.36 9.10 -12.00
C ASN A 122 33.49 9.97 -12.54
N ASP A 123 33.10 11.10 -13.13
CA ASP A 123 34.05 12.06 -13.67
C ASP A 123 34.15 13.13 -12.60
N ILE A 124 35.31 13.21 -11.96
CA ILE A 124 35.54 14.16 -10.87
C ILE A 124 36.38 15.36 -11.26
N THR A 125 35.82 16.54 -11.05
CA THR A 125 36.50 17.80 -11.32
C THR A 125 36.55 18.60 -10.04
N LEU A 126 37.19 19.76 -10.07
CA LEU A 126 37.31 20.60 -8.88
C LEU A 126 37.04 22.07 -9.19
N ASP A 127 36.17 22.67 -8.39
CA ASP A 127 35.82 24.07 -8.51
C ASP A 127 36.03 24.71 -7.15
N GLY A 128 37.19 25.33 -6.98
CA GLY A 128 37.52 25.96 -5.71
C GLY A 128 37.82 24.91 -4.67
N ASP A 129 37.00 24.86 -3.62
CA ASP A 129 37.18 23.89 -2.54
C ASP A 129 36.10 22.80 -2.61
N CYS A 130 35.39 22.74 -3.73
CA CYS A 130 34.32 21.78 -3.91
C CYS A 130 34.52 20.82 -5.08
N TYR A 131 34.42 19.53 -4.80
CA TYR A 131 34.55 18.49 -5.83
C TYR A 131 33.20 18.33 -6.51
N ILE A 132 33.21 18.14 -7.82
CA ILE A 132 31.97 17.95 -8.58
C ILE A 132 31.97 16.57 -9.22
N TYR A 133 30.92 15.80 -8.95
CA TYR A 133 30.82 14.45 -9.52
C TYR A 133 29.74 14.38 -10.60
N GLU A 134 30.09 13.80 -11.74
CA GLU A 134 29.16 13.58 -12.82
C GLU A 134 29.12 12.05 -12.82
N ILE A 135 28.05 11.50 -12.26
CA ILE A 135 27.92 10.05 -12.13
C ILE A 135 26.87 9.37 -13.00
N ARG A 136 27.22 8.18 -13.51
CA ARG A 136 26.32 7.37 -14.30
C ARG A 136 26.31 5.99 -13.62
N PHE A 137 25.12 5.41 -13.46
CA PHE A 137 24.96 4.12 -12.81
C PHE A 137 23.98 3.24 -13.57
N ASP A 138 24.38 2.02 -13.90
CA ASP A 138 23.50 1.11 -14.63
C ASP A 138 23.59 -0.32 -14.12
N GLY A 139 22.47 -0.83 -13.59
CA GLY A 139 22.43 -2.19 -13.10
C GLY A 139 21.42 -3.03 -13.85
N VAL A 140 21.78 -4.30 -14.10
CA VAL A 140 20.90 -5.20 -14.83
C VAL A 140 20.92 -6.61 -14.25
N ASN A 141 19.94 -7.41 -14.64
CA ASN A 141 19.78 -8.80 -14.23
C ASN A 141 19.62 -9.09 -12.74
N PHE A 142 19.03 -8.18 -11.99
CA PHE A 142 18.78 -8.42 -10.57
C PHE A 142 17.47 -9.21 -10.50
N PRO A 143 17.51 -10.43 -9.93
CA PRO A 143 16.31 -11.26 -9.81
C PRO A 143 15.24 -10.56 -8.99
N ALA A 144 13.98 -10.67 -9.42
CA ALA A 144 12.86 -10.02 -8.74
C ALA A 144 12.73 -10.45 -7.26
N ASN A 145 13.08 -11.69 -6.97
CA ASN A 145 13.01 -12.20 -5.61
C ASN A 145 14.33 -12.10 -4.85
N GLY A 146 15.31 -11.45 -5.48
CA GLY A 146 16.62 -11.30 -4.86
C GLY A 146 16.66 -10.22 -3.79
N PRO A 147 17.73 -10.17 -2.96
CA PRO A 147 17.89 -9.19 -1.90
C PRO A 147 17.92 -7.72 -2.31
N VAL A 148 18.32 -7.45 -3.55
CA VAL A 148 18.37 -6.06 -4.02
C VAL A 148 16.97 -5.55 -4.35
N MET A 149 16.24 -6.27 -5.18
CA MET A 149 14.89 -5.86 -5.56
C MET A 149 13.89 -6.00 -4.41
N GLN A 150 14.21 -6.87 -3.45
CA GLN A 150 13.36 -7.09 -2.29
C GLN A 150 13.77 -6.23 -1.09
N LYS A 151 14.79 -5.39 -1.28
CA LYS A 151 15.28 -4.49 -0.22
C LYS A 151 15.58 -5.25 1.08
N ARG A 152 16.41 -6.28 0.98
CA ARG A 152 16.78 -7.11 2.13
C ARG A 152 18.16 -6.78 2.67
N THR A 153 18.82 -5.78 2.10
CA THR A 153 20.17 -5.42 2.55
C THR A 153 20.15 -4.55 3.80
N VAL A 154 21.12 -4.78 4.68
CA VAL A 154 21.26 -4.03 5.92
C VAL A 154 22.33 -2.96 5.76
N LYS A 155 23.53 -3.39 5.35
CA LYS A 155 24.66 -2.49 5.17
C LYS A 155 25.82 -3.22 4.52
N TRP A 156 26.82 -2.46 4.06
CA TRP A 156 28.03 -3.04 3.49
C TRP A 156 28.93 -3.28 4.70
N GLU A 157 29.67 -4.37 4.67
CA GLU A 157 30.62 -4.65 5.72
C GLU A 157 31.87 -3.83 5.40
N PRO A 158 32.73 -3.55 6.39
CA PRO A 158 33.95 -2.79 6.11
C PRO A 158 34.75 -3.63 5.11
N SER A 159 35.66 -3.00 4.37
CA SER A 159 36.43 -3.74 3.38
C SER A 159 37.87 -3.29 3.22
N THR A 160 38.63 -4.06 2.44
CA THR A 160 40.01 -3.73 2.13
C THR A 160 40.17 -3.82 0.62
N GLU A 161 40.38 -2.67 0.00
CA GLU A 161 40.55 -2.59 -1.43
C GLU A 161 42.02 -2.81 -1.77
N LYS A 162 42.27 -3.62 -2.81
CA LYS A 162 43.62 -3.92 -3.27
C LYS A 162 43.91 -3.06 -4.49
N LEU A 163 44.90 -2.18 -4.40
CA LEU A 163 45.23 -1.29 -5.51
C LEU A 163 46.57 -1.60 -6.14
N TYR A 164 46.57 -1.68 -7.48
CA TYR A 164 47.75 -1.99 -8.26
C TYR A 164 47.73 -1.31 -9.60
N VAL A 165 48.91 -0.98 -10.10
CA VAL A 165 49.03 -0.31 -11.38
C VAL A 165 48.94 -1.28 -12.55
N ARG A 166 48.26 -0.84 -13.60
CA ARG A 166 48.15 -1.61 -14.83
C ARG A 166 47.92 -0.66 -15.98
N ASP A 167 48.67 -0.88 -17.06
CA ASP A 167 48.56 -0.05 -18.27
C ASP A 167 48.69 1.45 -17.99
N GLY A 168 49.60 1.80 -17.09
CA GLY A 168 49.82 3.21 -16.78
C GLY A 168 48.77 3.87 -15.90
N VAL A 169 47.72 3.14 -15.55
CA VAL A 169 46.67 3.69 -14.69
C VAL A 169 46.56 2.83 -13.43
N LEU A 170 45.64 3.19 -12.53
CA LEU A 170 45.47 2.46 -11.28
C LEU A 170 44.21 1.62 -11.21
N LYS A 171 44.37 0.38 -10.76
CA LYS A 171 43.25 -0.55 -10.60
C LYS A 171 42.97 -0.73 -9.12
N GLY A 172 41.71 -0.99 -8.79
CA GLY A 172 41.32 -1.22 -7.42
C GLY A 172 40.29 -2.32 -7.42
N ASP A 173 40.57 -3.41 -6.73
CA ASP A 173 39.64 -4.54 -6.65
C ASP A 173 39.27 -4.81 -5.19
N VAL A 174 38.01 -5.14 -4.95
CA VAL A 174 37.57 -5.41 -3.59
C VAL A 174 36.43 -6.40 -3.46
N ASN A 175 36.58 -7.31 -2.48
CA ASN A 175 35.57 -8.31 -2.19
C ASN A 175 34.62 -7.62 -1.22
N MET A 176 33.43 -7.30 -1.70
CA MET A 176 32.45 -6.63 -0.87
C MET A 176 31.33 -7.58 -0.43
N ALA A 177 30.66 -7.23 0.66
CA ALA A 177 29.57 -8.06 1.16
C ALA A 177 28.49 -7.23 1.85
N LEU A 178 27.25 -7.53 1.51
CA LEU A 178 26.12 -6.85 2.12
C LEU A 178 25.49 -7.77 3.15
N SER A 179 25.37 -7.29 4.39
CA SER A 179 24.75 -8.06 5.47
C SER A 179 23.25 -8.09 5.13
N LEU A 180 22.63 -9.26 5.28
CA LEU A 180 21.21 -9.41 4.97
C LEU A 180 20.27 -9.42 6.18
N GLU A 181 19.05 -8.94 5.96
CA GLU A 181 18.03 -8.86 7.01
C GLU A 181 17.71 -10.22 7.64
N GLY A 182 17.56 -11.25 6.82
CA GLY A 182 17.25 -12.57 7.34
C GLY A 182 18.46 -13.32 7.90
N GLY A 183 19.64 -12.72 7.76
CA GLY A 183 20.86 -13.33 8.23
C GLY A 183 21.75 -13.70 7.05
N GLY A 184 23.05 -13.86 7.27
CA GLY A 184 23.94 -14.21 6.18
C GLY A 184 24.39 -12.99 5.39
N HIS A 185 25.13 -13.22 4.31
CA HIS A 185 25.64 -12.15 3.47
C HIS A 185 25.37 -12.34 1.99
N TYR A 186 25.50 -11.24 1.25
CA TYR A 186 25.30 -11.20 -0.20
C TYR A 186 26.59 -10.60 -0.77
N ARG A 187 27.34 -11.41 -1.51
CA ARG A 187 28.63 -10.99 -2.06
C ARG A 187 28.64 -10.27 -3.40
N CYS A 188 29.62 -9.37 -3.55
CA CYS A 188 29.82 -8.60 -4.77
C CYS A 188 31.30 -8.33 -4.99
N ASP A 189 31.75 -8.51 -6.23
CA ASP A 189 33.15 -8.26 -6.57
C ASP A 189 33.27 -6.94 -7.33
N PHE A 190 34.04 -6.01 -6.77
CA PHE A 190 34.26 -4.69 -7.41
C PHE A 190 35.56 -4.72 -8.20
N LYS A 191 35.54 -4.09 -9.37
CA LYS A 191 36.73 -3.94 -10.22
C LYS A 191 36.68 -2.50 -10.74
N THR A 192 37.52 -1.65 -10.16
CA THR A 192 37.57 -0.24 -10.52
C THR A 192 38.86 0.15 -11.23
N THR A 193 38.74 1.09 -12.16
CA THR A 193 39.89 1.63 -12.89
C THR A 193 39.87 3.14 -12.64
N TYR A 194 40.96 3.67 -12.09
CA TYR A 194 41.09 5.09 -11.80
C TYR A 194 42.01 5.70 -12.85
N LYS A 195 41.60 6.80 -13.47
CA LYS A 195 42.40 7.45 -14.50
C LYS A 195 42.59 8.95 -14.25
N ALA A 196 43.80 9.32 -13.83
CA ALA A 196 44.12 10.73 -13.57
C ALA A 196 44.08 11.51 -14.89
N LYS A 197 43.66 12.77 -14.82
CA LYS A 197 43.56 13.61 -16.02
C LYS A 197 44.88 14.28 -16.42
N LYS A 198 45.96 13.89 -15.75
CA LYS A 198 47.29 14.40 -16.03
C LYS A 198 48.29 13.37 -15.50
N VAL A 199 49.55 13.52 -15.91
CA VAL A 199 50.60 12.60 -15.48
C VAL A 199 50.91 12.79 -14.00
N VAL A 200 50.84 11.71 -13.25
CA VAL A 200 51.13 11.72 -11.82
C VAL A 200 52.00 10.51 -11.51
N GLN A 201 52.67 10.52 -10.36
CA GLN A 201 53.51 9.39 -9.97
C GLN A 201 52.63 8.19 -9.63
N LEU A 202 53.04 7.02 -10.08
CA LEU A 202 52.29 5.79 -9.85
C LEU A 202 52.70 5.11 -8.55
N PRO A 203 51.72 4.61 -7.79
CA PRO A 203 52.04 3.94 -6.53
C PRO A 203 52.39 2.47 -6.69
N ASP A 204 53.01 1.92 -5.64
CA ASP A 204 53.33 0.51 -5.63
C ASP A 204 52.08 -0.16 -5.09
N TYR A 205 52.05 -1.49 -5.11
CA TYR A 205 50.90 -2.24 -4.63
C TYR A 205 50.56 -1.84 -3.19
N HIS A 206 49.30 -1.47 -2.96
CA HIS A 206 48.89 -1.08 -1.61
C HIS A 206 47.42 -1.39 -1.34
N PHE A 207 46.96 -1.02 -0.14
CA PHE A 207 45.59 -1.28 0.26
C PHE A 207 44.90 -0.05 0.82
N VAL A 208 43.58 -0.05 0.74
CA VAL A 208 42.77 1.01 1.30
C VAL A 208 41.61 0.36 2.04
N ASP A 209 41.61 0.50 3.36
CA ASP A 209 40.52 -0.01 4.19
C ASP A 209 39.37 0.98 4.07
N HIS A 210 38.15 0.46 3.99
CA HIS A 210 36.96 1.29 3.89
C HIS A 210 35.90 0.87 4.89
N HIS A 211 34.98 1.78 5.15
CA HIS A 211 33.83 1.53 6.01
C HIS A 211 32.80 2.60 5.68
N ILE A 212 31.84 2.23 4.85
CA ILE A 212 30.78 3.12 4.42
C ILE A 212 29.52 2.81 5.22
N GLU A 213 28.82 3.84 5.66
CA GLU A 213 27.60 3.66 6.46
C GLU A 213 26.52 4.71 6.19
N ILE A 214 25.29 4.26 6.09
CA ILE A 214 24.16 5.17 5.93
C ILE A 214 23.82 5.52 7.37
N LYS A 215 24.09 6.76 7.78
CA LYS A 215 23.82 7.20 9.14
C LYS A 215 22.34 7.47 9.42
N SER A 216 21.63 7.95 8.39
CA SER A 216 20.20 8.23 8.54
C SER A 216 19.52 8.23 7.17
N HIS A 217 18.21 8.02 7.19
CA HIS A 217 17.40 8.00 5.98
C HIS A 217 15.91 8.01 6.33
N ASP A 218 15.08 8.40 5.38
CA ASP A 218 13.64 8.40 5.62
C ASP A 218 13.01 7.13 5.05
N LYS A 219 11.71 6.96 5.28
CA LYS A 219 10.96 5.78 4.82
C LYS A 219 11.37 5.16 3.48
N ASP A 220 11.18 5.89 2.40
CA ASP A 220 11.50 5.39 1.06
C ASP A 220 12.90 5.74 0.54
N TYR A 221 13.76 6.21 1.43
CA TYR A 221 15.14 6.59 1.10
C TYR A 221 15.29 7.80 0.17
N SER A 222 14.28 8.65 0.13
CA SER A 222 14.32 9.86 -0.69
C SER A 222 15.41 10.80 -0.17
N ASN A 223 15.73 10.66 1.11
CA ASN A 223 16.77 11.44 1.77
C ASN A 223 17.71 10.50 2.51
N VAL A 224 19.00 10.56 2.19
CA VAL A 224 20.00 9.70 2.81
C VAL A 224 21.24 10.46 3.25
N ASN A 225 21.71 10.16 4.46
CA ASN A 225 22.93 10.76 5.00
C ASN A 225 23.96 9.64 5.00
N LEU A 226 24.97 9.77 4.15
CA LEU A 226 26.02 8.76 3.99
C LEU A 226 27.39 9.20 4.51
N HIS A 227 28.08 8.28 5.17
CA HIS A 227 29.40 8.54 5.74
C HIS A 227 30.41 7.46 5.32
N GLU A 228 31.68 7.85 5.20
CA GLU A 228 32.74 6.91 4.86
C GLU A 228 34.06 7.30 5.49
N HIS A 229 34.78 6.27 5.96
CA HIS A 229 36.09 6.44 6.56
C HIS A 229 37.02 5.50 5.81
N ALA A 230 38.12 6.04 5.28
CA ALA A 230 39.07 5.24 4.51
C ALA A 230 40.52 5.59 4.82
N GLU A 231 41.34 4.56 4.96
CA GLU A 231 42.77 4.74 5.23
C GLU A 231 43.59 3.76 4.41
N ALA A 232 44.67 4.28 3.82
CA ALA A 232 45.56 3.45 3.02
C ALA A 232 46.68 2.89 3.90
N HIS A 233 47.20 1.74 3.48
CA HIS A 233 48.29 1.08 4.19
C HIS A 233 49.04 0.15 3.24
N SER A 234 50.25 -0.23 3.61
CA SER A 234 51.05 -1.10 2.76
C SER A 234 52.01 -1.97 3.56
N GLU A 235 52.79 -2.77 2.84
CA GLU A 235 53.77 -3.66 3.44
C GLU A 235 54.91 -2.87 4.09
N VAL B 22 -32.55 61.45 11.42
CA VAL B 22 -31.24 61.41 12.12
C VAL B 22 -30.99 60.00 12.70
N ILE B 23 -29.73 59.59 12.68
CA ILE B 23 -29.33 58.28 13.20
C ILE B 23 -28.89 58.43 14.66
N LYS B 24 -29.59 57.74 15.56
CA LYS B 24 -29.29 57.79 16.99
C LYS B 24 -28.45 56.58 17.42
N PRO B 25 -27.65 56.73 18.50
CA PRO B 25 -26.81 55.62 18.99
C PRO B 25 -27.57 54.36 19.38
N ASP B 26 -28.82 54.53 19.81
CA ASP B 26 -29.67 53.41 20.20
C ASP B 26 -30.98 53.50 19.44
N MET B 27 -31.28 52.48 18.64
CA MET B 27 -32.52 52.46 17.87
C MET B 27 -33.23 51.10 17.86
N LYS B 28 -34.51 51.13 17.54
CA LYS B 28 -35.34 49.92 17.51
C LYS B 28 -35.56 49.34 16.12
N ILE B 29 -36.14 48.16 16.09
CA ILE B 29 -36.43 47.45 14.84
C ILE B 29 -37.79 46.77 14.96
N LYS B 30 -38.58 46.85 13.90
CA LYS B 30 -39.88 46.20 13.83
C LYS B 30 -39.95 45.63 12.42
N LEU B 31 -40.33 44.36 12.30
CA LEU B 31 -40.38 43.74 10.98
C LEU B 31 -41.44 42.68 10.79
N ARG B 32 -41.71 42.38 9.52
CA ARG B 32 -42.65 41.34 9.15
C ARG B 32 -42.16 40.72 7.84
N MET B 33 -42.00 39.41 7.85
CA MET B 33 -41.56 38.66 6.68
C MET B 33 -42.68 37.75 6.21
N GLU B 34 -42.95 37.78 4.91
CA GLU B 34 -43.92 36.89 4.32
C GLU B 34 -43.12 36.13 3.28
N GLY B 35 -43.25 34.82 3.24
CA GLY B 35 -42.48 34.07 2.28
C GLY B 35 -42.91 32.65 2.03
N ALA B 36 -42.06 31.93 1.32
CA ALA B 36 -42.32 30.53 0.99
C ALA B 36 -41.04 29.80 0.63
N VAL B 37 -40.99 28.52 0.99
CA VAL B 37 -39.84 27.67 0.66
C VAL B 37 -40.45 26.44 -0.01
N ASN B 38 -39.99 26.15 -1.23
CA ASN B 38 -40.50 25.02 -2.00
C ASN B 38 -42.02 25.08 -2.15
N GLY B 39 -42.55 26.29 -2.29
CA GLY B 39 -43.98 26.46 -2.46
C GLY B 39 -44.85 26.47 -1.21
N HIS B 40 -44.25 26.36 -0.03
CA HIS B 40 -45.02 26.38 1.21
C HIS B 40 -44.82 27.70 1.96
N PRO B 41 -45.90 28.49 2.08
CA PRO B 41 -45.88 29.80 2.75
C PRO B 41 -45.75 29.80 4.26
N PHE B 42 -45.24 30.93 4.78
CA PHE B 42 -45.06 31.14 6.21
C PHE B 42 -44.94 32.65 6.43
N ALA B 43 -45.10 33.07 7.68
CA ALA B 43 -44.98 34.48 8.03
C ALA B 43 -44.29 34.58 9.38
N ILE B 44 -43.40 35.55 9.50
CA ILE B 44 -42.63 35.76 10.72
C ILE B 44 -42.57 37.25 11.06
N GLU B 45 -42.79 37.57 12.32
CA GLU B 45 -42.73 38.94 12.79
C GLU B 45 -41.61 39.06 13.82
N GLY B 46 -41.10 40.27 14.00
CA GLY B 46 -40.02 40.45 14.96
C GLY B 46 -39.85 41.87 15.45
N VAL B 47 -39.13 41.99 16.56
CA VAL B 47 -38.81 43.27 17.17
C VAL B 47 -37.37 43.19 17.64
N GLY B 48 -36.66 44.31 17.60
CA GLY B 48 -35.29 44.29 18.04
C GLY B 48 -34.76 45.68 18.35
N LEU B 49 -33.45 45.74 18.58
CA LEU B 49 -32.77 46.99 18.87
C LEU B 49 -31.31 46.84 18.47
N GLY B 50 -30.65 47.96 18.26
CA GLY B 50 -29.26 47.91 17.87
C GLY B 50 -28.54 49.24 18.02
N LYS B 51 -27.22 49.18 17.82
CA LYS B 51 -26.34 50.34 17.91
C LYS B 51 -25.76 50.54 16.51
N PRO B 52 -26.36 51.42 15.69
CA PRO B 52 -25.89 51.68 14.32
C PRO B 52 -24.40 52.01 14.18
N PHE B 53 -23.90 52.85 15.08
CA PHE B 53 -22.49 53.26 15.04
C PHE B 53 -21.52 52.19 15.55
N GLU B 54 -22.03 51.24 16.32
CA GLU B 54 -21.20 50.16 16.85
C GLU B 54 -21.31 48.91 15.96
N GLY B 55 -22.27 48.93 15.04
CA GLY B 55 -22.46 47.81 14.14
C GLY B 55 -23.01 46.57 14.83
N LYS B 56 -23.75 46.76 15.91
CA LYS B 56 -24.32 45.65 16.67
C LYS B 56 -25.85 45.71 16.70
N GLN B 57 -26.49 44.54 16.66
CA GLN B 57 -27.94 44.46 16.68
C GLN B 57 -28.42 43.10 17.16
N SER B 58 -29.67 43.06 17.63
CA SER B 58 -30.26 41.82 18.08
C SER B 58 -31.76 41.93 17.93
N MET B 59 -32.42 40.79 17.76
CA MET B 59 -33.86 40.79 17.61
C MET B 59 -34.49 39.47 17.99
N ASP B 60 -35.77 39.55 18.32
CA ASP B 60 -36.55 38.38 18.68
C ASP B 60 -37.58 38.17 17.59
N LEU B 61 -37.52 37.00 16.97
CA LEU B 61 -38.41 36.64 15.86
C LEU B 61 -39.44 35.58 16.26
N LYS B 62 -40.67 35.75 15.78
CA LYS B 62 -41.74 34.82 16.09
C LYS B 62 -42.46 34.36 14.82
N VAL B 63 -42.54 33.05 14.64
CA VAL B 63 -43.24 32.49 13.49
C VAL B 63 -44.74 32.64 13.76
N LYS B 64 -45.44 33.35 12.88
CA LYS B 64 -46.86 33.61 13.03
C LYS B 64 -47.76 32.68 12.22
N GLU B 65 -47.28 32.25 11.05
CA GLU B 65 -48.04 31.35 10.18
C GLU B 65 -47.09 30.33 9.55
N GLY B 66 -47.57 29.10 9.35
CA GLY B 66 -46.76 28.07 8.73
C GLY B 66 -45.85 27.25 9.62
N GLY B 67 -45.84 27.51 10.92
CA GLY B 67 -45.00 26.76 11.84
C GLY B 67 -45.55 25.38 12.22
N PRO B 68 -44.68 24.42 12.59
CA PRO B 68 -43.22 24.52 12.66
C PRO B 68 -42.58 24.53 11.28
N LEU B 69 -41.66 25.46 11.05
CA LEU B 69 -40.98 25.55 9.76
C LEU B 69 -40.28 24.24 9.42
N PRO B 70 -40.53 23.70 8.22
CA PRO B 70 -39.93 22.45 7.75
C PRO B 70 -38.53 22.56 7.17
N PHE B 71 -37.92 23.75 7.27
CA PHE B 71 -36.59 23.97 6.72
C PHE B 71 -35.66 24.63 7.73
N ALA B 72 -34.36 24.65 7.39
CA ALA B 72 -33.34 25.24 8.25
C ALA B 72 -33.57 26.74 8.42
N TYR B 73 -33.79 27.16 9.66
CA TYR B 73 -34.03 28.56 9.98
C TYR B 73 -32.92 29.47 9.48
N ASP B 74 -31.69 28.95 9.46
CA ASP B 74 -30.52 29.70 9.02
C ASP B 74 -30.63 30.36 7.64
N ILE B 75 -31.44 29.81 6.74
CA ILE B 75 -31.57 30.42 5.41
C ILE B 75 -32.29 31.77 5.47
N LEU B 76 -32.92 32.06 6.60
CA LEU B 76 -33.67 33.31 6.76
C LEU B 76 -32.94 34.40 7.52
N THR B 77 -31.99 34.00 8.37
CA THR B 77 -31.31 34.95 9.24
C THR B 77 -30.68 36.19 8.65
N THR B 78 -29.96 36.05 7.54
CA THR B 78 -29.34 37.22 6.92
C THR B 78 -30.36 38.15 6.27
N VAL B 79 -31.61 37.69 6.16
CA VAL B 79 -32.66 38.52 5.58
C VAL B 79 -33.26 39.41 6.66
N PHE B 80 -33.35 38.89 7.90
CA PHE B 80 -33.85 39.66 9.03
C PHE B 80 -32.78 40.67 9.44
N1 GYS B 81 -31.39 40.35 9.34
OG1 GYS B 81 -28.80 40.79 11.80
CB1 GYS B 81 -29.44 40.04 10.70
CA1 GYS B 81 -30.09 40.92 9.67
C1 GYS B 81 -29.29 41.04 8.42
N2 GYS B 81 -28.16 40.46 8.16
N3 GYS B 81 -29.68 41.81 7.35
C2 GYS B 81 -28.74 41.72 6.32
O2 GYS B 81 -28.87 42.32 5.23
CA2 GYS B 81 -27.76 40.83 6.89
CA3 GYS B 81 -30.90 42.62 7.21
CB2 GYS B 81 -26.63 40.45 6.18
CG2 GYS B 81 -25.59 39.60 6.49
CD1 GYS B 81 -25.49 38.92 7.75
CD2 GYS B 81 -24.57 39.35 5.51
CE1 GYS B 81 -24.42 38.03 8.03
CE2 GYS B 81 -23.50 38.46 5.79
CZ GYS B 81 -23.42 37.80 7.04
OH GYS B 81 -22.41 36.96 7.27
C3 GYS B 81 -30.94 44.03 6.80
O3 GYS B 81 -31.87 44.47 6.18
N ASN B 82 -30.01 44.72 7.37
CA ASN B 82 -29.97 46.17 7.42
C ASN B 82 -28.54 46.62 7.70
N ARG B 83 -27.84 47.00 6.63
CA ARG B 83 -26.45 47.43 6.71
C ARG B 83 -26.24 48.77 7.42
N VAL B 84 -27.32 49.37 7.92
CA VAL B 84 -27.21 50.63 8.67
C VAL B 84 -26.53 50.25 9.99
N PHE B 85 -26.71 48.98 10.38
CA PHE B 85 -26.10 48.45 11.60
C PHE B 85 -24.73 47.86 11.27
N ALA B 86 -23.82 48.74 10.88
CA ALA B 86 -22.46 48.36 10.54
C ALA B 86 -21.59 49.56 10.89
N LYS B 87 -20.51 49.28 11.60
CA LYS B 87 -19.59 50.33 12.02
C LYS B 87 -18.73 50.78 10.84
N TYR B 88 -19.01 51.98 10.35
CA TYR B 88 -18.27 52.55 9.24
C TYR B 88 -17.25 53.58 9.71
N PRO B 89 -15.99 53.43 9.29
CA PRO B 89 -14.93 54.37 9.65
C PRO B 89 -15.20 55.71 8.97
N GLU B 90 -14.53 56.76 9.42
CA GLU B 90 -14.73 58.09 8.84
C GLU B 90 -14.20 58.23 7.42
N ASN B 91 -13.27 57.36 7.02
CA ASN B 91 -12.70 57.43 5.68
C ASN B 91 -13.43 56.60 4.62
N ILE B 92 -14.63 56.12 4.96
CA ILE B 92 -15.43 55.35 4.02
C ILE B 92 -16.84 55.94 4.01
N VAL B 93 -17.34 56.25 2.82
CA VAL B 93 -18.68 56.79 2.66
C VAL B 93 -19.71 55.75 3.11
N ASP B 94 -20.64 56.18 3.96
CA ASP B 94 -21.69 55.30 4.48
C ASP B 94 -22.98 55.53 3.72
N TYR B 95 -23.20 54.69 2.70
CA TYR B 95 -24.38 54.74 1.84
C TYR B 95 -25.68 54.62 2.64
N PHE B 96 -25.67 53.72 3.62
CA PHE B 96 -26.83 53.41 4.44
C PHE B 96 -27.28 54.47 5.43
N LYS B 97 -26.36 54.99 6.23
CA LYS B 97 -26.75 56.02 7.21
C LYS B 97 -27.19 57.31 6.52
N GLN B 98 -26.65 57.56 5.33
CA GLN B 98 -27.00 58.74 4.54
C GLN B 98 -28.42 58.67 3.97
N SER B 99 -28.89 57.44 3.70
CA SER B 99 -30.21 57.25 3.10
C SER B 99 -31.42 57.66 3.93
N PHE B 100 -31.25 57.74 5.25
CA PHE B 100 -32.35 58.12 6.13
C PHE B 100 -32.48 59.63 6.29
N PRO B 101 -33.65 60.12 6.75
CA PRO B 101 -34.87 59.40 7.15
C PRO B 101 -35.67 58.66 6.08
N GLU B 102 -35.46 58.99 4.81
CA GLU B 102 -36.19 58.34 3.72
C GLU B 102 -36.02 56.83 3.73
N GLY B 103 -34.76 56.40 3.89
CA GLY B 103 -34.48 54.97 3.93
C GLY B 103 -33.98 54.39 2.62
N TYR B 104 -34.01 53.06 2.54
CA TYR B 104 -33.55 52.38 1.35
C TYR B 104 -34.19 50.99 1.27
N SER B 105 -33.96 50.31 0.16
CA SER B 105 -34.48 48.97 0.00
C SER B 105 -33.37 48.12 -0.57
N TRP B 106 -33.48 46.81 -0.43
CA TRP B 106 -32.49 45.91 -1.00
C TRP B 106 -33.13 44.65 -1.57
N GLU B 107 -32.44 44.07 -2.56
CA GLU B 107 -32.87 42.87 -3.25
C GLU B 107 -31.68 41.93 -3.19
N ARG B 108 -31.94 40.65 -3.01
CA ARG B 108 -30.84 39.71 -2.92
C ARG B 108 -31.20 38.34 -3.46
N SER B 109 -30.23 37.71 -4.11
CA SER B 109 -30.40 36.35 -4.60
C SER B 109 -29.32 35.55 -3.86
N MET B 110 -29.74 34.42 -3.30
CA MET B 110 -28.84 33.54 -2.54
C MET B 110 -28.83 32.18 -3.22
N ASN B 111 -27.72 31.91 -3.90
CA ASN B 111 -27.49 30.71 -4.69
C ASN B 111 -26.71 29.63 -3.93
N TYR B 112 -27.42 28.61 -3.46
CA TYR B 112 -26.80 27.51 -2.73
C TYR B 112 -26.15 26.52 -3.69
N GLU B 113 -25.06 25.89 -3.24
CA GLU B 113 -24.33 24.96 -4.09
C GLU B 113 -25.07 23.75 -4.65
N ASP B 114 -26.15 23.35 -3.99
CA ASP B 114 -26.93 22.21 -4.49
C ASP B 114 -28.10 22.65 -5.38
N GLY B 115 -28.12 23.92 -5.77
CA GLY B 115 -29.18 24.39 -6.63
C GLY B 115 -30.36 25.08 -5.96
N GLY B 116 -30.42 25.04 -4.63
CA GLY B 116 -31.50 25.73 -3.93
C GLY B 116 -31.24 27.21 -4.10
N ILE B 117 -32.26 27.98 -4.45
CA ILE B 117 -32.10 29.42 -4.66
C ILE B 117 -33.15 30.20 -3.88
N CYS B 118 -32.72 31.26 -3.19
CA CYS B 118 -33.63 32.09 -2.42
C CYS B 118 -33.53 33.56 -2.84
N ASN B 119 -34.67 34.17 -3.12
CA ASN B 119 -34.72 35.57 -3.49
C ASN B 119 -35.40 36.28 -2.32
N ALA B 120 -34.86 37.43 -1.93
CA ALA B 120 -35.44 38.18 -0.82
C ALA B 120 -35.35 39.66 -1.07
N THR B 121 -36.27 40.40 -0.46
CA THR B 121 -36.30 41.85 -0.57
C THR B 121 -36.66 42.43 0.78
N ASN B 122 -36.17 43.64 1.03
CA ASN B 122 -36.49 44.32 2.28
C ASN B 122 -36.61 45.80 1.96
N ASP B 123 -37.76 46.38 2.28
CA ASP B 123 -37.98 47.80 2.10
C ASP B 123 -37.90 48.36 3.51
N ILE B 124 -36.88 49.18 3.75
CA ILE B 124 -36.66 49.75 5.07
C ILE B 124 -37.05 51.22 5.18
N THR B 125 -37.89 51.50 6.16
CA THR B 125 -38.34 52.86 6.43
C THR B 125 -38.02 53.17 7.89
N LEU B 126 -38.21 54.43 8.28
CA LEU B 126 -37.93 54.87 9.64
C LEU B 126 -39.13 55.60 10.24
N ASP B 127 -39.50 55.21 11.46
CA ASP B 127 -40.62 55.81 12.19
C ASP B 127 -40.05 56.18 13.55
N GLY B 128 -39.69 57.44 13.71
CA GLY B 128 -39.11 57.91 14.96
C GLY B 128 -37.71 57.35 15.09
N ASP B 129 -37.53 56.45 16.05
CA ASP B 129 -36.23 55.82 16.27
C ASP B 129 -36.30 54.33 15.97
N CYS B 130 -37.35 53.93 15.25
CA CYS B 130 -37.54 52.52 14.91
C CYS B 130 -37.57 52.25 13.41
N TYR B 131 -36.69 51.35 12.97
CA TYR B 131 -36.65 50.97 11.55
C TYR B 131 -37.78 49.98 11.34
N ILE B 132 -38.49 50.14 10.24
CA ILE B 132 -39.61 49.25 9.91
C ILE B 132 -39.23 48.46 8.66
N TYR B 133 -39.25 47.14 8.74
CA TYR B 133 -38.91 46.30 7.60
C TYR B 133 -40.12 45.60 7.00
N GLU B 134 -40.21 45.62 5.67
CA GLU B 134 -41.26 44.91 4.94
C GLU B 134 -40.44 43.94 4.10
N ILE B 135 -40.44 42.67 4.51
CA ILE B 135 -39.65 41.62 3.87
C ILE B 135 -40.43 40.57 3.10
N ARG B 136 -39.88 40.13 1.98
CA ARG B 136 -40.45 39.05 1.16
C ARG B 136 -39.32 38.03 1.00
N PHE B 137 -39.62 36.75 1.15
CA PHE B 137 -38.62 35.69 1.02
C PHE B 137 -39.17 34.52 0.21
N ASP B 138 -38.46 34.11 -0.84
CA ASP B 138 -38.91 33.00 -1.66
C ASP B 138 -37.78 32.07 -2.10
N GLY B 139 -37.80 30.86 -1.55
CA GLY B 139 -36.78 29.88 -1.89
C GLY B 139 -37.38 28.73 -2.67
N VAL B 140 -36.63 28.22 -3.64
CA VAL B 140 -37.09 27.11 -4.48
C VAL B 140 -35.98 26.10 -4.74
N ASN B 141 -36.38 24.92 -5.21
CA ASN B 141 -35.44 23.86 -5.56
C ASN B 141 -34.51 23.30 -4.50
N PHE B 142 -34.92 23.33 -3.23
CA PHE B 142 -34.10 22.74 -2.18
C PHE B 142 -34.40 21.24 -2.18
N PRO B 143 -33.38 20.39 -2.40
CA PRO B 143 -33.60 18.94 -2.42
C PRO B 143 -34.12 18.43 -1.07
N ALA B 144 -35.06 17.48 -1.12
CA ALA B 144 -35.64 16.91 0.10
C ALA B 144 -34.60 16.29 1.04
N ASN B 145 -33.53 15.74 0.47
CA ASN B 145 -32.48 15.12 1.27
C ASN B 145 -31.30 16.04 1.57
N GLY B 146 -31.44 17.32 1.21
CA GLY B 146 -30.38 18.29 1.45
C GLY B 146 -30.34 18.80 2.88
N PRO B 147 -29.29 19.54 3.26
CA PRO B 147 -29.16 20.06 4.62
C PRO B 147 -30.24 21.06 5.05
N VAL B 148 -30.80 21.79 4.08
CA VAL B 148 -31.84 22.75 4.38
C VAL B 148 -33.16 22.09 4.79
N MET B 149 -33.67 21.21 3.93
CA MET B 149 -34.94 20.54 4.22
C MET B 149 -34.82 19.50 5.35
N GLN B 150 -33.62 19.02 5.61
CA GLN B 150 -33.42 18.06 6.70
C GLN B 150 -32.93 18.74 7.97
N LYS B 151 -32.87 20.09 7.94
CA LYS B 151 -32.43 20.89 9.08
C LYS B 151 -31.13 20.39 9.69
N ARG B 152 -30.09 20.28 8.86
CA ARG B 152 -28.79 19.80 9.30
C ARG B 152 -27.73 20.90 9.39
N THR B 153 -28.17 22.16 9.41
CA THR B 153 -27.22 23.26 9.50
C THR B 153 -26.98 23.67 10.95
N VAL B 154 -25.78 24.18 11.23
CA VAL B 154 -25.42 24.61 12.58
C VAL B 154 -25.43 26.13 12.69
N LYS B 155 -24.67 26.80 11.83
CA LYS B 155 -24.60 28.26 11.83
C LYS B 155 -23.86 28.77 10.62
N TRP B 156 -23.99 30.07 10.34
CA TRP B 156 -23.27 30.69 9.24
C TRP B 156 -21.90 31.06 9.83
N GLU B 157 -20.86 30.91 9.03
CA GLU B 157 -19.52 31.29 9.45
C GLU B 157 -19.42 32.79 9.26
N PRO B 158 -18.49 33.46 9.97
CA PRO B 158 -18.35 34.92 9.78
C PRO B 158 -17.98 35.14 8.31
N SER B 159 -18.21 36.33 7.78
CA SER B 159 -17.91 36.56 6.37
C SER B 159 -17.43 37.97 6.07
N THR B 160 -16.97 38.16 4.83
CA THR B 160 -16.54 39.47 4.37
C THR B 160 -17.28 39.81 3.09
N GLU B 161 -18.19 40.76 3.19
CA GLU B 161 -18.98 41.21 2.05
C GLU B 161 -18.16 42.23 1.25
N LYS B 162 -18.21 42.11 -0.09
CA LYS B 162 -17.49 43.02 -0.98
C LYS B 162 -18.51 43.97 -1.58
N LEU B 163 -18.33 45.27 -1.34
CA LEU B 163 -19.26 46.27 -1.84
C LEU B 163 -18.67 47.18 -2.90
N TYR B 164 -19.44 47.40 -3.96
CA TYR B 164 -18.99 48.23 -5.09
C TYR B 164 -20.19 48.85 -5.80
N VAL B 165 -19.97 50.03 -6.36
CA VAL B 165 -21.03 50.74 -7.05
C VAL B 165 -21.21 50.24 -8.48
N ARG B 166 -22.46 50.24 -8.92
CA ARG B 166 -22.82 49.86 -10.29
C ARG B 166 -24.13 50.53 -10.66
N ASP B 167 -24.15 51.20 -11.81
CA ASP B 167 -25.33 51.90 -12.30
C ASP B 167 -25.94 52.86 -11.28
N GLY B 168 -25.08 53.57 -10.55
CA GLY B 168 -25.56 54.53 -9.58
C GLY B 168 -26.11 53.97 -8.27
N VAL B 169 -26.09 52.64 -8.11
CA VAL B 169 -26.55 52.01 -6.87
C VAL B 169 -25.43 51.14 -6.29
N LEU B 170 -25.62 50.63 -5.09
CA LEU B 170 -24.59 49.84 -4.43
C LEU B 170 -24.84 48.33 -4.47
N LYS B 171 -23.81 47.58 -4.84
CA LYS B 171 -23.89 46.12 -4.90
C LYS B 171 -23.07 45.54 -3.76
N GLY B 172 -23.47 44.37 -3.30
CA GLY B 172 -22.77 43.71 -2.22
C GLY B 172 -22.77 42.22 -2.48
N ASP B 173 -21.58 41.63 -2.59
CA ASP B 173 -21.45 40.19 -2.84
C ASP B 173 -20.68 39.51 -1.72
N VAL B 174 -21.11 38.30 -1.35
CA VAL B 174 -20.42 37.58 -0.29
C VAL B 174 -20.49 36.06 -0.44
N ASN B 175 -19.34 35.42 -0.22
CA ASN B 175 -19.21 33.98 -0.24
C ASN B 175 -19.57 33.55 1.17
N MET B 176 -20.71 32.89 1.32
CA MET B 176 -21.19 32.46 2.62
C MET B 176 -21.10 30.94 2.77
N ALA B 177 -21.02 30.49 4.01
CA ALA B 177 -20.92 29.06 4.30
C ALA B 177 -21.62 28.67 5.60
N LEU B 178 -22.43 27.62 5.53
CA LEU B 178 -23.13 27.10 6.69
C LEU B 178 -22.39 25.84 7.15
N SER B 179 -22.05 25.79 8.44
CA SER B 179 -21.40 24.60 8.97
C SER B 179 -22.51 23.56 9.13
N LEU B 180 -22.18 22.29 8.88
CA LEU B 180 -23.15 21.20 8.97
C LEU B 180 -22.94 20.36 10.23
N GLU B 181 -24.05 19.84 10.77
CA GLU B 181 -23.99 19.05 11.99
C GLU B 181 -23.05 17.83 11.93
N GLY B 182 -22.96 17.22 10.75
CA GLY B 182 -22.09 16.06 10.61
C GLY B 182 -20.68 16.43 10.16
N GLY B 183 -20.38 17.72 10.15
CA GLY B 183 -19.07 18.20 9.74
C GLY B 183 -19.10 18.77 8.33
N GLY B 184 -18.10 19.58 7.99
CA GLY B 184 -18.05 20.16 6.65
C GLY B 184 -18.91 21.40 6.52
N HIS B 185 -18.96 21.95 5.32
CA HIS B 185 -19.73 23.17 5.05
C HIS B 185 -20.62 23.07 3.83
N TYR B 186 -21.61 23.95 3.80
CA TYR B 186 -22.59 24.05 2.71
C TYR B 186 -22.49 25.50 2.23
N ARG B 187 -21.98 25.67 1.01
CA ARG B 187 -21.76 26.99 0.42
C ARG B 187 -22.94 27.68 -0.26
N CYS B 188 -22.95 29.01 -0.18
CA CYS B 188 -23.99 29.86 -0.78
C CYS B 188 -23.36 31.17 -1.22
N ASP B 189 -23.76 31.66 -2.39
CA ASP B 189 -23.26 32.92 -2.91
C ASP B 189 -24.36 33.96 -2.86
N PHE B 190 -24.09 35.07 -2.16
CA PHE B 190 -25.03 36.18 -2.03
C PHE B 190 -24.72 37.28 -3.03
N LYS B 191 -25.77 37.81 -3.66
CA LYS B 191 -25.63 38.93 -4.59
C LYS B 191 -26.76 39.90 -4.21
N THR B 192 -26.38 41.01 -3.58
CA THR B 192 -27.35 42.00 -3.10
C THR B 192 -27.19 43.33 -3.83
N THR B 193 -28.32 44.02 -4.01
CA THR B 193 -28.36 45.34 -4.64
C THR B 193 -29.04 46.23 -3.61
N TYR B 194 -28.37 47.33 -3.25
CA TYR B 194 -28.90 48.26 -2.26
C TYR B 194 -29.31 49.53 -2.99
N LYS B 195 -30.52 50.02 -2.71
CA LYS B 195 -31.02 51.22 -3.39
C LYS B 195 -31.55 52.29 -2.43
N ALA B 196 -30.83 53.40 -2.33
CA ALA B 196 -31.25 54.50 -1.47
C ALA B 196 -32.48 55.18 -2.09
N LYS B 197 -33.42 55.60 -1.25
CA LYS B 197 -34.63 56.24 -1.73
C LYS B 197 -34.44 57.71 -2.12
N LYS B 198 -33.21 58.19 -1.99
CA LYS B 198 -32.85 59.56 -2.34
C LYS B 198 -31.39 59.57 -2.77
N VAL B 199 -30.95 60.67 -3.38
CA VAL B 199 -29.57 60.79 -3.82
C VAL B 199 -28.64 60.92 -2.62
N VAL B 200 -27.62 60.07 -2.60
CA VAL B 200 -26.62 60.09 -1.52
C VAL B 200 -25.25 59.94 -2.17
N GLN B 201 -24.21 60.21 -1.40
CA GLN B 201 -22.85 60.08 -1.90
C GLN B 201 -22.54 58.59 -2.03
N LEU B 202 -21.95 58.21 -3.15
CA LEU B 202 -21.59 56.83 -3.43
C LEU B 202 -20.20 56.49 -2.93
N PRO B 203 -20.04 55.35 -2.25
CA PRO B 203 -18.75 54.92 -1.71
C PRO B 203 -17.82 54.24 -2.72
N ASP B 204 -16.54 54.20 -2.37
CA ASP B 204 -15.56 53.52 -3.20
C ASP B 204 -15.63 52.06 -2.75
N TYR B 205 -14.97 51.20 -3.51
CA TYR B 205 -14.92 49.77 -3.22
C TYR B 205 -14.48 49.53 -1.77
N HIS B 206 -15.28 48.79 -1.01
CA HIS B 206 -14.93 48.49 0.37
C HIS B 206 -15.48 47.15 0.84
N PHE B 207 -15.24 46.84 2.12
CA PHE B 207 -15.67 45.58 2.68
C PHE B 207 -16.44 45.76 3.97
N VAL B 208 -17.28 44.78 4.28
CA VAL B 208 -18.02 44.77 5.53
C VAL B 208 -17.90 43.35 6.09
N ASP B 209 -17.24 43.24 7.23
CA ASP B 209 -17.08 41.95 7.90
C ASP B 209 -18.37 41.71 8.68
N HIS B 210 -18.86 40.48 8.65
CA HIS B 210 -20.09 40.13 9.35
C HIS B 210 -19.93 38.90 10.22
N HIS B 211 -20.77 38.81 11.24
CA HIS B 211 -20.85 37.64 12.10
C HIS B 211 -22.25 37.60 12.67
N ILE B 212 -23.09 36.76 12.08
CA ILE B 212 -24.47 36.61 12.52
C ILE B 212 -24.60 35.32 13.33
N GLU B 213 -25.36 35.37 14.42
CA GLU B 213 -25.53 34.21 15.29
C GLU B 213 -26.89 34.12 15.97
N ILE B 214 -27.46 32.91 15.99
CA ILE B 214 -28.70 32.67 16.72
C ILE B 214 -28.20 32.39 18.13
N LYS B 215 -28.54 33.27 19.07
CA LYS B 215 -28.10 33.11 20.46
C LYS B 215 -28.96 32.13 21.23
N SER B 216 -30.25 32.06 20.89
CA SER B 216 -31.18 31.15 21.54
C SER B 216 -32.38 30.92 20.65
N HIS B 217 -33.08 29.82 20.91
CA HIS B 217 -34.28 29.46 20.15
C HIS B 217 -34.99 28.33 20.86
N ASP B 218 -36.29 28.19 20.62
CA ASP B 218 -37.03 27.09 21.21
C ASP B 218 -36.95 25.90 20.25
N LYS B 219 -37.35 24.74 20.73
CA LYS B 219 -37.29 23.49 19.98
C LYS B 219 -37.58 23.54 18.47
N ASP B 220 -38.70 24.15 18.09
CA ASP B 220 -39.07 24.24 16.68
C ASP B 220 -38.80 25.57 15.98
N TYR B 221 -37.98 26.40 16.62
CA TYR B 221 -37.61 27.73 16.08
C TYR B 221 -38.78 28.71 15.95
N SER B 222 -39.85 28.45 16.71
CA SER B 222 -41.02 29.32 16.71
C SER B 222 -40.59 30.69 17.26
N ASN B 223 -39.59 30.67 18.14
CA ASN B 223 -39.04 31.88 18.74
C ASN B 223 -37.52 31.82 18.60
N VAL B 224 -36.95 32.86 18.01
CA VAL B 224 -35.50 32.92 17.78
C VAL B 224 -34.92 34.27 18.18
N ASN B 225 -33.79 34.23 18.89
CA ASN B 225 -33.09 35.44 19.30
C ASN B 225 -31.85 35.50 18.41
N LEU B 226 -31.83 36.49 17.53
CA LEU B 226 -30.75 36.66 16.55
C LEU B 226 -29.86 37.88 16.82
N HIS B 227 -28.55 37.68 16.65
CA HIS B 227 -27.56 38.75 16.85
C HIS B 227 -26.62 38.87 15.65
N GLU B 228 -26.15 40.09 15.38
CA GLU B 228 -25.21 40.32 14.30
C GLU B 228 -24.24 41.44 14.64
N HIS B 229 -22.99 41.26 14.26
CA HIS B 229 -21.94 42.24 14.47
C HIS B 229 -21.30 42.48 13.11
N ALA B 230 -21.25 43.73 12.67
CA ALA B 230 -20.69 44.06 11.37
C ALA B 230 -19.84 45.33 11.41
N GLU B 231 -18.68 45.28 10.75
CA GLU B 231 -17.76 46.41 10.68
C GLU B 231 -17.20 46.58 9.27
N ALA B 232 -17.20 47.80 8.77
CA ALA B 232 -16.68 48.09 7.45
C ALA B 232 -15.20 48.46 7.50
N HIS B 233 -14.49 48.21 6.40
CA HIS B 233 -13.07 48.53 6.30
C HIS B 233 -12.68 48.64 4.83
N SER B 234 -11.50 49.21 4.58
CA SER B 234 -11.02 49.39 3.21
C SER B 234 -9.53 49.10 3.05
N SER C 21 12.30 23.72 9.65
CA SER C 21 13.53 24.27 9.03
C SER C 21 13.42 24.34 7.51
N VAL C 22 12.54 23.50 6.95
CA VAL C 22 12.32 23.44 5.51
C VAL C 22 11.92 24.80 4.94
N ILE C 23 11.05 25.49 5.66
CA ILE C 23 10.60 26.82 5.25
C ILE C 23 11.54 27.85 5.87
N LYS C 24 12.29 28.54 5.02
CA LYS C 24 13.24 29.56 5.47
C LYS C 24 12.55 30.92 5.46
N PRO C 25 13.06 31.88 6.26
CA PRO C 25 12.46 33.23 6.32
C PRO C 25 12.55 33.98 4.99
N ASP C 26 13.52 33.61 4.16
CA ASP C 26 13.71 34.22 2.85
C ASP C 26 13.84 33.10 1.83
N MET C 27 12.90 33.04 0.89
CA MET C 27 12.93 32.00 -0.13
C MET C 27 12.78 32.53 -1.54
N LYS C 28 13.21 31.74 -2.52
CA LYS C 28 13.16 32.13 -3.92
C LYS C 28 12.02 31.48 -4.69
N ILE C 29 11.77 31.99 -5.90
CA ILE C 29 10.71 31.49 -6.76
C ILE C 29 11.21 31.38 -8.20
N LYS C 30 10.83 30.29 -8.86
CA LYS C 30 11.17 30.03 -10.26
C LYS C 30 9.90 29.45 -10.86
N LEU C 31 9.48 29.98 -11.99
CA LEU C 31 8.25 29.49 -12.61
C LEU C 31 8.18 29.56 -14.11
N ARG C 32 7.32 28.72 -14.68
CA ARG C 32 7.06 28.72 -16.10
C ARG C 32 5.58 28.44 -16.27
N MET C 33 4.91 29.34 -16.98
CA MET C 33 3.50 29.21 -17.28
C MET C 33 3.34 29.00 -18.77
N GLU C 34 2.56 27.99 -19.13
CA GLU C 34 2.25 27.73 -20.54
C GLU C 34 0.74 27.82 -20.55
N GLY C 35 0.18 28.48 -21.55
CA GLY C 35 -1.26 28.60 -21.59
C GLY C 35 -1.82 29.14 -22.88
N ALA C 36 -3.10 29.50 -22.82
CA ALA C 36 -3.81 30.05 -23.96
C ALA C 36 -5.05 30.80 -23.51
N VAL C 37 -5.40 31.85 -24.27
CA VAL C 37 -6.60 32.64 -24.01
C VAL C 37 -7.31 32.69 -25.35
N ASN C 38 -8.57 32.23 -25.39
CA ASN C 38 -9.36 32.19 -26.62
C ASN C 38 -8.66 31.46 -27.76
N GLY C 39 -7.92 30.40 -27.40
CA GLY C 39 -7.23 29.60 -28.39
C GLY C 39 -5.85 30.05 -28.83
N HIS C 40 -5.40 31.21 -28.35
CA HIS C 40 -4.08 31.72 -28.71
C HIS C 40 -3.07 31.44 -27.60
N PRO C 41 -2.09 30.56 -27.88
CA PRO C 41 -1.05 30.15 -26.93
C PRO C 41 0.03 31.18 -26.59
N PHE C 42 0.63 30.99 -25.42
CA PHE C 42 1.68 31.85 -24.93
C PHE C 42 2.42 31.14 -23.80
N ALA C 43 3.58 31.69 -23.43
CA ALA C 43 4.37 31.11 -22.35
C ALA C 43 5.08 32.26 -21.64
N ILE C 44 5.14 32.17 -20.31
CA ILE C 44 5.78 33.19 -19.51
C ILE C 44 6.63 32.52 -18.43
N GLU C 45 7.81 33.07 -18.19
CA GLU C 45 8.70 32.53 -17.16
C GLU C 45 8.97 33.62 -16.14
N GLY C 46 9.35 33.22 -14.93
CA GLY C 46 9.63 34.21 -13.91
C GLY C 46 10.54 33.77 -12.79
N VAL C 47 11.06 34.76 -12.08
CA VAL C 47 11.93 34.57 -10.94
C VAL C 47 11.47 35.54 -9.87
N GLY C 48 11.54 35.13 -8.60
CA GLY C 48 11.12 36.01 -7.54
C GLY C 48 11.66 35.60 -6.19
N LEU C 49 11.18 36.29 -5.16
CA LEU C 49 11.59 36.02 -3.80
C LEU C 49 10.49 36.50 -2.87
N GLY C 50 10.44 35.92 -1.69
CA GLY C 50 9.43 36.30 -0.73
C GLY C 50 9.77 35.86 0.67
N LYS C 51 8.93 36.29 1.61
CA LYS C 51 9.07 35.97 3.01
C LYS C 51 7.78 35.24 3.40
N PRO C 52 7.81 33.90 3.40
CA PRO C 52 6.65 33.07 3.74
C PRO C 52 5.99 33.43 5.06
N PHE C 53 6.80 33.69 6.09
CA PHE C 53 6.29 34.03 7.40
C PHE C 53 5.68 35.43 7.50
N GLU C 54 6.03 36.31 6.57
CA GLU C 54 5.50 37.67 6.57
C GLU C 54 4.36 37.82 5.56
N GLY C 55 4.16 36.79 4.74
CA GLY C 55 3.10 36.81 3.74
C GLY C 55 3.36 37.76 2.59
N LYS C 56 4.65 38.01 2.29
CA LYS C 56 5.02 38.93 1.22
C LYS C 56 5.90 38.27 0.17
N GLN C 57 5.68 38.63 -1.09
CA GLN C 57 6.44 38.09 -2.20
C GLN C 57 6.45 39.05 -3.38
N SER C 58 7.46 38.91 -4.23
CA SER C 58 7.58 39.73 -5.43
C SER C 58 8.27 38.90 -6.50
N MET C 59 7.99 39.21 -7.77
CA MET C 59 8.59 38.49 -8.87
C MET C 59 8.63 39.29 -10.16
N ASP C 60 9.56 38.92 -11.03
CA ASP C 60 9.72 39.55 -12.33
C ASP C 60 9.32 38.50 -13.35
N LEU C 61 8.35 38.85 -14.19
CA LEU C 61 7.82 37.97 -15.21
C LEU C 61 8.18 38.42 -16.62
N LYS C 62 8.57 37.47 -17.45
CA LYS C 62 8.95 37.76 -18.84
C LYS C 62 8.19 36.87 -19.81
N VAL C 63 7.55 37.50 -20.80
CA VAL C 63 6.80 36.79 -21.82
C VAL C 63 7.81 36.16 -22.79
N LYS C 64 7.79 34.84 -22.88
CA LYS C 64 8.71 34.10 -23.74
C LYS C 64 8.12 33.74 -25.11
N GLU C 65 6.81 33.46 -25.12
CA GLU C 65 6.13 33.10 -26.36
C GLU C 65 4.73 33.73 -26.39
N GLY C 66 4.24 34.01 -27.60
CA GLY C 66 2.91 34.58 -27.76
C GLY C 66 2.76 36.07 -27.56
N GLY C 67 3.87 36.78 -27.38
CA GLY C 67 3.81 38.22 -27.18
C GLY C 67 3.75 38.99 -28.49
N PRO C 68 3.20 40.23 -28.49
CA PRO C 68 2.64 40.90 -27.32
C PRO C 68 1.29 40.28 -26.93
N LEU C 69 1.09 40.05 -25.64
CA LEU C 69 -0.16 39.44 -25.17
C LEU C 69 -1.38 40.26 -25.59
N PRO C 70 -2.33 39.63 -26.29
CA PRO C 70 -3.55 40.28 -26.77
C PRO C 70 -4.70 40.34 -25.76
N PHE C 71 -4.37 40.27 -24.46
CA PHE C 71 -5.37 40.32 -23.40
C PHE C 71 -4.82 40.98 -22.15
N ALA C 72 -5.71 41.37 -21.25
CA ALA C 72 -5.32 42.02 -19.99
C ALA C 72 -4.44 41.10 -19.14
N TYR C 73 -3.24 41.57 -18.81
CA TYR C 73 -2.30 40.78 -18.02
C TYR C 73 -2.87 40.41 -16.65
N ASP C 74 -3.75 41.27 -16.15
CA ASP C 74 -4.37 41.04 -14.84
C ASP C 74 -5.02 39.67 -14.64
N ILE C 75 -5.57 39.07 -15.71
CA ILE C 75 -6.21 37.77 -15.55
C ILE C 75 -5.21 36.67 -15.18
N LEU C 76 -3.92 36.95 -15.35
CA LEU C 76 -2.87 35.97 -15.07
C LEU C 76 -2.20 36.11 -13.71
N THR C 77 -2.20 37.31 -13.16
CA THR C 77 -1.49 37.59 -11.92
C THR C 77 -1.72 36.74 -10.68
N THR C 78 -2.96 36.34 -10.42
CA THR C 78 -3.21 35.51 -9.23
C THR C 78 -2.78 34.07 -9.46
N VAL C 79 -2.40 33.74 -10.68
CA VAL C 79 -1.95 32.38 -10.99
C VAL C 79 -0.45 32.33 -10.68
N PHE C 80 0.24 33.43 -10.97
CA PHE C 80 1.67 33.54 -10.68
C PHE C 80 1.85 33.64 -9.16
N1 GYS C 81 0.88 34.35 -8.36
OG1 GYS C 81 1.60 36.78 -5.82
CB1 GYS C 81 0.79 36.25 -6.96
CA1 GYS C 81 0.74 34.74 -6.98
C1 GYS C 81 -0.56 34.22 -6.47
N2 GYS C 81 -1.57 34.90 -6.05
N3 GYS C 81 -0.82 32.87 -6.39
C2 GYS C 81 -2.11 32.66 -5.88
O2 GYS C 81 -2.60 31.52 -5.71
CA2 GYS C 81 -2.56 34.01 -5.67
CA3 GYS C 81 0.04 31.75 -6.78
CB2 GYS C 81 -3.83 34.27 -5.18
CG2 GYS C 81 -4.49 35.47 -4.91
CD1 GYS C 81 -3.90 36.74 -5.11
CD2 GYS C 81 -5.85 35.42 -4.44
CE1 GYS C 81 -4.61 37.94 -4.85
CE2 GYS C 81 -6.58 36.60 -4.20
CZ GYS C 81 -5.96 37.86 -4.40
OH GYS C 81 -6.70 38.97 -4.15
C3 GYS C 81 0.39 30.60 -5.94
O3 GYS C 81 0.67 29.53 -6.42
N ASN C 82 0.66 30.97 -4.73
CA ASN C 82 1.31 30.14 -3.72
C ASN C 82 0.96 30.63 -2.33
N ARG C 83 0.00 29.95 -1.71
CA ARG C 83 -0.47 30.32 -0.39
C ARG C 83 0.55 30.08 0.74
N VAL C 84 1.73 29.56 0.39
CA VAL C 84 2.78 29.36 1.40
C VAL C 84 3.23 30.77 1.80
N PHE C 85 3.07 31.72 0.87
CA PHE C 85 3.41 33.12 1.11
C PHE C 85 2.17 33.82 1.70
N ALA C 86 1.84 33.44 2.92
CA ALA C 86 0.71 34.01 3.63
C ALA C 86 1.05 33.93 5.11
N LYS C 87 0.86 35.04 5.82
CA LYS C 87 1.14 35.12 7.24
C LYS C 87 0.08 34.40 8.07
N TYR C 88 0.42 33.21 8.55
CA TYR C 88 -0.50 32.43 9.37
C TYR C 88 -0.22 32.57 10.87
N PRO C 89 -1.26 32.94 11.65
CA PRO C 89 -1.07 33.07 13.10
C PRO C 89 -0.96 31.67 13.71
N GLU C 90 -0.41 31.59 14.91
CA GLU C 90 -0.23 30.30 15.58
C GLU C 90 -1.50 29.48 15.81
N ASN C 91 -2.63 30.17 15.99
CA ASN C 91 -3.90 29.49 16.24
C ASN C 91 -4.64 28.95 15.01
N ILE C 92 -4.01 29.03 13.85
CA ILE C 92 -4.60 28.51 12.62
C ILE C 92 -3.64 27.53 11.97
N VAL C 93 -4.14 26.33 11.66
CA VAL C 93 -3.32 25.31 11.01
C VAL C 93 -2.88 25.82 9.65
N ASP C 94 -1.58 25.76 9.38
CA ASP C 94 -1.03 26.20 8.11
C ASP C 94 -0.83 25.00 7.20
N TYR C 95 -1.84 24.74 6.39
CA TYR C 95 -1.87 23.62 5.45
C TYR C 95 -0.71 23.66 4.44
N PHE C 96 -0.36 24.86 4.01
CA PHE C 96 0.67 25.09 3.02
C PHE C 96 2.11 24.90 3.48
N LYS C 97 2.48 25.51 4.60
CA LYS C 97 3.85 25.35 5.08
C LYS C 97 4.08 23.90 5.53
N GLN C 98 3.01 23.25 5.98
CA GLN C 98 3.08 21.85 6.42
C GLN C 98 3.35 20.90 5.26
N SER C 99 2.90 21.28 4.06
CA SER C 99 3.03 20.43 2.88
C SER C 99 4.45 20.21 2.34
N PHE C 100 5.38 21.06 2.75
CA PHE C 100 6.75 20.95 2.30
C PHE C 100 7.57 20.04 3.22
N PRO C 101 8.71 19.53 2.74
CA PRO C 101 9.36 19.68 1.43
C PRO C 101 8.68 19.08 0.20
N GLU C 102 7.76 18.14 0.39
CA GLU C 102 7.07 17.50 -0.74
C GLU C 102 6.32 18.50 -1.62
N GLY C 103 5.67 19.47 -0.99
CA GLY C 103 4.93 20.47 -1.72
C GLY C 103 3.45 20.17 -1.87
N TYR C 104 2.79 20.93 -2.75
CA TYR C 104 1.37 20.76 -2.99
C TYR C 104 1.01 21.29 -4.37
N SER C 105 -0.21 21.05 -4.80
CA SER C 105 -0.67 21.53 -6.09
C SER C 105 -2.04 22.14 -5.90
N TRP C 106 -2.43 23.00 -6.83
CA TRP C 106 -3.76 23.59 -6.77
C TRP C 106 -4.38 23.68 -8.14
N GLU C 107 -5.70 23.71 -8.16
CA GLU C 107 -6.50 23.81 -9.38
C GLU C 107 -7.45 24.96 -9.12
N ARG C 108 -7.77 25.72 -10.15
CA ARG C 108 -8.68 26.85 -9.97
C ARG C 108 -9.49 27.17 -11.20
N SER C 109 -10.73 27.60 -10.97
CA SER C 109 -11.60 28.03 -12.04
C SER C 109 -11.96 29.46 -11.67
N MET C 110 -11.84 30.36 -12.63
CA MET C 110 -12.12 31.78 -12.43
C MET C 110 -13.25 32.15 -13.38
N ASN C 111 -14.43 32.36 -12.81
CA ASN C 111 -15.65 32.64 -13.56
C ASN C 111 -15.96 34.13 -13.59
N TYR C 112 -15.67 34.76 -14.73
CA TYR C 112 -15.93 36.19 -14.92
C TYR C 112 -17.40 36.44 -15.22
N GLU C 113 -17.94 37.57 -14.75
CA GLU C 113 -19.36 37.88 -14.95
C GLU C 113 -19.89 37.92 -16.38
N ASP C 114 -19.02 38.17 -17.35
CA ASP C 114 -19.45 38.19 -18.75
C ASP C 114 -19.29 36.84 -19.45
N GLY C 115 -19.03 35.80 -18.68
CA GLY C 115 -18.89 34.48 -19.27
C GLY C 115 -17.49 34.01 -19.59
N GLY C 116 -16.49 34.88 -19.46
CA GLY C 116 -15.12 34.45 -19.70
C GLY C 116 -14.76 33.51 -18.55
N ILE C 117 -14.17 32.36 -18.85
CA ILE C 117 -13.80 31.39 -17.82
C ILE C 117 -12.33 31.01 -17.95
N CYS C 118 -11.60 31.07 -16.85
CA CYS C 118 -10.20 30.70 -16.87
C CYS C 118 -9.94 29.54 -15.92
N ASN C 119 -9.26 28.52 -16.42
CA ASN C 119 -8.91 27.36 -15.62
C ASN C 119 -7.39 27.37 -15.50
N ALA C 120 -6.89 27.16 -14.28
CA ALA C 120 -5.45 27.16 -14.06
C ALA C 120 -5.04 26.12 -13.03
N THR C 121 -3.78 25.69 -13.14
CA THR C 121 -3.23 24.72 -12.21
C THR C 121 -1.79 25.10 -11.91
N ASN C 122 -1.33 24.74 -10.72
CA ASN C 122 0.05 25.02 -10.34
C ASN C 122 0.56 23.85 -9.50
N ASP C 123 1.63 23.22 -9.98
CA ASP C 123 2.26 22.12 -9.26
C ASP C 123 3.50 22.76 -8.64
N ILE C 124 3.50 22.88 -7.31
CA ILE C 124 4.60 23.52 -6.59
C ILE C 124 5.53 22.56 -5.85
N THR C 125 6.80 22.58 -6.26
CA THR C 125 7.82 21.74 -5.64
C THR C 125 8.88 22.63 -5.02
N LEU C 126 9.80 22.02 -4.27
CA LEU C 126 10.84 22.77 -3.60
C LEU C 126 12.23 22.21 -3.91
N ASP C 127 13.11 23.08 -4.39
CA ASP C 127 14.49 22.73 -4.71
C ASP C 127 15.38 23.64 -3.86
N GLY C 128 15.80 23.13 -2.71
CA GLY C 128 16.64 23.91 -1.81
C GLY C 128 15.80 25.00 -1.14
N ASP C 129 16.14 26.25 -1.42
CA ASP C 129 15.39 27.37 -0.85
C ASP C 129 14.54 28.04 -1.93
N CYS C 130 14.32 27.32 -3.03
CA CYS C 130 13.56 27.86 -4.14
C CYS C 130 12.34 27.02 -4.54
N TYR C 131 11.17 27.66 -4.56
CA TYR C 131 9.93 27.00 -4.96
C TYR C 131 9.92 26.96 -6.48
N ILE C 132 9.46 25.86 -7.05
CA ILE C 132 9.40 25.69 -8.49
C ILE C 132 7.94 25.54 -8.88
N TYR C 133 7.46 26.41 -9.78
CA TYR C 133 6.07 26.35 -10.22
C TYR C 133 5.95 25.83 -11.64
N GLU C 134 5.05 24.88 -11.85
CA GLU C 134 4.77 24.36 -13.19
C GLU C 134 3.31 24.78 -13.35
N ILE C 135 3.09 25.82 -14.15
CA ILE C 135 1.75 26.38 -14.34
C ILE C 135 1.13 26.19 -15.72
N ARG C 136 -0.17 25.92 -15.72
CA ARG C 136 -0.96 25.79 -16.95
C ARG C 136 -2.12 26.77 -16.80
N PHE C 137 -2.42 27.53 -17.84
CA PHE C 137 -3.48 28.54 -17.81
C PHE C 137 -4.31 28.48 -19.09
N ASP C 138 -5.62 28.33 -18.95
CA ASP C 138 -6.48 28.27 -20.13
C ASP C 138 -7.78 29.06 -19.97
N GLY C 139 -7.90 30.12 -20.75
CA GLY C 139 -9.08 30.96 -20.70
C GLY C 139 -9.86 30.90 -22.00
N VAL C 140 -11.19 30.86 -21.88
CA VAL C 140 -12.06 30.80 -23.06
C VAL C 140 -13.27 31.71 -22.91
N ASN C 141 -13.92 31.97 -24.04
CA ASN C 141 -15.14 32.77 -24.11
C ASN C 141 -15.06 34.23 -23.65
N PHE C 142 -13.91 34.86 -23.80
CA PHE C 142 -13.81 36.28 -23.44
C PHE C 142 -14.29 37.05 -24.67
N PRO C 143 -15.34 37.87 -24.50
CA PRO C 143 -15.86 38.63 -25.65
C PRO C 143 -14.87 39.66 -26.19
N ALA C 144 -14.82 39.79 -27.51
CA ALA C 144 -13.91 40.73 -28.17
C ALA C 144 -14.09 42.15 -27.66
N ASN C 145 -15.32 42.51 -27.28
CA ASN C 145 -15.61 43.86 -26.79
C ASN C 145 -15.56 43.97 -25.27
N GLY C 146 -15.04 42.94 -24.61
CA GLY C 146 -14.94 42.95 -23.15
C GLY C 146 -13.70 43.65 -22.62
N PRO C 147 -13.62 43.89 -21.30
CA PRO C 147 -12.45 44.55 -20.69
C PRO C 147 -11.14 43.77 -20.74
N VAL C 148 -11.24 42.45 -20.88
CA VAL C 148 -10.04 41.62 -20.94
C VAL C 148 -9.38 41.69 -22.31
N MET C 149 -10.14 41.40 -23.36
CA MET C 149 -9.57 41.45 -24.71
C MET C 149 -9.25 42.88 -25.17
N GLN C 150 -9.93 43.88 -24.58
CA GLN C 150 -9.68 45.28 -24.93
C GLN C 150 -8.68 45.97 -23.99
N LYS C 151 -8.18 45.21 -23.00
CA LYS C 151 -7.21 45.70 -22.02
C LYS C 151 -7.66 46.98 -21.31
N ARG C 152 -8.80 46.91 -20.65
CA ARG C 152 -9.37 48.06 -19.95
C ARG C 152 -9.37 47.89 -18.44
N THR C 153 -8.57 46.94 -17.95
CA THR C 153 -8.51 46.69 -16.51
C THR C 153 -7.39 47.50 -15.88
N VAL C 154 -7.60 47.92 -14.63
CA VAL C 154 -6.62 48.71 -13.90
C VAL C 154 -5.84 47.85 -12.92
N LYS C 155 -6.57 47.18 -12.02
CA LYS C 155 -5.95 46.32 -11.01
C LYS C 155 -7.02 45.51 -10.30
N TRP C 156 -6.59 44.49 -9.55
CA TRP C 156 -7.51 43.69 -8.75
C TRP C 156 -7.67 44.44 -7.44
N GLU C 157 -8.88 44.41 -6.88
CA GLU C 157 -9.11 45.04 -5.59
C GLU C 157 -8.63 44.05 -4.53
N PRO C 158 -8.30 44.53 -3.31
CA PRO C 158 -7.87 43.61 -2.25
C PRO C 158 -9.03 42.64 -2.04
N SER C 159 -8.77 41.47 -1.46
CA SER C 159 -9.84 40.50 -1.27
C SER C 159 -9.68 39.65 -0.01
N THR C 160 -10.74 38.91 0.32
CA THR C 160 -10.72 38.01 1.46
C THR C 160 -11.18 36.64 0.96
N GLU C 161 -10.24 35.70 0.95
CA GLU C 161 -10.51 34.34 0.51
C GLU C 161 -11.07 33.55 1.71
N LYS C 162 -12.08 32.72 1.44
CA LYS C 162 -12.68 31.89 2.48
C LYS C 162 -12.21 30.47 2.24
N LEU C 163 -11.53 29.90 3.23
CA LEU C 163 -11.00 28.54 3.10
C LEU C 163 -11.70 27.55 4.01
N TYR C 164 -12.04 26.39 3.43
CA TYR C 164 -12.74 25.34 4.15
C TYR C 164 -12.36 23.97 3.61
N VAL C 165 -12.54 22.96 4.45
CA VAL C 165 -12.23 21.58 4.06
C VAL C 165 -13.42 20.91 3.39
N ARG C 166 -13.15 20.08 2.39
CA ARG C 166 -14.17 19.36 1.65
C ARG C 166 -13.53 18.07 1.14
N ASP C 167 -14.08 16.93 1.52
CA ASP C 167 -13.56 15.62 1.10
C ASP C 167 -12.09 15.41 1.46
N GLY C 168 -11.69 15.89 2.64
CA GLY C 168 -10.31 15.74 3.07
C GLY C 168 -9.30 16.60 2.32
N VAL C 169 -9.80 17.58 1.56
CA VAL C 169 -8.91 18.46 0.83
C VAL C 169 -9.32 19.91 1.13
N LEU C 170 -8.40 20.85 0.92
CA LEU C 170 -8.69 22.25 1.20
C LEU C 170 -9.22 23.04 0.01
N LYS C 171 -10.28 23.81 0.23
CA LYS C 171 -10.90 24.64 -0.79
C LYS C 171 -10.75 26.10 -0.39
N GLY C 172 -10.72 26.97 -1.39
CA GLY C 172 -10.61 28.39 -1.14
C GLY C 172 -11.43 29.13 -2.19
N ASP C 173 -12.42 29.89 -1.75
CA ASP C 173 -13.27 30.64 -2.67
C ASP C 173 -13.13 32.13 -2.39
N VAL C 174 -13.19 32.96 -3.44
CA VAL C 174 -13.07 34.40 -3.25
C VAL C 174 -13.77 35.24 -4.32
N ASN C 175 -14.47 36.26 -3.86
CA ASN C 175 -15.16 37.21 -4.74
C ASN C 175 -14.08 38.24 -5.12
N MET C 176 -13.71 38.23 -6.39
CA MET C 176 -12.68 39.13 -6.88
C MET C 176 -13.30 40.21 -7.77
N ALA C 177 -12.62 41.34 -7.87
CA ALA C 177 -13.12 42.44 -8.69
C ALA C 177 -11.98 43.24 -9.30
N LEU C 178 -12.07 43.45 -10.60
CA LEU C 178 -11.08 44.22 -11.34
C LEU C 178 -11.61 45.63 -11.53
N SER C 179 -10.83 46.63 -11.11
CA SER C 179 -11.22 48.02 -11.28
C SER C 179 -11.06 48.29 -12.78
N LEU C 180 -12.01 49.01 -13.38
CA LEU C 180 -11.97 49.30 -14.80
C LEU C 180 -11.65 50.75 -15.14
N GLU C 181 -11.00 50.97 -16.28
CA GLU C 181 -10.70 52.33 -16.73
C GLU C 181 -12.05 52.93 -17.08
N GLY C 182 -12.31 54.14 -16.63
CA GLY C 182 -13.60 54.74 -16.91
C GLY C 182 -14.57 54.49 -15.77
N GLY C 183 -14.11 53.80 -14.74
CA GLY C 183 -14.93 53.53 -13.57
C GLY C 183 -15.65 52.20 -13.50
N GLY C 184 -16.11 51.85 -12.31
CA GLY C 184 -16.83 50.61 -12.13
C GLY C 184 -15.91 49.42 -11.95
N HIS C 185 -16.52 48.25 -11.75
CA HIS C 185 -15.77 47.02 -11.56
C HIS C 185 -16.25 45.87 -12.43
N TYR C 186 -15.37 44.90 -12.61
CA TYR C 186 -15.62 43.69 -13.41
C TYR C 186 -15.38 42.54 -12.44
N ARG C 187 -16.46 41.83 -12.11
CA ARG C 187 -16.42 40.75 -11.14
C ARG C 187 -16.02 39.36 -11.64
N CYS C 188 -15.36 38.62 -10.77
CA CYS C 188 -14.90 37.26 -11.06
C CYS C 188 -14.94 36.46 -9.78
N ASP C 189 -15.42 35.22 -9.86
CA ASP C 189 -15.48 34.34 -8.69
C ASP C 189 -14.44 33.23 -8.85
N PHE C 190 -13.59 33.09 -7.84
CA PHE C 190 -12.55 32.06 -7.83
C PHE C 190 -13.00 30.88 -6.99
N LYS C 191 -12.64 29.68 -7.44
CA LYS C 191 -12.92 28.45 -6.70
C LYS C 191 -11.64 27.65 -6.87
N THR C 192 -10.87 27.54 -5.79
CA THR C 192 -9.59 26.84 -5.81
C THR C 192 -9.61 25.60 -4.93
N THR C 193 -8.92 24.55 -5.36
CA THR C 193 -8.80 23.31 -4.60
C THR C 193 -7.30 23.14 -4.36
N TYR C 194 -6.91 23.04 -3.10
CA TYR C 194 -5.50 22.88 -2.74
C TYR C 194 -5.28 21.43 -2.33
N LYS C 195 -4.20 20.83 -2.82
CA LYS C 195 -3.90 19.43 -2.53
C LYS C 195 -2.44 19.17 -2.12
N ALA C 196 -2.22 18.88 -0.85
CA ALA C 196 -0.86 18.59 -0.37
C ALA C 196 -0.47 17.21 -0.92
N LYS C 197 0.81 17.04 -1.26
CA LYS C 197 1.32 15.78 -1.80
C LYS C 197 1.18 14.63 -0.81
N LYS C 198 1.41 14.94 0.47
CA LYS C 198 1.27 13.95 1.53
C LYS C 198 0.19 14.43 2.50
N VAL C 199 -0.22 13.54 3.40
CA VAL C 199 -1.25 13.89 4.38
C VAL C 199 -0.73 14.90 5.40
N VAL C 200 -1.46 16.01 5.53
CA VAL C 200 -1.12 17.08 6.48
C VAL C 200 -2.37 17.40 7.29
N GLN C 201 -2.18 18.04 8.45
CA GLN C 201 -3.31 18.38 9.29
C GLN C 201 -4.20 19.40 8.57
N LEU C 202 -5.51 19.17 8.62
CA LEU C 202 -6.48 20.04 7.97
C LEU C 202 -6.96 21.17 8.87
N PRO C 203 -6.96 22.41 8.36
CA PRO C 203 -7.40 23.58 9.12
C PRO C 203 -8.91 23.73 9.26
N ASP C 204 -9.33 24.52 10.24
CA ASP C 204 -10.75 24.80 10.43
C ASP C 204 -11.05 25.97 9.48
N TYR C 205 -12.33 26.28 9.29
CA TYR C 205 -12.76 27.38 8.42
C TYR C 205 -12.02 28.66 8.77
N HIS C 206 -11.32 29.24 7.80
CA HIS C 206 -10.60 30.48 8.03
C HIS C 206 -10.56 31.38 6.80
N PHE C 207 -9.91 32.53 6.96
CA PHE C 207 -9.83 33.53 5.89
C PHE C 207 -8.39 33.94 5.61
N VAL C 208 -8.17 34.43 4.39
CA VAL C 208 -6.86 34.92 3.99
C VAL C 208 -7.08 36.20 3.19
N ASP C 209 -6.62 37.33 3.76
CA ASP C 209 -6.73 38.61 3.08
C ASP C 209 -5.58 38.69 2.10
N HIS C 210 -5.87 39.20 0.90
CA HIS C 210 -4.86 39.32 -0.14
C HIS C 210 -4.88 40.72 -0.75
N HIS C 211 -3.75 41.09 -1.32
CA HIS C 211 -3.63 42.33 -2.07
C HIS C 211 -2.50 42.13 -3.07
N ILE C 212 -2.89 41.94 -4.32
CA ILE C 212 -1.94 41.73 -5.40
C ILE C 212 -1.84 43.01 -6.23
N GLU C 213 -0.61 43.40 -6.58
CA GLU C 213 -0.37 44.61 -7.34
C GLU C 213 0.78 44.52 -8.34
N ILE C 214 0.54 44.99 -9.56
CA ILE C 214 1.59 45.05 -10.57
C ILE C 214 2.28 46.36 -10.21
N LYS C 215 3.50 46.28 -9.73
CA LYS C 215 4.28 47.45 -9.33
C LYS C 215 4.90 48.20 -10.51
N SER C 216 5.26 47.47 -11.56
CA SER C 216 5.84 48.08 -12.75
C SER C 216 5.72 47.14 -13.93
N HIS C 217 5.77 47.70 -15.13
CA HIS C 217 5.67 46.93 -16.36
C HIS C 217 6.07 47.78 -17.54
N ASP C 218 6.49 47.13 -18.62
CA ASP C 218 6.84 47.85 -19.83
C ASP C 218 5.62 47.96 -20.75
N LYS C 219 5.79 48.70 -21.84
CA LYS C 219 4.74 48.98 -22.82
C LYS C 219 3.70 47.88 -23.06
N ASP C 220 4.15 46.72 -23.50
CA ASP C 220 3.27 45.60 -23.81
C ASP C 220 3.23 44.47 -22.77
N TYR C 221 3.64 44.77 -21.55
CA TYR C 221 3.67 43.79 -20.45
C TYR C 221 4.61 42.61 -20.71
N SER C 222 5.61 42.85 -21.54
CA SER C 222 6.63 41.84 -21.86
C SER C 222 7.40 41.56 -20.57
N ASN C 223 7.56 42.60 -19.76
CA ASN C 223 8.22 42.52 -18.47
C ASN C 223 7.27 43.09 -17.43
N VAL C 224 7.04 42.32 -16.37
CA VAL C 224 6.13 42.73 -15.30
C VAL C 224 6.70 42.42 -13.92
N ASN C 225 6.61 43.39 -13.01
CA ASN C 225 7.06 43.20 -11.63
C ASN C 225 5.77 43.12 -10.80
N LEU C 226 5.55 41.94 -10.22
CA LEU C 226 4.35 41.65 -9.43
C LEU C 226 4.60 41.45 -7.93
N HIS C 227 3.71 42.01 -7.11
CA HIS C 227 3.81 41.90 -5.65
C HIS C 227 2.51 41.41 -5.02
N GLU C 228 2.63 40.71 -3.90
CA GLU C 228 1.45 40.25 -3.16
C GLU C 228 1.71 40.22 -1.66
N HIS C 229 0.70 40.63 -0.91
CA HIS C 229 0.75 40.66 0.55
C HIS C 229 -0.49 39.87 1.01
N ALA C 230 -0.27 38.87 1.87
CA ALA C 230 -1.37 38.04 2.36
C ALA C 230 -1.24 37.66 3.82
N GLU C 231 -2.35 37.70 4.55
CA GLU C 231 -2.40 37.34 5.96
C GLU C 231 -3.67 36.57 6.29
N ALA C 232 -3.51 35.49 7.06
CA ALA C 232 -4.65 34.68 7.45
C ALA C 232 -5.22 35.11 8.80
N HIS C 233 -6.51 34.89 8.98
CA HIS C 233 -7.20 35.20 10.23
C HIS C 233 -8.35 34.22 10.45
N SER C 234 -8.65 33.94 11.71
CA SER C 234 -9.68 32.98 12.09
C SER C 234 -10.94 33.63 12.63
N GLU C 235 -10.81 34.86 13.11
CA GLU C 235 -11.96 35.59 13.63
C GLU C 235 -12.38 36.67 12.65
N LEU C 236 -13.59 37.18 12.85
CA LEU C 236 -14.14 38.20 11.99
C LEU C 236 -15.44 38.71 12.61
N PRO C 237 -15.65 40.04 12.69
CA PRO C 237 -14.78 41.14 12.23
C PRO C 237 -13.33 41.06 12.70
N ARG C 238 -12.41 41.28 11.76
CA ARG C 238 -10.97 41.23 12.03
C ARG C 238 -10.48 42.46 12.82
N SER D 21 -27.69 -52.56 14.28
CA SER D 21 -27.23 -51.33 14.98
C SER D 21 -28.08 -51.06 16.21
N VAL D 22 -27.45 -50.49 17.24
CA VAL D 22 -28.16 -50.15 18.47
C VAL D 22 -28.89 -48.82 18.33
N ILE D 23 -28.55 -48.07 17.29
CA ILE D 23 -29.19 -46.78 17.02
C ILE D 23 -30.46 -47.00 16.20
N LYS D 24 -31.61 -46.75 16.81
CA LYS D 24 -32.90 -46.93 16.15
C LYS D 24 -33.43 -45.59 15.61
N PRO D 25 -34.33 -45.64 14.61
CA PRO D 25 -34.91 -44.43 14.01
C PRO D 25 -35.63 -43.54 15.03
N ASP D 26 -36.24 -44.16 16.02
CA ASP D 26 -36.96 -43.44 17.07
C ASP D 26 -36.43 -43.85 18.44
N MET D 27 -35.78 -42.92 19.13
CA MET D 27 -35.22 -43.20 20.45
C MET D 27 -35.69 -42.22 21.51
N LYS D 28 -35.47 -42.59 22.77
CA LYS D 28 -35.89 -41.77 23.90
C LYS D 28 -34.73 -41.12 24.63
N ILE D 29 -35.07 -40.16 25.49
CA ILE D 29 -34.10 -39.41 26.28
C ILE D 29 -34.56 -39.27 27.73
N LYS D 30 -33.62 -39.45 28.65
CA LYS D 30 -33.82 -39.32 30.09
C LYS D 30 -32.63 -38.53 30.60
N LEU D 31 -32.87 -37.47 31.36
CA LEU D 31 -31.75 -36.67 31.86
C LEU D 31 -31.98 -36.00 33.19
N ARG D 32 -30.87 -35.66 33.84
CA ARG D 32 -30.87 -34.93 35.10
C ARG D 32 -29.65 -34.03 35.09
N MET D 33 -29.88 -32.75 35.35
CA MET D 33 -28.83 -31.74 35.41
C MET D 33 -28.76 -31.18 36.82
N GLU D 34 -27.54 -31.09 37.35
CA GLU D 34 -27.31 -30.49 38.64
C GLU D 34 -26.30 -29.41 38.33
N GLY D 35 -26.54 -28.21 38.84
CA GLY D 35 -25.61 -27.13 38.55
C GLY D 35 -25.74 -25.92 39.43
N ALA D 36 -25.05 -24.86 39.04
CA ALA D 36 -25.08 -23.62 39.77
C ALA D 36 -24.67 -22.48 38.85
N VAL D 37 -25.26 -21.31 39.09
CA VAL D 37 -24.94 -20.10 38.33
C VAL D 37 -24.68 -19.03 39.39
N ASN D 38 -23.49 -18.44 39.36
CA ASN D 38 -23.10 -17.42 40.33
C ASN D 38 -23.27 -17.94 41.76
N GLY D 39 -23.00 -19.24 41.95
CA GLY D 39 -23.11 -19.83 43.27
C GLY D 39 -24.50 -20.29 43.70
N HIS D 40 -25.51 -20.04 42.88
CA HIS D 40 -26.89 -20.44 43.17
C HIS D 40 -27.15 -21.81 42.57
N PRO D 41 -27.29 -22.85 43.41
CA PRO D 41 -27.53 -24.22 42.94
C PRO D 41 -28.95 -24.47 42.43
N PHE D 42 -29.09 -25.47 41.56
CA PHE D 42 -30.38 -25.84 40.99
C PHE D 42 -30.29 -27.23 40.38
N ALA D 43 -31.44 -27.81 40.05
CA ALA D 43 -31.49 -29.14 39.44
C ALA D 43 -32.69 -29.23 38.50
N ILE D 44 -32.46 -29.81 37.33
CA ILE D 44 -33.51 -29.94 36.31
C ILE D 44 -33.52 -31.36 35.75
N GLU D 45 -34.71 -31.90 35.57
CA GLU D 45 -34.86 -33.23 34.99
C GLU D 45 -35.65 -33.13 33.70
N GLY D 46 -35.50 -34.13 32.85
CA GLY D 46 -36.23 -34.08 31.60
C GLY D 46 -36.34 -35.41 30.90
N VAL D 47 -37.34 -35.50 30.03
CA VAL D 47 -37.59 -36.69 29.24
C VAL D 47 -37.83 -36.19 27.83
N GLY D 48 -37.41 -36.97 26.85
CA GLY D 48 -37.61 -36.55 25.48
C GLY D 48 -37.55 -37.70 24.50
N LEU D 49 -37.55 -37.36 23.23
CA LEU D 49 -37.50 -38.33 22.15
C LEU D 49 -36.93 -37.64 20.93
N GLY D 50 -36.36 -38.44 20.04
CA GLY D 50 -35.79 -37.88 18.83
C GLY D 50 -35.53 -38.92 17.78
N LYS D 51 -35.07 -38.46 16.62
CA LYS D 51 -34.76 -39.32 15.50
C LYS D 51 -33.31 -39.05 15.12
N PRO D 52 -32.39 -39.93 15.59
CA PRO D 52 -30.95 -39.84 15.35
C PRO D 52 -30.53 -39.62 13.91
N PHE D 53 -31.14 -40.38 12.99
CA PHE D 53 -30.80 -40.27 11.58
C PHE D 53 -31.35 -39.01 10.90
N GLU D 54 -32.35 -38.38 11.51
CA GLU D 54 -32.93 -37.16 10.96
C GLU D 54 -32.33 -35.91 11.61
N GLY D 55 -31.58 -36.12 12.71
CA GLY D 55 -30.98 -35.00 13.41
C GLY D 55 -32.00 -34.12 14.13
N LYS D 56 -33.11 -34.73 14.54
CA LYS D 56 -34.15 -33.99 15.24
C LYS D 56 -34.45 -34.56 16.61
N GLN D 57 -34.77 -33.68 17.56
CA GLN D 57 -35.09 -34.09 18.91
C GLN D 57 -35.93 -33.05 19.63
N SER D 58 -36.64 -33.49 20.66
CA SER D 58 -37.49 -32.62 21.48
C SER D 58 -37.54 -33.18 22.88
N MET D 59 -37.66 -32.30 23.86
CA MET D 59 -37.73 -32.71 25.26
C MET D 59 -38.50 -31.73 26.12
N ASP D 60 -39.02 -32.26 27.22
CA ASP D 60 -39.76 -31.48 28.20
C ASP D 60 -38.90 -31.46 29.45
N LEU D 61 -38.56 -30.26 29.90
CA LEU D 61 -37.70 -30.08 31.07
C LEU D 61 -38.45 -29.49 32.26
N LYS D 62 -38.15 -30.00 33.45
CA LYS D 62 -38.79 -29.53 34.68
C LYS D 62 -37.78 -29.17 35.75
N VAL D 63 -37.87 -27.95 36.28
CA VAL D 63 -36.97 -27.51 37.34
C VAL D 63 -37.43 -28.21 38.62
N LYS D 64 -36.53 -29.01 39.20
CA LYS D 64 -36.84 -29.76 40.41
C LYS D 64 -36.34 -29.08 41.68
N GLU D 65 -35.23 -28.36 41.55
CA GLU D 65 -34.62 -27.66 42.68
C GLU D 65 -34.08 -26.30 42.26
N GLY D 66 -34.06 -25.35 43.20
CA GLY D 66 -33.54 -24.03 42.92
C GLY D 66 -34.43 -23.06 42.15
N GLY D 67 -35.67 -23.45 41.91
CA GLY D 67 -36.59 -22.59 41.19
C GLY D 67 -37.27 -21.57 42.10
N PRO D 68 -37.73 -20.43 41.55
CA PRO D 68 -37.61 -20.08 40.13
C PRO D 68 -36.19 -19.62 39.78
N LEU D 69 -35.68 -20.10 38.65
CA LEU D 69 -34.33 -19.76 38.20
C LEU D 69 -34.18 -18.25 38.01
N PRO D 70 -33.17 -17.65 38.66
CA PRO D 70 -32.90 -16.21 38.58
C PRO D 70 -32.05 -15.78 37.36
N PHE D 71 -31.83 -16.70 36.42
CA PHE D 71 -31.02 -16.40 35.24
C PHE D 71 -31.70 -16.84 33.96
N ALA D 72 -31.17 -16.37 32.83
CA ALA D 72 -31.71 -16.69 31.51
C ALA D 72 -31.62 -18.20 31.23
N TYR D 73 -32.76 -18.83 30.99
CA TYR D 73 -32.82 -20.27 30.74
C TYR D 73 -31.98 -20.68 29.52
N ASP D 74 -31.84 -19.76 28.56
CA ASP D 74 -31.09 -20.04 27.35
C ASP D 74 -29.64 -20.52 27.54
N ILE D 75 -28.99 -20.12 28.63
CA ILE D 75 -27.61 -20.56 28.84
C ILE D 75 -27.52 -22.07 29.10
N LEU D 76 -28.66 -22.70 29.39
CA LEU D 76 -28.72 -24.13 29.69
C LEU D 76 -29.07 -25.04 28.52
N THR D 77 -29.85 -24.51 27.58
CA THR D 77 -30.36 -25.29 26.46
C THR D 77 -29.40 -26.14 25.61
N THR D 78 -28.24 -25.62 25.25
CA THR D 78 -27.31 -26.41 24.45
C THR D 78 -26.65 -27.53 25.28
N VAL D 79 -26.84 -27.49 26.59
CA VAL D 79 -26.28 -28.54 27.44
C VAL D 79 -27.26 -29.71 27.51
N PHE D 80 -28.56 -29.40 27.46
CA PHE D 80 -29.60 -30.43 27.46
C PHE D 80 -29.61 -31.09 26.09
N1 GYS D 81 -29.34 -30.33 24.89
OG1 GYS D 81 -31.13 -30.28 21.76
CB1 GYS D 81 -30.41 -29.63 22.89
CA1 GYS D 81 -29.33 -30.51 23.45
C1 GYS D 81 -27.97 -30.16 22.92
N2 GYS D 81 -27.66 -29.22 22.08
N3 GYS D 81 -26.85 -30.85 23.30
C2 GYS D 81 -25.73 -30.32 22.68
O2 GYS D 81 -24.59 -30.77 22.87
CA2 GYS D 81 -26.29 -29.25 21.90
CA3 GYS D 81 -26.73 -31.98 24.23
CB2 GYS D 81 -25.48 -28.44 21.11
CG2 GYS D 81 -25.79 -27.35 20.31
CD1 GYS D 81 -27.12 -26.87 20.15
CD2 GYS D 81 -24.72 -26.66 19.64
CE1 GYS D 81 -27.39 -25.74 19.35
CE2 GYS D 81 -25.00 -25.52 18.84
CZ GYS D 81 -26.33 -25.06 18.70
OH GYS D 81 -26.56 -23.98 17.94
C3 GYS D 81 -26.04 -33.25 23.93
O3 GYS D 81 -25.54 -33.90 24.83
N ASN D 82 -26.33 -33.69 22.76
CA ASN D 82 -26.11 -35.04 22.27
C ASN D 82 -26.01 -35.05 20.76
N ARG D 83 -24.78 -35.03 20.26
CA ARG D 83 -24.52 -35.01 18.82
C ARG D 83 -24.92 -36.29 18.08
N VAL D 84 -25.46 -37.28 18.79
CA VAL D 84 -25.91 -38.50 18.12
C VAL D 84 -27.16 -38.07 17.33
N PHE D 85 -27.80 -37.00 17.81
CA PHE D 85 -28.98 -36.42 17.18
C PHE D 85 -28.52 -35.37 16.16
N ALA D 86 -27.83 -35.84 15.13
CA ALA D 86 -27.33 -35.00 14.04
C ALA D 86 -27.33 -35.88 12.80
N LYS D 87 -27.87 -35.36 11.71
CA LYS D 87 -27.94 -36.10 10.46
C LYS D 87 -26.57 -36.12 9.78
N TYR D 88 -25.93 -37.28 9.79
CA TYR D 88 -24.62 -37.44 9.17
C TYR D 88 -24.71 -38.14 7.82
N PRO D 89 -24.18 -37.49 6.76
CA PRO D 89 -24.18 -38.04 5.40
C PRO D 89 -23.28 -39.28 5.39
N GLU D 90 -23.46 -40.16 4.42
CA GLU D 90 -22.67 -41.38 4.35
C GLU D 90 -21.17 -41.18 4.10
N ASN D 91 -20.79 -40.03 3.59
CA ASN D 91 -19.38 -39.75 3.32
C ASN D 91 -18.64 -39.08 4.48
N ILE D 92 -19.30 -38.94 5.62
CA ILE D 92 -18.66 -38.35 6.80
C ILE D 92 -18.72 -39.35 7.95
N VAL D 93 -17.56 -39.62 8.54
CA VAL D 93 -17.47 -40.56 9.67
C VAL D 93 -18.29 -40.03 10.84
N ASP D 94 -19.17 -40.86 11.38
CA ASP D 94 -20.02 -40.49 12.50
C ASP D 94 -19.44 -40.99 13.82
N TYR D 95 -18.68 -40.12 14.48
CA TYR D 95 -18.03 -40.44 15.75
C TYR D 95 -19.02 -40.83 16.84
N PHE D 96 -20.18 -40.18 16.82
CA PHE D 96 -21.21 -40.39 17.82
C PHE D 96 -22.01 -41.67 17.72
N LYS D 97 -22.58 -41.96 16.56
CA LYS D 97 -23.35 -43.19 16.42
C LYS D 97 -22.47 -44.43 16.59
N GLN D 98 -21.20 -44.30 16.27
CA GLN D 98 -20.24 -45.39 16.41
C GLN D 98 -19.95 -45.74 17.87
N SER D 99 -19.96 -44.73 18.73
CA SER D 99 -19.65 -44.90 20.15
C SER D 99 -20.57 -45.80 20.96
N PHE D 100 -21.80 -45.97 20.50
CA PHE D 100 -22.76 -46.80 21.20
C PHE D 100 -22.64 -48.28 20.87
N PRO D 101 -23.19 -49.16 21.73
CA PRO D 101 -23.91 -48.92 22.98
C PRO D 101 -23.12 -48.36 24.18
N GLU D 102 -21.79 -48.43 24.11
CA GLU D 102 -20.95 -47.96 25.21
C GLU D 102 -21.19 -46.48 25.51
N GLY D 103 -21.32 -45.68 24.46
CA GLY D 103 -21.58 -44.27 24.61
C GLY D 103 -20.37 -43.36 24.59
N TYR D 104 -20.57 -42.12 25.00
CA TYR D 104 -19.49 -41.15 25.03
C TYR D 104 -19.84 -40.07 26.04
N SER D 105 -18.87 -39.22 26.34
CA SER D 105 -19.08 -38.11 27.27
C SER D 105 -18.51 -36.86 26.62
N TRP D 106 -18.94 -35.70 27.10
CA TRP D 106 -18.40 -34.46 26.58
C TRP D 106 -18.20 -33.42 27.67
N GLU D 107 -17.27 -32.51 27.41
CA GLU D 107 -16.93 -31.42 28.32
C GLU D 107 -17.00 -30.17 27.47
N ARG D 108 -17.39 -29.05 28.06
CA ARG D 108 -17.51 -27.81 27.28
C ARG D 108 -17.34 -26.55 28.13
N SER D 109 -16.68 -25.56 27.54
CA SER D 109 -16.53 -24.25 28.18
C SER D 109 -17.26 -23.29 27.24
N MET D 110 -18.11 -22.45 27.82
CA MET D 110 -18.88 -21.46 27.06
C MET D 110 -18.47 -20.11 27.60
N ASN D 111 -17.69 -19.40 26.79
CA ASN D 111 -17.12 -18.11 27.13
C ASN D 111 -17.93 -16.96 26.53
N TYR D 112 -18.71 -16.28 27.37
CA TYR D 112 -19.53 -15.14 26.94
C TYR D 112 -18.68 -13.87 26.85
N GLU D 113 -19.04 -12.98 25.94
CA GLU D 113 -18.26 -11.77 25.73
C GLU D 113 -18.11 -10.81 26.92
N ASP D 114 -19.02 -10.88 27.87
CA ASP D 114 -18.92 -10.02 29.05
C ASP D 114 -18.21 -10.68 30.24
N GLY D 115 -17.53 -11.80 29.98
CA GLY D 115 -16.80 -12.48 31.03
C GLY D 115 -17.51 -13.63 31.73
N GLY D 116 -18.82 -13.76 31.53
CA GLY D 116 -19.55 -14.86 32.14
C GLY D 116 -19.00 -16.14 31.51
N ILE D 117 -18.71 -17.14 32.33
CA ILE D 117 -18.16 -18.41 31.83
C ILE D 117 -18.94 -19.59 32.37
N CYS D 118 -19.31 -20.51 31.49
CA CYS D 118 -20.05 -21.71 31.87
C CYS D 118 -19.34 -22.98 31.44
N ASN D 119 -19.11 -23.87 32.41
CA ASN D 119 -18.48 -25.15 32.15
C ASN D 119 -19.56 -26.21 32.32
N ALA D 120 -19.59 -27.17 31.42
CA ALA D 120 -20.59 -28.21 31.49
C ALA D 120 -20.04 -29.56 31.03
N THR D 121 -20.65 -30.63 31.52
CA THR D 121 -20.26 -31.98 31.14
C THR D 121 -21.52 -32.81 31.01
N ASN D 122 -21.43 -33.86 30.21
CA ASN D 122 -22.56 -34.77 30.02
C ASN D 122 -21.99 -36.15 29.76
N ASP D 123 -22.38 -37.10 30.61
CA ASP D 123 -21.95 -38.49 30.49
C ASP D 123 -23.17 -39.17 29.88
N ILE D 124 -23.04 -39.65 28.66
CA ILE D 124 -24.15 -40.29 27.96
C ILE D 124 -24.04 -41.79 27.83
N THR D 125 -25.04 -42.49 28.36
CA THR D 125 -25.12 -43.94 28.29
C THR D 125 -26.42 -44.31 27.58
N LEU D 126 -26.59 -45.60 27.28
CA LEU D 126 -27.78 -46.07 26.58
C LEU D 126 -28.42 -47.26 27.29
N ASP D 127 -29.71 -47.14 27.59
CA ASP D 127 -30.46 -48.20 28.24
C ASP D 127 -31.60 -48.59 27.29
N GLY D 128 -31.37 -49.64 26.51
CA GLY D 128 -32.38 -50.10 25.57
C GLY D 128 -32.46 -49.14 24.38
N ASP D 129 -33.53 -48.37 24.32
CA ASP D 129 -33.71 -47.40 23.24
C ASP D 129 -33.74 -45.99 23.83
N CYS D 130 -33.29 -45.86 25.07
CA CYS D 130 -33.29 -44.58 25.76
C CYS D 130 -31.92 -44.11 26.21
N TYR D 131 -31.55 -42.91 25.77
CA TYR D 131 -30.27 -42.31 26.15
C TYR D 131 -30.44 -41.74 27.55
N ILE D 132 -29.42 -41.89 28.38
CA ILE D 132 -29.44 -41.39 29.74
C ILE D 132 -28.31 -40.37 29.90
N TYR D 133 -28.66 -39.15 30.32
CA TYR D 133 -27.65 -38.11 30.51
C TYR D 133 -27.42 -37.78 31.98
N GLU D 134 -26.15 -37.66 32.36
CA GLU D 134 -25.79 -37.25 33.72
C GLU D 134 -25.05 -35.95 33.43
N ILE D 135 -25.73 -34.83 33.70
CA ILE D 135 -25.21 -33.50 33.41
C ILE D 135 -24.82 -32.62 34.60
N ARG D 136 -23.69 -31.91 34.46
CA ARG D 136 -23.22 -30.97 35.47
C ARG D 136 -23.08 -29.62 34.75
N PHE D 137 -23.53 -28.54 35.39
CA PHE D 137 -23.46 -27.22 34.79
C PHE D 137 -22.99 -26.17 35.80
N ASP D 138 -21.96 -25.42 35.47
CA ASP D 138 -21.45 -24.39 36.39
C ASP D 138 -21.05 -23.09 35.70
N GLY D 139 -21.78 -22.03 36.01
CA GLY D 139 -21.50 -20.73 35.43
C GLY D 139 -21.10 -19.72 36.49
N VAL D 140 -20.12 -18.88 36.16
CA VAL D 140 -19.65 -17.86 37.10
C VAL D 140 -19.40 -16.55 36.38
N ASN D 141 -19.24 -15.49 37.18
CA ASN D 141 -18.93 -14.14 36.72
C ASN D 141 -19.91 -13.46 35.77
N PHE D 142 -21.19 -13.79 35.88
CA PHE D 142 -22.20 -13.13 35.04
C PHE D 142 -22.57 -11.83 35.76
N PRO D 143 -22.36 -10.68 35.09
CA PRO D 143 -22.69 -9.37 35.69
C PRO D 143 -24.15 -9.28 36.10
N ALA D 144 -24.42 -8.69 37.26
CA ALA D 144 -25.78 -8.53 37.76
C ALA D 144 -26.69 -7.76 36.80
N ASN D 145 -26.12 -6.81 36.07
CA ASN D 145 -26.89 -6.00 35.13
C ASN D 145 -26.79 -6.53 33.70
N GLY D 146 -26.14 -7.69 33.53
CA GLY D 146 -25.97 -8.28 32.21
C GLY D 146 -27.21 -8.98 31.70
N PRO D 147 -27.26 -9.32 30.40
CA PRO D 147 -28.41 -9.99 29.78
C PRO D 147 -28.82 -11.35 30.36
N VAL D 148 -27.88 -12.07 30.95
CA VAL D 148 -28.19 -13.37 31.53
C VAL D 148 -28.93 -13.23 32.86
N MET D 149 -28.36 -12.47 33.78
CA MET D 149 -28.99 -12.28 35.09
C MET D 149 -30.25 -11.41 35.01
N GLN D 150 -30.33 -10.56 33.99
CA GLN D 150 -31.50 -9.70 33.81
C GLN D 150 -32.57 -10.35 32.90
N LYS D 151 -32.29 -11.57 32.44
CA LYS D 151 -33.19 -12.33 31.58
C LYS D 151 -33.64 -11.55 30.35
N ARG D 152 -32.67 -11.06 29.58
CA ARG D 152 -32.96 -10.29 28.37
C ARG D 152 -32.72 -11.07 27.08
N THR D 153 -32.51 -12.38 27.20
CA THR D 153 -32.26 -13.18 26.01
C THR D 153 -33.55 -13.65 25.34
N VAL D 154 -33.53 -13.71 24.02
CA VAL D 154 -34.68 -14.13 23.23
C VAL D 154 -34.50 -15.58 22.77
N LYS D 155 -33.39 -15.85 22.09
CA LYS D 155 -33.10 -17.19 21.59
C LYS D 155 -31.69 -17.26 21.03
N TRP D 156 -31.19 -18.48 20.85
CA TRP D 156 -29.88 -18.66 20.24
C TRP D 156 -30.15 -18.61 18.74
N GLU D 157 -29.21 -18.07 18.00
CA GLU D 157 -29.32 -18.03 16.55
C GLU D 157 -28.85 -19.39 16.06
N PRO D 158 -29.19 -19.76 14.82
CA PRO D 158 -28.74 -21.05 14.28
C PRO D 158 -27.22 -20.94 14.24
N SER D 159 -26.51 -22.08 14.20
CA SER D 159 -25.06 -22.02 14.19
C SER D 159 -24.39 -23.12 13.38
N THR D 160 -23.08 -23.00 13.21
CA THR D 160 -22.30 -24.00 12.51
C THR D 160 -21.12 -24.38 13.40
N GLU D 161 -21.15 -25.61 13.88
CA GLU D 161 -20.09 -26.12 14.73
C GLU D 161 -18.97 -26.68 13.84
N LYS D 162 -17.72 -26.36 14.20
CA LYS D 162 -16.56 -26.84 13.46
C LYS D 162 -15.94 -27.99 14.24
N LEU D 163 -15.95 -29.18 13.65
CA LEU D 163 -15.41 -30.37 14.32
C LEU D 163 -14.09 -30.86 13.72
N TYR D 164 -13.13 -31.13 14.60
CA TYR D 164 -11.81 -31.58 14.21
C TYR D 164 -11.20 -32.46 15.28
N VAL D 165 -10.39 -33.40 14.84
CA VAL D 165 -9.73 -34.32 15.75
C VAL D 165 -8.48 -33.73 16.38
N ARG D 166 -8.26 -34.08 17.64
CA ARG D 166 -7.06 -33.67 18.38
C ARG D 166 -6.85 -34.63 19.54
N ASP D 167 -5.61 -35.06 19.71
CA ASP D 167 -5.24 -35.99 20.78
C ASP D 167 -6.07 -37.26 20.76
N GLY D 168 -6.40 -37.74 19.56
CA GLY D 168 -7.17 -38.96 19.44
C GLY D 168 -8.64 -38.85 19.80
N VAL D 169 -9.10 -37.64 20.10
CA VAL D 169 -10.50 -37.42 20.44
C VAL D 169 -11.07 -36.33 19.51
N LEU D 170 -12.34 -36.00 19.69
CA LEU D 170 -12.97 -35.00 18.84
C LEU D 170 -13.30 -33.66 19.51
N LYS D 171 -12.98 -32.58 18.82
CA LYS D 171 -13.23 -31.23 19.32
C LYS D 171 -14.32 -30.58 18.46
N GLY D 172 -15.10 -29.70 19.09
CA GLY D 172 -16.15 -28.99 18.39
C GLY D 172 -16.17 -27.57 18.92
N ASP D 173 -15.96 -26.61 18.03
CA ASP D 173 -15.96 -25.20 18.40
C ASP D 173 -17.05 -24.46 17.63
N VAL D 174 -17.73 -23.52 18.29
CA VAL D 174 -18.78 -22.78 17.61
C VAL D 174 -18.98 -21.36 18.14
N ASN D 175 -19.19 -20.44 17.20
CA ASN D 175 -19.45 -19.05 17.51
C ASN D 175 -20.97 -18.96 17.70
N MET D 176 -21.40 -18.81 18.94
CA MET D 176 -22.82 -18.74 19.27
C MET D 176 -23.23 -17.31 19.57
N ALA D 177 -24.52 -17.03 19.39
CA ALA D 177 -25.05 -15.69 19.65
C ALA D 177 -26.50 -15.74 20.10
N LEU D 178 -26.78 -15.02 21.19
CA LEU D 178 -28.12 -14.93 21.73
C LEU D 178 -28.74 -13.62 21.31
N SER D 179 -29.92 -13.69 20.70
CA SER D 179 -30.66 -12.51 20.28
C SER D 179 -31.14 -11.87 21.59
N LEU D 180 -31.13 -10.54 21.66
CA LEU D 180 -31.53 -9.83 22.87
C LEU D 180 -32.81 -9.01 22.72
N GLU D 181 -33.60 -8.94 23.78
CA GLU D 181 -34.83 -8.15 23.79
C GLU D 181 -34.33 -6.70 23.64
N GLY D 182 -34.98 -5.92 22.79
CA GLY D 182 -34.52 -4.56 22.61
C GLY D 182 -33.51 -4.39 21.48
N GLY D 183 -32.98 -5.50 20.98
CA GLY D 183 -32.05 -5.43 19.86
C GLY D 183 -30.62 -5.88 20.09
N GLY D 184 -29.98 -6.30 19.00
CA GLY D 184 -28.61 -6.74 19.07
C GLY D 184 -28.42 -8.18 19.52
N HIS D 185 -27.16 -8.57 19.63
CA HIS D 185 -26.80 -9.92 20.03
C HIS D 185 -25.76 -9.93 21.13
N TYR D 186 -25.72 -11.05 21.83
CA TYR D 186 -24.79 -11.29 22.94
C TYR D 186 -24.03 -12.56 22.52
N ARG D 187 -22.73 -12.40 22.29
CA ARG D 187 -21.89 -13.50 21.82
C ARG D 187 -21.26 -14.44 22.85
N CYS D 188 -21.08 -15.69 22.44
CA CYS D 188 -20.48 -16.70 23.29
C CYS D 188 -19.68 -17.69 22.42
N ASP D 189 -18.49 -18.06 22.88
CA ASP D 189 -17.64 -19.02 22.16
C ASP D 189 -17.68 -20.38 22.87
N PHE D 190 -18.08 -21.42 22.14
CA PHE D 190 -18.14 -22.78 22.68
C PHE D 190 -16.90 -23.56 22.27
N LYS D 191 -16.39 -24.36 23.20
CA LYS D 191 -15.24 -25.23 22.94
C LYS D 191 -15.61 -26.54 23.64
N THR D 192 -15.92 -27.55 22.84
CA THR D 192 -16.32 -28.85 23.36
C THR D 192 -15.34 -29.95 23.01
N THR D 193 -15.21 -30.91 23.93
CA THR D 193 -14.37 -32.08 23.70
C THR D 193 -15.27 -33.30 23.84
N TYR D 194 -15.31 -34.11 22.79
CA TYR D 194 -16.14 -35.32 22.78
C TYR D 194 -15.20 -36.52 22.95
N LYS D 195 -15.57 -37.44 23.84
CA LYS D 195 -14.74 -38.61 24.11
C LYS D 195 -15.54 -39.91 24.12
N ALA D 196 -15.34 -40.73 23.09
CA ALA D 196 -16.03 -42.02 22.99
C ALA D 196 -15.47 -42.97 24.06
N LYS D 197 -16.33 -43.84 24.57
CA LYS D 197 -15.94 -44.80 25.61
C LYS D 197 -15.30 -46.07 25.04
N LYS D 198 -15.07 -46.07 23.74
CA LYS D 198 -14.42 -47.18 23.06
C LYS D 198 -13.75 -46.64 21.80
N VAL D 199 -12.88 -47.46 21.20
CA VAL D 199 -12.18 -47.05 19.99
C VAL D 199 -13.14 -47.00 18.81
N VAL D 200 -13.24 -45.84 18.19
CA VAL D 200 -14.10 -45.63 17.02
C VAL D 200 -13.27 -44.97 15.94
N GLN D 201 -13.78 -44.98 14.70
CA GLN D 201 -13.07 -44.36 13.59
C GLN D 201 -13.16 -42.84 13.77
N LEU D 202 -12.05 -42.15 13.53
CA LEU D 202 -11.98 -40.70 13.66
C LEU D 202 -12.33 -40.01 12.35
N PRO D 203 -13.19 -38.99 12.40
CA PRO D 203 -13.61 -38.26 11.21
C PRO D 203 -12.62 -37.19 10.74
N ASP D 204 -12.77 -36.77 9.49
CA ASP D 204 -11.95 -35.71 8.96
C ASP D 204 -12.68 -34.42 9.36
N TYR D 205 -12.02 -33.28 9.18
CA TYR D 205 -12.61 -31.98 9.54
C TYR D 205 -13.99 -31.83 8.89
N HIS D 206 -14.99 -31.52 9.69
CA HIS D 206 -16.34 -31.32 9.17
C HIS D 206 -17.14 -30.31 9.98
N PHE D 207 -18.41 -30.12 9.60
CA PHE D 207 -19.27 -29.16 10.26
C PHE D 207 -20.63 -29.76 10.61
N VAL D 208 -21.27 -29.16 11.60
CA VAL D 208 -22.61 -29.56 12.00
C VAL D 208 -23.43 -28.29 12.18
N ASP D 209 -24.42 -28.10 11.34
CA ASP D 209 -25.31 -26.93 11.45
C ASP D 209 -26.32 -27.25 12.54
N HIS D 210 -26.61 -26.27 13.38
CA HIS D 210 -27.56 -26.44 14.47
C HIS D 210 -28.61 -25.35 14.50
N HIS D 211 -29.76 -25.68 15.09
CA HIS D 211 -30.84 -24.73 15.32
C HIS D 211 -31.62 -25.22 16.54
N ILE D 212 -31.35 -24.59 17.68
CA ILE D 212 -32.02 -24.96 18.92
C ILE D 212 -33.10 -23.93 19.22
N GLU D 213 -34.28 -24.41 19.62
CA GLU D 213 -35.39 -23.52 19.91
C GLU D 213 -36.27 -23.97 21.06
N ILE D 214 -36.60 -23.04 21.94
CA ILE D 214 -37.52 -23.31 23.04
C ILE D 214 -38.88 -23.08 22.36
N LYS D 215 -39.65 -24.16 22.21
CA LYS D 215 -40.96 -24.07 21.56
C LYS D 215 -42.09 -23.58 22.47
N SER D 216 -41.96 -23.84 23.76
CA SER D 216 -42.95 -23.41 24.73
C SER D 216 -42.36 -23.45 26.13
N HIS D 217 -42.93 -22.65 27.03
CA HIS D 217 -42.47 -22.58 28.42
C HIS D 217 -43.48 -21.81 29.25
N ASP D 218 -43.49 -22.05 30.55
CA ASP D 218 -44.39 -21.31 31.42
C ASP D 218 -43.71 -20.06 31.95
N LYS D 219 -44.45 -19.22 32.65
CA LYS D 219 -43.97 -17.94 33.19
C LYS D 219 -42.52 -17.89 33.68
N ASP D 220 -42.19 -18.74 34.67
CA ASP D 220 -40.84 -18.76 35.24
C ASP D 220 -39.94 -19.87 34.72
N TYR D 221 -40.30 -20.44 33.58
CA TYR D 221 -39.53 -21.50 32.94
C TYR D 221 -39.40 -22.78 33.77
N SER D 222 -40.39 -23.06 34.62
CA SER D 222 -40.41 -24.27 35.43
C SER D 222 -40.54 -25.47 34.50
N ASN D 223 -41.27 -25.26 33.41
CA ASN D 223 -41.50 -26.29 32.40
C ASN D 223 -41.09 -25.69 31.06
N VAL D 224 -40.24 -26.40 30.34
CA VAL D 224 -39.75 -25.94 29.04
C VAL D 224 -39.76 -27.05 28.01
N ASN D 225 -40.28 -26.75 26.82
CA ASN D 225 -40.30 -27.70 25.73
C ASN D 225 -39.21 -27.22 24.77
N LEU D 226 -38.20 -28.05 24.60
CA LEU D 226 -37.03 -27.72 23.78
C LEU D 226 -36.86 -28.60 22.54
N HIS D 227 -36.49 -27.97 21.42
CA HIS D 227 -36.28 -28.66 20.16
C HIS D 227 -34.94 -28.33 19.51
N GLU D 228 -34.38 -29.28 18.77
CA GLU D 228 -33.14 -29.06 18.06
C GLU D 228 -33.07 -29.85 16.76
N HIS D 229 -32.58 -29.17 15.73
CA HIS D 229 -32.42 -29.74 14.40
C HIS D 229 -30.93 -29.56 14.04
N ALA D 230 -30.25 -30.67 13.76
CA ALA D 230 -28.83 -30.62 13.42
C ALA D 230 -28.49 -31.51 12.22
N GLU D 231 -27.63 -31.00 11.36
CA GLU D 231 -27.19 -31.73 10.17
C GLU D 231 -25.71 -31.50 9.90
N ALA D 232 -24.98 -32.58 9.71
CA ALA D 232 -23.56 -32.49 9.41
C ALA D 232 -23.32 -32.34 7.91
N HIS D 233 -22.21 -31.70 7.56
CA HIS D 233 -21.83 -31.50 6.16
C HIS D 233 -20.33 -31.31 6.08
N SER D 234 -19.76 -31.50 4.88
CA SER D 234 -18.33 -31.35 4.69
C SER D 234 -17.99 -30.87 3.29
N GLU D 235 -16.69 -30.70 3.06
CA GLU D 235 -16.17 -30.27 1.77
C GLU D 235 -16.37 -31.38 0.73
N SER E 21 -26.27 0.08 -9.05
CA SER E 21 -25.93 -0.82 -10.18
C SER E 21 -24.47 -0.63 -10.61
N VAL E 22 -23.65 -0.14 -9.69
CA VAL E 22 -22.23 0.05 -9.97
C VAL E 22 -21.55 -1.32 -9.92
N ILE E 23 -22.22 -2.31 -9.31
CA ILE E 23 -21.70 -3.67 -9.20
C ILE E 23 -21.99 -4.42 -10.50
N LYS E 24 -20.94 -4.80 -11.20
CA LYS E 24 -21.08 -5.53 -12.46
C LYS E 24 -20.79 -7.02 -12.26
N PRO E 25 -21.31 -7.88 -13.15
CA PRO E 25 -21.10 -9.34 -13.09
C PRO E 25 -19.62 -9.74 -13.09
N ASP E 26 -18.78 -8.92 -13.73
CA ASP E 26 -17.35 -9.18 -13.77
C ASP E 26 -16.60 -7.92 -13.37
N MET E 27 -15.85 -8.00 -12.27
CA MET E 27 -15.09 -6.85 -11.79
C MET E 27 -13.64 -7.20 -11.49
N LYS E 28 -12.79 -6.18 -11.46
CA LYS E 28 -11.37 -6.36 -11.21
C LYS E 28 -10.93 -5.98 -9.81
N ILE E 29 -9.69 -6.34 -9.48
CA ILE E 29 -9.11 -6.08 -8.17
C ILE E 29 -7.67 -5.62 -8.31
N LYS E 30 -7.29 -4.63 -7.50
CA LYS E 30 -5.92 -4.11 -7.44
C LYS E 30 -5.66 -3.86 -5.96
N LEU E 31 -4.52 -4.33 -5.46
CA LEU E 31 -4.23 -4.16 -4.04
C LEU E 31 -2.76 -4.00 -3.68
N ARG E 32 -2.54 -3.46 -2.49
CA ARG E 32 -1.20 -3.31 -1.95
C ARG E 32 -1.31 -3.49 -0.45
N MET E 33 -0.51 -4.43 0.06
CA MET E 33 -0.46 -4.70 1.48
C MET E 33 0.92 -4.31 2.01
N GLU E 34 0.92 -3.61 3.12
CA GLU E 34 2.17 -3.24 3.79
C GLU E 34 1.98 -3.81 5.19
N GLY E 35 3.00 -4.51 5.69
CA GLY E 35 2.86 -5.08 7.01
C GLY E 35 4.13 -5.57 7.65
N ALA E 36 3.95 -6.33 8.74
CA ALA E 36 5.08 -6.88 9.48
C ALA E 36 4.62 -8.07 10.32
N VAL E 37 5.54 -9.02 10.50
CA VAL E 37 5.29 -10.21 11.30
C VAL E 37 6.48 -10.32 12.25
N ASN E 38 6.20 -10.24 13.55
CA ASN E 38 7.23 -10.31 14.58
C ASN E 38 8.28 -9.20 14.42
N GLY E 39 7.82 -8.02 14.01
CA GLY E 39 8.71 -6.89 13.83
C GLY E 39 9.43 -6.77 12.50
N HIS E 40 9.24 -7.75 11.61
CA HIS E 40 9.89 -7.73 10.30
C HIS E 40 8.92 -7.34 9.19
N PRO E 41 9.11 -6.15 8.60
CA PRO E 41 8.28 -5.61 7.53
C PRO E 41 8.36 -6.29 6.15
N PHE E 42 7.28 -6.13 5.39
CA PHE E 42 7.18 -6.69 4.04
C PHE E 42 6.09 -5.95 3.29
N ALA E 43 6.02 -6.14 1.97
CA ALA E 43 5.02 -5.50 1.14
C ALA E 43 4.63 -6.42 0.00
N ILE E 44 3.34 -6.49 -0.28
CA ILE E 44 2.83 -7.35 -1.34
C ILE E 44 1.80 -6.60 -2.18
N GLU E 45 1.86 -6.79 -3.49
CA GLU E 45 0.93 -6.17 -4.41
C GLU E 45 0.25 -7.29 -5.19
N GLY E 46 -0.93 -6.98 -5.73
CA GLY E 46 -1.64 -7.99 -6.50
C GLY E 46 -2.73 -7.44 -7.38
N VAL E 47 -3.14 -8.27 -8.33
CA VAL E 47 -4.22 -7.93 -9.25
C VAL E 47 -5.10 -9.15 -9.31
N GLY E 48 -6.39 -8.93 -9.57
CA GLY E 48 -7.29 -10.06 -9.65
C GLY E 48 -8.58 -9.71 -10.34
N LEU E 49 -9.51 -10.65 -10.30
CA LEU E 49 -10.82 -10.46 -10.92
C LEU E 49 -11.81 -11.36 -10.22
N GLY E 50 -13.08 -11.06 -10.38
CA GLY E 50 -14.08 -11.87 -9.74
C GLY E 50 -15.48 -11.56 -10.20
N LYS E 51 -16.42 -12.37 -9.73
CA LYS E 51 -17.82 -12.25 -10.06
C LYS E 51 -18.58 -12.06 -8.74
N PRO E 52 -18.86 -10.80 -8.39
CA PRO E 52 -19.56 -10.45 -7.15
C PRO E 52 -20.88 -11.19 -6.90
N PHE E 53 -21.69 -11.36 -7.94
CA PHE E 53 -22.97 -12.05 -7.78
C PHE E 53 -22.86 -13.56 -7.67
N GLU E 54 -21.75 -14.13 -8.13
CA GLU E 54 -21.53 -15.57 -8.03
C GLU E 54 -20.68 -15.91 -6.79
N GLY E 55 -20.14 -14.87 -6.16
CA GLY E 55 -19.33 -15.07 -4.97
C GLY E 55 -18.02 -15.77 -5.25
N LYS E 56 -17.40 -15.44 -6.38
CA LYS E 56 -16.13 -16.05 -6.77
C LYS E 56 -15.11 -15.00 -7.13
N GLN E 57 -13.86 -15.26 -6.79
CA GLN E 57 -12.77 -14.34 -7.09
C GLN E 57 -11.45 -15.08 -7.13
N SER E 58 -10.47 -14.47 -7.78
CA SER E 58 -9.13 -15.03 -7.88
C SER E 58 -8.16 -13.86 -8.09
N MET E 59 -6.93 -14.04 -7.64
CA MET E 59 -5.93 -13.00 -7.78
C MET E 59 -4.50 -13.53 -7.79
N ASP E 60 -3.61 -12.71 -8.31
CA ASP E 60 -2.19 -13.04 -8.38
C ASP E 60 -1.47 -12.04 -7.51
N LEU E 61 -0.75 -12.58 -6.53
CA LEU E 61 -0.01 -11.78 -5.56
C LEU E 61 1.49 -11.89 -5.76
N LYS E 62 2.17 -10.76 -5.64
CA LYS E 62 3.62 -10.71 -5.80
C LYS E 62 4.25 -10.00 -4.63
N VAL E 63 5.21 -10.68 -3.98
CA VAL E 63 5.92 -10.08 -2.86
C VAL E 63 6.88 -9.04 -3.44
N LYS E 64 6.74 -7.79 -3.00
CA LYS E 64 7.57 -6.70 -3.49
C LYS E 64 8.73 -6.34 -2.57
N GLU E 65 8.50 -6.43 -1.27
CA GLU E 65 9.52 -6.12 -0.27
C GLU E 65 9.48 -7.14 0.86
N GLY E 66 10.65 -7.49 1.38
CA GLY E 66 10.72 -8.44 2.48
C GLY E 66 10.83 -9.91 2.14
N GLY E 67 10.87 -10.24 0.85
CA GLY E 67 10.99 -11.63 0.43
C GLY E 67 12.40 -12.18 0.56
N PRO E 68 12.58 -13.50 0.80
CA PRO E 68 11.52 -14.51 0.95
C PRO E 68 10.85 -14.41 2.31
N LEU E 69 9.52 -14.43 2.32
CA LEU E 69 8.76 -14.34 3.56
C LEU E 69 9.14 -15.51 4.47
N PRO E 70 9.52 -15.21 5.72
CA PRO E 70 9.92 -16.20 6.71
C PRO E 70 8.78 -16.81 7.52
N PHE E 71 7.54 -16.59 7.07
CA PHE E 71 6.37 -17.13 7.77
C PHE E 71 5.38 -17.74 6.79
N ALA E 72 4.45 -18.53 7.33
CA ALA E 72 3.42 -19.19 6.53
C ALA E 72 2.56 -18.17 5.80
N TYR E 73 2.54 -18.26 4.48
CA TYR E 73 1.76 -17.34 3.65
C TYR E 73 0.28 -17.36 4.00
N ASP E 74 -0.21 -18.52 4.43
CA ASP E 74 -1.62 -18.69 4.79
C ASP E 74 -2.18 -17.65 5.75
N ILE E 75 -1.36 -17.13 6.65
CA ILE E 75 -1.86 -16.13 7.61
C ILE E 75 -2.27 -14.82 6.93
N LEU E 76 -1.87 -14.64 5.68
CA LEU E 76 -2.16 -13.43 4.93
C LEU E 76 -3.34 -13.54 3.98
N THR E 77 -3.60 -14.74 3.50
CA THR E 77 -4.63 -14.98 2.51
C THR E 77 -6.04 -14.42 2.70
N THR E 78 -6.59 -14.54 3.90
CA THR E 78 -7.94 -14.03 4.14
C THR E 78 -7.97 -12.51 4.22
N VAL E 79 -6.81 -11.87 4.26
CA VAL E 79 -6.74 -10.43 4.29
C VAL E 79 -6.82 -9.92 2.85
N PHE E 80 -6.23 -10.68 1.92
CA PHE E 80 -6.27 -10.35 0.50
C PHE E 80 -7.69 -10.65 -0.02
N1 GYS E 81 -8.44 -11.77 0.48
OG1 GYS E 81 -10.22 -14.08 -1.52
CB1 GYS E 81 -9.46 -13.75 -0.28
CA1 GYS E 81 -9.73 -12.35 0.20
C1 GYS E 81 -10.53 -12.35 1.45
N2 GYS E 81 -10.96 -13.36 2.12
N3 GYS E 81 -10.92 -11.17 2.07
C2 GYS E 81 -11.64 -11.46 3.22
O2 GYS E 81 -12.10 -10.57 3.97
CA2 GYS E 81 -11.65 -12.89 3.22
CA3 GYS E 81 -10.62 -9.79 1.67
CB2 GYS E 81 -12.27 -13.61 4.23
CG2 GYS E 81 -12.37 -14.99 4.46
CD1 GYS E 81 -11.81 -15.96 3.57
CD2 GYS E 81 -13.03 -15.46 5.65
CE1 GYS E 81 -11.90 -17.35 3.85
CE2 GYS E 81 -13.12 -16.85 5.91
CZ GYS E 81 -12.55 -17.79 5.02
OH GYS E 81 -12.65 -19.10 5.32
C3 GYS E 81 -11.64 -8.73 1.42
O3 GYS E 81 -11.37 -7.58 1.62
N ASN E 82 -12.70 -9.16 0.84
CA ASN E 82 -13.72 -8.30 0.27
C ASN E 82 -15.01 -9.09 0.16
N ARG E 83 -15.89 -8.89 1.14
CA ARG E 83 -17.15 -9.62 1.20
C ARG E 83 -18.16 -9.25 0.09
N VAL E 84 -17.77 -8.34 -0.80
CA VAL E 84 -18.65 -7.98 -1.92
C VAL E 84 -18.66 -9.20 -2.85
N PHE E 85 -17.60 -10.00 -2.77
CA PHE E 85 -17.47 -11.23 -3.54
C PHE E 85 -18.08 -12.37 -2.74
N ALA E 86 -19.39 -12.30 -2.58
CA ALA E 86 -20.14 -13.30 -1.85
C ALA E 86 -21.53 -13.32 -2.47
N LYS E 87 -22.03 -14.52 -2.74
CA LYS E 87 -23.35 -14.68 -3.35
C LYS E 87 -24.44 -14.49 -2.30
N TYR E 88 -25.13 -13.35 -2.37
CA TYR E 88 -26.21 -13.03 -1.45
C TYR E 88 -27.59 -13.25 -2.07
N PRO E 89 -28.44 -14.05 -1.41
CA PRO E 89 -29.79 -14.34 -1.88
C PRO E 89 -30.62 -13.06 -1.77
N GLU E 90 -31.74 -13.01 -2.48
CA GLU E 90 -32.60 -11.81 -2.46
C GLU E 90 -33.20 -11.51 -1.09
N ASN E 91 -33.35 -12.52 -0.25
CA ASN E 91 -33.94 -12.33 1.07
C ASN E 91 -33.01 -11.88 2.19
N ILE E 92 -31.75 -11.60 1.86
CA ILE E 92 -30.78 -11.13 2.85
C ILE E 92 -30.21 -9.79 2.41
N VAL E 93 -30.24 -8.79 3.29
CA VAL E 93 -29.68 -7.48 2.97
C VAL E 93 -28.18 -7.63 2.72
N ASP E 94 -27.72 -7.05 1.61
CA ASP E 94 -26.31 -7.12 1.24
C ASP E 94 -25.63 -5.80 1.62
N TYR E 95 -25.05 -5.77 2.81
CA TYR E 95 -24.35 -4.59 3.33
C TYR E 95 -23.24 -4.13 2.41
N PHE E 96 -22.52 -5.08 1.84
CA PHE E 96 -21.37 -4.82 0.98
C PHE E 96 -21.65 -4.24 -0.40
N LYS E 97 -22.56 -4.85 -1.13
CA LYS E 97 -22.88 -4.33 -2.46
C LYS E 97 -23.55 -2.97 -2.36
N GLN E 98 -24.32 -2.76 -1.28
CA GLN E 98 -25.00 -1.48 -1.08
C GLN E 98 -24.04 -0.33 -0.78
N SER E 99 -22.87 -0.65 -0.23
CA SER E 99 -21.89 0.37 0.16
C SER E 99 -21.21 1.10 -1.00
N PHE E 100 -21.22 0.50 -2.18
CA PHE E 100 -20.59 1.12 -3.33
C PHE E 100 -21.52 2.08 -4.06
N PRO E 101 -20.96 3.02 -4.85
CA PRO E 101 -19.55 3.29 -5.16
C PRO E 101 -18.65 3.86 -4.06
N GLU E 102 -19.22 4.34 -2.96
CA GLU E 102 -18.42 4.91 -1.88
C GLU E 102 -17.46 3.88 -1.30
N GLY E 103 -17.95 2.65 -1.12
CA GLY E 103 -17.10 1.59 -0.58
C GLY E 103 -17.23 1.38 0.91
N TYR E 104 -16.33 0.59 1.46
CA TYR E 104 -16.34 0.32 2.88
C TYR E 104 -14.94 -0.06 3.33
N SER E 105 -14.76 -0.18 4.63
CA SER E 105 -13.47 -0.58 5.17
C SER E 105 -13.74 -1.61 6.23
N TRP E 106 -12.72 -2.41 6.55
CA TRP E 106 -12.87 -3.39 7.60
C TRP E 106 -11.62 -3.49 8.44
N GLU E 107 -11.81 -3.93 9.67
CA GLU E 107 -10.74 -4.11 10.65
C GLU E 107 -10.90 -5.54 11.15
N ARG E 108 -9.81 -6.20 11.46
CA ARG E 108 -9.90 -7.57 11.94
C ARG E 108 -8.78 -7.98 12.85
N SER E 109 -9.13 -8.75 13.87
CA SER E 109 -8.13 -9.30 14.77
C SER E 109 -8.23 -10.81 14.57
N MET E 110 -7.08 -11.44 14.41
CA MET E 110 -7.01 -12.89 14.19
C MET E 110 -6.18 -13.47 15.33
N ASN E 111 -6.88 -14.14 16.24
CA ASN E 111 -6.29 -14.72 17.44
C ASN E 111 -6.01 -16.21 17.30
N TYR E 112 -4.73 -16.55 17.15
CA TYR E 112 -4.30 -17.94 17.01
C TYR E 112 -4.19 -18.60 18.38
N GLU E 113 -4.46 -19.90 18.43
CA GLU E 113 -4.44 -20.62 19.69
C GLU E 113 -3.14 -20.65 20.49
N ASP E 114 -2.01 -20.37 19.84
CA ASP E 114 -0.72 -20.34 20.54
C ASP E 114 -0.25 -18.94 20.93
N GLY E 115 -1.17 -17.97 20.86
CA GLY E 115 -0.81 -16.62 21.25
C GLY E 115 -0.44 -15.67 20.11
N GLY E 116 -0.23 -16.20 18.92
CA GLY E 116 0.09 -15.34 17.79
C GLY E 116 -1.14 -14.52 17.49
N ILE E 117 -0.98 -13.21 17.33
CA ILE E 117 -2.10 -12.30 17.04
C ILE E 117 -1.81 -11.46 15.82
N CYS E 118 -2.76 -11.44 14.88
CA CYS E 118 -2.62 -10.63 13.67
C CYS E 118 -3.77 -9.63 13.56
N ASN E 119 -3.42 -8.36 13.42
CA ASN E 119 -4.40 -7.29 13.23
C ASN E 119 -4.27 -6.83 11.78
N ALA E 120 -5.41 -6.58 11.12
CA ALA E 120 -5.37 -6.15 9.73
C ALA E 120 -6.50 -5.20 9.41
N THR E 121 -6.29 -4.40 8.37
CA THR E 121 -7.30 -3.45 7.91
C THR E 121 -7.27 -3.40 6.40
N ASN E 122 -8.40 -3.07 5.81
CA ASN E 122 -8.50 -2.96 4.36
C ASN E 122 -9.47 -1.83 4.08
N ASP E 123 -9.01 -0.82 3.33
CA ASP E 123 -9.85 0.30 2.94
C ASP E 123 -10.16 0.00 1.47
N ILE E 124 -11.43 -0.25 1.18
CA ILE E 124 -11.84 -0.59 -0.17
C ILE E 124 -12.57 0.52 -0.89
N THR E 125 -12.04 0.90 -2.04
CA THR E 125 -12.64 1.93 -2.87
C THR E 125 -12.91 1.31 -4.23
N LEU E 126 -13.57 2.05 -5.11
CA LEU E 126 -13.91 1.55 -6.44
C LEU E 126 -13.53 2.56 -7.52
N ASP E 127 -12.80 2.09 -8.53
CA ASP E 127 -12.37 2.93 -9.64
C ASP E 127 -12.82 2.24 -10.92
N GLY E 128 -13.92 2.72 -11.50
CA GLY E 128 -14.44 2.10 -12.70
C GLY E 128 -15.00 0.75 -12.28
N ASP E 129 -14.49 -0.33 -12.86
CA ASP E 129 -14.94 -1.67 -12.53
C ASP E 129 -13.91 -2.40 -11.67
N CYS E 130 -12.97 -1.63 -11.12
CA CYS E 130 -11.90 -2.21 -10.32
C CYS E 130 -11.88 -1.79 -8.85
N TYR E 131 -11.91 -2.77 -7.97
CA TYR E 131 -11.86 -2.51 -6.53
C TYR E 131 -10.40 -2.24 -6.19
N ILE E 132 -10.16 -1.26 -5.33
CA ILE E 132 -8.82 -0.88 -4.91
C ILE E 132 -8.71 -1.11 -3.41
N TYR E 133 -7.74 -1.92 -2.99
CA TYR E 133 -7.54 -2.23 -1.58
C TYR E 133 -6.26 -1.59 -1.04
N GLU E 134 -6.38 -0.95 0.12
CA GLU E 134 -5.25 -0.36 0.81
C GLU E 134 -5.23 -1.18 2.10
N ILE E 135 -4.30 -2.13 2.16
CA ILE E 135 -4.19 -3.05 3.29
C ILE E 135 -2.99 -2.89 4.22
N ARG E 136 -3.24 -3.10 5.51
CA ARG E 136 -2.20 -3.07 6.53
C ARG E 136 -2.31 -4.41 7.27
N PHE E 137 -1.17 -5.01 7.61
CA PHE E 137 -1.16 -6.31 8.30
C PHE E 137 -0.05 -6.33 9.35
N ASP E 138 -0.40 -6.67 10.60
CA ASP E 138 0.60 -6.72 11.66
C ASP E 138 0.38 -7.88 12.62
N GLY E 139 1.34 -8.80 12.61
CA GLY E 139 1.27 -9.98 13.46
C GLY E 139 2.41 -9.99 14.48
N VAL E 140 2.10 -10.40 15.69
CA VAL E 140 3.11 -10.48 16.77
C VAL E 140 2.94 -11.73 17.60
N ASN E 141 3.97 -12.03 18.39
CA ASN E 141 3.98 -13.16 19.30
C ASN E 141 3.86 -14.57 18.71
N PHE E 142 4.32 -14.76 17.49
CA PHE E 142 4.29 -16.08 16.90
C PHE E 142 5.56 -16.78 17.37
N PRO E 143 5.42 -17.92 18.07
CA PRO E 143 6.58 -18.68 18.57
C PRO E 143 7.50 -19.10 17.43
N ALA E 144 8.80 -19.06 17.68
CA ALA E 144 9.79 -19.45 16.67
C ALA E 144 9.61 -20.90 16.21
N ASN E 145 9.17 -21.76 17.13
CA ASN E 145 8.97 -23.18 16.82
C ASN E 145 7.53 -23.51 16.44
N GLY E 146 6.71 -22.49 16.24
CA GLY E 146 5.32 -22.70 15.87
C GLY E 146 5.11 -22.96 14.38
N PRO E 147 3.90 -23.43 14.00
CA PRO E 147 3.56 -23.74 12.60
C PRO E 147 3.65 -22.55 11.64
N VAL E 148 3.51 -21.34 12.16
CA VAL E 148 3.58 -20.17 11.30
C VAL E 148 5.03 -19.83 10.93
N MET E 149 5.88 -19.67 11.94
CA MET E 149 7.28 -19.34 11.67
C MET E 149 8.05 -20.49 11.03
N GLN E 150 7.60 -21.73 11.26
CA GLN E 150 8.25 -22.89 10.67
C GLN E 150 7.59 -23.31 9.35
N LYS E 151 6.59 -22.54 8.92
CA LYS E 151 5.85 -22.81 7.68
C LYS E 151 5.38 -24.25 7.57
N ARG E 152 4.61 -24.69 8.57
CA ARG E 152 4.09 -26.05 8.58
C ARG E 152 2.60 -26.12 8.29
N THR E 153 2.06 -25.08 7.68
CA THR E 153 0.63 -25.05 7.36
C THR E 153 0.38 -25.54 5.95
N VAL E 154 -0.76 -26.17 5.73
CA VAL E 154 -1.13 -26.68 4.42
C VAL E 154 -2.17 -25.79 3.76
N LYS E 155 -3.28 -25.54 4.47
CA LYS E 155 -4.34 -24.69 3.94
C LYS E 155 -5.39 -24.41 5.01
N TRP E 156 -6.25 -23.43 4.72
CA TRP E 156 -7.35 -23.11 5.62
C TRP E 156 -8.48 -24.05 5.25
N GLU E 157 -9.22 -24.51 6.25
CA GLU E 157 -10.37 -25.36 6.00
C GLU E 157 -11.51 -24.41 5.62
N PRO E 158 -12.55 -24.92 4.91
CA PRO E 158 -13.67 -24.04 4.54
C PRO E 158 -14.27 -23.58 5.88
N SER E 159 -15.06 -22.51 5.86
CA SER E 159 -15.64 -22.00 7.10
C SER E 159 -17.01 -21.36 6.92
N THR E 160 -17.62 -21.00 8.04
CA THR E 160 -18.91 -20.32 8.05
C THR E 160 -18.79 -19.13 8.99
N GLU E 161 -18.82 -17.95 8.40
CA GLU E 161 -18.73 -16.69 9.13
C GLU E 161 -20.11 -16.31 9.66
N LYS E 162 -20.17 -15.81 10.89
CA LYS E 162 -21.43 -15.38 11.50
C LYS E 162 -21.44 -13.85 11.50
N LEU E 163 -22.40 -13.26 10.80
CA LEU E 163 -22.48 -11.80 10.71
C LEU E 163 -23.69 -11.23 11.45
N TYR E 164 -23.44 -10.16 12.19
CA TYR E 164 -24.48 -9.52 12.98
C TYR E 164 -24.19 -8.04 13.18
N VAL E 165 -25.25 -7.26 13.32
CA VAL E 165 -25.13 -5.83 13.52
C VAL E 165 -24.81 -5.44 14.96
N ARG E 166 -24.00 -4.40 15.10
CA ARG E 166 -23.65 -3.86 16.41
C ARG E 166 -23.22 -2.42 16.26
N ASP E 167 -23.81 -1.54 17.06
CA ASP E 167 -23.49 -0.11 17.03
C ASP E 167 -23.63 0.50 15.64
N GLY E 168 -24.65 0.07 14.90
CA GLY E 168 -24.86 0.60 13.56
C GLY E 168 -23.91 0.15 12.46
N VAL E 169 -23.02 -0.79 12.77
CA VAL E 169 -22.09 -1.32 11.78
C VAL E 169 -22.20 -2.84 11.76
N LEU E 170 -21.46 -3.50 10.88
CA LEU E 170 -21.53 -4.95 10.78
C LEU E 170 -20.32 -5.70 11.33
N LYS E 171 -20.58 -6.72 12.12
CA LYS E 171 -19.53 -7.54 12.71
C LYS E 171 -19.58 -8.91 12.04
N GLY E 172 -18.43 -9.55 11.95
CA GLY E 172 -18.35 -10.88 11.36
C GLY E 172 -17.33 -11.68 12.13
N ASP E 173 -17.77 -12.80 12.71
CA ASP E 173 -16.86 -13.65 13.49
C ASP E 173 -16.77 -15.05 12.87
N VAL E 174 -15.57 -15.63 12.91
CA VAL E 174 -15.42 -16.96 12.34
C VAL E 174 -14.33 -17.83 12.97
N ASN E 175 -14.69 -19.09 13.23
CA ASN E 175 -13.77 -20.09 13.79
C ASN E 175 -13.02 -20.65 12.59
N MET E 176 -11.72 -20.35 12.52
CA MET E 176 -10.89 -20.81 11.41
C MET E 176 -9.91 -21.89 11.85
N ALA E 177 -9.46 -22.69 10.89
CA ALA E 177 -8.50 -23.75 11.18
C ALA E 177 -7.57 -24.02 10.02
N LEU E 178 -6.29 -24.09 10.34
CA LEU E 178 -5.24 -24.37 9.35
C LEU E 178 -4.82 -25.82 9.50
N SER E 179 -4.92 -26.57 8.41
CA SER E 179 -4.50 -27.96 8.38
C SER E 179 -2.97 -27.92 8.47
N LEU E 180 -2.38 -28.81 9.27
CA LEU E 180 -0.93 -28.86 9.45
C LEU E 180 -0.29 -30.00 8.66
N GLU E 181 0.96 -29.81 8.23
CA GLU E 181 1.64 -30.84 7.44
C GLU E 181 1.81 -32.18 8.15
N GLY E 182 2.03 -32.15 9.47
CA GLY E 182 2.18 -33.38 10.21
C GLY E 182 0.86 -33.96 10.69
N GLY E 183 -0.24 -33.39 10.20
CA GLY E 183 -1.57 -33.84 10.61
C GLY E 183 -2.13 -32.92 11.67
N GLY E 184 -3.44 -32.97 11.89
CA GLY E 184 -4.06 -32.13 12.89
C GLY E 184 -4.33 -30.71 12.41
N HIS E 185 -4.90 -29.88 13.29
CA HIS E 185 -5.22 -28.51 12.95
C HIS E 185 -4.68 -27.47 13.95
N TYR E 186 -4.59 -26.24 13.46
CA TYR E 186 -4.10 -25.09 14.22
C TYR E 186 -5.23 -24.06 14.12
N ARG E 187 -5.87 -23.80 15.24
CA ARG E 187 -7.03 -22.89 15.30
C ARG E 187 -6.77 -21.40 15.44
N CYS E 188 -7.69 -20.64 14.85
CA CYS E 188 -7.63 -19.18 14.90
C CYS E 188 -9.05 -18.61 14.90
N ASP E 189 -9.30 -17.63 15.76
CA ASP E 189 -10.60 -16.98 15.82
C ASP E 189 -10.53 -15.60 15.19
N PHE E 190 -11.40 -15.35 14.22
CA PHE E 190 -11.47 -14.06 13.52
C PHE E 190 -12.59 -13.20 14.08
N LYS E 191 -12.34 -11.90 14.18
CA LYS E 191 -13.35 -10.94 14.65
C LYS E 191 -13.16 -9.73 13.75
N THR E 192 -14.10 -9.56 12.83
CA THR E 192 -14.05 -8.46 11.87
C THR E 192 -15.16 -7.44 12.08
N THR E 193 -14.85 -6.19 11.76
CA THR E 193 -15.82 -5.10 11.86
C THR E 193 -15.82 -4.45 10.48
N TYR E 194 -16.99 -4.41 9.86
CA TYR E 194 -17.16 -3.83 8.52
C TYR E 194 -17.87 -2.49 8.67
N LYS E 195 -17.37 -1.47 7.99
CA LYS E 195 -17.96 -0.14 8.08
C LYS E 195 -18.17 0.50 6.71
N ALA E 196 -19.42 0.61 6.30
CA ALA E 196 -19.76 1.23 5.02
C ALA E 196 -19.45 2.73 5.11
N LYS E 197 -19.01 3.32 4.01
CA LYS E 197 -18.68 4.74 3.99
C LYS E 197 -19.89 5.66 3.85
N LYS E 198 -21.07 5.06 3.73
CA LYS E 198 -22.32 5.80 3.64
C LYS E 198 -23.40 4.98 4.33
N VAL E 199 -24.54 5.60 4.57
CA VAL E 199 -25.66 4.92 5.22
C VAL E 199 -26.26 3.87 4.30
N VAL E 200 -26.33 2.64 4.77
CA VAL E 200 -26.91 1.53 4.00
C VAL E 200 -27.85 0.74 4.90
N GLN E 201 -28.73 -0.07 4.29
CA GLN E 201 -29.65 -0.88 5.07
C GLN E 201 -28.83 -1.92 5.84
N LEU E 202 -29.19 -2.17 7.10
CA LEU E 202 -28.48 -3.14 7.92
C LEU E 202 -29.16 -4.50 7.85
N PRO E 203 -28.37 -5.58 7.72
CA PRO E 203 -28.94 -6.92 7.64
C PRO E 203 -29.26 -7.60 8.96
N ASP E 204 -30.09 -8.64 8.90
CA ASP E 204 -30.41 -9.42 10.09
C ASP E 204 -29.24 -10.39 10.24
N TYR E 205 -29.19 -11.10 11.35
CA TYR E 205 -28.14 -12.09 11.62
C TYR E 205 -28.12 -13.10 10.46
N HIS E 206 -26.95 -13.32 9.88
CA HIS E 206 -26.85 -14.29 8.79
C HIS E 206 -25.48 -14.95 8.73
N PHE E 207 -25.27 -15.78 7.72
CA PHE E 207 -24.02 -16.53 7.58
C PHE E 207 -23.44 -16.44 6.19
N VAL E 208 -22.12 -16.57 6.11
CA VAL E 208 -21.44 -16.59 4.82
C VAL E 208 -20.44 -17.74 4.82
N ASP E 209 -20.69 -18.73 3.96
CA ASP E 209 -19.79 -19.87 3.84
C ASP E 209 -18.61 -19.41 3.00
N HIS E 210 -17.41 -19.85 3.38
CA HIS E 210 -16.20 -19.47 2.66
C HIS E 210 -15.33 -20.69 2.36
N HIS E 211 -14.51 -20.55 1.33
CA HIS E 211 -13.53 -21.56 0.99
C HIS E 211 -12.42 -20.89 0.22
N ILE E 212 -11.33 -20.59 0.92
CA ILE E 212 -10.17 -19.95 0.32
C ILE E 212 -9.10 -20.99 0.03
N GLU E 213 -8.46 -20.88 -1.13
CA GLU E 213 -7.43 -21.84 -1.55
C GLU E 213 -6.32 -21.20 -2.37
N ILE E 214 -5.08 -21.63 -2.11
CA ILE E 214 -3.94 -21.18 -2.89
C ILE E 214 -3.87 -22.24 -3.98
N LYS E 215 -4.20 -21.84 -5.22
CA LYS E 215 -4.20 -22.76 -6.35
C LYS E 215 -2.81 -23.08 -6.89
N SER E 216 -1.89 -22.13 -6.77
CA SER E 216 -0.52 -22.33 -7.23
C SER E 216 0.38 -21.27 -6.61
N HIS E 217 1.66 -21.58 -6.55
CA HIS E 217 2.65 -20.67 -5.99
C HIS E 217 4.04 -21.16 -6.37
N ASP E 218 5.02 -20.26 -6.32
CA ASP E 218 6.38 -20.66 -6.61
C ASP E 218 7.04 -21.11 -5.31
N LYS E 219 8.28 -21.58 -5.39
CA LYS E 219 9.00 -22.09 -4.23
C LYS E 219 8.98 -21.25 -2.95
N ASP E 220 9.37 -19.99 -3.05
CA ASP E 220 9.41 -19.10 -1.89
C ASP E 220 8.16 -18.23 -1.69
N TYR E 221 7.09 -18.55 -2.41
CA TYR E 221 5.83 -17.83 -2.34
C TYR E 221 5.89 -16.38 -2.83
N SER E 222 6.88 -16.08 -3.67
CA SER E 222 7.04 -14.75 -4.25
C SER E 222 5.82 -14.46 -5.12
N ASN E 223 5.30 -15.51 -5.73
CA ASN E 223 4.13 -15.44 -6.59
C ASN E 223 3.11 -16.46 -6.10
N VAL E 224 1.89 -15.99 -5.87
CA VAL E 224 0.81 -16.84 -5.37
C VAL E 224 -0.48 -16.54 -6.12
N ASN E 225 -1.20 -17.61 -6.50
CA ASN E 225 -2.49 -17.48 -7.17
C ASN E 225 -3.51 -17.93 -6.13
N LEU E 226 -4.37 -17.00 -5.73
CA LEU E 226 -5.36 -17.25 -4.68
C LEU E 226 -6.81 -17.20 -5.16
N HIS E 227 -7.61 -18.16 -4.69
CA HIS E 227 -9.02 -18.27 -5.05
C HIS E 227 -9.93 -18.33 -3.81
N GLU E 228 -11.14 -17.80 -3.94
CA GLU E 228 -12.11 -17.85 -2.86
C GLU E 228 -13.54 -17.94 -3.40
N HIS E 229 -14.34 -18.77 -2.75
CA HIS E 229 -15.74 -18.97 -3.10
C HIS E 229 -16.54 -18.71 -1.82
N ALA E 230 -17.55 -17.84 -1.91
CA ALA E 230 -18.37 -17.50 -0.74
C ALA E 230 -19.85 -17.32 -1.07
N GLU E 231 -20.71 -17.83 -0.19
CA GLU E 231 -22.16 -17.74 -0.36
C GLU E 231 -22.85 -17.46 0.97
N ALA E 232 -23.80 -16.53 0.96
CA ALA E 232 -24.55 -16.17 2.16
C ALA E 232 -25.76 -17.08 2.37
N HIS E 233 -26.11 -17.30 3.64
CA HIS E 233 -27.25 -18.14 4.02
C HIS E 233 -28.06 -17.40 5.09
N SER E 234 -29.38 -17.48 5.00
CA SER E 234 -30.27 -16.80 5.93
C SER E 234 -30.63 -17.64 7.16
N GLU E 235 -30.54 -18.95 7.02
CA GLU E 235 -30.85 -19.85 8.12
C GLU E 235 -30.14 -21.19 7.97
N LEU E 236 -30.01 -21.90 9.10
CA LEU E 236 -29.36 -23.21 9.13
C LEU E 236 -30.27 -24.20 9.87
N PRO E 237 -30.14 -25.51 9.60
CA PRO E 237 -29.23 -26.16 8.64
C PRO E 237 -29.43 -25.70 7.20
N ARG E 238 -28.32 -25.44 6.53
CA ARG E 238 -28.33 -24.98 5.14
C ARG E 238 -28.95 -26.00 4.18
N SER F 21 -16.92 23.24 -55.01
CA SER F 21 -17.21 23.17 -53.55
C SER F 21 -16.14 22.37 -52.81
N VAL F 22 -15.61 22.94 -51.73
CA VAL F 22 -14.59 22.29 -50.93
C VAL F 22 -15.16 21.24 -49.98
N ILE F 23 -16.45 21.33 -49.68
CA ILE F 23 -17.11 20.37 -48.80
C ILE F 23 -17.62 19.19 -49.65
N LYS F 24 -16.92 18.07 -49.57
CA LYS F 24 -17.28 16.87 -50.32
C LYS F 24 -18.22 15.95 -49.52
N PRO F 25 -18.97 15.07 -50.21
CA PRO F 25 -19.91 14.14 -49.56
C PRO F 25 -19.23 13.27 -48.51
N ASP F 26 -17.98 12.89 -48.78
CA ASP F 26 -17.20 12.08 -47.85
C ASP F 26 -15.93 12.83 -47.53
N MET F 27 -15.66 13.01 -46.24
CA MET F 27 -14.47 13.72 -45.81
C MET F 27 -13.77 13.04 -44.64
N LYS F 28 -12.47 13.21 -44.57
CA LYS F 28 -11.66 12.59 -43.51
C LYS F 28 -11.39 13.54 -42.35
N ILE F 29 -10.90 12.97 -41.24
CA ILE F 29 -10.58 13.73 -40.04
C ILE F 29 -9.24 13.27 -39.48
N LYS F 30 -8.44 14.24 -39.04
CA LYS F 30 -7.14 14.00 -38.41
C LYS F 30 -7.11 14.94 -37.21
N LEU F 31 -6.71 14.45 -36.05
CA LEU F 31 -6.69 15.28 -34.86
C LEU F 31 -5.69 14.90 -33.81
N ARG F 32 -5.35 15.90 -32.99
CA ARG F 32 -4.46 15.71 -31.86
C ARG F 32 -4.94 16.62 -30.74
N MET F 33 -5.21 16.00 -29.60
CA MET F 33 -5.66 16.70 -28.42
C MET F 33 -4.58 16.63 -27.37
N GLU F 34 -4.25 17.79 -26.79
CA GLU F 34 -3.29 17.86 -25.72
C GLU F 34 -4.11 18.47 -24.58
N GLY F 35 -3.98 17.91 -23.39
CA GLY F 35 -4.73 18.44 -22.28
C GLY F 35 -4.34 17.98 -20.91
N ALA F 36 -5.19 18.30 -19.95
CA ALA F 36 -4.97 17.93 -18.56
C ALA F 36 -6.28 17.95 -17.79
N VAL F 37 -6.38 17.06 -16.81
CA VAL F 37 -7.54 16.98 -15.94
C VAL F 37 -6.99 16.94 -14.52
N ASN F 38 -7.38 17.93 -13.73
CA ASN F 38 -6.92 18.04 -12.34
C ASN F 38 -5.39 18.11 -12.26
N GLY F 39 -4.78 18.77 -13.24
CA GLY F 39 -3.33 18.92 -13.26
C GLY F 39 -2.53 17.78 -13.86
N HIS F 40 -3.19 16.72 -14.31
CA HIS F 40 -2.51 15.57 -14.90
C HIS F 40 -2.64 15.59 -16.43
N PRO F 41 -1.52 15.80 -17.13
CA PRO F 41 -1.48 15.86 -18.59
C PRO F 41 -1.66 14.56 -19.36
N PHE F 42 -2.13 14.70 -20.59
CA PHE F 42 -2.33 13.56 -21.47
C PHE F 42 -2.41 14.10 -22.89
N ALA F 43 -2.35 13.19 -23.86
CA ALA F 43 -2.45 13.55 -25.27
C ALA F 43 -3.10 12.40 -26.01
N ILE F 44 -4.00 12.74 -26.92
CA ILE F 44 -4.73 11.75 -27.71
C ILE F 44 -4.75 12.15 -29.18
N GLU F 45 -4.56 11.18 -30.07
CA GLU F 45 -4.60 11.44 -31.50
C GLU F 45 -5.71 10.62 -32.13
N GLY F 46 -6.17 11.04 -33.30
CA GLY F 46 -7.24 10.29 -33.93
C GLY F 46 -7.38 10.49 -35.42
N VAL F 47 -8.09 9.56 -36.03
CA VAL F 47 -8.40 9.59 -37.47
C VAL F 47 -9.86 9.21 -37.60
N GLY F 48 -10.51 9.78 -38.61
CA GLY F 48 -11.92 9.46 -38.80
C GLY F 48 -12.42 9.86 -40.17
N LEU F 49 -13.72 9.70 -40.35
CA LEU F 49 -14.38 10.04 -41.59
C LEU F 49 -15.84 10.36 -41.29
N GLY F 50 -16.43 11.16 -42.16
CA GLY F 50 -17.81 11.53 -41.97
C GLY F 50 -18.43 12.07 -43.23
N LYS F 51 -19.74 12.28 -43.16
CA LYS F 51 -20.52 12.81 -44.27
C LYS F 51 -21.15 14.10 -43.77
N PRO F 52 -20.55 15.25 -44.12
CA PRO F 52 -21.01 16.59 -43.73
C PRO F 52 -22.48 16.88 -43.99
N PHE F 53 -22.96 16.52 -45.18
CA PHE F 53 -24.36 16.75 -45.55
C PHE F 53 -25.36 15.82 -44.88
N GLU F 54 -24.88 14.67 -44.37
CA GLU F 54 -25.76 13.73 -43.69
C GLU F 54 -25.71 13.94 -42.18
N GLY F 55 -24.74 14.74 -41.73
CA GLY F 55 -24.57 15.01 -40.32
C GLY F 55 -24.06 13.82 -39.53
N LYS F 56 -23.27 12.96 -40.19
CA LYS F 56 -22.75 11.76 -39.53
C LYS F 56 -21.25 11.69 -39.60
N GLN F 57 -20.64 11.19 -38.52
CA GLN F 57 -19.19 11.06 -38.45
C GLN F 57 -18.78 9.97 -37.46
N SER F 58 -17.57 9.45 -37.65
CA SER F 58 -17.02 8.44 -36.75
C SER F 58 -15.51 8.58 -36.76
N MET F 59 -14.87 8.19 -35.66
CA MET F 59 -13.43 8.28 -35.56
C MET F 59 -12.85 7.29 -34.55
N ASP F 60 -11.58 6.97 -34.73
CA ASP F 60 -10.87 6.07 -33.83
C ASP F 60 -9.84 6.92 -33.12
N LEU F 61 -9.87 6.88 -31.79
CA LEU F 61 -8.96 7.67 -30.98
C LEU F 61 -7.99 6.79 -30.23
N LYS F 62 -6.75 7.25 -30.14
CA LYS F 62 -5.68 6.52 -29.44
C LYS F 62 -4.97 7.40 -28.43
N VAL F 63 -4.92 6.95 -27.19
CA VAL F 63 -4.23 7.69 -26.13
C VAL F 63 -2.73 7.55 -26.39
N LYS F 64 -2.04 8.68 -26.53
CA LYS F 64 -0.61 8.70 -26.81
C LYS F 64 0.26 8.97 -25.60
N GLU F 65 -0.25 9.80 -24.69
CA GLU F 65 0.46 10.18 -23.48
C GLU F 65 -0.52 10.27 -22.31
N GLY F 66 -0.02 10.03 -21.10
CA GLY F 66 -0.87 10.10 -19.91
C GLY F 66 -1.77 8.92 -19.62
N GLY F 67 -1.62 7.83 -20.36
CA GLY F 67 -2.45 6.66 -20.13
C GLY F 67 -1.92 5.75 -19.04
N PRO F 68 -2.79 4.95 -18.39
CA PRO F 68 -4.23 4.90 -18.64
C PRO F 68 -4.94 6.11 -18.03
N LEU F 69 -5.86 6.71 -18.78
CA LEU F 69 -6.59 7.88 -18.31
C LEU F 69 -7.31 7.63 -16.99
N PRO F 70 -7.04 8.48 -15.98
CA PRO F 70 -7.63 8.38 -14.63
C PRO F 70 -8.99 9.09 -14.46
N PHE F 71 -9.68 9.34 -15.56
CA PHE F 71 -10.99 10.00 -15.51
C PHE F 71 -11.90 9.43 -16.59
N ALA F 72 -13.20 9.71 -16.47
CA ALA F 72 -14.20 9.24 -17.44
C ALA F 72 -13.93 9.81 -18.84
N TYR F 73 -13.77 8.92 -19.81
CA TYR F 73 -13.50 9.32 -21.18
C TYR F 73 -14.61 10.21 -21.75
N ASP F 74 -15.83 10.02 -21.24
CA ASP F 74 -16.98 10.80 -21.71
C ASP F 74 -16.80 12.33 -21.66
N ILE F 75 -16.01 12.84 -20.72
CA ILE F 75 -15.82 14.30 -20.66
C ILE F 75 -15.06 14.85 -21.87
N LEU F 76 -14.43 13.96 -22.64
CA LEU F 76 -13.65 14.37 -23.81
C LEU F 76 -14.35 14.24 -25.16
N THR F 77 -15.32 13.34 -25.25
CA THR F 77 -15.98 13.05 -26.51
C THR F 77 -16.57 14.18 -27.35
N THR F 78 -17.25 15.13 -26.71
CA THR F 78 -17.85 16.23 -27.47
C THR F 78 -16.77 17.22 -27.94
N VAL F 79 -15.54 17.04 -27.48
CA VAL F 79 -14.46 17.91 -27.91
C VAL F 79 -13.90 17.34 -29.21
N PHE F 80 -13.83 16.00 -29.27
CA PHE F 80 -13.35 15.32 -30.49
C PHE F 80 -14.39 15.47 -31.60
N1 GYS F 81 -15.80 15.43 -31.31
OG1 GYS F 81 -18.47 13.62 -32.93
CB1 GYS F 81 -17.78 14.17 -31.74
CA1 GYS F 81 -17.06 15.48 -32.01
C1 GYS F 81 -17.85 16.65 -31.54
N2 GYS F 81 -18.99 16.64 -30.92
N3 GYS F 81 -17.41 17.95 -31.68
C2 GYS F 81 -18.33 18.83 -31.13
O2 GYS F 81 -18.14 20.08 -31.14
CA2 GYS F 81 -19.36 17.94 -30.65
CA3 GYS F 81 -16.16 18.41 -32.29
CB2 GYS F 81 -20.49 18.41 -29.99
CG2 GYS F 81 -21.58 17.77 -29.42
CD1 GYS F 81 -21.74 16.34 -29.41
CD2 GYS F 81 -22.58 18.57 -28.76
CE1 GYS F 81 -22.85 15.73 -28.78
CE2 GYS F 81 -23.68 17.96 -28.12
CZ GYS F 81 -23.83 16.55 -28.12
OH GYS F 81 -24.89 16.00 -27.50
C3 GYS F 81 -16.07 19.47 -33.33
O3 GYS F 81 -15.07 20.14 -33.44
N ASN F 82 -16.94 19.25 -34.25
CA ASN F 82 -16.94 19.89 -35.55
C ASN F 82 -18.36 19.95 -36.11
N ARG F 83 -18.99 21.12 -35.97
CA ARG F 83 -20.36 21.32 -36.42
C ARG F 83 -20.54 21.30 -37.94
N VAL F 84 -19.45 21.13 -38.69
CA VAL F 84 -19.57 21.03 -40.14
C VAL F 84 -20.28 19.69 -40.41
N PHE F 85 -20.15 18.75 -39.47
CA PHE F 85 -20.81 17.45 -39.56
C PHE F 85 -22.19 17.56 -38.93
N ALA F 86 -23.07 18.29 -39.60
CA ALA F 86 -24.43 18.50 -39.15
C ALA F 86 -25.27 18.73 -40.38
N LYS F 87 -26.40 18.02 -40.46
CA LYS F 87 -27.28 18.14 -41.60
C LYS F 87 -28.10 19.42 -41.51
N TYR F 88 -27.75 20.39 -42.35
CA TYR F 88 -28.45 21.67 -42.38
C TYR F 88 -29.44 21.78 -43.53
N PRO F 89 -30.70 22.11 -43.22
CA PRO F 89 -31.72 22.26 -44.26
C PRO F 89 -31.43 23.55 -45.03
N GLU F 90 -31.97 23.65 -46.25
CA GLU F 90 -31.74 24.82 -47.09
C GLU F 90 -32.24 26.15 -46.53
N ASN F 91 -33.24 26.10 -45.65
CA ASN F 91 -33.79 27.32 -45.07
C ASN F 91 -33.03 27.86 -43.85
N ILE F 92 -31.88 27.27 -43.55
CA ILE F 92 -31.07 27.73 -42.43
C ILE F 92 -29.64 27.93 -42.90
N VAL F 93 -29.10 29.12 -42.63
CA VAL F 93 -27.74 29.45 -43.01
C VAL F 93 -26.74 28.52 -42.31
N ASP F 94 -25.89 27.88 -43.10
CA ASP F 94 -24.89 26.95 -42.56
C ASP F 94 -23.57 27.70 -42.37
N TYR F 95 -23.38 28.23 -41.17
CA TYR F 95 -22.19 28.99 -40.79
C TYR F 95 -20.89 28.20 -40.93
N PHE F 96 -20.97 26.91 -40.63
CA PHE F 96 -19.81 26.04 -40.66
C PHE F 96 -19.31 25.60 -42.04
N LYS F 97 -20.21 25.19 -42.91
CA LYS F 97 -19.79 24.80 -44.25
C LYS F 97 -19.29 26.01 -45.03
N GLN F 98 -19.86 27.17 -44.75
CA GLN F 98 -19.46 28.40 -45.42
C GLN F 98 -18.07 28.88 -44.98
N SER F 99 -17.62 28.46 -43.80
CA SER F 99 -16.32 28.89 -43.27
C SER F 99 -15.12 28.29 -44.00
N PHE F 100 -15.34 27.22 -44.74
CA PHE F 100 -14.26 26.59 -45.47
C PHE F 100 -14.11 27.18 -46.87
N PRO F 101 -12.94 27.01 -47.52
CA PRO F 101 -11.74 26.30 -47.08
C PRO F 101 -10.89 26.84 -45.93
N GLU F 102 -11.03 28.13 -45.60
CA GLU F 102 -10.23 28.73 -44.52
C GLU F 102 -10.42 28.02 -43.18
N GLY F 103 -11.66 27.68 -42.86
CA GLY F 103 -11.95 27.00 -41.61
C GLY F 103 -12.52 27.90 -40.52
N TYR F 104 -12.57 27.36 -39.31
CA TYR F 104 -13.08 28.10 -38.16
C TYR F 104 -12.51 27.49 -36.89
N SER F 105 -12.74 28.17 -35.77
CA SER F 105 -12.28 27.67 -34.49
C SER F 105 -13.41 27.85 -33.48
N TRP F 106 -13.36 27.09 -32.40
CA TRP F 106 -14.35 27.22 -31.34
C TRP F 106 -13.70 27.11 -29.97
N GLU F 107 -14.36 27.71 -29.00
CA GLU F 107 -13.94 27.72 -27.60
C GLU F 107 -15.15 27.24 -26.83
N ARG F 108 -14.95 26.54 -25.72
CA ARG F 108 -16.08 26.03 -24.96
C ARG F 108 -15.78 25.83 -23.50
N SER F 109 -16.77 26.15 -22.67
CA SER F 109 -16.65 25.93 -21.25
C SER F 109 -17.78 24.96 -20.90
N MET F 110 -17.42 23.91 -20.18
CA MET F 110 -18.37 22.87 -19.79
C MET F 110 -18.42 22.87 -18.26
N ASN F 111 -19.53 23.39 -17.75
CA ASN F 111 -19.79 23.55 -16.32
C ASN F 111 -20.59 22.38 -15.75
N TYR F 112 -19.91 21.48 -15.04
CA TYR F 112 -20.59 20.33 -14.44
C TYR F 112 -21.26 20.74 -13.12
N GLU F 113 -22.38 20.11 -12.80
CA GLU F 113 -23.13 20.44 -11.61
C GLU F 113 -22.40 20.33 -10.27
N ASP F 114 -21.34 19.55 -10.23
CA ASP F 114 -20.58 19.41 -8.98
C ASP F 114 -19.34 20.29 -8.93
N GLY F 115 -19.27 21.28 -9.82
CA GLY F 115 -18.14 22.19 -9.80
C GLY F 115 -16.98 21.90 -10.74
N GLY F 116 -16.91 20.69 -11.30
CA GLY F 116 -15.85 20.40 -12.25
C GLY F 116 -16.08 21.27 -13.47
N ILE F 117 -15.03 21.91 -13.96
CA ILE F 117 -15.14 22.79 -15.13
C ILE F 117 -14.13 22.38 -16.19
N CYS F 118 -14.60 22.25 -17.43
CA CYS F 118 -13.72 21.89 -18.52
C CYS F 118 -13.72 22.96 -19.61
N ASN F 119 -12.55 23.45 -19.94
CA ASN F 119 -12.39 24.44 -21.00
C ASN F 119 -11.69 23.74 -22.16
N ALA F 120 -12.17 23.98 -23.37
CA ALA F 120 -11.59 23.35 -24.54
C ALA F 120 -11.63 24.27 -25.74
N THR F 121 -10.70 24.04 -26.68
CA THR F 121 -10.62 24.81 -27.92
C THR F 121 -10.28 23.87 -29.06
N ASN F 122 -10.71 24.22 -30.26
CA ASN F 122 -10.43 23.43 -31.44
C ASN F 122 -10.25 24.38 -32.61
N ASP F 123 -9.08 24.29 -33.25
CA ASP F 123 -8.76 25.11 -34.42
C ASP F 123 -8.87 24.11 -35.57
N ILE F 124 -9.85 24.32 -36.44
CA ILE F 124 -10.12 23.43 -37.55
C ILE F 124 -9.71 23.99 -38.91
N THR F 125 -8.80 23.28 -39.55
CA THR F 125 -8.31 23.65 -40.87
C THR F 125 -8.64 22.53 -41.84
N LEU F 126 -8.49 22.81 -43.13
CA LEU F 126 -8.78 21.83 -44.16
C LEU F 126 -7.60 21.60 -45.09
N ASP F 127 -7.22 20.34 -45.26
CA ASP F 127 -6.12 19.95 -46.14
C ASP F 127 -6.71 18.94 -47.11
N GLY F 128 -7.04 19.41 -48.31
CA GLY F 128 -7.63 18.54 -49.32
C GLY F 128 -9.03 18.13 -48.88
N ASP F 129 -9.21 16.85 -48.59
CA ASP F 129 -10.51 16.34 -48.16
C ASP F 129 -10.47 15.93 -46.67
N CYS F 130 -9.44 16.37 -45.97
CA CYS F 130 -9.28 16.03 -44.56
C CYS F 130 -9.26 17.23 -43.63
N TYR F 131 -10.16 17.22 -42.64
CA TYR F 131 -10.21 18.29 -41.65
C TYR F 131 -9.09 17.99 -40.64
N ILE F 132 -8.41 19.03 -40.20
CA ILE F 132 -7.33 18.88 -39.24
C ILE F 132 -7.69 19.63 -37.96
N TYR F 133 -7.74 18.93 -36.83
CA TYR F 133 -8.08 19.54 -35.55
C TYR F 133 -6.88 19.72 -34.63
N GLU F 134 -6.73 20.92 -34.08
CA GLU F 134 -5.68 21.20 -33.10
C GLU F 134 -6.49 21.47 -31.83
N ILE F 135 -6.56 20.49 -30.95
CA ILE F 135 -7.36 20.58 -29.74
C ILE F 135 -6.60 20.74 -28.41
N ARG F 136 -7.13 21.60 -27.55
CA ARG F 136 -6.57 21.82 -26.21
C ARG F 136 -7.74 21.57 -25.24
N PHE F 137 -7.51 20.76 -24.21
CA PHE F 137 -8.56 20.43 -23.24
C PHE F 137 -8.03 20.60 -21.80
N ASP F 138 -8.76 21.31 -20.95
CA ASP F 138 -8.31 21.51 -19.58
C ASP F 138 -9.44 21.47 -18.57
N GLY F 139 -9.42 20.44 -17.74
CA GLY F 139 -10.47 20.29 -16.74
C GLY F 139 -9.93 20.45 -15.33
N VAL F 140 -10.70 21.11 -14.47
CA VAL F 140 -10.29 21.32 -13.08
C VAL F 140 -11.44 21.16 -12.09
N ASN F 141 -11.07 20.97 -10.82
CA ASN F 141 -12.01 20.84 -9.71
C ASN F 141 -12.98 19.65 -9.71
N PHE F 142 -12.59 18.56 -10.35
CA PHE F 142 -13.44 17.37 -10.34
C PHE F 142 -13.18 16.69 -9.01
N PRO F 143 -14.24 16.44 -8.21
CA PRO F 143 -14.09 15.79 -6.91
C PRO F 143 -13.59 14.35 -7.07
N ALA F 144 -12.72 13.93 -6.16
CA ALA F 144 -12.16 12.58 -6.19
C ALA F 144 -13.27 11.52 -6.08
N ASN F 145 -14.33 11.86 -5.34
CA ASN F 145 -15.45 10.93 -5.14
C ASN F 145 -16.57 11.14 -6.16
N GLY F 146 -16.29 11.93 -7.21
CA GLY F 146 -17.29 12.20 -8.23
C GLY F 146 -17.36 11.15 -9.32
N PRO F 147 -18.41 11.21 -10.17
CA PRO F 147 -18.57 10.24 -11.27
C PRO F 147 -17.50 10.28 -12.35
N VAL F 148 -16.84 11.44 -12.50
CA VAL F 148 -15.80 11.59 -13.49
C VAL F 148 -14.50 10.92 -13.03
N MET F 149 -14.01 11.29 -11.85
CA MET F 149 -12.77 10.71 -11.37
C MET F 149 -12.90 9.23 -10.99
N GLN F 150 -14.12 8.80 -10.65
CA GLN F 150 -14.37 7.40 -10.29
C GLN F 150 -14.85 6.57 -11.49
N LYS F 151 -14.94 7.22 -12.65
CA LYS F 151 -15.37 6.58 -13.90
C LYS F 151 -16.69 5.84 -13.75
N ARG F 152 -17.72 6.57 -13.32
CA ARG F 152 -19.05 6.01 -13.12
C ARG F 152 -20.05 6.48 -14.18
N THR F 153 -19.56 7.00 -15.30
CA THR F 153 -20.46 7.48 -16.34
C THR F 153 -20.72 6.40 -17.39
N VAL F 154 -21.92 6.44 -17.96
CA VAL F 154 -22.31 5.48 -18.99
C VAL F 154 -22.23 6.08 -20.39
N LYS F 155 -22.94 7.19 -20.62
CA LYS F 155 -22.97 7.83 -21.93
C LYS F 155 -23.66 9.19 -21.81
N TRP F 156 -23.50 10.02 -22.84
CA TRP F 156 -24.17 11.31 -22.89
C TRP F 156 -25.55 11.02 -23.47
N GLU F 157 -26.57 11.73 -23.01
CA GLU F 157 -27.90 11.57 -23.56
C GLU F 157 -27.94 12.41 -24.82
N PRO F 158 -28.91 12.14 -25.74
CA PRO F 158 -29.01 12.95 -26.96
C PRO F 158 -29.32 14.37 -26.46
N SER F 159 -29.10 15.38 -27.31
CA SER F 159 -29.34 16.75 -26.86
C SER F 159 -29.76 17.68 -27.98
N THR F 160 -30.18 18.88 -27.60
CA THR F 160 -30.56 19.90 -28.57
C THR F 160 -29.81 21.18 -28.23
N GLU F 161 -28.88 21.55 -29.10
CA GLU F 161 -28.08 22.75 -28.94
C GLU F 161 -28.85 23.96 -29.49
N LYS F 162 -28.78 25.08 -28.77
CA LYS F 162 -29.44 26.32 -29.18
C LYS F 162 -28.35 27.28 -29.68
N LEU F 163 -28.44 27.66 -30.96
CA LEU F 163 -27.45 28.54 -31.56
C LEU F 163 -28.01 29.92 -31.86
N TYR F 164 -27.24 30.93 -31.47
CA TYR F 164 -27.63 32.32 -31.65
C TYR F 164 -26.41 33.20 -31.88
N VAL F 165 -26.64 34.35 -32.48
CA VAL F 165 -25.56 35.31 -32.76
C VAL F 165 -25.42 36.33 -31.64
N ARG F 166 -24.16 36.68 -31.34
CA ARG F 166 -23.84 37.65 -30.30
C ARG F 166 -22.55 38.35 -30.72
N ASP F 167 -22.61 39.67 -30.86
CA ASP F 167 -21.45 40.49 -31.25
C ASP F 167 -20.81 40.02 -32.56
N GLY F 168 -21.63 39.63 -33.52
CA GLY F 168 -21.09 39.19 -34.81
C GLY F 168 -20.49 37.80 -34.84
N VAL F 169 -20.61 37.04 -33.75
CA VAL F 169 -20.08 35.68 -33.74
C VAL F 169 -21.19 34.71 -33.36
N LEU F 170 -20.99 33.43 -33.65
CA LEU F 170 -22.00 32.42 -33.35
C LEU F 170 -21.76 31.74 -32.01
N LYS F 171 -22.83 31.65 -31.22
CA LYS F 171 -22.77 31.01 -29.91
C LYS F 171 -23.65 29.77 -29.97
N GLY F 172 -23.34 28.81 -29.11
CA GLY F 172 -24.10 27.57 -29.06
C GLY F 172 -24.14 27.11 -27.63
N ASP F 173 -25.33 26.99 -27.06
CA ASP F 173 -25.50 26.54 -25.68
C ASP F 173 -26.31 25.25 -25.62
N VAL F 174 -25.93 24.35 -24.72
CA VAL F 174 -26.67 23.09 -24.60
C VAL F 174 -26.65 22.49 -23.20
N ASN F 175 -27.82 22.00 -22.79
CA ASN F 175 -27.98 21.33 -21.50
C ASN F 175 -27.62 19.87 -21.78
N MET F 176 -26.52 19.41 -21.21
CA MET F 176 -26.05 18.05 -21.42
C MET F 176 -26.23 17.21 -20.16
N ALA F 177 -26.36 15.91 -20.34
CA ALA F 177 -26.53 15.02 -19.20
C ALA F 177 -25.85 13.68 -19.43
N LEU F 178 -25.08 13.25 -18.45
CA LEU F 178 -24.40 11.97 -18.50
C LEU F 178 -25.19 10.98 -17.66
N SER F 179 -25.54 9.86 -18.27
CA SER F 179 -26.25 8.79 -17.56
C SER F 179 -25.21 8.15 -16.64
N LEU F 180 -25.61 7.83 -15.41
CA LEU F 180 -24.71 7.23 -14.42
C LEU F 180 -24.95 5.75 -14.17
N GLU F 181 -23.88 5.03 -13.81
CA GLU F 181 -23.96 3.60 -13.54
C GLU F 181 -25.00 3.16 -12.52
N GLY F 182 -25.11 3.88 -11.42
CA GLY F 182 -26.09 3.51 -10.41
C GLY F 182 -27.48 4.07 -10.68
N GLY F 183 -27.64 4.69 -11.84
CA GLY F 183 -28.92 5.29 -12.19
C GLY F 183 -28.87 6.79 -12.02
N GLY F 184 -29.79 7.50 -12.65
CA GLY F 184 -29.82 8.95 -12.54
C GLY F 184 -28.90 9.62 -13.54
N HIS F 185 -28.81 10.93 -13.46
CA HIS F 185 -27.98 11.70 -14.38
C HIS F 185 -27.07 12.71 -13.71
N TYR F 186 -26.04 13.10 -14.44
CA TYR F 186 -25.03 14.06 -14.01
C TYR F 186 -25.07 15.16 -15.08
N ARG F 187 -25.58 16.33 -14.69
CA ARG F 187 -25.73 17.46 -15.60
C ARG F 187 -24.51 18.34 -15.85
N CYS F 188 -24.44 18.88 -17.06
CA CYS F 188 -23.36 19.77 -17.49
C CYS F 188 -23.92 20.78 -18.48
N ASP F 189 -23.53 22.05 -18.32
CA ASP F 189 -23.97 23.09 -19.24
C ASP F 189 -22.82 23.52 -20.14
N PHE F 190 -23.05 23.45 -21.44
CA PHE F 190 -22.05 23.84 -22.44
C PHE F 190 -22.33 25.25 -22.95
N LYS F 191 -21.26 26.01 -23.15
CA LYS F 191 -21.33 27.35 -23.73
C LYS F 191 -20.17 27.38 -24.71
N THR F 192 -20.51 27.35 -26.00
CA THR F 192 -19.53 27.35 -27.07
C THR F 192 -19.59 28.63 -27.89
N THR F 193 -18.42 29.08 -28.34
CA THR F 193 -18.33 30.25 -29.21
C THR F 193 -17.66 29.76 -30.49
N TYR F 194 -18.33 29.98 -31.61
CA TYR F 194 -17.80 29.55 -32.92
C TYR F 194 -17.31 30.79 -33.66
N LYS F 195 -16.11 30.70 -34.24
CA LYS F 195 -15.51 31.81 -34.96
C LYS F 195 -14.92 31.41 -36.32
N ALA F 196 -15.60 31.80 -37.39
CA ALA F 196 -15.11 31.53 -38.74
C ALA F 196 -13.86 32.39 -38.98
N LYS F 197 -12.88 31.85 -39.72
CA LYS F 197 -11.65 32.59 -40.00
C LYS F 197 -11.92 33.85 -40.82
N LYS F 198 -12.88 33.76 -41.73
CA LYS F 198 -13.28 34.87 -42.57
C LYS F 198 -14.70 35.27 -42.22
N VAL F 199 -15.14 36.42 -42.72
CA VAL F 199 -16.50 36.88 -42.45
C VAL F 199 -17.44 35.98 -43.24
N VAL F 200 -18.41 35.41 -42.53
CA VAL F 200 -19.39 34.50 -43.13
C VAL F 200 -20.78 34.99 -42.74
N GLN F 201 -21.77 34.71 -43.60
CA GLN F 201 -23.14 35.12 -43.31
C GLN F 201 -23.59 34.46 -42.01
N LEU F 202 -24.21 35.26 -41.15
CA LEU F 202 -24.68 34.76 -39.86
C LEU F 202 -26.09 34.19 -39.91
N PRO F 203 -26.31 33.04 -39.26
CA PRO F 203 -27.64 32.41 -39.25
C PRO F 203 -28.58 33.02 -38.21
N ASP F 204 -29.87 32.77 -38.38
CA ASP F 204 -30.86 33.22 -37.41
C ASP F 204 -30.87 32.16 -36.31
N TYR F 205 -31.60 32.43 -35.23
CA TYR F 205 -31.69 31.51 -34.09
C TYR F 205 -32.16 30.13 -34.57
N HIS F 206 -31.42 29.09 -34.22
CA HIS F 206 -31.80 27.75 -34.62
C HIS F 206 -31.31 26.67 -33.66
N PHE F 207 -31.57 25.42 -34.02
CA PHE F 207 -31.21 24.29 -33.17
C PHE F 207 -30.46 23.20 -33.93
N VAL F 208 -29.68 22.43 -33.18
CA VAL F 208 -28.96 21.30 -33.76
C VAL F 208 -29.12 20.16 -32.79
N ASP F 209 -29.77 19.08 -33.24
CA ASP F 209 -29.95 17.90 -32.41
C ASP F 209 -28.66 17.13 -32.51
N HIS F 210 -28.24 16.54 -31.40
CA HIS F 210 -27.00 15.78 -31.37
C HIS F 210 -27.24 14.44 -30.67
N HIS F 211 -26.41 13.46 -31.02
CA HIS F 211 -26.42 12.16 -30.35
C HIS F 211 -25.04 11.56 -30.55
N ILE F 212 -24.22 11.68 -29.51
CA ILE F 212 -22.86 11.16 -29.54
C ILE F 212 -22.81 9.83 -28.77
N GLU F 213 -22.09 8.86 -29.33
CA GLU F 213 -21.98 7.53 -28.72
C GLU F 213 -20.62 6.88 -28.92
N ILE F 214 -20.10 6.28 -27.85
CA ILE F 214 -18.85 5.52 -27.92
C ILE F 214 -19.36 4.14 -28.35
N LYS F 215 -19.03 3.71 -29.55
CA LYS F 215 -19.47 2.43 -30.08
C LYS F 215 -18.65 1.25 -29.58
N SER F 216 -17.36 1.47 -29.34
CA SER F 216 -16.49 0.42 -28.82
C SER F 216 -15.24 1.04 -28.20
N HIS F 217 -14.61 0.28 -27.33
CA HIS F 217 -13.40 0.72 -26.66
C HIS F 217 -12.76 -0.48 -25.98
N ASP F 218 -11.47 -0.36 -25.66
CA ASP F 218 -10.78 -1.43 -24.95
C ASP F 218 -10.86 -1.15 -23.44
N LYS F 219 -10.36 -2.08 -22.64
CA LYS F 219 -10.41 -1.98 -21.18
C LYS F 219 -10.15 -0.62 -20.52
N ASP F 220 -9.04 0.02 -20.85
CA ASP F 220 -8.70 1.31 -20.26
C ASP F 220 -8.91 2.52 -21.18
N TYR F 221 -9.72 2.32 -22.22
CA TYR F 221 -10.02 3.37 -23.19
C TYR F 221 -8.80 3.90 -23.96
N SER F 222 -7.78 3.05 -24.11
CA SER F 222 -6.58 3.41 -24.86
C SER F 222 -6.98 3.60 -26.32
N ASN F 223 -7.99 2.81 -26.71
CA ASN F 223 -8.55 2.85 -28.06
C ASN F 223 -10.05 3.03 -27.94
N VAL F 224 -10.59 4.00 -28.67
CA VAL F 224 -12.02 4.31 -28.63
C VAL F 224 -12.59 4.60 -30.02
N ASN F 225 -13.75 4.02 -30.32
CA ASN F 225 -14.43 4.26 -31.59
C ASN F 225 -15.63 5.15 -31.22
N LEU F 226 -15.63 6.37 -31.74
CA LEU F 226 -16.66 7.37 -31.44
C LEU F 226 -17.51 7.75 -32.65
N HIS F 227 -18.83 7.90 -32.43
CA HIS F 227 -19.78 8.28 -33.49
C HIS F 227 -20.68 9.43 -33.07
N GLU F 228 -21.10 10.24 -34.04
CA GLU F 228 -22.03 11.34 -33.78
C GLU F 228 -22.94 11.57 -34.97
N HIS F 229 -24.20 11.86 -34.66
CA HIS F 229 -25.23 12.16 -35.65
C HIS F 229 -25.82 13.50 -35.22
N ALA F 230 -25.87 14.45 -36.15
CA ALA F 230 -26.39 15.78 -35.85
C ALA F 230 -27.20 16.37 -36.99
N GLU F 231 -28.32 17.01 -36.65
CA GLU F 231 -29.21 17.63 -37.63
C GLU F 231 -29.73 18.96 -37.11
N ALA F 232 -29.72 19.97 -37.98
CA ALA F 232 -30.21 21.29 -37.62
C ALA F 232 -31.68 21.46 -38.00
N HIS F 233 -32.38 22.30 -37.25
CA HIS F 233 -33.77 22.61 -37.51
C HIS F 233 -34.08 24.00 -36.95
N SER F 234 -35.13 24.63 -37.49
CA SER F 234 -35.49 25.98 -37.06
C SER F 234 -36.87 26.09 -36.42
N GLU F 235 -37.71 25.08 -36.63
CA GLU F 235 -39.06 25.10 -36.07
C GLU F 235 -39.30 24.02 -35.02
N LEU F 236 -39.90 24.43 -33.90
CA LEU F 236 -40.23 23.53 -32.81
C LEU F 236 -41.67 23.82 -32.39
N PRO F 237 -42.45 22.78 -32.03
CA PRO F 237 -42.09 21.36 -32.00
C PRO F 237 -41.65 20.78 -33.35
N ARG F 238 -40.70 19.85 -33.29
CA ARG F 238 -40.16 19.21 -34.49
C ARG F 238 -41.08 18.10 -35.00
N SER G 21 -62.11 9.17 -17.32
CA SER G 21 -62.04 10.41 -18.14
C SER G 21 -61.53 11.59 -17.31
N VAL G 22 -60.55 11.31 -16.44
CA VAL G 22 -59.97 12.36 -15.58
C VAL G 22 -59.38 13.46 -16.45
N ILE G 23 -58.57 13.08 -17.44
CA ILE G 23 -57.97 14.03 -18.36
C ILE G 23 -58.84 14.01 -19.62
N LYS G 24 -59.61 15.08 -19.81
CA LYS G 24 -60.51 15.20 -20.97
C LYS G 24 -59.81 15.89 -22.15
N PRO G 25 -60.26 15.60 -23.38
CA PRO G 25 -59.69 16.19 -24.60
C PRO G 25 -59.74 17.72 -24.61
N ASP G 26 -60.74 18.28 -23.94
CA ASP G 26 -60.91 19.73 -23.84
C ASP G 26 -61.04 20.12 -22.38
N MET G 27 -60.07 20.88 -21.87
CA MET G 27 -60.10 21.29 -20.48
C MET G 27 -59.91 22.79 -20.30
N LYS G 28 -60.35 23.29 -19.15
CA LYS G 28 -60.27 24.72 -18.86
C LYS G 28 -59.16 25.04 -17.85
N ILE G 29 -58.84 26.32 -17.76
CA ILE G 29 -57.79 26.82 -16.86
C ILE G 29 -58.32 28.03 -16.09
N LYS G 30 -57.94 28.11 -14.82
CA LYS G 30 -58.30 29.19 -13.91
C LYS G 30 -57.03 29.47 -13.11
N LEU G 31 -56.60 30.72 -13.04
CA LEU G 31 -55.36 31.03 -12.32
C LEU G 31 -55.27 32.41 -11.67
N ARG G 32 -54.38 32.50 -10.69
CA ARG G 32 -54.08 33.75 -10.01
C ARG G 32 -52.61 33.74 -9.63
N MET G 33 -51.91 34.79 -10.03
CA MET G 33 -50.50 34.95 -9.73
C MET G 33 -50.31 36.14 -8.82
N GLU G 34 -49.55 35.95 -7.76
CA GLU G 34 -49.21 37.05 -6.86
C GLU G 34 -47.70 37.09 -6.93
N GLY G 35 -47.13 38.27 -7.16
CA GLY G 35 -45.69 38.33 -7.24
C GLY G 35 -45.07 39.69 -7.06
N ALA G 36 -43.78 39.77 -7.37
CA ALA G 36 -43.03 41.01 -7.25
C ALA G 36 -41.77 40.96 -8.09
N VAL G 37 -41.40 42.11 -8.64
CA VAL G 37 -40.18 42.24 -9.43
C VAL G 37 -39.44 43.43 -8.85
N ASN G 38 -38.21 43.18 -8.39
CA ASN G 38 -37.39 44.22 -7.78
C ASN G 38 -38.09 44.85 -6.57
N GLY G 39 -38.84 44.02 -5.85
CA GLY G 39 -39.56 44.49 -4.67
C GLY G 39 -40.88 45.20 -4.87
N HIS G 40 -41.36 45.29 -6.11
CA HIS G 40 -42.64 45.95 -6.38
C HIS G 40 -43.68 44.87 -6.74
N PRO G 41 -44.70 44.72 -5.88
CA PRO G 41 -45.76 43.72 -6.07
C PRO G 41 -46.79 43.98 -7.16
N PHE G 42 -47.41 42.90 -7.60
CA PHE G 42 -48.45 42.93 -8.62
C PHE G 42 -49.26 41.64 -8.50
N ALA G 43 -50.43 41.61 -9.13
CA ALA G 43 -51.28 40.43 -9.10
C ALA G 43 -51.94 40.31 -10.47
N ILE G 44 -52.03 39.09 -10.98
CA ILE G 44 -52.63 38.83 -12.27
C ILE G 44 -53.52 37.60 -12.22
N GLU G 45 -54.68 37.69 -12.84
CA GLU G 45 -55.62 36.57 -12.88
C GLU G 45 -55.85 36.17 -14.33
N GLY G 46 -56.27 34.92 -14.53
CA GLY G 46 -56.51 34.47 -15.89
C GLY G 46 -57.43 33.28 -16.01
N VAL G 47 -57.90 33.07 -17.23
CA VAL G 47 -58.77 31.96 -17.58
C VAL G 47 -58.30 31.47 -18.93
N GLY G 48 -58.47 30.19 -19.20
CA GLY G 48 -58.03 29.67 -20.47
C GLY G 48 -58.62 28.32 -20.77
N LEU G 49 -58.10 27.70 -21.84
CA LEU G 49 -58.55 26.39 -22.25
C LEU G 49 -57.48 25.73 -23.09
N GLY G 50 -57.52 24.40 -23.16
CA GLY G 50 -56.55 23.68 -23.93
C GLY G 50 -56.94 22.25 -24.19
N LYS G 51 -56.11 21.60 -24.99
CA LYS G 51 -56.29 20.21 -25.37
C LYS G 51 -55.03 19.47 -24.91
N PRO G 52 -55.10 18.83 -23.73
CA PRO G 52 -53.99 18.09 -23.12
C PRO G 52 -53.30 17.09 -24.05
N PHE G 53 -54.08 16.34 -24.82
CA PHE G 53 -53.53 15.34 -25.73
C PHE G 53 -52.90 15.92 -26.99
N GLU G 54 -53.28 17.14 -27.34
CA GLU G 54 -52.72 17.80 -28.52
C GLU G 54 -51.55 18.70 -28.13
N GLY G 55 -51.38 18.91 -26.82
CA GLY G 55 -50.30 19.74 -26.33
C GLY G 55 -50.48 21.21 -26.69
N LYS G 56 -51.72 21.66 -26.76
CA LYS G 56 -52.02 23.04 -27.10
C LYS G 56 -52.90 23.71 -26.04
N GLN G 57 -52.65 24.99 -25.79
CA GLN G 57 -53.40 25.75 -24.80
C GLN G 57 -53.36 27.24 -25.09
N SER G 58 -54.31 27.97 -24.51
CA SER G 58 -54.37 29.41 -24.66
C SER G 58 -55.09 29.98 -23.46
N MET G 59 -54.76 31.22 -23.11
CA MET G 59 -55.39 31.86 -21.98
C MET G 59 -55.38 33.39 -22.06
N ASP G 60 -56.33 33.99 -21.37
CA ASP G 60 -56.45 35.44 -21.31
C ASP G 60 -56.06 35.86 -19.91
N LEU G 61 -55.06 36.73 -19.83
CA LEU G 61 -54.53 37.20 -18.57
C LEU G 61 -54.87 38.66 -18.31
N LYS G 62 -55.23 38.97 -17.07
CA LYS G 62 -55.59 40.34 -16.67
C LYS G 62 -54.83 40.81 -15.44
N VAL G 63 -54.12 41.92 -15.56
CA VAL G 63 -53.40 42.49 -14.42
C VAL G 63 -54.45 43.12 -13.50
N LYS G 64 -54.54 42.62 -12.27
CA LYS G 64 -55.52 43.11 -11.31
C LYS G 64 -54.95 44.16 -10.34
N GLU G 65 -53.66 44.06 -10.03
CA GLU G 65 -53.00 44.99 -9.13
C GLU G 65 -51.58 45.25 -9.58
N GLY G 66 -51.12 46.50 -9.43
CA GLY G 66 -49.76 46.84 -9.82
C GLY G 66 -49.54 47.31 -11.24
N GLY G 67 -50.60 47.36 -12.03
CA GLY G 67 -50.48 47.80 -13.42
C GLY G 67 -50.38 49.31 -13.52
N PRO G 68 -49.74 49.85 -14.57
CA PRO G 68 -49.09 49.12 -15.66
C PRO G 68 -47.77 48.52 -15.20
N LEU G 69 -47.57 47.23 -15.48
CA LEU G 69 -46.34 46.55 -15.08
C LEU G 69 -45.11 47.26 -15.67
N PRO G 70 -44.12 47.58 -14.83
CA PRO G 70 -42.89 48.27 -15.23
C PRO G 70 -41.78 47.39 -15.79
N PHE G 71 -42.11 46.13 -16.08
CA PHE G 71 -41.12 45.18 -16.60
C PHE G 71 -41.66 44.42 -17.80
N ALA G 72 -40.78 43.72 -18.51
CA ALA G 72 -41.15 42.94 -19.68
C ALA G 72 -42.08 41.80 -19.29
N TYR G 73 -43.29 41.82 -19.84
CA TYR G 73 -44.30 40.79 -19.54
C TYR G 73 -43.78 39.38 -19.84
N ASP G 74 -42.88 39.27 -20.82
CA ASP G 74 -42.32 37.98 -21.21
C ASP G 74 -41.71 37.15 -20.08
N ILE G 75 -41.18 37.81 -19.04
CA ILE G 75 -40.59 37.05 -17.93
C ILE G 75 -41.63 36.24 -17.15
N LEU G 76 -42.91 36.54 -17.34
CA LEU G 76 -43.98 35.85 -16.63
C LEU G 76 -44.66 34.74 -17.42
N THR G 77 -44.63 34.84 -18.74
CA THR G 77 -45.34 33.90 -19.59
C THR G 77 -45.16 32.40 -19.38
N THR G 78 -43.92 31.94 -19.21
CA THR G 78 -43.69 30.52 -18.99
C THR G 78 -44.19 30.05 -17.62
N VAL G 79 -44.55 30.99 -16.76
CA VAL G 79 -45.07 30.65 -15.44
C VAL G 79 -46.58 30.40 -15.54
N PHE G 80 -47.25 31.16 -16.42
CA PHE G 80 -48.69 31.01 -16.65
C PHE G 80 -48.91 29.71 -17.43
N1 GYS G 81 -48.00 29.30 -18.46
OG1 GYS G 81 -48.57 28.13 -21.83
CB1 GYS G 81 -47.86 28.92 -20.80
CA1 GYS G 81 -47.85 28.26 -19.44
C1 GYS G 81 -46.57 27.53 -19.18
N2 GYS G 81 -45.54 27.46 -19.95
N3 GYS G 81 -46.34 26.85 -18.01
C2 GYS G 81 -45.08 26.29 -18.03
O2 GYS G 81 -44.63 25.61 -17.07
CA2 GYS G 81 -44.57 26.71 -19.31
CA3 GYS G 81 -47.23 26.69 -16.86
CB2 GYS G 81 -43.29 26.38 -19.74
CG2 GYS G 81 -42.57 26.67 -20.90
CD1 GYS G 81 -43.12 27.46 -21.98
CD2 GYS G 81 -41.22 26.20 -21.03
CE1 GYS G 81 -42.33 27.77 -23.13
CE2 GYS G 81 -40.45 26.50 -22.17
CZ GYS G 81 -40.99 27.28 -23.22
OH GYS G 81 -40.22 27.55 -24.29
C3 GYS G 81 -47.61 25.40 -16.25
O3 GYS G 81 -47.91 25.34 -15.08
N ASN G 82 -47.88 24.52 -17.15
CA ASN G 82 -48.58 23.26 -16.88
C ASN G 82 -48.23 22.26 -17.99
N ARG G 83 -47.26 21.41 -17.70
CA ARG G 83 -46.79 20.41 -18.65
C ARG G 83 -47.83 19.33 -18.97
N VAL G 84 -49.02 19.42 -18.36
CA VAL G 84 -50.07 18.46 -18.65
C VAL G 84 -50.50 18.73 -20.10
N PHE G 85 -50.30 19.99 -20.53
CA PHE G 85 -50.61 20.41 -21.89
C PHE G 85 -49.37 20.20 -22.77
N ALA G 86 -49.05 18.92 -22.98
CA ALA G 86 -47.90 18.53 -23.78
C ALA G 86 -48.26 17.19 -24.40
N LYS G 87 -48.05 17.08 -25.71
CA LYS G 87 -48.36 15.85 -26.42
C LYS G 87 -47.32 14.77 -26.15
N TYR G 88 -47.69 13.79 -25.34
CA TYR G 88 -46.79 12.69 -25.00
C TYR G 88 -47.10 11.44 -25.81
N PRO G 89 -46.09 10.90 -26.53
CA PRO G 89 -46.29 9.69 -27.33
C PRO G 89 -46.53 8.53 -26.36
N GLU G 90 -47.12 7.45 -26.87
CA GLU G 90 -47.40 6.29 -26.02
C GLU G 90 -46.16 5.61 -25.43
N ASN G 91 -45.02 5.76 -26.09
CA ASN G 91 -43.78 5.14 -25.61
C ASN G 91 -43.01 5.95 -24.56
N ILE G 92 -43.59 7.05 -24.08
CA ILE G 92 -42.94 7.86 -23.06
C ILE G 92 -43.92 8.01 -21.89
N VAL G 93 -43.44 7.71 -20.68
CA VAL G 93 -44.28 7.83 -19.49
C VAL G 93 -44.65 9.30 -19.28
N ASP G 94 -45.94 9.56 -19.07
CA ASP G 94 -46.45 10.91 -18.86
C ASP G 94 -46.65 11.15 -17.37
N TYR G 95 -45.65 11.78 -16.75
CA TYR G 95 -45.65 12.08 -15.32
C TYR G 95 -46.81 12.98 -14.92
N PHE G 96 -47.12 13.94 -15.79
CA PHE G 96 -48.17 14.92 -15.54
C PHE G 96 -49.61 14.43 -15.61
N LYS G 97 -49.98 13.77 -16.70
CA LYS G 97 -51.35 13.27 -16.80
C LYS G 97 -51.67 12.21 -15.75
N GLN G 98 -50.63 11.48 -15.32
CA GLN G 98 -50.78 10.46 -14.28
C GLN G 98 -51.08 11.07 -12.92
N SER G 99 -50.51 12.24 -12.67
CA SER G 99 -50.67 12.94 -11.38
C SER G 99 -52.10 13.32 -10.99
N PHE G 100 -52.98 13.45 -11.97
CA PHE G 100 -54.37 13.82 -11.67
C PHE G 100 -55.23 12.60 -11.34
N PRO G 101 -56.38 12.79 -10.67
CA PRO G 101 -56.98 14.04 -10.17
C PRO G 101 -56.28 14.84 -9.07
N GLU G 102 -55.44 14.19 -8.28
CA GLU G 102 -54.73 14.88 -7.19
C GLU G 102 -53.95 16.09 -7.69
N GLY G 103 -53.18 15.89 -8.75
CA GLY G 103 -52.42 16.98 -9.33
C GLY G 103 -50.95 16.98 -8.97
N TYR G 104 -50.31 18.13 -9.20
CA TYR G 104 -48.89 18.27 -8.91
C TYR G 104 -48.54 19.73 -8.72
N SER G 105 -47.31 19.97 -8.31
CA SER G 105 -46.82 21.33 -8.12
C SER G 105 -45.44 21.40 -8.75
N TRP G 106 -44.98 22.61 -9.02
CA TRP G 106 -43.65 22.77 -9.59
C TRP G 106 -43.00 24.04 -9.03
N GLU G 107 -41.68 24.01 -9.00
CA GLU G 107 -40.84 25.10 -8.51
C GLU G 107 -39.85 25.36 -9.64
N ARG G 108 -39.45 26.62 -9.80
CA ARG G 108 -38.53 26.96 -10.87
C ARG G 108 -37.70 28.20 -10.58
N SER G 109 -36.42 28.12 -10.99
CA SER G 109 -35.51 29.24 -10.85
C SER G 109 -35.15 29.59 -12.28
N MET G 110 -35.25 30.87 -12.63
CA MET G 110 -34.95 31.35 -13.96
C MET G 110 -33.81 32.36 -13.81
N ASN G 111 -32.63 31.92 -14.23
CA ASN G 111 -31.39 32.68 -14.11
C ASN G 111 -31.01 33.39 -15.41
N TYR G 112 -31.24 34.71 -15.44
CA TYR G 112 -30.93 35.53 -16.62
C TYR G 112 -29.44 35.87 -16.66
N GLU G 113 -28.90 36.01 -17.87
CA GLU G 113 -27.48 36.28 -18.04
C GLU G 113 -26.90 37.54 -17.40
N ASP G 114 -27.74 38.54 -17.15
CA ASP G 114 -27.25 39.76 -16.51
C ASP G 114 -27.45 39.77 -14.99
N GLY G 115 -27.73 38.61 -14.42
CA GLY G 115 -27.90 38.55 -12.97
C GLY G 115 -29.32 38.64 -12.43
N GLY G 116 -30.28 38.94 -13.30
CA GLY G 116 -31.66 38.99 -12.85
C GLY G 116 -32.07 37.55 -12.55
N ILE G 117 -32.75 37.32 -11.44
CA ILE G 117 -33.17 35.95 -11.09
C ILE G 117 -34.64 35.93 -10.68
N CYS G 118 -35.39 34.98 -11.26
CA CYS G 118 -36.80 34.85 -10.92
C CYS G 118 -37.13 33.46 -10.39
N ASN G 119 -37.76 33.41 -9.22
CA ASN G 119 -38.18 32.15 -8.64
C ASN G 119 -39.70 32.10 -8.79
N ALA G 120 -40.23 30.95 -9.17
CA ALA G 120 -41.68 30.82 -9.34
C ALA G 120 -42.17 29.45 -8.91
N THR G 121 -43.43 29.40 -8.48
CA THR G 121 -44.05 28.16 -8.05
C THR G 121 -45.48 28.14 -8.55
N ASN G 122 -46.00 26.93 -8.76
CA ASN G 122 -47.37 26.76 -9.19
C ASN G 122 -47.90 25.47 -8.58
N ASP G 123 -48.97 25.58 -7.82
CA ASP G 123 -49.61 24.43 -7.21
C ASP G 123 -50.85 24.22 -8.07
N ILE G 124 -50.89 23.09 -8.78
CA ILE G 124 -51.99 22.81 -9.69
C ILE G 124 -52.95 21.74 -9.19
N THR G 125 -54.23 22.10 -9.14
CA THR G 125 -55.29 21.19 -8.74
C THR G 125 -56.33 21.07 -9.86
N LEU G 126 -57.28 20.16 -9.69
CA LEU G 126 -58.32 19.97 -10.70
C LEU G 126 -59.72 19.98 -10.09
N ASP G 127 -60.61 20.75 -10.71
CA ASP G 127 -62.00 20.85 -10.28
C ASP G 127 -62.86 20.60 -11.52
N GLY G 128 -63.34 19.36 -11.65
CA GLY G 128 -64.15 19.00 -12.80
C GLY G 128 -63.27 18.94 -14.04
N ASP G 129 -63.51 19.84 -14.99
CA ASP G 129 -62.73 19.89 -16.21
C ASP G 129 -61.79 21.11 -16.21
N CYS G 130 -61.67 21.75 -15.06
CA CYS G 130 -60.85 22.95 -14.94
C CYS G 130 -59.65 22.85 -14.01
N TYR G 131 -58.47 23.13 -14.56
CA TYR G 131 -57.23 23.15 -13.77
C TYR G 131 -57.21 24.48 -13.03
N ILE G 132 -56.78 24.45 -11.78
CA ILE G 132 -56.71 25.66 -10.97
C ILE G 132 -55.26 25.88 -10.57
N TYR G 133 -54.73 27.07 -10.86
CA TYR G 133 -53.33 27.40 -10.54
C TYR G 133 -53.21 28.42 -9.42
N GLU G 134 -52.31 28.14 -8.47
CA GLU G 134 -52.01 29.05 -7.38
C GLU G 134 -50.53 29.35 -7.65
N ILE G 135 -50.26 30.54 -8.17
CA ILE G 135 -48.91 30.93 -8.57
C ILE G 135 -48.28 32.04 -7.74
N ARG G 136 -46.97 31.90 -7.50
CA ARG G 136 -46.16 32.90 -6.81
C ARG G 136 -44.96 33.19 -7.74
N PHE G 137 -44.63 34.47 -7.91
CA PHE G 137 -43.52 34.87 -8.77
C PHE G 137 -42.68 35.96 -8.11
N ASP G 138 -41.37 35.77 -8.05
CA ASP G 138 -40.49 36.76 -7.43
C ASP G 138 -39.17 36.94 -8.16
N GLY G 139 -39.01 38.11 -8.77
CA GLY G 139 -37.80 38.41 -9.50
C GLY G 139 -36.98 39.49 -8.81
N VAL G 140 -35.66 39.33 -8.78
CA VAL G 140 -34.78 40.32 -8.16
C VAL G 140 -33.53 40.57 -8.98
N ASN G 141 -32.89 41.69 -8.69
CA ASN G 141 -31.64 42.09 -9.33
C ASN G 141 -31.66 42.35 -10.84
N PHE G 142 -32.79 42.84 -11.36
CA PHE G 142 -32.86 43.18 -12.78
C PHE G 142 -32.33 44.61 -12.90
N PRO G 143 -31.26 44.81 -13.69
CA PRO G 143 -30.66 46.13 -13.89
C PRO G 143 -31.68 47.13 -14.44
N ALA G 144 -31.61 48.37 -13.98
CA ALA G 144 -32.53 49.41 -14.44
C ALA G 144 -32.41 49.63 -15.94
N ASN G 145 -31.20 49.50 -16.47
CA ASN G 145 -30.96 49.70 -17.91
C ASN G 145 -31.01 48.43 -18.75
N GLY G 146 -31.44 47.32 -18.14
CA GLY G 146 -31.51 46.05 -18.85
C GLY G 146 -32.77 45.88 -19.70
N PRO G 147 -32.84 44.86 -20.56
CA PRO G 147 -34.00 44.62 -21.42
C PRO G 147 -35.32 44.34 -20.69
N VAL G 148 -35.24 43.82 -19.47
CA VAL G 148 -36.44 43.53 -18.70
C VAL G 148 -37.08 44.79 -18.15
N MET G 149 -36.32 45.59 -17.41
CA MET G 149 -36.85 46.82 -16.84
C MET G 149 -37.12 47.90 -17.89
N GLN G 150 -36.46 47.79 -19.05
CA GLN G 150 -36.68 48.76 -20.12
C GLN G 150 -37.69 48.25 -21.15
N LYS G 151 -38.23 47.05 -20.92
CA LYS G 151 -39.19 46.42 -21.81
C LYS G 151 -38.73 46.37 -23.26
N ARG G 152 -37.58 45.74 -23.48
CA ARG G 152 -37.01 45.66 -24.83
C ARG G 152 -37.03 44.24 -25.40
N THR G 153 -37.89 43.39 -24.85
CA THR G 153 -38.00 42.01 -25.32
C THR G 153 -39.11 41.89 -26.36
N VAL G 154 -38.93 40.96 -27.30
CA VAL G 154 -39.92 40.73 -28.35
C VAL G 154 -40.71 39.45 -28.08
N LYS G 155 -39.99 38.35 -27.84
CA LYS G 155 -40.65 37.07 -27.56
C LYS G 155 -39.61 36.02 -27.21
N TRP G 156 -40.08 34.90 -26.67
CA TRP G 156 -39.22 33.78 -26.32
C TRP G 156 -39.09 32.97 -27.60
N GLU G 157 -37.91 32.42 -27.84
CA GLU G 157 -37.69 31.57 -28.99
C GLU G 157 -38.22 30.19 -28.62
N PRO G 158 -38.52 29.33 -29.61
CA PRO G 158 -39.01 27.99 -29.28
C PRO G 158 -37.87 27.33 -28.49
N SER G 159 -38.14 26.24 -27.78
CA SER G 159 -37.09 25.59 -27.00
C SER G 159 -37.30 24.10 -26.83
N THR G 160 -36.29 23.45 -26.27
CA THR G 160 -36.34 22.03 -25.97
C THR G 160 -35.93 21.85 -24.53
N GLU G 161 -36.90 21.45 -23.71
CA GLU G 161 -36.67 21.20 -22.31
C GLU G 161 -36.17 19.76 -22.12
N LYS G 162 -35.16 19.61 -21.27
CA LYS G 162 -34.58 18.29 -20.97
C LYS G 162 -35.13 17.82 -19.64
N LEU G 163 -35.83 16.67 -19.64
CA LEU G 163 -36.42 16.15 -18.42
C LEU G 163 -35.77 14.86 -17.97
N TYR G 164 -35.50 14.80 -16.65
CA TYR G 164 -34.85 13.64 -16.06
C TYR G 164 -35.25 13.48 -14.60
N VAL G 165 -35.27 12.24 -14.14
CA VAL G 165 -35.65 11.95 -12.77
C VAL G 165 -34.51 12.13 -11.80
N ARG G 166 -34.86 12.63 -10.61
CA ARG G 166 -33.89 12.80 -9.54
C ARG G 166 -34.60 12.80 -8.20
N ASP G 167 -34.10 11.97 -7.28
CA ASP G 167 -34.67 11.85 -5.95
C ASP G 167 -36.16 11.52 -5.94
N GLY G 168 -36.58 10.70 -6.91
CA GLY G 168 -37.97 10.30 -6.96
C GLY G 168 -38.94 11.30 -7.56
N VAL G 169 -38.44 12.45 -7.99
CA VAL G 169 -39.28 13.47 -8.62
C VAL G 169 -38.72 13.79 -10.00
N LEU G 170 -39.37 14.69 -10.73
CA LEU G 170 -38.94 15.02 -12.09
C LEU G 170 -38.35 16.40 -12.22
N LYS G 171 -37.22 16.47 -12.93
CA LYS G 171 -36.52 17.73 -13.16
C LYS G 171 -36.66 18.10 -14.63
N GLY G 172 -36.62 19.40 -14.91
CA GLY G 172 -36.73 19.86 -16.27
C GLY G 172 -35.85 21.10 -16.42
N ASP G 173 -34.87 21.04 -17.30
CA ASP G 173 -33.96 22.16 -17.54
C ASP G 173 -34.05 22.61 -18.99
N VAL G 174 -33.99 23.92 -19.21
CA VAL G 174 -34.07 24.43 -20.58
C VAL G 174 -33.31 25.73 -20.79
N ASN G 175 -32.58 25.78 -21.90
CA ASN G 175 -31.82 26.97 -22.30
C ASN G 175 -32.83 27.85 -23.06
N MET G 176 -33.22 28.96 -22.46
CA MET G 176 -34.19 29.87 -23.05
C MET G 176 -33.53 31.14 -23.57
N ALA G 177 -34.19 31.80 -24.53
CA ALA G 177 -33.66 33.04 -25.10
C ALA G 177 -34.78 33.96 -25.54
N LEU G 178 -34.68 35.22 -25.13
CA LEU G 178 -35.63 36.25 -25.51
C LEU G 178 -35.01 37.08 -26.63
N SER G 179 -35.70 37.20 -27.75
CA SER G 179 -35.20 38.02 -28.85
C SER G 179 -35.39 39.47 -28.39
N LEU G 180 -34.45 40.33 -28.75
CA LEU G 180 -34.50 41.73 -28.35
C LEU G 180 -34.90 42.68 -29.46
N GLU G 181 -35.53 43.77 -29.04
CA GLU G 181 -36.02 44.83 -29.93
C GLU G 181 -34.97 45.30 -30.94
N GLY G 182 -33.78 45.64 -30.46
CA GLY G 182 -32.72 46.09 -31.34
C GLY G 182 -31.94 44.98 -32.02
N GLY G 183 -32.39 43.73 -31.84
CA GLY G 183 -31.70 42.61 -32.43
C GLY G 183 -30.93 41.84 -31.36
N GLY G 184 -30.52 40.61 -31.66
CA GLY G 184 -29.79 39.83 -30.68
C GLY G 184 -30.71 39.11 -29.70
N HIS G 185 -30.11 38.44 -28.73
CA HIS G 185 -30.88 37.69 -27.73
C HIS G 185 -30.40 37.91 -26.31
N TYR G 186 -31.30 37.59 -25.38
CA TYR G 186 -31.07 37.73 -23.95
C TYR G 186 -31.35 36.34 -23.39
N ARG G 187 -30.30 35.68 -22.93
CA ARG G 187 -30.38 34.31 -22.41
C ARG G 187 -30.82 34.13 -20.96
N CYS G 188 -31.52 33.04 -20.72
CA CYS G 188 -32.00 32.67 -19.40
C CYS G 188 -31.96 31.14 -19.25
N ASP G 189 -31.51 30.67 -18.10
CA ASP G 189 -31.46 29.23 -17.84
C ASP G 189 -32.56 28.87 -16.84
N PHE G 190 -33.43 27.94 -17.24
CA PHE G 190 -34.53 27.46 -16.40
C PHE G 190 -34.17 26.14 -15.74
N LYS G 191 -34.53 26.02 -14.46
CA LYS G 191 -34.33 24.79 -13.68
C LYS G 191 -35.63 24.58 -12.92
N THR G 192 -36.42 23.60 -13.37
CA THR G 192 -37.72 23.29 -12.77
C THR G 192 -37.76 21.92 -12.09
N THR G 193 -38.47 21.84 -10.97
CA THR G 193 -38.65 20.58 -10.25
C THR G 193 -40.16 20.37 -10.23
N TYR G 194 -40.61 19.22 -10.74
CA TYR G 194 -42.03 18.88 -10.79
C TYR G 194 -42.29 17.82 -9.72
N LYS G 195 -43.35 18.01 -8.93
CA LYS G 195 -43.68 17.07 -7.86
C LYS G 195 -45.12 16.62 -7.85
N ALA G 196 -45.36 15.38 -8.22
CA ALA G 196 -46.72 14.80 -8.23
C ALA G 196 -47.21 14.65 -6.79
N LYS G 197 -48.50 14.89 -6.57
CA LYS G 197 -49.09 14.79 -5.23
C LYS G 197 -49.41 13.35 -4.80
N LYS G 198 -49.00 12.39 -5.62
CA LYS G 198 -49.20 10.97 -5.35
C LYS G 198 -48.16 10.20 -6.13
N VAL G 199 -48.02 8.92 -5.81
CA VAL G 199 -47.06 8.06 -6.50
C VAL G 199 -47.49 7.80 -7.93
N VAL G 200 -46.57 8.06 -8.87
CA VAL G 200 -46.82 7.83 -10.28
C VAL G 200 -45.60 7.15 -10.88
N GLN G 201 -45.75 6.61 -12.09
CA GLN G 201 -44.64 5.96 -12.77
C GLN G 201 -43.68 7.04 -13.24
N LEU G 202 -42.40 6.85 -12.97
CA LEU G 202 -41.36 7.81 -13.36
C LEU G 202 -40.84 7.56 -14.77
N PRO G 203 -40.76 8.61 -15.60
CA PRO G 203 -40.28 8.48 -16.97
C PRO G 203 -38.76 8.40 -17.10
N ASP G 204 -38.32 7.92 -18.26
CA ASP G 204 -36.90 7.85 -18.57
C ASP G 204 -36.55 9.22 -19.16
N TYR G 205 -35.27 9.49 -19.34
CA TYR G 205 -34.80 10.76 -19.89
C TYR G 205 -35.52 11.09 -21.20
N HIS G 206 -36.12 12.27 -21.29
CA HIS G 206 -36.81 12.67 -22.51
C HIS G 206 -36.80 14.18 -22.71
N PHE G 207 -37.48 14.63 -23.76
CA PHE G 207 -37.52 16.05 -24.09
C PHE G 207 -38.92 16.54 -24.38
N VAL G 208 -39.11 17.84 -24.21
CA VAL G 208 -40.39 18.48 -24.54
C VAL G 208 -40.07 19.76 -25.30
N ASP G 209 -40.48 19.79 -26.57
CA ASP G 209 -40.29 20.97 -27.42
C ASP G 209 -41.39 21.94 -27.05
N HIS G 210 -41.03 23.22 -26.91
CA HIS G 210 -42.01 24.23 -26.55
C HIS G 210 -41.99 25.42 -27.50
N HIS G 211 -43.15 26.07 -27.64
CA HIS G 211 -43.25 27.30 -28.41
C HIS G 211 -44.34 28.15 -27.79
N ILE G 212 -43.93 29.12 -26.99
CA ILE G 212 -44.87 30.03 -26.32
C ILE G 212 -44.92 31.35 -27.06
N GLU G 213 -46.13 31.89 -27.22
CA GLU G 213 -46.33 33.15 -27.95
C GLU G 213 -47.47 34.01 -27.43
N ILE G 214 -47.22 35.32 -27.33
CA ILE G 214 -48.26 36.26 -26.94
C ILE G 214 -48.91 36.59 -28.28
N LYS G 215 -50.16 36.17 -28.46
CA LYS G 215 -50.87 36.41 -29.72
C LYS G 215 -51.43 37.81 -29.87
N SER G 216 -51.80 38.41 -28.74
CA SER G 216 -52.33 39.77 -28.73
C SER G 216 -52.21 40.32 -27.32
N HIS G 217 -52.24 41.64 -27.21
CA HIS G 217 -52.14 42.31 -25.93
C HIS G 217 -52.47 43.78 -26.12
N ASP G 218 -52.94 44.44 -25.06
CA ASP G 218 -53.22 45.86 -25.17
C ASP G 218 -51.92 46.63 -24.88
N LYS G 219 -51.93 47.93 -25.15
CA LYS G 219 -50.77 48.79 -24.99
C LYS G 219 -49.87 48.59 -23.77
N ASP G 220 -50.46 48.54 -22.58
CA ASP G 220 -49.68 48.37 -21.35
C ASP G 220 -49.66 46.95 -20.80
N TYR G 221 -50.12 45.99 -21.61
CA TYR G 221 -50.16 44.58 -21.23
C TYR G 221 -51.14 44.24 -20.09
N SER G 222 -52.11 45.12 -19.83
CA SER G 222 -53.14 44.87 -18.81
C SER G 222 -53.88 43.60 -19.20
N ASN G 223 -54.01 43.38 -20.51
CA ASN G 223 -54.68 42.22 -21.06
C ASN G 223 -53.75 41.56 -22.05
N VAL G 224 -53.56 40.25 -21.89
CA VAL G 224 -52.67 39.46 -22.75
C VAL G 224 -53.32 38.13 -23.13
N ASN G 225 -53.20 37.77 -24.39
CA ASN G 225 -53.73 36.49 -24.89
C ASN G 225 -52.49 35.66 -25.18
N LEU G 226 -52.28 34.62 -24.38
CA LEU G 226 -51.11 33.76 -24.47
C LEU G 226 -51.40 32.36 -24.99
N HIS G 227 -50.52 31.86 -25.86
CA HIS G 227 -50.65 30.53 -26.45
C HIS G 227 -49.36 29.73 -26.31
N GLU G 228 -49.48 28.40 -26.20
CA GLU G 228 -48.33 27.52 -26.14
C GLU G 228 -48.62 26.18 -26.81
N HIS G 229 -47.60 25.66 -27.51
CA HIS G 229 -47.68 24.38 -28.20
C HIS G 229 -46.48 23.57 -27.72
N ALA G 230 -46.74 22.40 -27.16
CA ALA G 230 -45.66 21.55 -26.65
C ALA G 230 -45.85 20.08 -26.97
N GLU G 231 -44.75 19.42 -27.37
CA GLU G 231 -44.75 18.00 -27.70
C GLU G 231 -43.51 17.31 -27.14
N ALA G 232 -43.71 16.12 -26.58
CA ALA G 232 -42.62 15.35 -26.01
C ALA G 232 -42.04 14.38 -27.02
N HIS G 233 -40.76 14.06 -26.84
CA HIS G 233 -40.07 13.12 -27.71
C HIS G 233 -38.89 12.50 -26.98
N SER G 234 -38.39 11.40 -27.52
CA SER G 234 -37.26 10.71 -26.91
C SER G 234 -36.41 9.99 -27.93
N GLU G 235 -35.39 9.30 -27.43
CA GLU G 235 -34.46 8.52 -28.25
C GLU G 235 -35.18 7.31 -28.87
N SER H 21 43.88 -26.56 26.73
CA SER H 21 43.47 -26.66 25.30
C SER H 21 44.38 -27.62 24.53
N VAL H 22 43.83 -28.20 23.48
CA VAL H 22 44.56 -29.12 22.62
C VAL H 22 45.55 -28.33 21.77
N ILE H 23 45.26 -27.04 21.57
CA ILE H 23 46.12 -26.16 20.78
C ILE H 23 47.27 -25.66 21.67
N LYS H 24 48.50 -25.98 21.28
CA LYS H 24 49.68 -25.57 22.03
C LYS H 24 50.42 -24.41 21.36
N PRO H 25 51.21 -23.63 22.13
CA PRO H 25 51.96 -22.50 21.58
C PRO H 25 52.96 -22.86 20.46
N ASP H 26 53.47 -24.08 20.50
CA ASP H 26 54.40 -24.55 19.48
C ASP H 26 53.91 -25.89 18.95
N MET H 27 53.57 -25.92 17.67
CA MET H 27 53.07 -27.15 17.06
C MET H 27 53.79 -27.49 15.76
N LYS H 28 53.69 -28.74 15.37
CA LYS H 28 54.36 -29.23 14.17
C LYS H 28 53.39 -29.46 13.00
N ILE H 29 53.96 -29.61 11.81
CA ILE H 29 53.19 -29.83 10.59
C ILE H 29 53.82 -30.94 9.75
N LYS H 30 52.97 -31.77 9.16
CA LYS H 30 53.41 -32.86 8.29
C LYS H 30 52.36 -32.88 7.18
N LEU H 31 52.78 -33.03 5.94
CA LEU H 31 51.84 -33.00 4.83
C LEU H 31 52.28 -33.73 3.56
N ARG H 32 51.30 -34.05 2.74
CA ARG H 32 51.56 -34.66 1.45
C ARG H 32 50.52 -34.11 0.49
N MET H 33 51.01 -33.58 -0.63
CA MET H 33 50.15 -33.04 -1.68
C MET H 33 50.30 -33.91 -2.92
N GLU H 34 49.17 -34.27 -3.51
CA GLU H 34 49.16 -35.01 -4.75
C GLU H 34 48.35 -34.12 -5.67
N GLY H 35 48.83 -33.91 -6.88
CA GLY H 35 48.10 -33.05 -7.79
C GLY H 35 48.51 -33.13 -9.25
N ALA H 36 48.01 -32.17 -10.02
CA ALA H 36 48.31 -32.09 -11.45
C ALA H 36 48.04 -30.69 -11.95
N VAL H 37 48.81 -30.28 -12.96
CA VAL H 37 48.68 -28.98 -13.59
C VAL H 37 48.66 -29.25 -15.09
N ASN H 38 47.57 -28.84 -15.74
CA ASN H 38 47.40 -29.04 -17.18
C ASN H 38 47.53 -30.53 -17.56
N GLY H 39 47.05 -31.41 -16.68
CA GLY H 39 47.10 -32.84 -16.94
C GLY H 39 48.38 -33.57 -16.52
N HIS H 40 49.38 -32.84 -16.03
CA HIS H 40 50.63 -33.47 -15.61
C HIS H 40 50.72 -33.56 -14.09
N PRO H 41 50.67 -34.81 -13.56
CA PRO H 41 50.73 -35.12 -12.13
C PRO H 41 52.06 -34.89 -11.42
N PHE H 42 51.97 -34.68 -10.12
CA PHE H 42 53.14 -34.45 -9.26
C PHE H 42 52.77 -34.72 -7.81
N ALA H 43 53.79 -34.83 -6.96
CA ALA H 43 53.60 -35.07 -5.54
C ALA H 43 54.65 -34.32 -4.74
N ILE H 44 54.23 -33.75 -3.62
CA ILE H 44 55.12 -32.99 -2.76
C ILE H 44 54.84 -33.33 -1.30
N GLU H 45 55.90 -33.49 -0.52
CA GLU H 45 55.78 -33.78 0.89
C GLU H 45 56.43 -32.66 1.68
N GLY H 46 56.02 -32.49 2.91
CA GLY H 46 56.58 -31.43 3.72
C GLY H 46 56.46 -31.60 5.22
N VAL H 47 57.31 -30.88 5.94
CA VAL H 47 57.32 -30.89 7.38
C VAL H 47 57.49 -29.45 7.79
N GLY H 48 56.91 -29.06 8.91
CA GLY H 48 57.04 -27.68 9.34
C GLY H 48 56.71 -27.49 10.80
N LEU H 49 56.65 -26.24 11.21
CA LEU H 49 56.34 -25.90 12.59
C LEU H 49 55.74 -24.51 12.64
N GLY H 50 55.01 -24.21 13.71
CA GLY H 50 54.40 -22.90 13.83
C GLY H 50 53.88 -22.58 15.20
N LYS H 51 53.45 -21.34 15.35
CA LYS H 51 52.90 -20.83 16.59
C LYS H 51 51.48 -20.38 16.30
N PRO H 52 50.49 -21.25 16.57
CA PRO H 52 49.07 -20.99 16.35
C PRO H 52 48.57 -19.66 16.92
N PHE H 53 48.96 -19.35 18.15
CA PHE H 53 48.53 -18.12 18.80
C PHE H 53 49.23 -16.86 18.29
N GLU H 54 50.37 -17.02 17.63
CA GLU H 54 51.10 -15.88 17.08
C GLU H 54 50.81 -15.71 15.59
N GLY H 55 50.16 -16.71 15.00
CA GLY H 55 49.84 -16.65 13.58
C GLY H 55 51.04 -16.78 12.67
N LYS H 56 52.06 -17.50 13.12
CA LYS H 56 53.28 -17.68 12.34
C LYS H 56 53.55 -19.16 12.08
N GLN H 57 54.11 -19.46 10.91
CA GLN H 57 54.43 -20.83 10.56
C GLN H 57 55.48 -20.86 9.46
N SER H 58 56.15 -22.00 9.35
CA SER H 58 57.16 -22.19 8.32
C SER H 58 57.25 -23.67 8.03
N MET H 59 57.65 -24.01 6.81
CA MET H 59 57.78 -25.41 6.43
C MET H 59 58.79 -25.61 5.32
N ASP H 60 59.28 -26.83 5.23
CA ASP H 60 60.23 -27.23 4.20
C ASP H 60 59.50 -28.22 3.32
N LEU H 61 59.45 -27.91 2.03
CA LEU H 61 58.74 -28.72 1.04
C LEU H 61 59.67 -29.41 0.07
N LYS H 62 59.37 -30.67 -0.26
CA LYS H 62 60.17 -31.45 -1.18
C LYS H 62 59.34 -32.11 -2.27
N VAL H 63 59.69 -31.86 -3.52
CA VAL H 63 58.98 -32.46 -4.64
C VAL H 63 59.44 -33.94 -4.69
N LYS H 64 58.48 -34.85 -4.61
CA LYS H 64 58.77 -36.28 -4.61
C LYS H 64 58.53 -36.94 -5.97
N GLU H 65 57.51 -36.47 -6.69
CA GLU H 65 57.17 -37.02 -8.00
C GLU H 65 56.85 -35.88 -8.96
N GLY H 66 57.21 -36.05 -10.22
CA GLY H 66 56.91 -35.04 -11.23
C GLY H 66 57.87 -33.87 -11.37
N GLY H 67 58.98 -33.92 -10.64
CA GLY H 67 59.97 -32.86 -10.71
C GLY H 67 60.88 -33.03 -11.92
N PRO H 68 61.43 -31.93 -12.48
CA PRO H 68 61.25 -30.54 -12.02
C PRO H 68 59.90 -29.98 -12.46
N LEU H 69 59.18 -29.36 -11.52
CA LEU H 69 57.86 -28.80 -11.84
C LEU H 69 57.97 -27.80 -12.99
N PRO H 70 57.14 -27.97 -14.03
CA PRO H 70 57.12 -27.11 -15.20
C PRO H 70 56.24 -25.86 -15.06
N PHE H 71 55.88 -25.52 -13.82
CA PHE H 71 55.02 -24.35 -13.57
C PHE H 71 55.48 -23.55 -12.35
N ALA H 72 54.98 -22.32 -12.25
CA ALA H 72 55.32 -21.44 -11.13
C ALA H 72 54.90 -22.04 -9.80
N TYR H 73 55.89 -22.30 -8.94
CA TYR H 73 55.65 -22.88 -7.62
C TYR H 73 54.68 -22.05 -6.78
N ASP H 74 54.62 -20.74 -7.05
CA ASP H 74 53.74 -19.84 -6.31
C ASP H 74 52.25 -20.25 -6.30
N ILE H 75 51.79 -20.90 -7.36
CA ILE H 75 50.39 -21.30 -7.40
C ILE H 75 50.05 -22.37 -6.35
N LEU H 76 51.08 -22.99 -5.77
CA LEU H 76 50.88 -24.05 -4.77
C LEU H 76 51.00 -23.60 -3.33
N THR H 77 51.76 -22.53 -3.10
CA THR H 77 52.04 -22.08 -1.75
C THR H 77 50.90 -21.84 -0.77
N THR H 78 49.82 -21.21 -1.21
CA THR H 78 48.69 -20.97 -0.30
C THR H 78 47.91 -22.24 0.01
N VAL H 79 48.22 -23.33 -0.68
CA VAL H 79 47.55 -24.60 -0.40
C VAL H 79 48.30 -25.31 0.73
N PHE H 80 49.62 -25.16 0.74
CA PHE H 80 50.46 -25.73 1.80
C PHE H 80 50.21 -24.95 3.08
N1 GYS H 81 50.03 -23.52 3.05
OG1 GYS H 81 51.58 -20.99 5.07
CB1 GYS H 81 51.00 -21.48 3.79
CA1 GYS H 81 49.85 -22.42 3.99
C1 GYS H 81 48.53 -21.77 3.72
N2 GYS H 81 48.30 -20.56 3.34
N3 GYS H 81 47.34 -22.45 3.86
C2 GYS H 81 46.27 -21.62 3.54
O2 GYS H 81 45.08 -22.01 3.57
CA2 GYS H 81 46.94 -20.38 3.20
CA3 GYS H 81 47.14 -23.85 4.25
CB2 GYS H 81 46.24 -19.26 2.80
CG2 GYS H 81 46.66 -17.98 2.41
CD1 GYS H 81 48.03 -17.61 2.38
CD2 GYS H 81 45.68 -17.02 1.99
CE1 GYS H 81 48.44 -16.31 1.96
CE2 GYS H 81 46.09 -15.73 1.55
CZ GYS H 81 47.46 -15.38 1.54
OH GYS H 81 47.79 -14.15 1.12
C3 GYS H 81 46.22 -24.29 5.31
O3 GYS H 81 45.73 -25.40 5.27
N ASN H 82 46.34 -23.56 6.38
CA ASN H 82 45.81 -23.91 7.68
C ASN H 82 45.61 -22.65 8.50
N ARG H 83 44.35 -22.20 8.54
CA ARG H 83 43.99 -20.98 9.26
C ARG H 83 44.09 -21.09 10.78
N VAL H 84 44.48 -22.25 11.28
CA VAL H 84 44.65 -22.40 12.72
C VAL H 84 45.88 -21.54 13.08
N PHE H 85 46.74 -21.31 12.09
CA PHE H 85 47.92 -20.48 12.25
C PHE H 85 47.56 -19.05 11.87
N ALA H 86 46.74 -18.43 12.71
CA ALA H 86 46.29 -17.06 12.53
C ALA H 86 46.04 -16.51 13.93
N LYS H 87 46.58 -15.34 14.20
CA LYS H 87 46.42 -14.70 15.50
C LYS H 87 45.01 -14.14 15.64
N TYR H 88 44.17 -14.82 16.42
CA TYR H 88 42.80 -14.38 16.65
C TYR H 88 42.66 -13.63 17.97
N PRO H 89 42.09 -12.41 17.93
CA PRO H 89 41.89 -11.60 19.13
C PRO H 89 40.80 -12.27 19.97
N GLU H 90 40.69 -11.89 21.24
CA GLU H 90 39.70 -12.49 22.11
C GLU H 90 38.25 -12.18 21.70
N ASN H 91 38.03 -11.04 21.06
CA ASN H 91 36.69 -10.63 20.65
C ASN H 91 36.18 -11.23 19.34
N ILE H 92 36.94 -12.14 18.74
CA ILE H 92 36.51 -12.80 17.50
C ILE H 92 36.51 -14.31 17.70
N VAL H 93 35.40 -14.96 17.35
CA VAL H 93 35.29 -16.41 17.47
C VAL H 93 36.30 -17.07 16.53
N ASP H 94 37.09 -17.99 17.08
CA ASP H 94 38.10 -18.70 16.32
C ASP H 94 37.54 -20.06 15.90
N TYR H 95 36.98 -20.11 14.70
CA TYR H 95 36.39 -21.31 14.12
C TYR H 95 37.39 -22.47 14.02
N PHE H 96 38.63 -22.12 13.71
CA PHE H 96 39.70 -23.10 13.50
C PHE H 96 40.28 -23.76 14.74
N LYS H 97 40.63 -22.97 15.75
CA LYS H 97 41.18 -23.57 16.97
C LYS H 97 40.11 -24.39 17.69
N GLN H 98 38.86 -24.00 17.51
CA GLN H 98 37.73 -24.70 18.13
C GLN H 98 37.51 -26.08 17.53
N SER H 99 37.80 -26.23 16.24
CA SER H 99 37.57 -27.50 15.53
C SER H 99 38.40 -28.68 16.02
N PHE H 100 39.53 -28.41 16.65
CA PHE H 100 40.39 -29.48 17.12
C PHE H 100 39.95 -30.01 18.49
N PRO H 101 40.40 -31.23 18.86
CA PRO H 101 41.26 -32.16 18.12
C PRO H 101 40.69 -32.85 16.88
N GLU H 102 39.37 -32.79 16.68
CA GLU H 102 38.76 -33.43 15.51
C GLU H 102 39.28 -32.84 14.20
N GLY H 103 39.47 -31.53 14.18
CA GLY H 103 40.00 -30.86 13.00
C GLY H 103 38.95 -30.34 12.04
N TYR H 104 39.41 -29.99 10.84
CA TYR H 104 38.52 -29.45 9.83
C TYR H 104 39.09 -29.71 8.44
N SER H 105 38.29 -29.42 7.42
CA SER H 105 38.75 -29.58 6.05
C SER H 105 38.35 -28.32 5.31
N TRP H 106 39.00 -28.09 4.17
CA TRP H 106 38.66 -26.92 3.36
C TRP H 106 38.78 -27.25 1.89
N GLU H 107 38.01 -26.53 1.09
CA GLU H 107 37.99 -26.69 -0.36
C GLU H 107 38.19 -25.28 -0.89
N ARG H 108 38.85 -25.16 -2.03
CA ARG H 108 39.10 -23.84 -2.58
C ARG H 108 39.21 -23.83 -4.09
N SER H 109 38.65 -22.78 -4.69
CA SER H 109 38.78 -22.59 -6.13
C SER H 109 39.59 -21.31 -6.29
N MET H 110 40.61 -21.37 -7.13
CA MET H 110 41.49 -20.23 -7.38
C MET H 110 41.36 -19.86 -8.85
N ASN H 111 40.65 -18.77 -9.11
CA ASN H 111 40.35 -18.29 -10.44
C ASN H 111 41.33 -17.20 -10.90
N TYR H 112 42.27 -17.58 -11.76
CA TYR H 112 43.25 -16.63 -12.28
C TYR H 112 42.63 -15.80 -13.42
N GLU H 113 43.10 -14.56 -13.58
CA GLU H 113 42.54 -13.67 -14.58
C GLU H 113 42.66 -14.10 -16.04
N ASP H 114 43.61 -14.99 -16.35
CA ASP H 114 43.75 -15.46 -17.73
C ASP H 114 43.07 -16.80 -18.00
N GLY H 115 42.18 -17.21 -17.10
CA GLY H 115 41.45 -18.45 -17.29
C GLY H 115 41.99 -19.67 -16.59
N GLY H 116 43.21 -19.59 -16.06
CA GLY H 116 43.78 -20.71 -15.33
C GLY H 116 42.95 -20.91 -14.08
N ILE H 117 42.55 -22.14 -13.79
CA ILE H 117 41.73 -22.43 -12.62
C ILE H 117 42.33 -23.57 -11.80
N CYS H 118 42.51 -23.34 -10.51
CA CYS H 118 43.04 -24.34 -9.61
C CYS H 118 42.07 -24.68 -8.49
N ASN H 119 41.76 -25.96 -8.35
CA ASN H 119 40.88 -26.43 -7.28
C ASN H 119 41.77 -27.18 -6.31
N ALA H 120 41.55 -26.99 -5.02
CA ALA H 120 42.38 -27.66 -4.02
C ALA H 120 41.57 -28.02 -2.78
N THR H 121 42.03 -29.04 -2.06
CA THR H 121 41.37 -29.47 -0.85
C THR H 121 42.44 -29.83 0.17
N ASN H 122 42.10 -29.66 1.44
CA ASN H 122 43.01 -30.02 2.51
C ASN H 122 42.21 -30.59 3.66
N ASP H 123 42.49 -31.85 4.00
CA ASP H 123 41.84 -32.51 5.12
C ASP H 123 42.87 -32.44 6.25
N ILE H 124 42.53 -31.69 7.29
CA ILE H 124 43.44 -31.48 8.42
C ILE H 124 43.05 -32.22 9.69
N THR H 125 43.93 -33.11 10.12
CA THR H 125 43.72 -33.89 11.32
C THR H 125 44.85 -33.55 12.29
N LEU H 126 44.76 -34.03 13.52
CA LEU H 126 45.78 -33.75 14.52
C LEU H 126 46.24 -35.02 15.23
N ASP H 127 47.56 -35.23 15.22
CA ASP H 127 48.19 -36.38 15.86
C ASP H 127 49.22 -35.83 16.85
N GLY H 128 48.89 -35.87 18.13
CA GLY H 128 49.79 -35.33 19.15
C GLY H 128 49.83 -33.83 18.95
N ASP H 129 51.04 -33.27 18.82
CA ASP H 129 51.17 -31.83 18.60
C ASP H 129 51.47 -31.53 17.12
N CYS H 130 51.16 -32.49 16.26
CA CYS H 130 51.42 -32.35 14.84
C CYS H 130 50.17 -32.38 13.96
N TYR H 131 50.00 -31.33 13.16
CA TYR H 131 48.88 -31.27 12.23
C TYR H 131 49.29 -32.09 11.03
N ILE H 132 48.35 -32.88 10.50
CA ILE H 132 48.59 -33.71 9.34
C ILE H 132 47.67 -33.25 8.21
N TYR H 133 48.26 -32.93 7.06
CA TYR H 133 47.50 -32.46 5.91
C TYR H 133 47.44 -33.49 4.79
N GLU H 134 46.24 -33.72 4.27
CA GLU H 134 46.04 -34.62 3.14
C GLU H 134 45.54 -33.62 2.08
N ILE H 135 46.42 -33.28 1.14
CA ILE H 135 46.12 -32.29 0.11
C ILE H 135 45.99 -32.81 -1.32
N ARG H 136 45.04 -32.23 -2.07
CA ARG H 136 44.82 -32.55 -3.47
C ARG H 136 44.84 -31.19 -4.19
N PHE H 137 45.51 -31.13 -5.33
CA PHE H 137 45.62 -29.89 -6.09
C PHE H 137 45.43 -30.16 -7.58
N ASP H 138 44.55 -29.42 -8.23
CA ASP H 138 44.33 -29.62 -9.66
C ASP H 138 44.10 -28.31 -10.40
N GLY H 139 45.04 -27.99 -11.29
CA GLY H 139 44.95 -26.77 -12.06
C GLY H 139 44.83 -27.08 -13.54
N VAL H 140 43.98 -26.33 -14.24
CA VAL H 140 43.78 -26.52 -15.67
C VAL H 140 43.65 -25.18 -16.40
N ASN H 141 43.76 -25.27 -17.72
CA ASN H 141 43.64 -24.12 -18.63
C ASN H 141 44.65 -22.99 -18.47
N PHE H 142 45.85 -23.31 -18.01
CA PHE H 142 46.89 -22.31 -17.90
C PHE H 142 47.55 -22.21 -19.28
N PRO H 143 47.53 -21.02 -19.91
CA PRO H 143 48.13 -20.83 -21.23
C PRO H 143 49.63 -21.12 -21.21
N ALA H 144 50.13 -21.79 -22.25
CA ALA H 144 51.54 -22.12 -22.34
C ALA H 144 52.44 -20.89 -22.26
N ASN H 145 51.96 -19.76 -22.76
CA ASN H 145 52.73 -18.51 -22.74
C ASN H 145 52.40 -17.61 -21.57
N GLY H 146 51.60 -18.12 -20.63
CA GLY H 146 51.22 -17.36 -19.45
C GLY H 146 52.34 -17.31 -18.42
N PRO H 147 52.20 -16.46 -17.38
CA PRO H 147 53.21 -16.34 -16.33
C PRO H 147 53.39 -17.58 -15.46
N VAL H 148 52.37 -18.44 -15.42
CA VAL H 148 52.47 -19.65 -14.61
C VAL H 148 53.30 -20.71 -15.31
N MET H 149 52.97 -21.01 -16.56
CA MET H 149 53.72 -22.02 -17.30
C MET H 149 55.13 -21.56 -17.69
N GLN H 150 55.32 -20.25 -17.79
CA GLN H 150 56.64 -19.70 -18.13
C GLN H 150 57.46 -19.34 -16.89
N LYS H 151 56.89 -19.60 -15.71
CA LYS H 151 57.54 -19.33 -14.41
C LYS H 151 58.04 -17.90 -14.31
N ARG H 152 57.14 -16.95 -14.56
CA ARG H 152 57.47 -15.53 -14.52
C ARG H 152 56.94 -14.81 -13.27
N THR H 153 56.52 -15.56 -12.26
CA THR H 153 56.01 -14.94 -11.03
C THR H 153 57.14 -14.71 -10.02
N VAL H 154 56.98 -13.68 -9.20
CA VAL H 154 57.97 -13.35 -8.19
C VAL H 154 57.51 -13.74 -6.79
N LYS H 155 56.32 -13.28 -6.40
CA LYS H 155 55.76 -13.58 -5.08
C LYS H 155 54.32 -13.11 -4.98
N TRP H 156 53.61 -13.62 -3.98
CA TRP H 156 52.25 -13.20 -3.73
C TRP H 156 52.36 -11.93 -2.91
N GLU H 157 51.50 -10.96 -3.17
CA GLU H 157 51.48 -9.74 -2.38
C GLU H 157 50.72 -10.09 -1.10
N PRO H 158 50.93 -9.32 -0.01
CA PRO H 158 50.23 -9.59 1.25
C PRO H 158 48.73 -9.41 0.92
N SER H 159 47.85 -9.96 1.75
CA SER H 159 46.42 -9.85 1.45
C SER H 159 45.52 -9.79 2.67
N THR H 160 44.23 -9.53 2.42
CA THR H 160 43.23 -9.49 3.46
C THR H 160 42.06 -10.35 3.02
N GLU H 161 41.88 -11.47 3.72
CA GLU H 161 40.82 -12.42 3.43
C GLU H 161 39.54 -12.01 4.15
N LYS H 162 38.40 -12.13 3.47
CA LYS H 162 37.11 -11.78 4.05
C LYS H 162 36.38 -13.08 4.42
N LEU H 163 36.13 -13.27 5.72
CA LEU H 163 35.46 -14.48 6.18
C LEU H 163 34.04 -14.23 6.67
N TYR H 164 33.12 -15.09 6.24
CA TYR H 164 31.72 -14.98 6.60
C TYR H 164 31.05 -16.36 6.59
N VAL H 165 30.01 -16.50 7.41
CA VAL H 165 29.26 -17.75 7.53
C VAL H 165 28.24 -17.89 6.40
N ARG H 166 28.03 -19.13 5.96
CA ARG H 166 27.07 -19.44 4.90
C ARG H 166 26.69 -20.91 5.05
N ASP H 167 25.40 -21.17 5.23
CA ASP H 167 24.88 -22.53 5.37
C ASP H 167 25.53 -23.33 6.52
N GLY H 168 25.76 -22.67 7.65
CA GLY H 168 26.34 -23.35 8.80
C GLY H 168 27.82 -23.65 8.76
N VAL H 169 28.52 -23.15 7.73
CA VAL H 169 29.97 -23.34 7.62
C VAL H 169 30.63 -22.00 7.35
N LEU H 170 31.95 -21.98 7.26
CA LEU H 170 32.66 -20.71 7.04
C LEU H 170 33.24 -20.55 5.65
N LYS H 171 33.03 -19.37 5.07
CA LYS H 171 33.55 -19.06 3.75
C LYS H 171 34.66 -18.03 3.90
N GLY H 172 35.61 -18.05 2.98
CA GLY H 172 36.71 -17.11 3.00
C GLY H 172 37.06 -16.75 1.58
N ASP H 173 36.92 -15.47 1.24
CA ASP H 173 37.23 -14.99 -0.11
C ASP H 173 38.37 -13.97 -0.04
N VAL H 174 39.26 -14.00 -1.04
CA VAL H 174 40.36 -13.04 -1.04
C VAL H 174 40.87 -12.69 -2.43
N ASN H 175 41.15 -11.41 -2.62
CA ASN H 175 41.69 -10.87 -3.88
C ASN H 175 43.19 -11.03 -3.76
N MET H 176 43.75 -11.94 -4.53
CA MET H 176 45.18 -12.19 -4.51
C MET H 176 45.87 -11.65 -5.75
N ALA H 177 47.18 -11.40 -5.64
CA ALA H 177 47.94 -10.89 -6.76
C ALA H 177 49.39 -11.34 -6.72
N LEU H 178 49.86 -11.84 -7.86
CA LEU H 178 51.24 -12.29 -8.01
C LEU H 178 52.05 -11.20 -8.70
N SER H 179 53.14 -10.81 -8.07
CA SER H 179 54.03 -9.81 -8.67
C SER H 179 54.73 -10.53 -9.82
N LEU H 180 54.86 -9.86 -10.96
CA LEU H 180 55.49 -10.44 -12.15
C LEU H 180 56.93 -9.99 -12.36
N GLU H 181 57.71 -10.88 -12.97
CA GLU H 181 59.13 -10.65 -13.28
C GLU H 181 59.37 -9.34 -14.03
N GLY H 182 58.60 -9.10 -15.09
CA GLY H 182 58.78 -7.88 -15.87
C GLY H 182 58.04 -6.66 -15.35
N GLY H 183 57.46 -6.76 -14.17
CA GLY H 183 56.70 -5.66 -13.59
C GLY H 183 55.21 -5.92 -13.70
N GLY H 184 54.42 -5.20 -12.92
CA GLY H 184 52.97 -5.41 -12.94
C GLY H 184 52.53 -6.60 -12.11
N HIS H 185 51.23 -6.90 -12.17
CA HIS H 185 50.66 -8.01 -11.39
C HIS H 185 49.76 -8.94 -12.20
N TYR H 186 49.55 -10.12 -11.64
CA TYR H 186 48.72 -11.17 -12.21
C TYR H 186 47.73 -11.52 -11.10
N ARG H 187 46.46 -11.20 -11.34
CA ARG H 187 45.40 -11.41 -10.36
C ARG H 187 44.74 -12.78 -10.30
N CYS H 188 44.32 -13.15 -9.09
CA CYS H 188 43.65 -14.40 -8.84
C CYS H 188 42.64 -14.21 -7.70
N ASP H 189 41.46 -14.77 -7.87
CA ASP H 189 40.43 -14.68 -6.84
C ASP H 189 40.25 -16.02 -6.15
N PHE H 190 40.39 -16.02 -4.83
CA PHE H 190 40.22 -17.23 -4.02
C PHE H 190 38.83 -17.28 -3.41
N LYS H 191 38.25 -18.48 -3.38
CA LYS H 191 36.95 -18.72 -2.76
C LYS H 191 37.11 -20.04 -2.00
N THR H 192 37.20 -19.95 -0.69
CA THR H 192 37.40 -21.12 0.16
C THR H 192 36.20 -21.43 1.04
N THR H 193 36.00 -22.72 1.31
CA THR H 193 34.93 -23.16 2.20
C THR H 193 35.62 -23.99 3.29
N TYR H 194 35.44 -23.57 4.54
CA TYR H 194 36.04 -24.27 5.68
C TYR H 194 34.94 -25.05 6.40
N LYS H 195 35.21 -26.32 6.70
CA LYS H 195 34.21 -27.17 7.35
C LYS H 195 34.76 -27.91 8.56
N ALA H 196 34.36 -27.46 9.75
CA ALA H 196 34.78 -28.10 11.00
C ALA H 196 34.17 -29.49 11.06
N LYS H 197 34.91 -30.45 11.61
CA LYS H 197 34.42 -31.82 11.71
C LYS H 197 33.45 -32.05 12.86
N LYS H 198 33.25 -31.03 13.67
CA LYS H 198 32.32 -31.10 14.79
C LYS H 198 31.63 -29.75 14.89
N VAL H 199 30.59 -29.68 15.71
CA VAL H 199 29.84 -28.44 15.89
C VAL H 199 30.67 -27.45 16.71
N VAL H 200 30.94 -26.28 16.14
CA VAL H 200 31.69 -25.24 16.83
C VAL H 200 30.93 -23.92 16.72
N GLN H 201 31.28 -22.97 17.58
CA GLN H 201 30.63 -21.66 17.56
C GLN H 201 31.03 -20.96 16.25
N LEU H 202 30.04 -20.34 15.58
CA LEU H 202 30.29 -19.67 14.32
C LEU H 202 30.62 -18.19 14.53
N PRO H 203 31.64 -17.67 13.83
CA PRO H 203 32.05 -16.27 13.95
C PRO H 203 31.24 -15.28 13.11
N ASP H 204 31.31 -14.02 13.51
CA ASP H 204 30.66 -12.95 12.75
C ASP H 204 31.64 -12.59 11.64
N TYR H 205 31.20 -11.76 10.70
CA TYR H 205 32.02 -11.32 9.58
C TYR H 205 33.34 -10.73 10.08
N HIS H 206 34.46 -11.22 9.56
CA HIS H 206 35.76 -10.70 9.97
C HIS H 206 36.80 -10.85 8.87
N PHE H 207 38.03 -10.43 9.18
CA PHE H 207 39.11 -10.48 8.21
C PHE H 207 40.36 -11.12 8.77
N VAL H 208 41.19 -11.63 7.88
CA VAL H 208 42.46 -12.22 8.25
C VAL H 208 43.50 -11.71 7.26
N ASP H 209 44.46 -10.94 7.79
CA ASP H 209 45.55 -10.42 6.98
C ASP H 209 46.54 -11.55 6.81
N HIS H 210 47.09 -11.69 5.60
CA HIS H 210 48.06 -12.74 5.32
C HIS H 210 49.29 -12.18 4.61
N HIS H 211 50.41 -12.87 4.78
CA HIS H 211 51.64 -12.52 4.08
C HIS H 211 52.46 -13.81 3.99
N ILE H 212 52.39 -14.44 2.81
CA ILE H 212 53.10 -15.68 2.55
C ILE H 212 54.37 -15.36 1.75
N GLU H 213 55.46 -16.03 2.09
CA GLU H 213 56.74 -15.80 1.43
C GLU H 213 57.61 -17.05 1.32
N ILE H 214 58.19 -17.25 0.14
CA ILE H 214 59.13 -18.34 -0.06
C ILE H 214 60.45 -17.70 0.37
N LYS H 215 60.99 -18.13 1.52
CA LYS H 215 62.24 -17.57 2.01
C LYS H 215 63.50 -18.14 1.40
N SER H 216 63.42 -19.33 0.84
CA SER H 216 64.56 -19.97 0.18
C SER H 216 64.10 -21.14 -0.65
N HIS H 217 64.85 -21.45 -1.70
CA HIS H 217 64.55 -22.55 -2.60
C HIS H 217 65.77 -22.87 -3.46
N ASP H 218 65.87 -24.10 -3.92
CA ASP H 218 66.96 -24.47 -4.81
C ASP H 218 66.57 -24.13 -6.25
N LYS H 219 67.49 -24.34 -7.20
CA LYS H 219 67.26 -24.01 -8.61
C LYS H 219 65.91 -24.37 -9.23
N ASP H 220 65.56 -25.65 -9.20
CA ASP H 220 64.31 -26.12 -9.79
C ASP H 220 63.15 -26.25 -8.80
N TYR H 221 63.29 -25.62 -7.64
CA TYR H 221 62.26 -25.65 -6.60
C TYR H 221 61.96 -27.03 -6.02
N SER H 222 62.92 -27.95 -6.10
CA SER H 222 62.76 -29.29 -5.54
C SER H 222 62.63 -29.17 -4.03
N ASN H 223 63.29 -28.16 -3.47
CA ASN H 223 63.27 -27.88 -2.06
C ASN H 223 62.89 -26.40 -1.88
N VAL H 224 61.87 -26.17 -1.06
CA VAL H 224 61.36 -24.83 -0.81
C VAL H 224 61.09 -24.62 0.69
N ASN H 225 61.49 -23.46 1.21
CA ASN H 225 61.26 -23.10 2.60
C ASN H 225 60.20 -22.01 2.53
N LEU H 226 59.04 -22.29 3.09
CA LEU H 226 57.89 -21.38 3.04
C LEU H 226 57.44 -20.84 4.39
N HIS H 227 57.14 -19.53 4.44
CA HIS H 227 56.70 -18.89 5.67
C HIS H 227 55.38 -18.13 5.47
N GLU H 228 54.60 -18.03 6.53
CA GLU H 228 53.37 -17.27 6.48
C GLU H 228 53.09 -16.62 7.83
N HIS H 229 52.54 -15.41 7.78
CA HIS H 229 52.18 -14.68 8.97
C HIS H 229 50.75 -14.21 8.74
N ALA H 230 49.86 -14.51 9.69
CA ALA H 230 48.45 -14.14 9.56
C ALA H 230 47.83 -13.65 10.86
N GLU H 231 47.00 -12.63 10.76
CA GLU H 231 46.33 -12.05 11.92
C GLU H 231 44.90 -11.65 11.59
N ALA H 232 43.97 -12.01 12.47
CA ALA H 232 42.57 -11.67 12.28
C ALA H 232 42.21 -10.35 12.97
N HIS H 233 41.23 -9.66 12.41
CA HIS H 233 40.74 -8.40 12.97
C HIS H 233 39.25 -8.24 12.69
N SER H 234 38.56 -7.56 13.60
CA SER H 234 37.11 -7.37 13.53
C SER H 234 36.59 -6.14 12.81
N GLU H 235 37.39 -5.09 12.72
CA GLU H 235 36.95 -3.88 12.04
C GLU H 235 38.04 -3.10 11.33
N LEU H 236 37.61 -2.30 10.37
CA LEU H 236 38.49 -1.47 9.55
C LEU H 236 37.92 -0.05 9.49
N PRO H 237 38.78 0.95 9.23
CA PRO H 237 40.23 0.88 9.00
C PRO H 237 41.01 0.37 10.21
N ARG H 238 41.97 -0.50 9.94
CA ARG H 238 42.82 -1.09 10.99
C ARG H 238 43.77 -0.07 11.61
N SER I 21 -14.89 -7.07 68.49
CA SER I 21 -14.86 -7.38 67.03
C SER I 21 -15.09 -8.86 66.77
N VAL I 22 -15.70 -9.16 65.63
CA VAL I 22 -15.97 -10.55 65.24
C VAL I 22 -14.71 -11.15 64.61
N ILE I 23 -13.79 -10.29 64.20
CA ILE I 23 -12.53 -10.72 63.58
C ILE I 23 -11.43 -10.81 64.65
N LYS I 24 -11.19 -12.03 65.13
CA LYS I 24 -10.17 -12.30 66.14
C LYS I 24 -8.80 -12.52 65.49
N PRO I 25 -7.70 -12.28 66.25
CA PRO I 25 -6.33 -12.46 65.74
C PRO I 25 -6.04 -13.89 65.28
N ASP I 26 -6.70 -14.86 65.91
CA ASP I 26 -6.52 -16.27 65.58
C ASP I 26 -7.88 -16.91 65.34
N MET I 27 -8.10 -17.37 64.11
CA MET I 27 -9.37 -18.00 63.77
C MET I 27 -9.21 -19.33 63.05
N LYS I 28 -10.24 -20.16 63.17
CA LYS I 28 -10.24 -21.49 62.56
C LYS I 28 -10.87 -21.50 61.17
N ILE I 29 -10.69 -22.61 60.47
CA ILE I 29 -11.23 -22.80 59.13
C ILE I 29 -11.81 -24.20 59.02
N LYS I 30 -12.99 -24.29 58.42
CA LYS I 30 -13.68 -25.56 58.20
C LYS I 30 -14.17 -25.47 56.76
N LEU I 31 -13.95 -26.52 55.98
CA LEU I 31 -14.37 -26.50 54.59
C LEU I 31 -14.68 -27.84 53.96
N ARG I 32 -15.45 -27.78 52.88
CA ARG I 32 -15.79 -28.95 52.10
C ARG I 32 -15.90 -28.49 50.65
N MET I 33 -15.17 -29.16 49.78
CA MET I 33 -15.18 -28.86 48.36
C MET I 33 -15.76 -30.05 47.61
N GLU I 34 -16.72 -29.78 46.75
CA GLU I 34 -17.31 -30.81 45.91
C GLU I 34 -16.99 -30.35 44.49
N GLY I 35 -16.48 -31.25 43.66
CA GLY I 35 -16.15 -30.83 42.32
C GLY I 35 -15.94 -31.92 41.30
N ALA I 36 -15.41 -31.53 40.15
CA ALA I 36 -15.14 -32.44 39.06
C ALA I 36 -14.13 -31.81 38.11
N VAL I 37 -13.27 -32.65 37.55
CA VAL I 37 -12.27 -32.22 36.58
C VAL I 37 -12.42 -33.18 35.41
N ASN I 38 -12.69 -32.63 34.23
CA ASN I 38 -12.90 -33.42 33.03
C ASN I 38 -14.02 -34.46 33.20
N GLY I 39 -15.03 -34.10 34.00
CA GLY I 39 -16.16 -34.99 34.22
C GLY I 39 -16.05 -36.01 35.33
N HIS I 40 -14.90 -36.08 36.00
CA HIS I 40 -14.71 -37.03 37.09
C HIS I 40 -14.84 -36.32 38.44
N PRO I 41 -15.88 -36.70 39.21
CA PRO I 41 -16.18 -36.12 40.52
C PRO I 41 -15.23 -36.50 41.66
N PHE I 42 -15.14 -35.61 42.64
CA PHE I 42 -14.32 -35.80 43.82
C PHE I 42 -14.83 -34.87 44.91
N ALA I 43 -14.38 -35.10 46.13
CA ALA I 43 -14.78 -34.27 47.26
C ALA I 43 -13.63 -34.21 48.25
N ILE I 44 -13.37 -33.00 48.77
CA ILE I 44 -12.28 -32.78 49.70
C ILE I 44 -12.75 -31.95 50.89
N GLU I 45 -12.33 -32.34 52.08
CA GLU I 45 -12.69 -31.60 53.28
C GLU I 45 -11.41 -31.13 53.96
N GLY I 46 -11.51 -30.03 54.69
CA GLY I 46 -10.33 -29.52 55.36
C GLY I 46 -10.60 -28.73 56.61
N VAL I 47 -9.56 -28.60 57.43
CA VAL I 47 -9.62 -27.84 58.66
C VAL I 47 -8.33 -27.04 58.71
N GLY I 48 -8.40 -25.83 59.25
CA GLY I 48 -7.21 -25.02 59.31
C GLY I 48 -7.33 -23.91 60.32
N LEU I 49 -6.34 -23.02 60.28
CA LEU I 49 -6.32 -21.89 61.19
C LEU I 49 -5.46 -20.81 60.53
N GLY I 50 -5.68 -19.57 60.94
CA GLY I 50 -4.90 -18.49 60.37
C GLY I 50 -5.03 -17.23 61.18
N LYS I 51 -4.20 -16.24 60.83
CA LYS I 51 -4.20 -14.95 61.48
C LYS I 51 -4.57 -13.90 60.44
N PRO I 52 -5.84 -13.46 60.43
CA PRO I 52 -6.39 -12.46 59.51
C PRO I 52 -5.59 -11.17 59.39
N PHE I 53 -5.14 -10.63 60.52
CA PHE I 53 -4.39 -9.38 60.51
C PHE I 53 -2.95 -9.51 60.03
N GLU I 54 -2.41 -10.71 60.11
CA GLU I 54 -1.04 -10.96 59.67
C GLU I 54 -1.03 -11.48 58.23
N GLY I 55 -2.21 -11.85 57.73
CA GLY I 55 -2.34 -12.35 56.38
C GLY I 55 -1.71 -13.72 56.18
N LYS I 56 -1.78 -14.56 57.22
CA LYS I 56 -1.21 -15.90 57.17
C LYS I 56 -2.23 -16.96 57.50
N GLN I 57 -2.11 -18.11 56.85
CA GLN I 57 -3.03 -19.23 57.08
C GLN I 57 -2.43 -20.55 56.64
N SER I 58 -2.94 -21.63 57.20
CA SER I 58 -2.51 -22.99 56.88
C SER I 58 -3.68 -23.94 57.11
N MET I 59 -3.71 -25.04 56.37
CA MET I 59 -4.79 -26.00 56.51
C MET I 59 -4.42 -27.42 56.08
N ASP I 60 -5.16 -28.39 56.62
CA ASP I 60 -4.96 -29.79 56.29
C ASP I 60 -6.17 -30.26 55.50
N LEU I 61 -5.91 -30.71 54.28
CA LEU I 61 -6.95 -31.17 53.37
C LEU I 61 -6.90 -32.67 53.16
N LYS I 62 -8.08 -33.29 53.16
CA LYS I 62 -8.20 -34.73 52.99
C LYS I 62 -9.22 -35.09 51.92
N VAL I 63 -8.80 -35.91 50.96
CA VAL I 63 -9.68 -36.37 49.87
C VAL I 63 -10.67 -37.39 50.43
N LYS I 64 -11.96 -37.04 50.37
CA LYS I 64 -13.02 -37.90 50.88
C LYS I 64 -13.66 -38.78 49.80
N GLU I 65 -13.71 -38.27 48.57
CA GLU I 65 -14.29 -39.01 47.44
C GLU I 65 -13.49 -38.74 46.16
N GLY I 66 -13.47 -39.72 45.26
CA GLY I 66 -12.77 -39.56 43.99
C GLY I 66 -11.27 -39.77 44.00
N GLY I 67 -10.73 -40.25 45.12
CA GLY I 67 -9.30 -40.49 45.21
C GLY I 67 -8.91 -41.83 44.62
N PRO I 68 -7.67 -41.96 44.12
CA PRO I 68 -6.65 -40.90 44.09
C PRO I 68 -6.91 -39.92 42.94
N LEU I 69 -6.83 -38.62 43.22
CA LEU I 69 -7.04 -37.60 42.21
C LEU I 69 -6.12 -37.79 41.02
N PRO I 70 -6.70 -37.90 39.81
CA PRO I 70 -5.97 -38.10 38.55
C PRO I 70 -5.41 -36.83 37.91
N PHE I 71 -5.51 -35.70 38.62
CA PHE I 71 -5.01 -34.44 38.09
C PHE I 71 -4.12 -33.74 39.11
N ALA I 72 -3.38 -32.74 38.64
CA ALA I 72 -2.47 -31.95 39.48
C ALA I 72 -3.25 -31.26 40.59
N TYR I 73 -2.88 -31.54 41.84
CA TYR I 73 -3.53 -30.95 43.00
C TYR I 73 -3.45 -29.42 43.00
N ASP I 74 -2.38 -28.88 42.41
CA ASP I 74 -2.19 -27.44 42.37
C ASP I 74 -3.34 -26.63 41.79
N ILE I 75 -4.12 -27.23 40.88
CA ILE I 75 -5.24 -26.49 40.31
C ILE I 75 -6.32 -26.17 41.34
N LEU I 76 -6.30 -26.87 42.47
CA LEU I 76 -7.30 -26.69 43.53
C LEU I 76 -6.89 -25.76 44.67
N THR I 77 -5.59 -25.66 44.91
CA THR I 77 -5.07 -24.87 46.03
C THR I 77 -5.54 -23.45 46.28
N THR I 78 -5.58 -22.62 45.23
CA THR I 78 -6.03 -21.25 45.41
C THR I 78 -7.53 -21.16 45.69
N VAL I 79 -8.24 -22.27 45.51
CA VAL I 79 -9.68 -22.28 45.80
C VAL I 79 -9.88 -22.56 47.30
N PHE I 80 -9.01 -23.37 47.88
CA PHE I 80 -9.06 -23.67 49.31
C PHE I 80 -8.62 -22.43 50.08
N1 GYS I 81 -7.60 -21.56 49.56
OG1 GYS I 81 -4.66 -20.42 51.24
CB1 GYS I 81 -5.35 -20.89 50.02
CA1 GYS I 81 -6.78 -20.42 49.92
C1 GYS I 81 -6.96 -19.35 48.91
N2 GYS I 81 -6.07 -18.82 48.15
N3 GYS I 81 -8.19 -18.77 48.66
C2 GYS I 81 -8.07 -17.80 47.66
O2 GYS I 81 -9.04 -17.13 47.25
CA2 GYS I 81 -6.65 -17.86 47.35
CA3 GYS I 81 -9.48 -19.08 49.29
CB2 GYS I 81 -6.08 -17.05 46.37
CG2 GYS I 81 -4.78 -16.96 45.88
CD1 GYS I 81 -3.69 -17.76 46.37
CD2 GYS I 81 -4.50 -16.02 44.82
CE1 GYS I 81 -2.39 -17.63 45.81
CE2 GYS I 81 -3.21 -15.90 44.28
CZ GYS I 81 -2.15 -16.71 44.78
OH GYS I 81 -0.93 -16.56 44.22
C3 GYS I 81 -10.44 -18.10 49.85
O3 GYS I 81 -11.61 -18.40 49.99
N ASN I 82 -9.79 -17.26 50.58
CA ASN I 82 -10.38 -16.37 51.57
C ASN I 82 -9.49 -15.16 51.78
N ARG I 83 -9.85 -14.06 51.13
CA ARG I 83 -9.07 -12.83 51.21
C ARG I 83 -9.14 -12.11 52.56
N VAL I 84 -9.86 -12.69 53.53
CA VAL I 84 -9.90 -12.08 54.86
C VAL I 84 -8.51 -12.32 55.47
N PHE I 85 -7.85 -13.36 54.98
CA PHE I 85 -6.51 -13.71 55.42
C PHE I 85 -5.50 -12.96 54.55
N ALA I 86 -5.54 -11.63 54.66
CA ALA I 86 -4.64 -10.75 53.93
C ALA I 86 -4.37 -9.54 54.80
N LYS I 87 -3.09 -9.19 54.93
CA LYS I 87 -2.68 -8.05 55.75
C LYS I 87 -2.98 -6.73 55.04
N TYR I 88 -4.01 -6.05 55.51
CA TYR I 88 -4.42 -4.77 54.95
C TYR I 88 -3.96 -3.60 55.79
N PRO I 89 -3.24 -2.64 55.19
CA PRO I 89 -2.74 -1.46 55.90
C PRO I 89 -3.95 -0.57 56.26
N GLU I 90 -3.76 0.35 57.19
CA GLU I 90 -4.83 1.25 57.63
C GLU I 90 -5.37 2.16 56.54
N ASN I 91 -4.52 2.50 55.57
CA ASN I 91 -4.91 3.39 54.48
C ASN I 91 -5.61 2.72 53.30
N ILE I 92 -5.93 1.44 53.44
CA ILE I 92 -6.64 0.71 52.39
C ILE I 92 -7.88 0.06 52.97
N VAL I 93 -9.04 0.36 52.37
CA VAL I 93 -10.31 -0.19 52.81
C VAL I 93 -10.30 -1.71 52.68
N ASP I 94 -10.69 -2.40 53.76
CA ASP I 94 -10.72 -3.85 53.79
C ASP I 94 -12.13 -4.38 53.55
N TYR I 95 -12.43 -4.63 52.28
CA TYR I 95 -13.73 -5.13 51.84
C TYR I 95 -14.13 -6.44 52.54
N PHE I 96 -13.15 -7.30 52.77
CA PHE I 96 -13.40 -8.61 53.37
C PHE I 96 -13.67 -8.64 54.87
N LYS I 97 -12.84 -7.95 55.65
CA LYS I 97 -13.03 -7.93 57.09
C LYS I 97 -14.31 -7.22 57.47
N GLN I 98 -14.69 -6.23 56.66
CA GLN I 98 -15.93 -5.47 56.89
C GLN I 98 -17.17 -6.33 56.73
N SER I 99 -17.12 -7.29 55.79
CA SER I 99 -18.25 -8.16 55.49
C SER I 99 -18.77 -9.06 56.60
N PHE I 100 -17.92 -9.35 57.59
CA PHE I 100 -18.33 -10.21 58.69
C PHE I 100 -19.08 -9.49 59.79
N PRO I 101 -19.86 -10.21 60.61
CA PRO I 101 -20.13 -11.65 60.63
C PRO I 101 -20.92 -12.26 59.47
N GLU I 102 -21.64 -11.43 58.72
CA GLU I 102 -22.45 -11.91 57.59
C GLU I 102 -21.61 -12.70 56.60
N GLY I 103 -20.42 -12.19 56.31
CA GLY I 103 -19.53 -12.88 55.39
C GLY I 103 -19.67 -12.41 53.95
N TYR I 104 -19.13 -13.21 53.05
CA TYR I 104 -19.17 -12.91 51.62
C TYR I 104 -18.99 -14.18 50.81
N SER I 105 -19.18 -14.07 49.50
CA SER I 105 -19.01 -15.20 48.61
C SER I 105 -18.16 -14.72 47.43
N TRP I 106 -17.52 -15.66 46.75
CA TRP I 106 -16.73 -15.31 45.58
C TRP I 106 -16.88 -16.33 44.47
N GLU I 107 -16.70 -15.85 43.24
CA GLU I 107 -16.81 -16.67 42.05
C GLU I 107 -15.52 -16.44 41.28
N ARG I 108 -15.01 -17.48 40.64
CA ARG I 108 -13.76 -17.34 39.89
C ARG I 108 -13.70 -18.22 38.66
N SER I 109 -13.05 -17.69 37.63
CA SER I 109 -12.80 -18.42 36.39
C SER I 109 -11.28 -18.46 36.28
N MET I 110 -10.73 -19.65 36.08
CA MET I 110 -9.29 -19.81 35.95
C MET I 110 -9.02 -20.36 34.55
N ASN I 111 -8.56 -19.47 33.69
CA ASN I 111 -8.30 -19.74 32.28
C ASN I 111 -6.84 -20.13 32.00
N TYR I 112 -6.60 -21.42 31.78
CA TYR I 112 -5.26 -21.92 31.50
C TYR I 112 -4.88 -21.74 30.02
N GLU I 113 -3.60 -21.49 29.76
CA GLU I 113 -3.14 -21.23 28.40
C GLU I 113 -3.38 -22.33 27.35
N ASP I 114 -3.57 -23.57 27.79
CA ASP I 114 -3.82 -24.64 26.83
C ASP I 114 -5.33 -24.91 26.66
N GLY I 115 -6.15 -24.01 27.18
CA GLY I 115 -7.58 -24.18 27.04
C GLY I 115 -8.31 -24.80 28.22
N GLY I 116 -7.56 -25.34 29.18
CA GLY I 116 -8.22 -25.92 30.35
C GLY I 116 -8.86 -24.78 31.13
N ILE I 117 -10.11 -24.96 31.53
CA ILE I 117 -10.83 -23.91 32.27
C ILE I 117 -11.43 -24.45 33.55
N CYS I 118 -11.23 -23.74 34.65
CA CYS I 118 -11.80 -24.13 35.94
C CYS I 118 -12.63 -22.99 36.52
N ASN I 119 -13.85 -23.32 36.94
CA ASN I 119 -14.74 -22.35 37.56
C ASN I 119 -14.90 -22.79 39.01
N ALA I 120 -14.85 -21.84 39.93
CA ALA I 120 -15.00 -22.17 41.34
C ALA I 120 -15.82 -21.12 42.09
N THR I 121 -16.45 -21.56 43.17
CA THR I 121 -17.25 -20.69 44.01
C THR I 121 -16.99 -21.05 45.45
N ASN I 122 -17.12 -20.08 46.33
CA ASN I 122 -16.94 -20.29 47.75
C ASN I 122 -17.88 -19.36 48.48
N ASP I 123 -18.76 -19.94 49.29
CA ASP I 123 -19.69 -19.17 50.09
C ASP I 123 -19.11 -19.24 51.50
N ILE I 124 -18.62 -18.11 51.99
CA ILE I 124 -18.00 -18.06 53.30
C ILE I 124 -18.90 -17.48 54.39
N THR I 125 -19.10 -18.27 55.44
CA THR I 125 -19.91 -17.85 56.59
C THR I 125 -19.03 -17.93 57.83
N LEU I 126 -19.53 -17.43 58.95
CA LEU I 126 -18.77 -17.44 60.20
C LEU I 126 -19.59 -18.04 61.34
N ASP I 127 -18.98 -18.98 62.06
CA ASP I 127 -19.62 -19.63 63.20
C ASP I 127 -18.65 -19.53 64.37
N GLY I 128 -18.83 -18.48 65.18
CA GLY I 128 -17.96 -18.26 66.31
C GLY I 128 -16.63 -17.70 65.83
N ASP I 129 -15.56 -18.46 66.03
CA ASP I 129 -14.23 -18.05 65.60
C ASP I 129 -13.76 -18.90 64.41
N CYS I 130 -14.70 -19.59 63.78
CA CYS I 130 -14.38 -20.46 62.66
C CYS I 130 -15.10 -20.11 61.36
N TYR I 131 -14.32 -19.89 60.30
CA TYR I 131 -14.88 -19.59 58.99
C TYR I 131 -15.28 -20.93 58.38
N ILE I 132 -16.44 -20.96 57.73
CA ILE I 132 -16.97 -22.17 57.11
C ILE I 132 -17.07 -21.96 55.59
N TYR I 133 -16.41 -22.82 54.82
CA TYR I 133 -16.42 -22.72 53.36
C TYR I 133 -17.28 -23.77 52.68
N GLU I 134 -18.12 -23.32 51.75
CA GLU I 134 -18.94 -24.23 50.94
C GLU I 134 -18.37 -23.98 49.54
N ILE I 135 -17.54 -24.90 49.08
CA ILE I 135 -16.85 -24.78 47.80
C ILE I 135 -17.32 -25.71 46.68
N ARG I 136 -17.38 -25.16 45.46
CA ARG I 136 -17.74 -25.91 44.26
C ARG I 136 -16.60 -25.67 43.27
N PHE I 137 -16.09 -26.74 42.66
CA PHE I 137 -14.99 -26.63 41.70
C PHE I 137 -15.27 -27.45 40.45
N ASP I 138 -15.16 -26.82 39.28
CA ASP I 138 -15.41 -27.54 38.03
C ASP I 138 -14.43 -27.15 36.93
N GLY I 139 -13.62 -28.13 36.50
CA GLY I 139 -12.64 -27.91 35.47
C GLY I 139 -12.92 -28.77 34.25
N VAL I 140 -12.71 -28.21 33.06
CA VAL I 140 -12.96 -28.94 31.82
C VAL I 140 -11.90 -28.67 30.76
N ASN I 141 -11.88 -29.53 29.75
CA ASN I 141 -10.97 -29.42 28.62
C ASN I 141 -9.47 -29.44 28.90
N PHE I 142 -9.05 -30.16 29.93
CA PHE I 142 -7.61 -30.28 30.21
C PHE I 142 -7.13 -31.42 29.31
N PRO I 143 -6.15 -31.15 28.42
CA PRO I 143 -5.63 -32.20 27.53
C PRO I 143 -5.00 -33.34 28.31
N ALA I 144 -5.21 -34.56 27.83
CA ALA I 144 -4.67 -35.76 28.47
C ALA I 144 -3.14 -35.74 28.59
N ASN I 145 -2.49 -35.06 27.66
CA ASN I 145 -1.02 -34.98 27.65
C ASN I 145 -0.48 -33.68 28.26
N GLY I 146 -1.38 -32.87 28.84
CA GLY I 146 -0.99 -31.61 29.44
C GLY I 146 -0.43 -31.75 30.85
N PRO I 147 0.21 -30.69 31.39
CA PRO I 147 0.82 -30.69 32.73
C PRO I 147 -0.14 -30.98 33.89
N VAL I 148 -1.42 -30.68 33.72
CA VAL I 148 -2.39 -30.94 34.75
C VAL I 148 -2.73 -32.43 34.85
N MET I 149 -3.10 -33.05 33.73
CA MET I 149 -3.43 -34.48 33.75
C MET I 149 -2.21 -35.39 33.91
N GLN I 150 -1.05 -34.91 33.48
CA GLN I 150 0.20 -35.68 33.59
C GLN I 150 0.93 -35.42 34.91
N LYS I 151 0.39 -34.50 35.71
CA LYS I 151 0.95 -34.13 37.01
C LYS I 151 2.39 -33.64 36.93
N ARG I 152 2.61 -32.59 36.15
CA ARG I 152 3.94 -32.03 35.96
C ARG I 152 4.14 -30.71 36.69
N THR I 153 3.14 -30.29 37.46
CA THR I 153 3.25 -29.02 38.19
C THR I 153 4.07 -29.16 39.46
N VAL I 154 4.90 -28.15 39.71
CA VAL I 154 5.74 -28.12 40.91
C VAL I 154 5.06 -27.26 41.95
N LYS I 155 4.76 -26.01 41.59
CA LYS I 155 4.10 -25.08 42.50
C LYS I 155 3.71 -23.78 41.78
N TRP I 156 2.82 -23.01 42.40
CA TRP I 156 2.41 -21.73 41.84
C TRP I 156 3.49 -20.74 42.25
N GLU I 157 3.81 -19.81 41.36
CA GLU I 157 4.78 -18.77 41.66
C GLU I 157 4.04 -17.73 42.51
N PRO I 158 4.78 -16.89 43.25
CA PRO I 158 4.13 -15.85 44.06
C PRO I 158 3.40 -14.95 43.06
N SER I 159 2.42 -14.18 43.51
CA SER I 159 1.69 -13.34 42.58
C SER I 159 1.19 -12.03 43.16
N THR I 160 0.72 -11.15 42.27
CA THR I 160 0.16 -9.85 42.66
C THR I 160 -1.21 -9.70 42.01
N GLU I 161 -2.25 -9.82 42.84
CA GLU I 161 -3.62 -9.68 42.38
C GLU I 161 -3.98 -8.20 42.29
N LYS I 162 -4.71 -7.82 41.23
CA LYS I 162 -5.15 -6.44 41.05
C LYS I 162 -6.63 -6.40 41.39
N LEU I 163 -6.99 -5.62 42.40
CA LEU I 163 -8.37 -5.49 42.83
C LEU I 163 -8.95 -4.12 42.51
N TYR I 164 -10.16 -4.12 41.96
CA TYR I 164 -10.87 -2.91 41.56
C TYR I 164 -12.38 -3.10 41.69
N VAL I 165 -13.08 -2.00 41.90
CA VAL I 165 -14.53 -2.06 42.03
C VAL I 165 -15.24 -2.02 40.68
N ARG I 166 -16.34 -2.78 40.60
CA ARG I 166 -17.19 -2.81 39.42
C ARG I 166 -18.57 -3.30 39.82
N ASP I 167 -19.59 -2.56 39.38
CA ASP I 167 -20.98 -2.92 39.67
C ASP I 167 -21.27 -3.02 41.17
N GLY I 168 -20.64 -2.16 41.95
CA GLY I 168 -20.85 -2.17 43.39
C GLY I 168 -20.21 -3.32 44.15
N VAL I 169 -19.44 -4.15 43.46
CA VAL I 169 -18.76 -5.28 44.10
C VAL I 169 -17.26 -5.19 43.81
N LEU I 170 -16.49 -6.17 44.30
CA LEU I 170 -15.05 -6.15 44.09
C LEU I 170 -14.56 -7.24 43.16
N LYS I 171 -13.71 -6.86 42.21
CA LYS I 171 -13.12 -7.78 41.25
C LYS I 171 -11.65 -7.94 41.59
N GLY I 172 -11.11 -9.12 41.29
CA GLY I 172 -9.71 -9.39 41.53
C GLY I 172 -9.16 -10.21 40.40
N ASP I 173 -8.20 -9.66 39.66
CA ASP I 173 -7.58 -10.36 38.54
C ASP I 173 -6.10 -10.60 38.81
N VAL I 174 -5.60 -11.75 38.38
CA VAL I 174 -4.20 -12.05 38.60
C VAL I 174 -3.61 -13.00 37.58
N ASN I 175 -2.41 -12.65 37.12
CA ASN I 175 -1.65 -13.47 36.18
C ASN I 175 -0.92 -14.49 37.03
N MET I 176 -1.32 -15.76 36.92
CA MET I 176 -0.71 -16.83 37.69
C MET I 176 0.17 -17.72 36.83
N ALA I 177 1.12 -18.39 37.45
CA ALA I 177 2.01 -19.28 36.73
C ALA I 177 2.46 -20.45 37.57
N LEU I 178 2.36 -21.64 36.98
CA LEU I 178 2.80 -22.86 37.64
C LEU I 178 4.15 -23.27 37.07
N SER I 179 5.15 -23.43 37.94
CA SER I 179 6.47 -23.87 37.49
C SER I 179 6.29 -25.35 37.14
N LEU I 180 6.92 -25.78 36.05
CA LEU I 180 6.79 -27.17 35.60
C LEU I 180 8.01 -28.03 35.86
N GLU I 181 7.77 -29.32 36.02
CA GLU I 181 8.80 -30.31 36.24
C GLU I 181 9.57 -30.39 34.93
N GLY I 182 10.88 -30.19 34.99
CA GLY I 182 11.66 -30.23 33.76
C GLY I 182 11.83 -28.87 33.11
N GLY I 183 11.39 -27.82 33.80
CA GLY I 183 11.54 -26.47 33.28
C GLY I 183 10.34 -25.78 32.65
N GLY I 184 10.39 -24.45 32.66
CA GLY I 184 9.33 -23.65 32.09
C GLY I 184 8.16 -23.40 33.01
N HIS I 185 7.18 -22.63 32.52
CA HIS I 185 5.99 -22.29 33.27
C HIS I 185 4.71 -22.54 32.47
N TYR I 186 3.63 -22.71 33.20
CA TYR I 186 2.30 -22.97 32.64
C TYR I 186 1.40 -21.84 33.18
N ARG I 187 1.01 -20.95 32.29
CA ARG I 187 0.20 -19.79 32.64
C ARG I 187 -1.31 -19.95 32.77
N CYS I 188 -1.86 -19.21 33.73
CA CYS I 188 -3.30 -19.22 34.01
C CYS I 188 -3.76 -17.82 34.43
N ASP I 189 -4.87 -17.37 33.85
CA ASP I 189 -5.43 -16.06 34.19
C ASP I 189 -6.64 -16.20 35.10
N PHE I 190 -6.56 -15.59 36.27
CA PHE I 190 -7.64 -15.62 37.26
C PHE I 190 -8.53 -14.39 37.15
N LYS I 191 -9.84 -14.60 37.25
CA LYS I 191 -10.82 -13.51 37.25
C LYS I 191 -11.81 -13.86 38.36
N THR I 192 -11.70 -13.15 39.49
CA THR I 192 -12.56 -13.38 40.64
C THR I 192 -13.50 -12.20 40.93
N THR I 193 -14.70 -12.53 41.40
CA THR I 193 -15.70 -11.53 41.78
C THR I 193 -16.03 -11.83 43.24
N TYR I 194 -15.84 -10.81 44.09
CA TYR I 194 -16.11 -10.91 45.51
C TYR I 194 -17.39 -10.14 45.83
N LYS I 195 -18.32 -10.78 46.53
CA LYS I 195 -19.60 -10.17 46.87
C LYS I 195 -19.94 -10.24 48.37
N ALA I 196 -19.85 -9.10 49.05
CA ALA I 196 -20.16 -9.03 50.47
C ALA I 196 -21.66 -9.26 50.67
N LYS I 197 -22.03 -9.92 51.76
CA LYS I 197 -23.43 -10.21 52.05
C LYS I 197 -24.17 -9.05 52.73
N LYS I 198 -23.51 -7.92 52.83
CA LYS I 198 -24.08 -6.71 53.41
C LYS I 198 -23.32 -5.52 52.85
N VAL I 199 -23.90 -4.33 53.00
CA VAL I 199 -23.28 -3.12 52.49
C VAL I 199 -22.02 -2.77 53.28
N VAL I 200 -20.91 -2.60 52.57
CA VAL I 200 -19.62 -2.25 53.18
C VAL I 200 -18.95 -1.18 52.34
N GLN I 201 -17.94 -0.51 52.91
CA GLN I 201 -17.22 0.52 52.17
C GLN I 201 -16.44 -0.13 51.03
N LEU I 202 -16.42 0.54 49.88
CA LEU I 202 -15.72 0.02 48.71
C LEU I 202 -14.32 0.63 48.64
N PRO I 203 -13.31 -0.22 48.40
CA PRO I 203 -11.91 0.21 48.32
C PRO I 203 -11.50 0.78 46.97
N ASP I 204 -10.43 1.56 46.96
CA ASP I 204 -9.90 2.11 45.72
C ASP I 204 -9.04 1.01 45.10
N TYR I 205 -8.58 1.24 43.88
CA TYR I 205 -7.75 0.28 43.18
C TYR I 205 -6.52 -0.05 44.02
N HIS I 206 -6.31 -1.34 44.26
CA HIS I 206 -5.16 -1.76 45.06
C HIS I 206 -4.64 -3.14 44.66
N PHE I 207 -3.61 -3.61 45.36
CA PHE I 207 -2.99 -4.90 45.06
C PHE I 207 -2.85 -5.76 46.30
N VAL I 208 -2.80 -7.06 46.09
CA VAL I 208 -2.61 -8.02 47.17
C VAL I 208 -1.60 -9.03 46.69
N ASP I 209 -0.44 -9.06 47.36
CA ASP I 209 0.61 -10.02 47.02
C ASP I 209 0.23 -11.35 47.63
N HIS I 210 0.51 -12.44 46.92
CA HIS I 210 0.19 -13.77 47.41
C HIS I 210 1.37 -14.70 47.25
N HIS I 211 1.36 -15.76 48.05
CA HIS I 211 2.35 -16.81 47.97
C HIS I 211 1.75 -18.05 48.61
N ILE I 212 1.25 -18.94 47.76
CA ILE I 212 0.64 -20.18 48.22
C ILE I 212 1.64 -21.31 48.07
N GLU I 213 1.71 -22.18 49.08
CA GLU I 213 2.65 -23.29 49.07
C GLU I 213 2.14 -24.55 49.75
N ILE I 214 2.33 -25.69 49.09
CA ILE I 214 1.97 -26.97 49.69
C ILE I 214 3.23 -27.30 50.49
N LYS I 215 3.11 -27.32 51.81
CA LYS I 215 4.24 -27.59 52.69
C LYS I 215 4.54 -29.07 52.85
N SER I 216 3.51 -29.90 52.73
CA SER I 216 3.65 -31.35 52.86
C SER I 216 2.44 -32.05 52.23
N HIS I 217 2.65 -33.30 51.84
CA HIS I 217 1.60 -34.11 51.22
C HIS I 217 2.04 -35.56 51.18
N ASP I 218 1.08 -36.48 51.16
CA ASP I 218 1.44 -37.89 51.06
C ASP I 218 1.58 -38.25 49.58
N LYS I 219 1.95 -39.50 49.30
CA LYS I 219 2.18 -40.01 47.95
C LYS I 219 1.15 -39.61 46.88
N ASP I 220 -0.13 -39.87 47.13
CA ASP I 220 -1.19 -39.56 46.17
C ASP I 220 -1.97 -38.28 46.45
N TYR I 221 -1.44 -37.42 47.32
CA TYR I 221 -2.09 -36.17 47.69
C TYR I 221 -3.43 -36.32 48.41
N SER I 222 -3.64 -37.48 49.02
CA SER I 222 -4.87 -37.74 49.78
C SER I 222 -4.89 -36.80 51.00
N ASN I 223 -3.69 -36.48 51.47
CA ASN I 223 -3.50 -35.57 52.59
C ASN I 223 -2.53 -34.49 52.14
N VAL I 224 -2.95 -33.23 52.32
CA VAL I 224 -2.14 -32.09 51.93
C VAL I 224 -2.19 -31.01 53.01
N ASN I 225 -1.05 -30.40 53.28
CA ASN I 225 -0.94 -29.31 54.24
C ASN I 225 -0.60 -28.09 53.40
N LEU I 226 -1.52 -27.13 53.35
CA LEU I 226 -1.39 -25.93 52.53
C LEU I 226 -1.24 -24.63 53.33
N HIS I 227 -0.32 -23.76 52.89
CA HIS I 227 -0.06 -22.47 53.53
C HIS I 227 -0.18 -21.33 52.53
N GLU I 228 -0.50 -20.13 53.04
CA GLU I 228 -0.58 -18.94 52.20
C GLU I 228 -0.26 -17.68 52.98
N HIS I 229 0.49 -16.79 52.35
CA HIS I 229 0.88 -15.51 52.94
C HIS I 229 0.40 -14.43 51.96
N ALA I 230 -0.38 -13.48 52.44
CA ALA I 230 -0.92 -12.41 51.58
C ALA I 230 -0.90 -11.03 52.25
N GLU I 231 -0.47 -10.03 51.50
CA GLU I 231 -0.41 -8.66 52.01
C GLU I 231 -0.87 -7.65 50.95
N ALA I 232 -1.70 -6.70 51.38
CA ALA I 232 -2.22 -5.68 50.48
C ALA I 232 -1.33 -4.43 50.48
N HIS I 233 -1.35 -3.71 49.37
CA HIS I 233 -0.59 -2.46 49.21
C HIS I 233 -1.24 -1.58 48.15
N SER I 234 -0.96 -0.28 48.20
CA SER I 234 -1.57 0.66 47.26
C SER I 234 -0.62 1.47 46.37
N GLU I 235 0.67 1.50 46.71
CA GLU I 235 1.63 2.25 45.90
C GLU I 235 2.74 1.41 45.30
N LEU I 236 2.83 1.44 43.97
CA LEU I 236 3.85 0.72 43.22
C LEU I 236 4.71 1.70 42.43
N PRO I 237 6.04 1.44 42.32
CA PRO I 237 6.78 0.29 42.87
C PRO I 237 6.87 0.27 44.39
N ARG I 238 6.98 -0.94 44.95
CA ARG I 238 7.09 -1.11 46.40
C ARG I 238 8.50 -0.86 46.92
N SER J 21 29.56 -2.31 31.14
CA SER J 21 29.69 -0.87 31.51
C SER J 21 29.18 0.06 30.41
N VAL J 22 28.52 -0.51 29.41
CA VAL J 22 27.98 0.27 28.30
C VAL J 22 26.74 1.05 28.75
N ILE J 23 26.18 0.64 29.88
CA ILE J 23 24.99 1.29 30.43
C ILE J 23 25.47 2.37 31.42
N LYS J 24 25.25 3.62 31.06
CA LYS J 24 25.66 4.75 31.89
C LYS J 24 24.50 5.17 32.79
N PRO J 25 24.81 5.76 33.97
CA PRO J 25 23.77 6.20 34.92
C PRO J 25 22.79 7.21 34.33
N ASP J 26 23.19 7.90 33.26
CA ASP J 26 22.34 8.88 32.60
C ASP J 26 22.41 8.65 31.09
N MET J 27 21.27 8.28 30.50
CA MET J 27 21.22 8.01 29.07
C MET J 27 20.05 8.72 28.38
N LYS J 28 20.18 8.88 27.07
CA LYS J 28 19.16 9.56 26.27
C LYS J 28 18.25 8.61 25.51
N ILE J 29 17.16 9.17 24.97
CA ILE J 29 16.18 8.40 24.22
C ILE J 29 15.73 9.16 22.96
N LYS J 30 15.70 8.46 21.84
CA LYS J 30 15.24 9.02 20.57
C LYS J 30 14.30 7.96 19.99
N LEU J 31 13.10 8.37 19.57
CA LEU J 31 12.15 7.42 19.03
C LEU J 31 11.22 7.97 17.95
N ARG J 32 10.64 7.05 17.20
CA ARG J 32 9.66 7.36 16.17
C ARG J 32 8.68 6.20 16.08
N MET J 33 7.41 6.52 16.28
CA MET J 33 6.34 5.54 16.20
C MET J 33 5.51 5.81 14.96
N GLU J 34 5.24 4.75 14.21
CA GLU J 34 4.40 4.83 13.02
C GLU J 34 3.30 3.82 13.28
N GLY J 35 2.05 4.23 13.17
CA GLY J 35 0.98 3.30 13.42
C GLY J 35 -0.38 3.68 12.89
N ALA J 36 -1.39 3.00 13.41
CA ALA J 36 -2.78 3.22 13.03
C ALA J 36 -3.74 2.63 14.06
N VAL J 37 -4.86 3.31 14.24
CA VAL J 37 -5.91 2.85 15.15
C VAL J 37 -7.18 2.88 14.32
N ASN J 38 -7.85 1.73 14.24
CA ASN J 38 -9.07 1.58 13.45
C ASN J 38 -8.86 2.02 11.99
N GLY J 39 -7.68 1.72 11.46
CA GLY J 39 -7.35 2.06 10.09
C GLY J 39 -6.86 3.47 9.81
N HIS J 40 -6.85 4.33 10.83
CA HIS J 40 -6.38 5.70 10.65
C HIS J 40 -4.93 5.85 11.10
N PRO J 41 -4.04 6.13 10.15
CA PRO J 41 -2.60 6.31 10.35
C PRO J 41 -2.16 7.56 11.10
N PHE J 42 -1.01 7.45 11.77
CA PHE J 42 -0.43 8.56 12.51
C PHE J 42 1.05 8.25 12.73
N ALA J 43 1.79 9.26 13.19
CA ALA J 43 3.20 9.13 13.47
C ALA J 43 3.58 10.07 14.60
N ILE J 44 4.44 9.60 15.50
CA ILE J 44 4.87 10.39 16.65
C ILE J 44 6.37 10.18 16.86
N GLU J 45 7.07 11.28 17.13
CA GLU J 45 8.50 11.21 17.39
C GLU J 45 8.73 11.69 18.81
N GLY J 46 9.78 11.19 19.44
CA GLY J 46 10.06 11.61 20.79
C GLY J 46 11.52 11.66 21.16
N VAL J 47 11.79 12.43 22.21
CA VAL J 47 13.14 12.59 22.73
C VAL J 47 13.01 12.56 24.25
N GLY J 48 13.94 11.88 24.90
CA GLY J 48 13.89 11.80 26.35
C GLY J 48 15.21 11.44 26.99
N LEU J 49 15.17 11.26 28.29
CA LEU J 49 16.35 10.91 29.07
C LEU J 49 15.89 10.09 30.28
N GLY J 50 16.79 9.28 30.81
CA GLY J 50 16.43 8.48 31.97
C GLY J 50 17.62 7.88 32.69
N LYS J 51 17.36 7.34 33.86
CA LYS J 51 18.39 6.72 34.69
C LYS J 51 18.10 5.22 34.79
N PRO J 52 18.77 4.41 33.95
CA PRO J 52 18.64 2.95 33.89
C PRO J 52 18.73 2.22 35.22
N PHE J 53 19.69 2.62 36.04
CA PHE J 53 19.90 1.99 37.34
C PHE J 53 18.88 2.39 38.39
N GLU J 54 18.26 3.57 38.22
CA GLU J 54 17.24 4.03 39.15
C GLU J 54 15.84 3.62 38.66
N GLY J 55 15.78 3.13 37.42
CA GLY J 55 14.53 2.71 36.84
C GLY J 55 13.56 3.84 36.56
N LYS J 56 14.11 5.02 36.26
CA LYS J 56 13.29 6.19 35.98
C LYS J 56 13.55 6.78 34.60
N GLN J 57 12.51 7.32 33.98
CA GLN J 57 12.63 7.90 32.65
C GLN J 57 11.55 8.93 32.37
N SER J 58 11.83 9.79 31.41
CA SER J 58 10.89 10.83 31.00
C SER J 58 11.19 11.15 29.54
N MET J 59 10.18 11.63 28.83
CA MET J 59 10.34 11.98 27.42
C MET J 59 9.24 12.91 26.93
N ASP J 60 9.56 13.63 25.87
CA ASP J 60 8.63 14.55 25.25
C ASP J 60 8.25 13.99 23.89
N LEU J 61 6.94 13.82 23.68
CA LEU J 61 6.42 13.26 22.45
C LEU J 61 5.67 14.28 21.61
N LYS J 62 5.95 14.27 20.31
CA LYS J 62 5.32 15.20 19.38
C LYS J 62 4.65 14.43 18.23
N VAL J 63 3.38 14.72 17.99
CA VAL J 63 2.63 14.08 16.90
C VAL J 63 3.11 14.71 15.59
N LYS J 64 3.58 13.88 14.67
CA LYS J 64 4.09 14.35 13.38
C LYS J 64 3.14 14.16 12.22
N GLU J 65 2.30 13.13 12.28
CA GLU J 65 1.34 12.84 11.23
C GLU J 65 0.04 12.29 11.82
N GLY J 66 -1.08 12.60 11.17
CA GLY J 66 -2.37 12.10 11.62
C GLY J 66 -3.05 12.84 12.77
N GLY J 67 -2.49 13.98 13.16
CA GLY J 67 -3.08 14.75 14.23
C GLY J 67 -4.24 15.61 13.75
N PRO J 68 -5.18 15.97 14.63
CA PRO J 68 -5.21 15.61 16.06
C PRO J 68 -5.68 14.16 16.23
N LEU J 69 -5.01 13.43 17.12
CA LEU J 69 -5.34 12.03 17.38
C LEU J 69 -6.78 11.87 17.86
N PRO J 70 -7.57 11.02 17.17
CA PRO J 70 -8.98 10.77 17.51
C PRO J 70 -9.22 9.68 18.55
N PHE J 71 -8.17 9.21 19.20
CA PHE J 71 -8.30 8.17 20.22
C PHE J 71 -7.55 8.53 21.49
N ALA J 72 -7.83 7.81 22.57
CA ALA J 72 -7.18 8.03 23.86
C ALA J 72 -5.67 7.82 23.77
N TYR J 73 -4.91 8.87 24.06
CA TYR J 73 -3.46 8.83 23.99
C TYR J 73 -2.87 7.73 24.89
N ASP J 74 -3.59 7.41 25.96
CA ASP J 74 -3.15 6.38 26.91
C ASP J 74 -2.82 5.02 26.31
N ILE J 75 -3.48 4.64 25.21
CA ILE J 75 -3.19 3.34 24.60
C ILE J 75 -1.79 3.23 24.01
N LEU J 76 -1.14 4.38 23.78
CA LEU J 76 0.19 4.43 23.20
C LEU J 76 1.34 4.50 24.21
N THR J 77 1.09 5.08 25.38
CA THR J 77 2.13 5.30 26.37
C THR J 77 3.05 4.17 26.79
N THR J 78 2.51 2.97 27.00
CA THR J 78 3.36 1.85 27.41
C THR J 78 4.20 1.31 26.26
N VAL J 79 3.98 1.84 25.05
CA VAL J 79 4.77 1.43 23.90
C VAL J 79 5.98 2.36 23.81
N PHE J 80 5.77 3.63 24.11
CA PHE J 80 6.87 4.62 24.11
C PHE J 80 7.79 4.30 25.28
N1 GYS J 81 7.28 3.85 26.56
OG1 GYS J 81 7.86 4.89 29.98
CB1 GYS J 81 6.99 4.42 28.86
CA1 GYS J 81 7.69 3.50 27.90
C1 GYS J 81 7.36 2.05 28.18
N2 GYS J 81 6.58 1.60 29.09
N3 GYS J 81 7.88 1.02 27.43
C2 GYS J 81 7.40 -0.20 27.92
O2 GYS J 81 7.71 -1.30 27.42
CA2 GYS J 81 6.54 0.23 29.01
CA3 GYS J 81 8.80 1.07 26.29
CB2 GYS J 81 5.84 -0.70 29.78
CG2 GYS J 81 4.96 -0.54 30.84
CD1 GYS J 81 4.62 0.74 31.38
CD2 GYS J 81 4.35 -1.71 31.42
CE1 GYS J 81 3.71 0.85 32.46
CE2 GYS J 81 3.43 -1.58 32.49
CZ GYS J 81 3.11 -0.31 33.02
OH GYS J 81 2.25 -0.23 34.03
C3 GYS J 81 10.04 0.27 26.13
O3 GYS J 81 10.47 0.03 25.02
N ASN J 82 10.74 0.26 27.22
CA ASN J 82 12.14 -0.12 27.33
C ASN J 82 12.44 -0.54 28.75
N ARG J 83 12.46 -1.85 28.98
CA ARG J 83 12.69 -2.40 30.30
C ARG J 83 14.11 -2.18 30.85
N VAL J 84 14.99 -1.56 30.08
CA VAL J 84 16.34 -1.28 30.59
C VAL J 84 16.20 -0.22 31.68
N PHE J 85 15.12 0.55 31.62
CA PHE J 85 14.83 1.57 32.61
C PHE J 85 13.99 0.92 33.70
N ALA J 86 14.64 0.01 34.42
CA ALA J 86 14.01 -0.72 35.50
C ALA J 86 15.12 -1.04 36.49
N LYS J 87 14.89 -0.71 37.76
CA LYS J 87 15.87 -0.96 38.81
C LYS J 87 15.92 -2.44 39.16
N TYR J 88 16.96 -3.12 38.69
CA TYR J 88 17.15 -4.53 38.94
C TYR J 88 18.13 -4.78 40.08
N PRO J 89 17.67 -5.49 41.13
CA PRO J 89 18.52 -5.81 42.29
C PRO J 89 19.63 -6.75 41.81
N GLU J 90 20.74 -6.77 42.54
CA GLU J 90 21.88 -7.61 42.18
C GLU J 90 21.58 -9.11 42.15
N ASN J 91 20.56 -9.54 42.89
CA ASN J 91 20.21 -10.96 42.94
C ASN J 91 19.26 -11.43 41.82
N ILE J 92 18.98 -10.56 40.85
CA ILE J 92 18.12 -10.91 39.72
C ILE J 92 18.83 -10.65 38.41
N VAL J 93 18.87 -11.65 37.53
CA VAL J 93 19.52 -11.51 36.24
C VAL J 93 18.79 -10.44 35.42
N ASP J 94 19.54 -9.45 34.95
CA ASP J 94 18.98 -8.36 34.16
C ASP J 94 19.15 -8.66 32.68
N TYR J 95 18.10 -9.22 32.09
CA TYR J 95 18.09 -9.59 30.68
C TYR J 95 18.32 -8.40 29.74
N PHE J 96 17.76 -7.26 30.12
CA PHE J 96 17.82 -6.05 29.32
C PHE J 96 19.15 -5.32 29.27
N LYS J 97 19.76 -5.10 30.43
CA LYS J 97 21.06 -4.41 30.45
C LYS J 97 22.14 -5.26 29.79
N GLN J 98 22.02 -6.58 29.89
CA GLN J 98 22.96 -7.51 29.27
C GLN J 98 22.95 -7.48 27.75
N SER J 99 21.80 -7.16 27.17
CA SER J 99 21.65 -7.16 25.71
C SER J 99 22.43 -6.10 24.94
N PHE J 100 22.81 -5.02 25.62
CA PHE J 100 23.57 -3.95 24.97
C PHE J 100 25.07 -4.19 24.96
N PRO J 101 25.81 -3.50 24.08
CA PRO J 101 25.38 -2.50 23.09
C PRO J 101 24.48 -2.96 21.94
N GLU J 102 24.49 -4.25 21.62
CA GLU J 102 23.69 -4.80 20.52
C GLU J 102 22.20 -4.42 20.61
N GLY J 103 21.64 -4.57 21.80
CA GLY J 103 20.24 -4.23 22.00
C GLY J 103 19.29 -5.42 21.97
N TYR J 104 18.00 -5.10 21.91
CA TYR J 104 16.96 -6.12 21.87
C TYR J 104 15.70 -5.53 21.25
N SER J 105 14.71 -6.39 21.02
CA SER J 105 13.45 -5.95 20.46
C SER J 105 12.32 -6.64 21.22
N TRP J 106 11.13 -6.08 21.13
CA TRP J 106 9.98 -6.68 21.78
C TRP J 106 8.73 -6.59 20.93
N GLU J 107 7.81 -7.51 21.20
CA GLU J 107 6.53 -7.61 20.51
C GLU J 107 5.49 -7.67 21.61
N ARG J 108 4.31 -7.11 21.37
CA ARG J 108 3.28 -7.11 22.40
C ARG J 108 1.87 -7.03 21.84
N SER J 109 0.95 -7.75 22.48
CA SER J 109 -0.45 -7.70 22.09
C SER J 109 -1.15 -7.20 23.34
N MET J 110 -1.97 -6.18 23.18
CA MET J 110 -2.71 -5.58 24.27
C MET J 110 -4.18 -5.80 23.99
N ASN J 111 -4.78 -6.71 24.78
CA ASN J 111 -6.16 -7.11 24.64
C ASN J 111 -7.10 -6.41 25.63
N TYR J 112 -7.85 -5.43 25.13
CA TYR J 112 -8.80 -4.69 25.96
C TYR J 112 -10.08 -5.49 26.15
N GLU J 113 -10.70 -5.35 27.32
CA GLU J 113 -11.90 -6.11 27.64
C GLU J 113 -13.10 -5.96 26.70
N ASP J 114 -13.14 -4.89 25.92
CA ASP J 114 -14.25 -4.68 24.99
C ASP J 114 -13.94 -5.15 23.56
N GLY J 115 -12.84 -5.87 23.39
CA GLY J 115 -12.49 -6.38 22.08
C GLY J 115 -11.46 -5.58 21.30
N GLY J 116 -11.14 -4.38 21.76
CA GLY J 116 -10.14 -3.58 21.08
C GLY J 116 -8.82 -4.29 21.25
N ILE J 117 -8.06 -4.44 20.17
CA ILE J 117 -6.77 -5.13 20.21
C ILE J 117 -5.66 -4.28 19.61
N CYS J 118 -4.57 -4.11 20.35
CA CYS J 118 -3.42 -3.35 19.86
C CYS J 118 -2.17 -4.23 19.82
N ASN J 119 -1.53 -4.26 18.67
CA ASN J 119 -0.29 -5.01 18.48
C ASN J 119 0.82 -3.97 18.34
N ALA J 120 1.94 -4.17 19.03
CA ALA J 120 3.04 -3.22 18.94
C ALA J 120 4.40 -3.91 18.96
N THR J 121 5.37 -3.27 18.31
CA THR J 121 6.73 -3.78 18.26
C THR J 121 7.69 -2.61 18.47
N ASN J 122 8.87 -2.92 19.01
CA ASN J 122 9.88 -1.90 19.25
C ASN J 122 11.25 -2.52 19.08
N ASP J 123 12.03 -1.99 18.14
CA ASP J 123 13.38 -2.44 17.91
C ASP J 123 14.26 -1.40 18.58
N ILE J 124 15.01 -1.84 19.59
CA ILE J 124 15.86 -0.92 20.35
C ILE J 124 17.34 -1.13 20.13
N THR J 125 18.00 -0.10 19.62
CA THR J 125 19.44 -0.12 19.37
C THR J 125 20.11 0.94 20.24
N LEU J 126 21.43 0.95 20.24
CA LEU J 126 22.17 1.93 21.04
C LEU J 126 23.23 2.64 20.21
N ASP J 127 23.18 3.97 20.25
CA ASP J 127 24.13 4.81 19.54
C ASP J 127 24.75 5.73 20.58
N GLY J 128 25.95 5.36 21.04
CA GLY J 128 26.63 6.15 22.05
C GLY J 128 25.98 5.97 23.40
N ASP J 129 25.28 7.00 23.86
CA ASP J 129 24.58 6.95 25.14
C ASP J 129 23.09 7.19 24.94
N CYS J 130 22.65 7.10 23.69
CA CYS J 130 21.25 7.32 23.36
C CYS J 130 20.58 6.09 22.74
N TYR J 131 19.50 5.65 23.37
CA TYR J 131 18.74 4.51 22.87
C TYR J 131 17.89 4.97 21.69
N ILE J 132 17.85 4.16 20.64
CA ILE J 132 17.07 4.49 19.45
C ILE J 132 15.93 3.46 19.31
N TYR J 133 14.70 3.95 19.22
CA TYR J 133 13.53 3.06 19.10
C TYR J 133 12.88 3.15 17.73
N GLU J 134 12.55 1.99 17.17
CA GLU J 134 11.84 1.93 15.90
C GLU J 134 10.54 1.23 16.31
N ILE J 135 9.47 2.01 16.42
CA ILE J 135 8.18 1.48 16.86
C ILE J 135 7.07 1.39 15.82
N ARG J 136 6.26 0.34 15.95
CA ARG J 136 5.09 0.14 15.08
C ARG J 136 3.91 -0.12 16.03
N PHE J 137 2.78 0.51 15.75
CA PHE J 137 1.59 0.36 16.60
C PHE J 137 0.34 0.18 15.74
N ASP J 138 -0.42 -0.88 16.00
CA ASP J 138 -1.65 -1.12 15.24
C ASP J 138 -2.80 -1.60 16.11
N GLY J 139 -3.82 -0.76 16.24
CA GLY J 139 -4.98 -1.10 17.04
C GLY J 139 -6.23 -1.23 16.18
N VAL J 140 -7.08 -2.20 16.50
CA VAL J 140 -8.32 -2.44 15.76
C VAL J 140 -9.50 -2.81 16.65
N ASN J 141 -10.69 -2.76 16.06
CA ASN J 141 -11.93 -3.13 16.74
C ASN J 141 -12.31 -2.35 17.98
N PHE J 142 -11.89 -1.08 18.05
CA PHE J 142 -12.27 -0.25 19.18
C PHE J 142 -13.64 0.34 18.85
N PRO J 143 -14.65 0.06 19.70
CA PRO J 143 -16.01 0.55 19.51
C PRO J 143 -16.05 2.08 19.49
N ALA J 144 -16.83 2.65 18.57
CA ALA J 144 -16.96 4.10 18.45
C ALA J 144 -17.38 4.76 19.76
N ASN J 145 -18.25 4.09 20.51
CA ASN J 145 -18.75 4.61 21.78
C ASN J 145 -17.93 4.16 23.00
N GLY J 146 -16.78 3.54 22.75
CA GLY J 146 -15.92 3.07 23.83
C GLY J 146 -15.07 4.18 24.43
N PRO J 147 -14.46 3.93 25.60
CA PRO J 147 -13.61 4.93 26.27
C PRO J 147 -12.38 5.36 25.47
N VAL J 148 -11.90 4.50 24.59
CA VAL J 148 -10.74 4.82 23.77
C VAL J 148 -11.08 5.84 22.68
N MET J 149 -12.07 5.51 21.85
CA MET J 149 -12.47 6.40 20.77
C MET J 149 -13.16 7.68 21.27
N GLN J 150 -13.75 7.61 22.46
CA GLN J 150 -14.42 8.78 23.05
C GLN J 150 -13.49 9.55 23.98
N LYS J 151 -12.25 9.07 24.08
CA LYS J 151 -11.24 9.69 24.91
C LYS J 151 -11.72 9.96 26.35
N ARG J 152 -12.16 8.89 27.00
CA ARG J 152 -12.67 8.98 28.37
C ARG J 152 -11.75 8.35 29.42
N THR J 153 -10.50 8.10 29.06
CA THR J 153 -9.54 7.51 30.00
C THR J 153 -8.77 8.59 30.76
N VAL J 154 -8.40 8.30 32.00
CA VAL J 154 -7.68 9.24 32.84
C VAL J 154 -6.20 8.90 32.92
N LYS J 155 -5.90 7.64 33.29
CA LYS J 155 -4.53 7.18 33.40
C LYS J 155 -4.47 5.69 33.65
N TRP J 156 -3.28 5.12 33.47
CA TRP J 156 -3.05 3.70 33.73
C TRP J 156 -2.75 3.61 35.21
N GLU J 157 -3.28 2.59 35.87
CA GLU J 157 -3.00 2.37 37.28
C GLU J 157 -1.62 1.72 37.35
N PRO J 158 -0.95 1.80 38.51
CA PRO J 158 0.38 1.18 38.66
C PRO J 158 0.17 -0.32 38.42
N SER J 159 1.23 -1.04 38.06
CA SER J 159 1.08 -2.47 37.79
C SER J 159 2.27 -3.32 38.17
N THR J 160 2.08 -4.63 38.12
CA THR J 160 3.13 -5.60 38.42
C THR J 160 3.19 -6.57 37.26
N GLU J 161 4.25 -6.46 36.46
CA GLU J 161 4.46 -7.34 35.32
C GLU J 161 5.14 -8.62 35.79
N LYS J 162 4.66 -9.75 35.28
CA LYS J 162 5.21 -11.06 35.63
C LYS J 162 6.09 -11.53 34.46
N LEU J 163 7.37 -11.76 34.75
CA LEU J 163 8.31 -12.18 33.71
C LEU J 163 8.82 -13.61 33.88
N TYR J 164 8.82 -14.35 32.78
CA TYR J 164 9.24 -15.73 32.78
C TYR J 164 9.83 -16.12 31.42
N VAL J 165 10.78 -17.05 31.45
CA VAL J 165 11.42 -17.52 30.24
C VAL J 165 10.56 -18.53 29.51
N ARG J 166 10.62 -18.50 28.18
CA ARG J 166 9.86 -19.40 27.31
C ARG J 166 10.60 -19.46 25.98
N ASP J 167 10.91 -20.67 25.52
CA ASP J 167 11.62 -20.89 24.26
C ASP J 167 12.91 -20.10 24.12
N GLY J 168 13.69 -20.03 25.19
CA GLY J 168 14.95 -19.31 25.15
C GLY J 168 14.88 -17.80 25.19
N VAL J 169 13.67 -17.24 25.21
CA VAL J 169 13.50 -15.79 25.26
C VAL J 169 12.70 -15.40 26.51
N LEU J 170 12.51 -14.10 26.72
CA LEU J 170 11.78 -13.63 27.90
C LEU J 170 10.38 -13.13 27.61
N LYS J 171 9.41 -13.62 28.39
CA LYS J 171 8.01 -13.21 28.26
C LYS J 171 7.62 -12.32 29.44
N GLY J 172 6.71 -11.38 29.17
CA GLY J 172 6.25 -10.49 30.21
C GLY J 172 4.75 -10.28 30.08
N ASP J 173 4.01 -10.60 31.14
CA ASP J 173 2.55 -10.46 31.15
C ASP J 173 2.10 -9.56 32.28
N VAL J 174 1.11 -8.73 32.02
CA VAL J 174 0.61 -7.83 33.06
C VAL J 174 -0.86 -7.45 32.90
N ASN J 175 -1.57 -7.47 34.03
CA ASN J 175 -2.97 -7.07 34.08
C ASN J 175 -2.98 -5.56 34.23
N MET J 176 -3.41 -4.87 33.19
CA MET J 176 -3.44 -3.41 33.19
C MET J 176 -4.86 -2.87 33.32
N ALA J 177 -4.99 -1.65 33.84
CA ALA J 177 -6.28 -1.02 34.01
C ALA J 177 -6.21 0.49 33.86
N LEU J 178 -7.13 1.03 33.05
CA LEU J 178 -7.22 2.46 32.82
C LEU J 178 -8.36 3.00 33.65
N SER J 179 -8.10 4.04 34.43
CA SER J 179 -9.16 4.66 35.23
C SER J 179 -9.98 5.49 34.24
N LEU J 180 -11.30 5.48 34.41
CA LEU J 180 -12.20 6.21 33.51
C LEU J 180 -12.71 7.51 34.11
N GLU J 181 -13.05 8.47 33.25
CA GLU J 181 -13.56 9.76 33.68
C GLU J 181 -14.80 9.67 34.57
N GLY J 182 -15.78 8.88 34.14
CA GLY J 182 -17.00 8.75 34.93
C GLY J 182 -16.90 7.79 36.11
N GLY J 183 -15.70 7.27 36.35
CA GLY J 183 -15.50 6.35 37.45
C GLY J 183 -15.33 4.93 36.95
N GLY J 184 -14.79 4.05 37.79
CA GLY J 184 -14.58 2.67 37.38
C GLY J 184 -13.30 2.48 36.58
N HIS J 185 -13.09 1.26 36.07
CA HIS J 185 -11.90 0.96 35.30
C HIS J 185 -12.17 0.20 34.01
N TYR J 186 -11.20 0.32 33.10
CA TYR J 186 -11.20 -0.30 31.78
C TYR J 186 -9.96 -1.20 31.74
N ARG J 187 -10.19 -2.51 31.74
CA ARG J 187 -9.13 -3.51 31.76
C ARG J 187 -8.50 -3.91 30.42
N CYS J 188 -7.20 -4.20 30.49
CA CYS J 188 -6.43 -4.63 29.32
C CYS J 188 -5.36 -5.64 29.77
N ASP J 189 -5.18 -6.69 28.99
CA ASP J 189 -4.19 -7.71 29.28
C ASP J 189 -3.01 -7.61 28.32
N PHE J 190 -1.82 -7.44 28.87
CA PHE J 190 -0.59 -7.31 28.07
C PHE J 190 0.17 -8.64 28.01
N LYS J 191 0.67 -8.96 26.81
CA LYS J 191 1.50 -10.15 26.60
C LYS J 191 2.66 -9.69 25.72
N THR J 192 3.84 -9.60 26.33
CA THR J 192 5.04 -9.15 25.64
C THR J 192 6.10 -10.24 25.52
N THR J 193 6.83 -10.23 24.40
CA THR J 193 7.92 -11.16 24.16
C THR J 193 9.15 -10.27 23.94
N TYR J 194 10.18 -10.46 24.76
CA TYR J 194 11.43 -9.70 24.66
C TYR J 194 12.47 -10.61 24.03
N LYS J 195 13.23 -10.07 23.08
CA LYS J 195 14.25 -10.84 22.37
C LYS J 195 15.57 -10.12 22.25
N ALA J 196 16.59 -10.61 22.98
CA ALA J 196 17.93 -10.03 22.93
C ALA J 196 18.57 -10.39 21.59
N LYS J 197 19.33 -9.45 21.03
CA LYS J 197 19.98 -9.66 19.74
C LYS J 197 21.21 -10.55 19.83
N LYS J 198 21.63 -10.87 21.04
CA LYS J 198 22.77 -11.74 21.29
C LYS J 198 22.45 -12.65 22.47
N VAL J 199 23.27 -13.68 22.65
CA VAL J 199 23.07 -14.62 23.75
C VAL J 199 23.37 -13.97 25.10
N VAL J 200 22.37 -13.93 25.97
CA VAL J 200 22.51 -13.35 27.30
C VAL J 200 22.02 -14.34 28.34
N GLN J 201 22.39 -14.10 29.60
CA GLN J 201 21.99 -14.96 30.71
C GLN J 201 20.49 -14.79 30.95
N LEU J 202 19.77 -15.91 31.01
CA LEU J 202 18.32 -15.92 31.22
C LEU J 202 17.95 -15.86 32.70
N PRO J 203 17.02 -14.97 33.07
CA PRO J 203 16.58 -14.83 34.47
C PRO J 203 15.54 -15.84 34.91
N ASP J 204 15.38 -15.97 36.23
CA ASP J 204 14.38 -16.85 36.79
C ASP J 204 13.11 -16.00 36.87
N TYR J 205 11.98 -16.65 37.17
CA TYR J 205 10.69 -15.99 37.29
C TYR J 205 10.80 -14.80 38.23
N HIS J 206 10.40 -13.62 37.77
CA HIS J 206 10.45 -12.43 38.60
C HIS J 206 9.39 -11.41 38.20
N PHE J 207 9.35 -10.29 38.91
CA PHE J 207 8.36 -9.25 38.68
C PHE J 207 8.97 -7.88 38.46
N VAL J 208 8.20 -7.00 37.85
CA VAL J 208 8.62 -5.63 37.64
C VAL J 208 7.43 -4.73 37.90
N ASP J 209 7.53 -3.91 38.94
CA ASP J 209 6.47 -2.97 39.28
C ASP J 209 6.63 -1.78 38.36
N HIS J 210 5.51 -1.26 37.87
CA HIS J 210 5.51 -0.12 36.95
C HIS J 210 4.58 0.98 37.42
N HIS J 211 4.85 2.20 36.94
CA HIS J 211 4.02 3.36 37.23
C HIS J 211 4.30 4.39 36.14
N ILE J 212 3.43 4.42 35.14
CA ILE J 212 3.56 5.34 34.03
C ILE J 212 2.54 6.47 34.17
N GLU J 213 2.98 7.70 33.91
CA GLU J 213 2.12 8.87 34.05
C GLU J 213 2.39 9.94 33.02
N ILE J 214 1.33 10.57 32.53
CA ILE J 214 1.47 11.69 31.61
C ILE J 214 1.48 12.90 32.53
N LYS J 215 2.64 13.53 32.68
CA LYS J 215 2.79 14.68 33.55
C LYS J 215 2.21 15.97 32.99
N SER J 216 2.25 16.12 31.66
CA SER J 216 1.71 17.31 31.03
C SER J 216 1.42 17.05 29.55
N HIS J 217 0.45 17.79 29.01
CA HIS J 217 0.06 17.66 27.62
C HIS J 217 -0.76 18.88 27.19
N ASP J 218 -0.71 19.19 25.91
CA ASP J 218 -1.51 20.31 25.40
C ASP J 218 -2.92 19.81 25.11
N LYS J 219 -3.80 20.73 24.72
CA LYS J 219 -5.21 20.42 24.44
C LYS J 219 -5.50 19.13 23.68
N ASP J 220 -4.97 18.99 22.47
CA ASP J 220 -5.20 17.81 21.65
C ASP J 220 -4.12 16.72 21.72
N TYR J 221 -3.28 16.78 22.75
CA TYR J 221 -2.18 15.82 22.96
C TYR J 221 -1.11 15.80 21.88
N SER J 222 -0.96 16.91 21.17
CA SER J 222 0.05 17.05 20.13
C SER J 222 1.44 17.02 20.76
N ASN J 223 1.50 17.46 22.02
CA ASN J 223 2.73 17.48 22.80
C ASN J 223 2.42 16.82 24.13
N VAL J 224 3.19 15.80 24.47
CA VAL J 224 2.99 15.06 25.71
C VAL J 224 4.32 14.79 26.42
N ASN J 225 4.33 15.00 27.73
CA ASN J 225 5.51 14.74 28.55
C ASN J 225 5.17 13.49 29.37
N LEU J 226 5.90 12.41 29.12
CA LEU J 226 5.66 11.13 29.77
C LEU J 226 6.76 10.72 30.76
N HIS J 227 6.35 10.05 31.84
CA HIS J 227 7.26 9.58 32.88
C HIS J 227 6.95 8.12 33.26
N GLU J 228 7.97 7.39 33.71
CA GLU J 228 7.78 6.01 34.16
C GLU J 228 8.81 5.63 35.21
N HIS J 229 8.34 4.95 36.25
CA HIS J 229 9.19 4.48 37.34
C HIS J 229 8.96 2.98 37.44
N ALA J 230 10.04 2.19 37.32
CA ALA J 230 9.93 0.74 37.38
C ALA J 230 11.03 0.10 38.23
N GLU J 231 10.64 -0.89 39.04
CA GLU J 231 11.56 -1.61 39.90
C GLU J 231 11.27 -3.11 39.88
N ALA J 232 12.32 -3.90 39.66
CA ALA J 232 12.21 -5.35 39.61
C ALA J 232 12.37 -5.97 40.99
N HIS J 233 11.73 -7.12 41.20
CA HIS J 233 11.81 -7.83 42.48
C HIS J 233 11.41 -9.29 42.33
N SER J 234 11.83 -10.10 43.28
CA SER J 234 11.54 -11.53 43.29
C SER J 234 11.02 -11.91 44.67
N GLU J 235 10.13 -12.89 44.71
CA GLU J 235 9.51 -13.36 45.96
C GLU J 235 8.48 -13.01 47.03
N LEU J 236 7.25 -12.74 46.60
CA LEU J 236 6.20 -11.87 47.13
C LEU J 236 5.55 -12.52 48.35
N PRO J 237 5.00 -11.71 49.27
CA PRO J 237 4.92 -10.24 49.30
C PRO J 237 6.26 -9.51 49.26
N VAL K 22 44.83 -45.18 -37.78
CA VAL K 22 43.68 -44.83 -38.67
C VAL K 22 42.37 -44.91 -37.87
N ILE K 23 41.37 -44.15 -38.32
CA ILE K 23 40.06 -44.14 -37.67
C ILE K 23 39.10 -45.10 -38.37
N LYS K 24 38.71 -46.17 -37.66
CA LYS K 24 37.81 -47.18 -38.19
C LYS K 24 36.35 -46.75 -37.99
N PRO K 25 35.42 -47.30 -38.80
CA PRO K 25 33.99 -46.97 -38.69
C PRO K 25 33.40 -47.38 -37.35
N ASP K 26 33.94 -48.45 -36.77
CA ASP K 26 33.49 -48.95 -35.48
C ASP K 26 34.71 -49.10 -34.57
N MET K 27 34.69 -48.39 -33.45
CA MET K 27 35.80 -48.43 -32.50
C MET K 27 35.35 -48.63 -31.05
N LYS K 28 36.27 -49.09 -30.22
CA LYS K 28 35.99 -49.34 -28.81
C LYS K 28 36.47 -48.24 -27.87
N ILE K 29 36.05 -48.33 -26.61
CA ILE K 29 36.41 -47.37 -25.57
C ILE K 29 36.74 -48.12 -24.28
N LYS K 30 37.77 -47.65 -23.59
CA LYS K 30 38.23 -48.24 -22.33
C LYS K 30 38.70 -47.05 -21.50
N LEU K 31 38.16 -46.89 -20.29
CA LEU K 31 38.53 -45.76 -19.45
C LEU K 31 38.57 -46.00 -17.95
N ARG K 32 39.23 -45.07 -17.26
CA ARG K 32 39.32 -45.07 -15.81
C ARG K 32 39.40 -43.62 -15.33
N MET K 33 38.46 -43.26 -14.47
CA MET K 33 38.40 -41.94 -13.89
C MET K 33 38.73 -42.00 -12.41
N GLU K 34 39.63 -41.13 -11.98
CA GLU K 34 40.01 -41.02 -10.58
C GLU K 34 39.70 -39.58 -10.20
N GLY K 35 38.99 -39.38 -9.10
CA GLY K 35 38.67 -38.02 -8.72
C GLY K 35 38.10 -37.81 -7.34
N ALA K 36 37.54 -36.63 -7.14
CA ALA K 36 36.95 -36.27 -5.86
C ALA K 36 35.99 -35.11 -6.02
N VAL K 37 34.98 -35.08 -5.15
CA VAL K 37 33.98 -34.03 -5.12
C VAL K 37 33.89 -33.61 -3.66
N ASN K 38 34.16 -32.33 -3.40
CA ASN K 38 34.16 -31.77 -2.06
C ASN K 38 35.12 -32.53 -1.13
N GLY K 39 36.24 -32.97 -1.70
CA GLY K 39 37.24 -33.69 -0.93
C GLY K 39 37.04 -35.18 -0.76
N HIS K 40 35.95 -35.72 -1.31
CA HIS K 40 35.69 -37.16 -1.20
C HIS K 40 36.03 -37.90 -2.48
N PRO K 41 37.07 -38.75 -2.44
CA PRO K 41 37.57 -39.55 -3.55
C PRO K 41 36.69 -40.68 -4.06
N PHE K 42 36.85 -40.98 -5.34
CA PHE K 42 36.12 -42.06 -6.00
C PHE K 42 36.86 -42.46 -7.27
N ALA K 43 36.52 -43.63 -7.79
CA ALA K 43 37.13 -44.13 -9.02
C ALA K 43 36.05 -44.85 -9.82
N ILE K 44 36.08 -44.67 -11.14
CA ILE K 44 35.09 -45.29 -12.03
C ILE K 44 35.77 -45.81 -13.30
N GLU K 45 35.42 -47.04 -13.67
CA GLU K 45 35.97 -47.64 -14.88
C GLU K 45 34.84 -47.88 -15.88
N GLY K 46 35.19 -47.88 -17.15
CA GLY K 46 34.18 -48.07 -18.16
C GLY K 46 34.65 -48.65 -19.48
N VAL K 47 33.71 -49.28 -20.17
CA VAL K 47 33.97 -49.89 -21.46
C VAL K 47 32.88 -49.40 -22.40
N GLY K 48 33.22 -49.20 -23.67
CA GLY K 48 32.23 -48.74 -24.61
C GLY K 48 32.61 -48.96 -26.06
N LEU K 49 31.79 -48.42 -26.95
CA LEU K 49 32.01 -48.51 -28.38
C LEU K 49 31.29 -47.36 -29.07
N GLY K 50 31.69 -47.05 -30.30
CA GLY K 50 31.06 -45.97 -31.01
C GLY K 50 31.48 -45.86 -32.47
N LYS K 51 30.78 -44.98 -33.19
CA LYS K 51 31.05 -44.75 -34.60
C LYS K 51 31.52 -43.31 -34.77
N PRO K 52 32.84 -43.10 -34.88
CA PRO K 52 33.48 -41.80 -35.05
C PRO K 52 32.90 -40.92 -36.17
N PHE K 53 32.70 -41.54 -37.34
CA PHE K 53 32.16 -40.82 -38.50
C PHE K 53 30.68 -40.50 -38.39
N GLU K 54 29.97 -41.21 -37.51
CA GLU K 54 28.55 -40.97 -37.30
C GLU K 54 28.31 -40.05 -36.10
N GLY K 55 29.32 -39.92 -35.26
CA GLY K 55 29.22 -39.07 -34.08
C GLY K 55 28.35 -39.67 -33.00
N LYS K 56 28.39 -40.99 -32.87
CA LYS K 56 27.59 -41.70 -31.88
C LYS K 56 28.47 -42.61 -31.04
N GLN K 57 28.15 -42.71 -29.75
CA GLN K 57 28.91 -43.55 -28.84
C GLN K 57 28.07 -43.95 -27.62
N SER K 58 28.50 -45.01 -26.95
CA SER K 58 27.83 -45.51 -25.75
C SER K 58 28.85 -46.24 -24.90
N MET K 59 28.57 -46.34 -23.61
CA MET K 59 29.48 -47.03 -22.70
C MET K 59 28.82 -47.43 -21.40
N ASP K 60 29.40 -48.43 -20.76
CA ASP K 60 28.90 -48.92 -19.48
C ASP K 60 29.92 -48.51 -18.42
N LEU K 61 29.45 -47.75 -17.44
CA LEU K 61 30.30 -47.23 -16.37
C LEU K 61 30.03 -47.93 -15.04
N LYS K 62 31.11 -48.30 -14.36
CA LYS K 62 31.02 -48.98 -13.07
C LYS K 62 31.85 -48.26 -12.01
N VAL K 63 31.24 -48.00 -10.85
CA VAL K 63 31.92 -47.33 -9.75
C VAL K 63 32.82 -48.36 -9.05
N LYS K 64 34.13 -48.14 -9.10
CA LYS K 64 35.10 -49.03 -8.49
C LYS K 64 35.45 -48.67 -7.06
N GLU K 65 35.47 -47.36 -6.76
CA GLU K 65 35.81 -46.87 -5.43
C GLU K 65 34.97 -45.64 -5.07
N GLY K 66 34.76 -45.43 -3.78
CA GLY K 66 33.99 -44.29 -3.31
C GLY K 66 32.48 -44.40 -3.36
N GLY K 67 31.99 -45.60 -3.64
CA GLY K 67 30.54 -45.80 -3.70
C GLY K 67 29.92 -45.95 -2.33
N PRO K 68 28.64 -45.57 -2.17
CA PRO K 68 27.81 -45.01 -3.24
C PRO K 68 28.07 -43.51 -3.37
N LEU K 69 28.21 -43.03 -4.61
CA LEU K 69 28.48 -41.62 -4.87
C LEU K 69 27.46 -40.69 -4.22
N PRO K 70 27.93 -39.76 -3.38
CA PRO K 70 27.09 -38.79 -2.67
C PRO K 70 26.73 -37.52 -3.45
N PHE K 71 26.94 -37.53 -4.76
CA PHE K 71 26.64 -36.36 -5.58
C PHE K 71 25.97 -36.78 -6.89
N ALA K 72 25.40 -35.81 -7.59
CA ALA K 72 24.73 -36.05 -8.87
C ALA K 72 25.71 -36.60 -9.92
N TYR K 73 25.40 -37.78 -10.44
CA TYR K 73 26.24 -38.43 -11.44
C TYR K 73 26.40 -37.58 -12.70
N ASP K 74 25.41 -36.76 -13.01
CA ASP K 74 25.43 -35.91 -14.19
C ASP K 74 26.67 -35.02 -14.34
N ILE K 75 27.26 -34.59 -13.23
CA ILE K 75 28.44 -33.73 -13.31
C ILE K 75 29.65 -34.45 -13.92
N LEU K 76 29.61 -35.78 -13.93
CA LEU K 76 30.69 -36.59 -14.47
C LEU K 76 30.53 -37.01 -15.93
N THR K 77 29.29 -37.10 -16.39
CA THR K 77 29.00 -37.58 -17.75
C THR K 77 29.73 -36.98 -18.94
N THR K 78 29.81 -35.65 -19.00
CA THR K 78 30.50 -35.01 -20.13
C THR K 78 32.02 -35.21 -20.08
N VAL K 79 32.51 -35.79 -18.99
CA VAL K 79 33.94 -36.04 -18.87
C VAL K 79 34.23 -37.44 -19.42
N PHE K 80 33.27 -38.35 -19.24
CA PHE K 80 33.39 -39.72 -19.75
C PHE K 80 33.28 -39.70 -21.27
N1 GYS K 81 32.37 -38.79 -21.93
OG1 GYS K 81 29.77 -39.43 -24.30
CB1 GYS K 81 30.28 -38.65 -23.12
CA1 GYS K 81 31.77 -38.38 -23.18
C1 GYS K 81 32.06 -36.94 -23.44
N2 GYS K 81 31.21 -35.98 -23.60
N3 GYS K 81 33.35 -36.44 -23.54
C2 GYS K 81 33.32 -35.08 -23.78
O2 GYS K 81 34.35 -34.39 -23.91
CA2 GYS K 81 31.89 -34.80 -23.81
CA3 GYS K 81 34.62 -37.17 -23.42
CB2 GYS K 81 31.41 -33.53 -24.02
CG2 GYS K 81 30.10 -33.04 -24.06
CD1 GYS K 81 28.95 -33.88 -23.91
CD2 GYS K 81 29.90 -31.63 -24.28
CE1 GYS K 81 27.64 -33.33 -23.96
CE2 GYS K 81 28.59 -31.10 -24.32
CZ GYS K 81 27.46 -31.95 -24.15
OH GYS K 81 26.24 -31.40 -24.19
C3 GYS K 81 35.77 -37.07 -24.36
O3 GYS K 81 36.88 -37.36 -23.97
N ASN K 82 35.34 -37.20 -25.56
CA ASN K 82 36.15 -37.53 -26.73
C ASN K 82 35.47 -37.00 -27.98
N ARG K 83 35.94 -35.86 -28.47
CA ARG K 83 35.36 -35.23 -29.64
C ARG K 83 35.65 -35.96 -30.95
N VAL K 84 36.36 -37.08 -30.89
CA VAL K 84 36.63 -37.87 -32.09
C VAL K 84 35.30 -38.48 -32.51
N PHE K 85 34.41 -38.64 -31.54
CA PHE K 85 33.07 -39.16 -31.76
C PHE K 85 32.13 -38.00 -32.05
N ALA K 86 32.36 -37.35 -33.19
CA ALA K 86 31.57 -36.22 -33.64
C ALA K 86 31.57 -36.29 -35.17
N LYS K 87 30.38 -36.14 -35.76
CA LYS K 87 30.26 -36.19 -37.21
C LYS K 87 30.75 -34.89 -37.86
N TYR K 88 31.97 -34.93 -38.39
CA TYR K 88 32.57 -33.77 -39.03
C TYR K 88 32.43 -33.82 -40.56
N PRO K 89 31.85 -32.76 -41.16
CA PRO K 89 31.67 -32.68 -42.60
C PRO K 89 33.03 -32.58 -43.29
N GLU K 90 33.04 -32.67 -44.61
CA GLU K 90 34.29 -32.57 -45.37
C GLU K 90 34.87 -31.15 -45.35
N ASN K 91 34.00 -30.16 -45.39
CA ASN K 91 34.42 -28.76 -45.41
C ASN K 91 34.93 -28.19 -44.08
N ILE K 92 34.96 -29.02 -43.04
CA ILE K 92 35.45 -28.59 -41.73
C ILE K 92 36.64 -29.45 -41.32
N VAL K 93 37.74 -28.80 -40.94
CA VAL K 93 38.94 -29.51 -40.52
C VAL K 93 38.66 -30.26 -39.21
N ASP K 94 38.98 -31.55 -39.20
CA ASP K 94 38.77 -32.39 -38.02
C ASP K 94 40.05 -32.52 -37.21
N TYR K 95 40.21 -31.63 -36.24
CA TYR K 95 41.37 -31.57 -35.36
C TYR K 95 41.60 -32.89 -34.60
N PHE K 96 40.50 -33.53 -34.22
CA PHE K 96 40.55 -34.76 -33.44
C PHE K 96 40.93 -36.04 -34.19
N LYS K 97 40.32 -36.29 -35.35
CA LYS K 97 40.65 -37.48 -36.11
C LYS K 97 42.08 -37.44 -36.65
N GLN K 98 42.59 -36.23 -36.87
CA GLN K 98 43.96 -36.04 -37.36
C GLN K 98 45.00 -36.38 -36.30
N SER K 99 44.67 -36.09 -35.03
CA SER K 99 45.58 -36.31 -33.91
C SER K 99 46.04 -37.75 -33.74
N PHE K 100 45.26 -38.68 -34.24
CA PHE K 100 45.60 -40.09 -34.13
C PHE K 100 46.52 -40.58 -35.25
N PRO K 101 47.24 -41.70 -35.03
CA PRO K 101 47.28 -42.55 -33.84
C PRO K 101 47.87 -42.01 -32.53
N GLU K 102 48.64 -40.92 -32.60
CA GLU K 102 49.26 -40.35 -31.39
C GLU K 102 48.23 -39.97 -30.33
N GLY K 103 47.11 -39.41 -30.78
CA GLY K 103 46.06 -39.01 -29.87
C GLY K 103 46.14 -37.56 -29.43
N TYR K 104 45.40 -37.24 -28.38
CA TYR K 104 45.36 -35.88 -27.84
C TYR K 104 44.91 -35.93 -26.39
N SER K 105 44.87 -34.76 -25.77
CA SER K 105 44.44 -34.63 -24.39
C SER K 105 43.64 -33.35 -24.26
N TRP K 106 42.79 -33.28 -23.24
CA TRP K 106 42.02 -32.06 -23.03
C TRP K 106 41.92 -31.73 -21.54
N GLU K 107 41.68 -30.46 -21.27
CA GLU K 107 41.56 -29.94 -19.91
C GLU K 107 40.27 -29.15 -19.94
N ARG K 108 39.57 -29.08 -18.81
CA ARG K 108 38.31 -28.36 -18.78
C ARG K 108 37.95 -27.86 -17.39
N SER K 109 37.35 -26.69 -17.34
CA SER K 109 36.88 -26.11 -16.09
C SER K 109 35.37 -25.96 -16.30
N MET K 110 34.60 -26.48 -15.36
CA MET K 110 33.15 -26.43 -15.42
C MET K 110 32.64 -25.58 -14.25
N ASN K 111 32.27 -24.35 -14.59
CA ASN K 111 31.80 -23.34 -13.63
C ASN K 111 30.29 -23.31 -13.47
N TYR K 112 29.80 -23.89 -12.37
CA TYR K 112 28.37 -23.93 -12.09
C TYR K 112 27.92 -22.60 -11.49
N GLU K 113 26.69 -22.18 -11.81
CA GLU K 113 26.16 -20.90 -11.35
C GLU K 113 26.13 -20.65 -9.84
N ASP K 114 26.18 -21.71 -9.03
CA ASP K 114 26.17 -21.54 -7.58
C ASP K 114 27.57 -21.61 -6.95
N GLY K 115 28.61 -21.53 -7.79
CA GLY K 115 29.96 -21.55 -7.27
C GLY K 115 30.69 -22.89 -7.29
N GLY K 116 29.96 -23.98 -7.53
CA GLY K 116 30.61 -25.27 -7.60
C GLY K 116 31.51 -25.24 -8.83
N ILE K 117 32.75 -25.68 -8.68
CA ILE K 117 33.70 -25.68 -9.80
C ILE K 117 34.30 -27.06 -10.00
N CYS K 118 34.24 -27.57 -11.23
CA CYS K 118 34.82 -28.86 -11.53
C CYS K 118 35.91 -28.76 -12.59
N ASN K 119 37.09 -29.29 -12.26
CA ASN K 119 38.22 -29.31 -13.17
C ASN K 119 38.40 -30.77 -13.59
N ALA K 120 38.64 -30.98 -14.88
CA ALA K 120 38.82 -32.34 -15.38
C ALA K 120 39.82 -32.40 -16.52
N THR K 121 40.47 -33.56 -16.65
CA THR K 121 41.45 -33.77 -17.71
C THR K 121 41.27 -35.18 -18.26
N ASN K 122 41.66 -35.35 -19.50
CA ASN K 122 41.57 -36.65 -20.15
C ASN K 122 42.70 -36.78 -21.15
N ASP K 123 43.53 -37.80 -20.96
CA ASP K 123 44.63 -38.09 -21.87
C ASP K 123 44.13 -39.26 -22.70
N ILE K 124 43.95 -39.02 -24.00
CA ILE K 124 43.42 -40.05 -24.90
C ILE K 124 44.44 -40.66 -25.85
N THR K 125 44.66 -41.97 -25.69
CA THR K 125 45.58 -42.71 -26.54
C THR K 125 44.79 -43.76 -27.34
N LEU K 126 45.45 -44.40 -28.30
CA LEU K 126 44.80 -45.41 -29.13
C LEU K 126 45.60 -46.70 -29.22
N ASP K 127 44.93 -47.81 -28.92
CA ASP K 127 45.54 -49.13 -28.98
C ASP K 127 44.67 -50.00 -29.89
N GLY K 128 45.10 -50.15 -31.13
CA GLY K 128 44.35 -50.93 -32.10
C GLY K 128 43.11 -50.16 -32.52
N ASP K 129 41.95 -50.68 -32.17
CA ASP K 129 40.68 -50.04 -32.51
C ASP K 129 39.99 -49.56 -31.23
N CYS K 130 40.75 -49.49 -30.14
CA CYS K 130 40.19 -49.07 -28.85
C CYS K 130 40.87 -47.85 -28.24
N TYR K 131 40.08 -46.81 -28.00
CA TYR K 131 40.58 -45.58 -27.39
C TYR K 131 40.74 -45.81 -25.89
N ILE K 132 41.84 -45.30 -25.34
CA ILE K 132 42.13 -45.46 -23.91
C ILE K 132 42.10 -44.08 -23.24
N TYR K 133 41.29 -43.94 -22.19
CA TYR K 133 41.18 -42.68 -21.47
C TYR K 133 41.79 -42.74 -20.07
N GLU K 134 42.56 -41.71 -19.73
CA GLU K 134 43.15 -41.58 -18.41
C GLU K 134 42.48 -40.29 -17.92
N ILE K 135 41.49 -40.42 -17.05
CA ILE K 135 40.73 -39.28 -16.56
C ILE K 135 40.94 -38.87 -15.10
N ARG K 136 40.94 -37.57 -14.88
CA ARG K 136 41.06 -36.99 -13.54
C ARG K 136 39.91 -35.99 -13.42
N PHE K 137 39.20 -36.03 -12.28
CA PHE K 137 38.07 -35.14 -12.04
C PHE K 137 38.12 -34.59 -10.62
N ASP K 138 38.01 -33.27 -10.48
CA ASP K 138 38.04 -32.65 -9.17
C ASP K 138 37.06 -31.50 -9.03
N GLY K 139 36.05 -31.70 -8.18
CA GLY K 139 35.04 -30.69 -7.96
C GLY K 139 35.06 -30.14 -6.54
N VAL K 140 34.85 -28.84 -6.39
CA VAL K 140 34.86 -28.20 -5.07
C VAL K 140 33.78 -27.12 -4.93
N ASN K 141 33.53 -26.72 -3.68
CA ASN K 141 32.57 -25.67 -3.35
C ASN K 141 31.10 -25.88 -3.73
N PHE K 142 30.66 -27.14 -3.81
CA PHE K 142 29.27 -27.43 -4.11
C PHE K 142 28.50 -27.33 -2.80
N PRO K 143 27.50 -26.44 -2.72
CA PRO K 143 26.70 -26.25 -1.52
C PRO K 143 25.98 -27.55 -1.10
N ALA K 144 25.97 -27.84 0.20
CA ALA K 144 25.33 -29.04 0.73
C ALA K 144 23.86 -29.13 0.34
N ASN K 145 23.20 -27.97 0.31
CA ASN K 145 21.77 -27.90 -0.04
C ASN K 145 21.53 -27.65 -1.53
N GLY K 146 22.59 -27.73 -2.33
CA GLY K 146 22.48 -27.51 -3.76
C GLY K 146 21.99 -28.73 -4.51
N PRO K 147 21.60 -28.59 -5.79
CA PRO K 147 21.11 -29.70 -6.58
C PRO K 147 22.11 -30.82 -6.83
N VAL K 148 23.40 -30.51 -6.76
CA VAL K 148 24.42 -31.53 -6.98
C VAL K 148 24.58 -32.46 -5.78
N MET K 149 24.78 -31.91 -4.60
CA MET K 149 24.94 -32.73 -3.40
C MET K 149 23.63 -33.40 -2.97
N GLN K 150 22.51 -32.82 -3.38
CA GLN K 150 21.20 -33.39 -3.05
C GLN K 150 20.64 -34.29 -4.15
N LYS K 151 21.40 -34.41 -5.25
CA LYS K 151 21.03 -35.24 -6.39
C LYS K 151 19.64 -34.89 -6.90
N ARG K 152 19.48 -33.65 -7.33
CA ARG K 152 18.20 -33.17 -7.83
C ARG K 152 18.24 -32.82 -9.32
N THR K 153 19.23 -33.37 -10.02
CA THR K 153 19.36 -33.12 -11.46
C THR K 153 18.70 -34.25 -12.24
N VAL K 154 18.10 -33.90 -13.37
CA VAL K 154 17.42 -34.88 -14.22
C VAL K 154 18.28 -35.27 -15.42
N LYS K 155 18.76 -34.28 -16.16
CA LYS K 155 19.60 -34.52 -17.33
C LYS K 155 20.19 -33.23 -17.89
N TRP K 156 21.20 -33.37 -18.74
CA TRP K 156 21.82 -32.24 -19.41
C TRP K 156 20.99 -31.99 -20.65
N GLU K 157 20.74 -30.72 -20.94
CA GLU K 157 20.00 -30.34 -22.13
C GLU K 157 20.98 -30.47 -23.29
N PRO K 158 20.47 -30.63 -24.53
CA PRO K 158 21.37 -30.73 -25.67
C PRO K 158 22.10 -29.39 -25.76
N SER K 159 23.24 -29.35 -26.44
CA SER K 159 23.98 -28.09 -26.51
C SER K 159 24.71 -27.85 -27.82
N THR K 160 25.33 -26.68 -27.91
CA THR K 160 26.12 -26.30 -29.07
C THR K 160 27.42 -25.71 -28.56
N GLU K 161 28.50 -26.47 -28.74
CA GLU K 161 29.82 -26.06 -28.31
C GLU K 161 30.46 -25.19 -29.39
N LYS K 162 31.08 -24.09 -28.98
CA LYS K 162 31.74 -23.17 -29.90
C LYS K 162 33.24 -23.46 -29.86
N LEU K 163 33.80 -23.82 -31.00
CA LEU K 163 35.23 -24.13 -31.08
C LEU K 163 36.03 -23.12 -31.89
N TYR K 164 37.15 -22.71 -31.32
CA TYR K 164 38.03 -21.73 -31.94
C TYR K 164 39.48 -21.97 -31.53
N VAL K 165 40.40 -21.60 -32.42
CA VAL K 165 41.81 -21.78 -32.17
C VAL K 165 42.39 -20.64 -31.33
N ARG K 166 43.39 -20.98 -30.51
CA ARG K 166 44.09 -20.02 -29.68
C ARG K 166 45.44 -20.61 -29.26
N ASP K 167 46.50 -19.84 -29.43
CA ASP K 167 47.85 -20.27 -29.08
C ASP K 167 48.22 -21.61 -29.71
N GLY K 168 47.88 -21.78 -30.98
CA GLY K 168 48.19 -23.01 -31.69
C GLY K 168 47.42 -24.25 -31.25
N VAL K 169 46.47 -24.09 -30.34
CA VAL K 169 45.66 -25.21 -29.86
C VAL K 169 44.17 -24.90 -30.05
N LEU K 170 43.31 -25.88 -29.78
CA LEU K 170 41.88 -25.71 -29.96
C LEU K 170 41.08 -25.51 -28.66
N LYS K 171 40.26 -24.46 -28.64
CA LYS K 171 39.42 -24.16 -27.49
C LYS K 171 37.97 -24.51 -27.79
N GLY K 172 37.24 -24.93 -26.76
CA GLY K 172 35.84 -25.27 -26.91
C GLY K 172 35.05 -24.79 -25.71
N ASP K 173 34.12 -23.87 -25.93
CA ASP K 173 33.29 -23.33 -24.85
C ASP K 173 31.82 -23.65 -25.10
N VAL K 174 31.08 -23.95 -24.04
CA VAL K 174 29.67 -24.27 -24.18
C VAL K 174 28.81 -23.96 -22.96
N ASN K 175 27.67 -23.31 -23.22
CA ASN K 175 26.70 -22.98 -22.17
C ASN K 175 25.90 -24.25 -21.93
N MET K 176 26.03 -24.83 -20.75
CA MET K 176 25.31 -26.06 -20.41
C MET K 176 24.21 -25.81 -19.39
N ALA K 177 23.23 -26.70 -19.36
CA ALA K 177 22.12 -26.57 -18.43
C ALA K 177 21.59 -27.93 -17.98
N LEU K 178 21.44 -28.08 -16.67
CA LEU K 178 20.93 -29.29 -16.07
C LEU K 178 19.47 -29.06 -15.70
N SER K 179 18.60 -29.95 -16.17
CA SER K 179 17.19 -29.87 -15.86
C SER K 179 17.06 -30.33 -14.40
N LEU K 180 16.24 -29.64 -13.62
CA LEU K 180 16.06 -29.99 -12.21
C LEU K 180 14.73 -30.68 -11.89
N GLU K 181 14.74 -31.52 -10.86
CA GLU K 181 13.55 -32.27 -10.44
C GLU K 181 12.30 -31.43 -10.22
N GLY K 182 12.45 -30.33 -9.50
CA GLY K 182 11.31 -29.47 -9.23
C GLY K 182 11.01 -28.47 -10.33
N GLY K 183 11.64 -28.66 -11.49
CA GLY K 183 11.44 -27.75 -12.60
C GLY K 183 12.54 -26.72 -12.66
N GLY K 184 12.67 -26.03 -13.78
CA GLY K 184 13.71 -25.03 -13.92
C GLY K 184 15.04 -25.64 -14.32
N HIS K 185 16.07 -24.80 -14.47
CA HIS K 185 17.39 -25.28 -14.86
C HIS K 185 18.53 -24.80 -13.98
N TYR K 186 19.62 -25.56 -14.01
CA TYR K 186 20.83 -25.27 -13.25
C TYR K 186 21.92 -25.10 -14.31
N ARG K 187 22.46 -23.89 -14.41
CA ARG K 187 23.47 -23.55 -15.43
C ARG K 187 24.93 -23.78 -15.07
N CYS K 188 25.72 -24.09 -16.10
CA CYS K 188 27.15 -24.34 -15.97
C CYS K 188 27.86 -23.97 -17.27
N ASP K 189 28.99 -23.29 -17.15
CA ASP K 189 29.78 -22.89 -18.31
C ASP K 189 31.04 -23.74 -18.41
N PHE K 190 31.21 -24.38 -19.57
CA PHE K 190 32.37 -25.22 -19.85
C PHE K 190 33.42 -24.45 -20.64
N LYS K 191 34.69 -24.66 -20.30
CA LYS K 191 35.81 -24.06 -20.99
C LYS K 191 36.84 -25.17 -21.16
N THR K 192 36.92 -25.71 -22.37
CA THR K 192 37.82 -26.81 -22.67
C THR K 192 38.98 -26.40 -23.58
N THR K 193 40.13 -27.04 -23.37
CA THR K 193 41.32 -26.82 -24.17
C THR K 193 41.73 -28.18 -24.71
N TYR K 194 41.77 -28.31 -26.03
CA TYR K 194 42.15 -29.55 -26.70
C TYR K 194 43.58 -29.43 -27.24
N LYS K 195 44.39 -30.44 -26.97
CA LYS K 195 45.79 -30.42 -27.39
C LYS K 195 46.23 -31.72 -28.09
N ALA K 196 46.41 -31.64 -29.40
CA ALA K 196 46.85 -32.78 -30.19
C ALA K 196 48.32 -33.04 -29.86
N LYS K 197 48.68 -34.31 -29.70
CA LYS K 197 50.05 -34.66 -29.35
C LYS K 197 51.07 -34.40 -30.46
N LYS K 198 50.58 -34.30 -31.71
CA LYS K 198 51.46 -34.01 -32.84
C LYS K 198 50.90 -32.81 -33.58
N VAL K 199 51.59 -32.36 -34.62
CA VAL K 199 51.15 -31.22 -35.40
C VAL K 199 50.05 -31.63 -36.36
N VAL K 200 48.89 -30.98 -36.23
CA VAL K 200 47.75 -31.25 -37.08
C VAL K 200 47.25 -29.94 -37.67
N GLN K 201 46.44 -30.03 -38.73
CA GLN K 201 45.89 -28.85 -39.37
C GLN K 201 44.88 -28.21 -38.42
N LEU K 202 44.94 -26.89 -38.29
CA LEU K 202 44.03 -26.15 -37.41
C LEU K 202 42.75 -25.72 -38.11
N PRO K 203 41.59 -25.98 -37.47
CA PRO K 203 40.27 -25.63 -38.02
C PRO K 203 39.86 -24.16 -37.80
N ASP K 204 38.91 -23.72 -38.60
CA ASP K 204 38.37 -22.38 -38.47
C ASP K 204 37.26 -22.46 -37.43
N TYR K 205 36.75 -21.32 -37.02
CA TYR K 205 35.68 -21.25 -36.02
C TYR K 205 34.49 -22.11 -36.44
N HIS K 206 34.11 -23.05 -35.59
CA HIS K 206 32.98 -23.92 -35.89
C HIS K 206 32.19 -24.34 -34.65
N PHE K 207 31.17 -25.15 -34.85
CA PHE K 207 30.30 -25.60 -33.76
C PHE K 207 30.14 -27.10 -33.73
N VAL K 208 29.82 -27.63 -32.55
CA VAL K 208 29.59 -29.05 -32.38
C VAL K 208 28.35 -29.24 -31.52
N ASP K 209 27.29 -29.77 -32.14
CA ASP K 209 26.04 -30.03 -31.42
C ASP K 209 26.23 -31.30 -30.60
N HIS K 210 25.70 -31.29 -29.39
CA HIS K 210 25.81 -32.43 -28.48
C HIS K 210 24.47 -32.83 -27.89
N HIS K 211 24.39 -34.09 -27.48
CA HIS K 211 23.21 -34.62 -26.81
C HIS K 211 23.64 -35.85 -26.04
N ILE K 212 23.93 -35.65 -24.75
CA ILE K 212 24.36 -36.72 -23.88
C ILE K 212 23.18 -37.17 -23.03
N GLU K 213 23.03 -38.48 -22.85
CA GLU K 213 21.93 -39.04 -22.08
C GLU K 213 22.28 -40.32 -21.34
N ILE K 214 21.80 -40.44 -20.11
CA ILE K 214 22.01 -41.65 -19.33
C ILE K 214 20.80 -42.49 -19.74
N LYS K 215 21.06 -43.58 -20.44
CA LYS K 215 19.98 -44.45 -20.90
C LYS K 215 19.43 -45.38 -19.83
N SER K 216 20.30 -45.81 -18.92
CA SER K 216 19.89 -46.69 -17.83
C SER K 216 20.90 -46.64 -16.70
N HIS K 217 20.44 -46.97 -15.50
CA HIS K 217 21.29 -46.96 -14.31
C HIS K 217 20.56 -47.65 -13.17
N ASP K 218 21.31 -48.19 -12.22
CA ASP K 218 20.70 -48.82 -11.06
C ASP K 218 20.41 -47.74 -10.02
N LYS K 219 19.81 -48.13 -8.90
CA LYS K 219 19.43 -47.20 -7.84
C LYS K 219 20.48 -46.17 -7.38
N ASP K 220 21.66 -46.64 -6.99
CA ASP K 220 22.72 -45.75 -6.51
C ASP K 220 23.75 -45.34 -7.56
N TYR K 221 23.43 -45.58 -8.83
CA TYR K 221 24.31 -45.25 -9.96
C TYR K 221 25.65 -45.99 -10.02
N SER K 222 25.71 -47.18 -9.43
CA SER K 222 26.93 -47.99 -9.45
C SER K 222 27.21 -48.43 -10.88
N ASN K 223 26.15 -48.56 -11.66
CA ASN K 223 26.23 -48.96 -13.06
C ASN K 223 25.43 -47.96 -13.89
N VAL K 224 26.08 -47.37 -14.88
CA VAL K 224 25.43 -46.38 -15.74
C VAL K 224 25.73 -46.63 -17.21
N ASN K 225 24.69 -46.57 -18.05
CA ASN K 225 24.83 -46.73 -19.48
C ASN K 225 24.66 -45.34 -20.06
N LEU K 226 25.74 -44.82 -20.64
CA LEU K 226 25.75 -43.46 -21.20
C LEU K 226 25.79 -43.44 -22.73
N HIS K 227 25.08 -42.49 -23.32
CA HIS K 227 25.01 -42.32 -24.77
C HIS K 227 25.23 -40.85 -25.15
N GLU K 228 25.85 -40.64 -26.31
CA GLU K 228 26.08 -39.28 -26.81
C GLU K 228 26.04 -39.23 -28.33
N HIS K 229 25.44 -38.17 -28.85
CA HIS K 229 25.33 -37.93 -30.28
C HIS K 229 25.88 -36.54 -30.54
N ALA K 230 26.83 -36.43 -31.47
CA ALA K 230 27.45 -35.14 -31.78
C ALA K 230 27.67 -34.89 -33.28
N GLU K 231 27.42 -33.67 -33.71
CA GLU K 231 27.60 -33.27 -35.10
C GLU K 231 28.20 -31.87 -35.24
N ALA K 232 29.27 -31.77 -36.00
CA ALA K 232 29.93 -30.50 -36.23
C ALA K 232 29.31 -29.77 -37.41
N HIS K 233 29.28 -28.43 -37.33
CA HIS K 233 28.72 -27.60 -38.39
C HIS K 233 29.28 -26.19 -38.38
N SER K 234 29.07 -25.46 -39.47
CA SER K 234 29.57 -24.08 -39.60
C SER K 234 28.61 -23.16 -40.35
N VAL L 22 -1.63 -8.49 -35.53
CA VAL L 22 -0.63 -7.64 -34.80
C VAL L 22 0.76 -7.77 -35.44
N ILE L 23 1.17 -9.02 -35.66
CA ILE L 23 2.48 -9.29 -36.26
C ILE L 23 2.34 -9.48 -37.78
N LYS L 24 2.77 -8.47 -38.53
CA LYS L 24 2.70 -8.51 -39.99
C LYS L 24 3.92 -9.22 -40.59
N PRO L 25 3.77 -9.80 -41.79
CA PRO L 25 4.86 -10.51 -42.46
C PRO L 25 6.06 -9.59 -42.73
N ASP L 26 5.78 -8.29 -42.83
CA ASP L 26 6.80 -7.27 -43.06
C ASP L 26 6.57 -6.13 -42.06
N MET L 27 7.48 -6.01 -41.10
CA MET L 27 7.39 -4.98 -40.07
C MET L 27 8.52 -3.96 -40.17
N LYS L 28 8.33 -2.81 -39.50
CA LYS L 28 9.32 -1.74 -39.49
C LYS L 28 9.98 -1.60 -38.12
N ILE L 29 11.08 -0.84 -38.08
CA ILE L 29 11.83 -0.61 -36.85
C ILE L 29 12.27 0.83 -36.74
N LYS L 30 12.20 1.38 -35.53
CA LYS L 30 12.60 2.75 -35.23
C LYS L 30 13.26 2.68 -33.85
N LEU L 31 14.44 3.26 -33.70
CA LEU L 31 15.14 3.19 -32.42
C LEU L 31 16.06 4.35 -32.11
N ARG L 32 16.44 4.43 -30.83
CA ARG L 32 17.37 5.43 -30.33
C ARG L 32 18.14 4.86 -29.15
N MET L 33 19.47 4.85 -29.28
CA MET L 33 20.35 4.35 -28.23
C MET L 33 21.12 5.48 -27.59
N GLU L 34 21.07 5.55 -26.27
CA GLU L 34 21.82 6.55 -25.52
C GLU L 34 22.76 5.72 -24.65
N GLY L 35 24.04 6.05 -24.69
CA GLY L 35 24.98 5.27 -23.89
C GLY L 35 26.33 5.89 -23.63
N ALA L 36 27.23 5.07 -23.10
CA ALA L 36 28.58 5.50 -22.80
C ALA L 36 29.51 4.29 -22.73
N VAL L 37 30.76 4.52 -23.12
CA VAL L 37 31.79 3.49 -23.08
C VAL L 37 33.00 4.12 -22.41
N ASN L 38 33.43 3.53 -21.30
CA ASN L 38 34.56 4.04 -20.53
C ASN L 38 34.35 5.50 -20.11
N GLY L 39 33.10 5.86 -19.81
CA GLY L 39 32.78 7.21 -19.39
C GLY L 39 32.54 8.22 -20.49
N HIS L 40 32.59 7.81 -21.75
CA HIS L 40 32.37 8.73 -22.86
C HIS L 40 31.01 8.51 -23.52
N PRO L 41 30.10 9.49 -23.35
CA PRO L 41 28.73 9.47 -23.90
C PRO L 41 28.60 9.52 -25.42
N PHE L 42 27.49 8.99 -25.91
CA PHE L 42 27.19 8.94 -27.33
C PHE L 42 25.72 8.58 -27.52
N ALA L 43 25.19 8.89 -28.70
CA ALA L 43 23.80 8.59 -29.03
C ALA L 43 23.71 8.13 -30.48
N ILE L 44 22.86 7.15 -30.73
CA ILE L 44 22.68 6.59 -32.07
C ILE L 44 21.20 6.37 -32.33
N GLU L 45 20.75 6.72 -33.53
CA GLU L 45 19.35 6.52 -33.92
C GLU L 45 19.31 5.62 -35.14
N GLY L 46 18.20 4.95 -35.34
CA GLY L 46 18.09 4.06 -36.49
C GLY L 46 16.69 3.75 -36.95
N VAL L 47 16.60 3.28 -38.19
CA VAL L 47 15.35 2.91 -38.83
C VAL L 47 15.64 1.60 -39.55
N GLY L 48 14.65 0.72 -39.62
CA GLY L 48 14.86 -0.54 -40.30
C GLY L 48 13.58 -1.28 -40.64
N LEU L 49 13.74 -2.53 -41.05
CA LEU L 49 12.61 -3.37 -41.42
C LEU L 49 13.03 -4.83 -41.41
N GLY L 50 12.05 -5.71 -41.21
CA GLY L 50 12.35 -7.13 -41.18
C GLY L 50 11.13 -8.01 -41.28
N LYS L 51 11.38 -9.30 -41.51
CA LYS L 51 10.33 -10.30 -41.62
C LYS L 51 10.36 -11.17 -40.36
N PRO L 52 9.48 -10.87 -39.39
CA PRO L 52 9.38 -11.60 -38.12
C PRO L 52 9.23 -13.11 -38.25
N PHE L 53 8.50 -13.54 -39.27
CA PHE L 53 8.27 -14.97 -39.49
C PHE L 53 9.41 -15.68 -40.20
N GLU L 54 10.26 -14.92 -40.89
CA GLU L 54 11.41 -15.51 -41.58
C GLU L 54 12.68 -15.34 -40.73
N GLY L 55 12.57 -14.56 -39.67
CA GLY L 55 13.69 -14.34 -38.77
C GLY L 55 14.80 -13.46 -39.35
N LYS L 56 14.45 -12.61 -40.31
CA LYS L 56 15.41 -11.73 -40.95
C LYS L 56 15.06 -10.27 -40.72
N GLN L 57 16.10 -9.43 -40.65
CA GLN L 57 15.91 -8.00 -40.43
C GLN L 57 17.15 -7.24 -40.87
N SER L 58 16.98 -5.93 -41.02
CA SER L 58 18.07 -5.04 -41.43
C SER L 58 17.75 -3.62 -40.97
N MET L 59 18.77 -2.81 -40.77
CA MET L 59 18.56 -1.44 -40.33
C MET L 59 19.74 -0.52 -40.64
N ASP L 60 19.45 0.78 -40.70
CA ASP L 60 20.46 1.80 -40.96
C ASP L 60 20.61 2.61 -39.69
N LEU L 61 21.82 2.62 -39.16
CA LEU L 61 22.12 3.33 -37.93
C LEU L 61 22.97 4.58 -38.17
N LYS L 62 22.63 5.65 -37.46
CA LYS L 62 23.34 6.91 -37.59
C LYS L 62 23.77 7.47 -36.24
N VAL L 63 25.06 7.78 -36.12
CA VAL L 63 25.61 8.36 -34.89
C VAL L 63 25.16 9.81 -34.80
N LYS L 64 24.49 10.15 -33.71
CA LYS L 64 23.98 11.51 -33.51
C LYS L 64 24.83 12.35 -32.56
N GLU L 65 25.41 11.72 -31.56
CA GLU L 65 26.25 12.42 -30.57
C GLU L 65 27.47 11.59 -30.20
N GLY L 66 28.54 12.26 -29.79
CA GLY L 66 29.75 11.59 -29.39
C GLY L 66 30.60 11.02 -30.52
N GLY L 67 30.29 11.40 -31.74
CA GLY L 67 31.05 10.92 -32.88
C GLY L 67 32.31 11.73 -33.10
N PRO L 68 33.37 11.13 -33.68
CA PRO L 68 33.41 9.73 -34.11
C PRO L 68 33.66 8.79 -32.93
N LEU L 69 32.94 7.68 -32.90
CA LEU L 69 33.07 6.71 -31.82
C LEU L 69 34.49 6.18 -31.69
N PRO L 70 35.09 6.29 -30.48
CA PRO L 70 36.46 5.84 -30.19
C PRO L 70 36.61 4.35 -29.88
N PHE L 71 35.53 3.59 -30.04
CA PHE L 71 35.55 2.16 -29.75
C PHE L 71 34.97 1.33 -30.91
N ALA L 72 35.23 0.03 -30.85
CA ALA L 72 34.75 -0.91 -31.86
C ALA L 72 33.22 -0.92 -31.89
N TYR L 73 32.66 -0.63 -33.06
CA TYR L 73 31.22 -0.59 -33.25
C TYR L 73 30.54 -1.94 -32.97
N ASP L 74 31.27 -3.02 -33.21
CA ASP L 74 30.72 -4.36 -32.99
C ASP L 74 30.14 -4.64 -31.61
N ILE L 75 30.61 -3.93 -30.59
CA ILE L 75 30.08 -4.15 -29.24
C ILE L 75 28.64 -3.65 -29.10
N LEU L 76 28.20 -2.81 -30.04
CA LEU L 76 26.84 -2.25 -30.00
C LEU L 76 25.82 -3.01 -30.84
N THR L 77 26.29 -3.66 -31.89
CA THR L 77 25.42 -4.36 -32.83
C THR L 77 24.34 -5.33 -32.33
N THR L 78 24.67 -6.16 -31.35
CA THR L 78 23.67 -7.10 -30.83
C THR L 78 22.62 -6.41 -29.95
N VAL L 79 22.86 -5.15 -29.62
CA VAL L 79 21.92 -4.40 -28.80
C VAL L 79 20.86 -3.79 -29.73
N PHE L 80 21.29 -3.38 -30.93
CA PHE L 80 20.37 -2.79 -31.91
C PHE L 80 19.46 -3.88 -32.46
N1 GYS L 81 19.95 -5.21 -32.72
OG1 GYS L 81 19.80 -7.44 -35.58
CB1 GYS L 81 20.52 -6.80 -34.43
CA1 GYS L 81 19.62 -6.52 -33.25
C1 GYS L 81 19.77 -7.54 -32.17
N2 GYS L 81 20.54 -8.58 -32.15
N3 GYS L 81 19.04 -7.48 -30.99
C2 GYS L 81 19.37 -8.56 -30.17
O2 GYS L 81 18.84 -8.72 -29.03
CA2 GYS L 81 20.36 -9.25 -30.96
CA3 GYS L 81 18.06 -6.47 -30.58
CB2 GYS L 81 20.96 -10.40 -30.48
CG2 GYS L 81 21.94 -11.23 -31.02
CD1 GYS L 81 22.54 -11.00 -32.31
CD2 GYS L 81 22.39 -12.37 -30.26
CE1 GYS L 81 23.54 -11.86 -32.81
CE2 GYS L 81 23.39 -13.22 -30.77
CZ GYS L 81 23.98 -12.98 -32.04
OH GYS L 81 24.93 -13.81 -32.48
C3 GYS L 81 16.68 -6.74 -30.09
O3 GYS L 81 16.12 -5.92 -29.40
N ASN L 82 16.11 -7.68 -30.77
CA ASN L 82 14.68 -7.95 -30.81
C ASN L 82 14.45 -9.37 -31.29
N ARG L 83 14.19 -10.26 -30.36
CA ARG L 83 13.98 -11.67 -30.70
C ARG L 83 12.67 -11.97 -31.44
N VAL L 84 11.86 -10.95 -31.70
CA VAL L 84 10.62 -11.17 -32.45
C VAL L 84 11.04 -11.53 -33.89
N PHE L 85 12.23 -11.04 -34.28
CA PHE L 85 12.78 -11.31 -35.59
C PHE L 85 13.58 -12.61 -35.51
N ALA L 86 12.86 -13.69 -35.22
CA ALA L 86 13.44 -15.01 -35.11
C ALA L 86 12.37 -15.98 -35.57
N LYS L 87 12.72 -16.83 -36.53
CA LYS L 87 11.80 -17.81 -37.06
C LYS L 87 11.59 -18.95 -36.07
N TYR L 88 10.41 -18.99 -35.47
CA TYR L 88 10.05 -20.02 -34.50
C TYR L 88 9.18 -21.11 -35.11
N PRO L 89 9.65 -22.37 -35.05
CA PRO L 89 8.88 -23.50 -35.59
C PRO L 89 7.55 -23.60 -34.85
N GLU L 90 6.59 -24.32 -35.43
CA GLU L 90 5.27 -24.47 -34.82
C GLU L 90 5.27 -25.17 -33.46
N ASN L 91 6.17 -26.13 -33.28
CA ASN L 91 6.23 -26.88 -32.02
C ASN L 91 7.02 -26.22 -30.88
N ILE L 92 7.35 -24.93 -31.04
CA ILE L 92 8.07 -24.19 -30.01
C ILE L 92 7.30 -22.92 -29.67
N VAL L 93 7.02 -22.73 -28.39
CA VAL L 93 6.29 -21.56 -27.90
C VAL L 93 7.09 -20.29 -28.19
N ASP L 94 6.44 -19.31 -28.82
CA ASP L 94 7.08 -18.05 -29.17
C ASP L 94 6.75 -16.97 -28.14
N TYR L 95 7.60 -16.86 -27.13
CA TYR L 95 7.46 -15.90 -26.05
C TYR L 95 7.41 -14.44 -26.53
N PHE L 96 8.14 -14.16 -27.60
CA PHE L 96 8.24 -12.80 -28.13
C PHE L 96 7.05 -12.29 -28.94
N LYS L 97 6.57 -13.08 -29.90
CA LYS L 97 5.44 -12.66 -30.71
C LYS L 97 4.17 -12.58 -29.86
N GLN L 98 4.09 -13.43 -28.84
CA GLN L 98 2.94 -13.45 -27.93
C GLN L 98 2.83 -12.20 -27.09
N SER L 99 3.96 -11.56 -26.81
CA SER L 99 3.99 -10.36 -25.97
C SER L 99 3.35 -9.10 -26.56
N PHE L 100 3.11 -9.10 -27.86
CA PHE L 100 2.50 -7.94 -28.51
C PHE L 100 0.98 -8.03 -28.55
N PRO L 101 0.29 -6.89 -28.72
CA PRO L 101 0.76 -5.50 -28.88
C PRO L 101 1.51 -4.85 -27.73
N GLU L 102 1.29 -5.32 -26.50
CA GLU L 102 1.94 -4.75 -25.31
C GLU L 102 3.47 -4.68 -25.42
N GLY L 103 4.07 -5.71 -25.98
CA GLY L 103 5.52 -5.73 -26.14
C GLY L 103 6.27 -6.33 -24.97
N TYR L 104 7.58 -6.07 -24.93
CA TYR L 104 8.43 -6.58 -23.87
C TYR L 104 9.69 -5.75 -23.74
N SER L 105 10.50 -6.06 -22.74
CA SER L 105 11.76 -5.37 -22.52
C SER L 105 12.81 -6.41 -22.16
N TRP L 106 14.08 -6.07 -22.34
CA TRP L 106 15.15 -6.98 -21.99
C TRP L 106 16.33 -6.25 -21.38
N GLU L 107 17.08 -6.98 -20.56
CA GLU L 107 18.27 -6.47 -19.88
C GLU L 107 19.37 -7.45 -20.22
N ARG L 108 20.58 -6.97 -20.41
CA ARG L 108 21.68 -7.86 -20.76
C ARG L 108 23.04 -7.41 -20.23
N SER L 109 23.86 -8.38 -19.86
CA SER L 109 25.22 -8.12 -19.40
C SER L 109 26.11 -8.87 -20.38
N MET L 110 27.10 -8.16 -20.92
CA MET L 110 28.04 -8.72 -21.87
C MET L 110 29.43 -8.66 -21.26
N ASN L 111 29.87 -9.81 -20.77
CA ASN L 111 31.15 -9.96 -20.08
C ASN L 111 32.27 -10.40 -21.02
N TYR L 112 33.17 -9.46 -21.35
CA TYR L 112 34.29 -9.75 -22.25
C TYR L 112 35.45 -10.39 -21.48
N GLU L 113 36.17 -11.28 -22.14
CA GLU L 113 37.26 -12.01 -21.48
C GLU L 113 38.38 -11.17 -20.85
N ASP L 114 38.55 -9.93 -21.31
CA ASP L 114 39.58 -9.08 -20.73
C ASP L 114 39.06 -8.13 -19.64
N GLY L 115 37.84 -8.39 -19.16
CA GLY L 115 37.28 -7.56 -18.10
C GLY L 115 36.34 -6.44 -18.55
N GLY L 116 36.33 -6.14 -19.83
CA GLY L 116 35.42 -5.10 -20.32
C GLY L 116 34.02 -5.63 -20.11
N ILE L 117 33.14 -4.81 -19.53
CA ILE L 117 31.76 -5.23 -19.28
C ILE L 117 30.76 -4.21 -19.82
N CYS L 118 29.74 -4.70 -20.52
CA CYS L 118 28.70 -3.84 -21.07
C CYS L 118 27.32 -4.28 -20.61
N ASN L 119 26.56 -3.33 -20.08
CA ASN L 119 25.19 -3.58 -19.63
C ASN L 119 24.28 -2.84 -20.61
N ALA L 120 23.21 -3.49 -21.05
CA ALA L 120 22.27 -2.86 -21.98
C ALA L 120 20.83 -3.23 -21.70
N THR L 121 19.93 -2.34 -22.07
CA THR L 121 18.50 -2.55 -21.89
C THR L 121 17.77 -2.05 -23.13
N ASN L 122 16.64 -2.66 -23.43
CA ASN L 122 15.82 -2.27 -24.57
C ASN L 122 14.35 -2.43 -24.21
N ASP L 123 13.63 -1.32 -24.22
CA ASP L 123 12.20 -1.31 -23.93
C ASP L 123 11.54 -1.29 -25.31
N ILE L 124 10.88 -2.39 -25.66
CA ILE L 124 10.24 -2.50 -26.97
C ILE L 124 8.73 -2.34 -26.94
N THR L 125 8.24 -1.33 -27.67
CA THR L 125 6.82 -1.06 -27.78
C THR L 125 6.42 -1.08 -29.25
N LEU L 126 5.13 -1.19 -29.53
CA LEU L 126 4.65 -1.26 -30.91
C LEU L 126 3.68 -0.13 -31.26
N ASP L 127 3.91 0.48 -32.41
CA ASP L 127 3.08 1.56 -32.92
C ASP L 127 2.67 1.16 -34.34
N GLY L 128 1.57 0.42 -34.44
CA GLY L 128 1.09 -0.04 -35.73
C GLY L 128 1.88 -1.22 -36.25
N ASP L 129 2.66 -0.99 -37.29
CA ASP L 129 3.48 -2.04 -37.90
C ASP L 129 4.97 -1.76 -37.65
N CYS L 130 5.24 -0.80 -36.79
CA CYS L 130 6.61 -0.41 -36.48
C CYS L 130 6.99 -0.55 -35.01
N TYR L 131 8.02 -1.33 -34.74
CA TYR L 131 8.51 -1.54 -33.39
C TYR L 131 9.38 -0.33 -33.04
N ILE L 132 9.27 0.15 -31.80
CA ILE L 132 10.07 1.28 -31.34
C ILE L 132 10.92 0.87 -30.14
N TYR L 133 12.24 1.00 -30.30
CA TYR L 133 13.18 0.64 -29.24
C TYR L 133 13.70 1.84 -28.46
N GLU L 134 13.75 1.69 -27.14
CA GLU L 134 14.32 2.71 -26.26
C GLU L 134 15.50 1.94 -25.68
N ILE L 135 16.70 2.31 -26.10
CA ILE L 135 17.91 1.61 -25.67
C ILE L 135 18.90 2.40 -24.79
N ARG L 136 19.52 1.69 -23.85
CA ARG L 136 20.53 2.27 -22.97
C ARG L 136 21.72 1.32 -23.03
N PHE L 137 22.91 1.87 -23.22
CA PHE L 137 24.13 1.05 -23.31
C PHE L 137 25.24 1.63 -22.44
N ASP L 138 25.88 0.78 -21.63
CA ASP L 138 26.96 1.25 -20.76
C ASP L 138 28.07 0.23 -20.60
N GLY L 139 29.23 0.56 -21.18
CA GLY L 139 30.39 -0.31 -21.09
C GLY L 139 31.50 0.32 -20.27
N VAL L 140 32.18 -0.49 -19.48
CA VAL L 140 33.28 0.02 -18.65
C VAL L 140 34.44 -0.97 -18.62
N ASN L 141 35.60 -0.46 -18.18
CA ASN L 141 36.83 -1.23 -18.05
C ASN L 141 37.44 -1.86 -19.28
N PHE L 142 37.24 -1.26 -20.45
CA PHE L 142 37.87 -1.78 -21.66
C PHE L 142 39.29 -1.23 -21.67
N PRO L 143 40.30 -2.12 -21.69
CA PRO L 143 41.71 -1.69 -21.69
C PRO L 143 42.02 -0.84 -22.92
N ALA L 144 42.82 0.22 -22.74
CA ALA L 144 43.20 1.11 -23.82
C ALA L 144 43.87 0.39 -24.98
N ASN L 145 44.62 -0.67 -24.68
CA ASN L 145 45.34 -1.45 -25.70
C ASN L 145 44.59 -2.68 -26.18
N GLY L 146 43.36 -2.85 -25.70
CA GLY L 146 42.53 -3.98 -26.07
C GLY L 146 41.88 -3.83 -27.43
N PRO L 147 41.33 -4.93 -27.99
CA PRO L 147 40.66 -4.94 -29.30
C PRO L 147 39.50 -3.97 -29.48
N VAL L 148 38.79 -3.66 -28.40
CA VAL L 148 37.67 -2.73 -28.49
C VAL L 148 38.12 -1.28 -28.63
N MET L 149 39.03 -0.82 -27.76
CA MET L 149 39.52 0.56 -27.87
C MET L 149 40.48 0.79 -29.03
N GLN L 150 41.12 -0.29 -29.49
CA GLN L 150 42.06 -0.21 -30.61
C GLN L 150 41.37 -0.51 -31.94
N LYS L 151 40.09 -0.84 -31.88
CA LYS L 151 39.28 -1.15 -33.06
C LYS L 151 39.88 -2.26 -33.92
N ARG L 152 40.08 -3.43 -33.32
CA ARG L 152 40.66 -4.56 -34.05
C ARG L 152 39.65 -5.65 -34.34
N THR L 153 38.37 -5.38 -34.12
CA THR L 153 37.33 -6.37 -34.37
C THR L 153 36.90 -6.43 -35.84
N VAL L 154 36.63 -7.63 -36.33
CA VAL L 154 36.19 -7.83 -37.71
C VAL L 154 34.68 -8.03 -37.74
N LYS L 155 34.20 -9.00 -36.98
CA LYS L 155 32.77 -9.31 -36.91
C LYS L 155 32.47 -10.36 -35.82
N TRP L 156 31.18 -10.51 -35.51
CA TRP L 156 30.75 -11.52 -34.55
C TRP L 156 30.57 -12.81 -35.35
N GLU L 157 30.98 -13.92 -34.78
CA GLU L 157 30.80 -15.21 -35.44
C GLU L 157 29.33 -15.59 -35.25
N PRO L 158 28.79 -16.49 -36.08
CA PRO L 158 27.38 -16.87 -35.88
C PRO L 158 27.32 -17.52 -34.49
N SER L 159 26.15 -17.57 -33.89
CA SER L 159 26.05 -18.15 -32.55
C SER L 159 24.76 -18.89 -32.28
N THR L 160 24.73 -19.57 -31.13
CA THR L 160 23.56 -20.32 -30.71
C THR L 160 23.22 -19.90 -29.28
N GLU L 161 22.10 -19.19 -29.15
CA GLU L 161 21.62 -18.71 -27.85
C GLU L 161 20.79 -19.81 -27.18
N LYS L 162 21.03 -20.01 -25.88
CA LYS L 162 20.30 -21.00 -25.09
C LYS L 162 19.25 -20.27 -24.27
N LEU L 163 17.98 -20.60 -24.51
CA LEU L 163 16.88 -19.96 -23.79
C LEU L 163 16.17 -20.93 -22.85
N TYR L 164 15.93 -20.46 -21.64
CA TYR L 164 15.28 -21.24 -20.60
C TYR L 164 14.50 -20.31 -19.67
N VAL L 165 13.45 -20.85 -19.06
CA VAL L 165 12.63 -20.07 -18.15
C VAL L 165 13.18 -20.04 -16.72
N ARG L 166 12.99 -18.91 -16.07
CA ARG L 166 13.41 -18.73 -14.68
C ARG L 166 12.67 -17.55 -14.09
N ASP L 167 12.13 -17.74 -12.89
CA ASP L 167 11.38 -16.69 -12.18
C ASP L 167 10.22 -16.13 -12.99
N GLY L 168 9.53 -17.01 -13.71
CA GLY L 168 8.40 -16.60 -14.52
C GLY L 168 8.73 -15.83 -15.78
N VAL L 169 10.02 -15.62 -16.04
CA VAL L 169 10.45 -14.89 -17.23
C VAL L 169 11.40 -15.74 -18.06
N LEU L 170 11.90 -15.17 -19.16
CA LEU L 170 12.80 -15.91 -20.05
C LEU L 170 14.24 -15.42 -20.03
N LYS L 171 15.17 -16.37 -19.92
CA LYS L 171 16.60 -16.07 -19.91
C LYS L 171 17.21 -16.53 -21.22
N GLY L 172 18.26 -15.83 -21.64
CA GLY L 172 18.93 -16.20 -22.86
C GLY L 172 20.43 -16.01 -22.68
N ASP L 173 21.18 -17.11 -22.78
CA ASP L 173 22.63 -17.07 -22.62
C ASP L 173 23.31 -17.53 -23.91
N VAL L 174 24.41 -16.88 -24.26
CA VAL L 174 25.13 -17.26 -25.47
C VAL L 174 26.61 -16.93 -25.39
N ASN L 175 27.42 -17.88 -25.85
CA ASN L 175 28.88 -17.73 -25.90
C ASN L 175 29.16 -17.03 -27.22
N MET L 176 29.57 -15.78 -27.15
CA MET L 176 29.86 -14.98 -28.34
C MET L 176 31.36 -14.83 -28.60
N ALA L 177 31.72 -14.55 -29.84
CA ALA L 177 33.11 -14.37 -30.20
C ALA L 177 33.32 -13.39 -31.34
N LEU L 178 34.27 -12.49 -31.16
CA LEU L 178 34.61 -11.51 -32.19
C LEU L 178 35.90 -11.92 -32.88
N SER L 179 35.87 -12.03 -34.20
CA SER L 179 37.08 -12.35 -34.95
C SER L 179 37.95 -11.09 -34.93
N LEU L 180 39.26 -11.26 -34.78
CA LEU L 180 40.19 -10.13 -34.71
C LEU L 180 41.04 -10.00 -35.96
N GLU L 181 41.34 -8.75 -36.32
CA GLU L 181 42.15 -8.44 -37.51
C GLU L 181 43.53 -9.10 -37.54
N GLY L 182 44.15 -9.23 -36.38
CA GLY L 182 45.46 -9.86 -36.33
C GLY L 182 45.36 -11.38 -36.25
N GLY L 183 44.14 -11.88 -36.33
CA GLY L 183 43.89 -13.31 -36.24
C GLY L 183 43.39 -13.64 -34.85
N GLY L 184 42.73 -14.80 -34.71
CA GLY L 184 42.22 -15.20 -33.41
C GLY L 184 40.88 -14.59 -33.05
N HIS L 185 40.40 -14.93 -31.86
CA HIS L 185 39.10 -14.43 -31.40
C HIS L 185 39.14 -13.76 -30.03
N TYR L 186 38.09 -12.98 -29.77
CA TYR L 186 37.91 -12.24 -28.53
C TYR L 186 36.53 -12.67 -28.03
N ARG L 187 36.51 -13.43 -26.94
CA ARG L 187 35.29 -13.97 -26.35
C ARG L 187 34.48 -13.05 -25.43
N CYS L 188 33.17 -13.26 -25.45
CA CYS L 188 32.24 -12.49 -24.62
C CYS L 188 31.05 -13.37 -24.24
N ASP L 189 30.66 -13.31 -22.97
CA ASP L 189 29.53 -14.09 -22.49
C ASP L 189 28.31 -13.20 -22.30
N PHE L 190 27.22 -13.55 -22.99
CA PHE L 190 25.97 -12.80 -22.91
C PHE L 190 25.00 -13.47 -21.95
N LYS L 191 24.35 -12.65 -21.14
CA LYS L 191 23.33 -13.11 -20.20
C LYS L 191 22.19 -12.10 -20.34
N THR L 192 21.12 -12.52 -21.00
CA THR L 192 19.96 -11.67 -21.23
C THR L 192 18.70 -12.16 -20.51
N THR L 193 17.89 -11.20 -20.05
CA THR L 193 16.63 -11.50 -19.35
C THR L 193 15.50 -10.81 -20.13
N TYR L 194 14.59 -11.61 -20.68
CA TYR L 194 13.46 -11.09 -21.44
C TYR L 194 12.20 -11.06 -20.57
N LYS L 195 11.54 -9.91 -20.52
CA LYS L 195 10.34 -9.75 -19.71
C LYS L 195 9.15 -9.21 -20.49
N ALA L 196 8.16 -10.06 -20.74
CA ALA L 196 6.95 -9.67 -21.46
C ALA L 196 6.12 -8.72 -20.59
N LYS L 197 5.44 -7.78 -21.24
CA LYS L 197 4.61 -6.81 -20.52
C LYS L 197 3.22 -7.31 -20.15
N LYS L 198 2.93 -8.57 -20.49
CA LYS L 198 1.65 -9.19 -20.18
C LYS L 198 1.87 -10.69 -20.02
N VAL L 199 0.89 -11.38 -19.46
CA VAL L 199 0.99 -12.82 -19.27
C VAL L 199 0.97 -13.56 -20.60
N VAL L 200 2.00 -14.36 -20.83
CA VAL L 200 2.11 -15.15 -22.05
C VAL L 200 2.52 -16.57 -21.70
N GLN L 201 2.40 -17.48 -22.65
CA GLN L 201 2.76 -18.88 -22.44
C GLN L 201 4.29 -18.99 -22.41
N LEU L 202 4.80 -19.68 -21.38
CA LEU L 202 6.25 -19.86 -21.23
C LEU L 202 6.75 -21.05 -22.03
N PRO L 203 7.86 -20.87 -22.75
CA PRO L 203 8.44 -21.94 -23.58
C PRO L 203 9.33 -22.93 -22.82
N ASP L 204 9.56 -24.08 -23.44
CA ASP L 204 10.44 -25.09 -22.86
C ASP L 204 11.84 -24.73 -23.32
N TYR L 205 12.85 -25.44 -22.81
CA TYR L 205 14.24 -25.17 -23.16
C TYR L 205 14.43 -25.26 -24.68
N HIS L 206 14.94 -24.19 -25.28
CA HIS L 206 15.18 -24.16 -26.72
C HIS L 206 16.37 -23.29 -27.12
N PHE L 207 16.70 -23.33 -28.40
CA PHE L 207 17.83 -22.58 -28.94
C PHE L 207 17.42 -21.64 -30.07
N VAL L 208 18.29 -20.67 -30.33
CA VAL L 208 18.08 -19.71 -31.41
C VAL L 208 19.43 -19.44 -32.04
N ASP L 209 19.58 -19.88 -33.29
CA ASP L 209 20.82 -19.68 -34.03
C ASP L 209 20.79 -18.24 -34.55
N HIS L 210 21.89 -17.52 -34.37
CA HIS L 210 21.99 -16.14 -34.82
C HIS L 210 23.14 -15.95 -35.80
N HIS L 211 23.05 -14.87 -36.57
CA HIS L 211 24.09 -14.48 -37.51
C HIS L 211 23.89 -13.01 -37.81
N ILE L 212 24.64 -12.18 -37.09
CA ILE L 212 24.57 -10.73 -37.24
C ILE L 212 25.76 -10.26 -38.09
N GLU L 213 25.50 -9.35 -39.01
CA GLU L 213 26.55 -8.84 -39.89
C GLU L 213 26.37 -7.37 -40.28
N ILE L 214 27.47 -6.63 -40.31
CA ILE L 214 27.45 -5.25 -40.74
C ILE L 214 27.69 -5.35 -42.24
N LYS L 215 26.66 -5.06 -43.03
CA LYS L 215 26.75 -5.16 -44.49
C LYS L 215 27.50 -4.01 -45.15
N SER L 216 27.43 -2.82 -44.55
CA SER L 216 28.12 -1.66 -45.08
C SER L 216 28.28 -0.62 -43.98
N HIS L 217 29.25 0.28 -44.15
CA HIS L 217 29.53 1.32 -43.18
C HIS L 217 30.55 2.29 -43.76
N ASP L 218 30.49 3.56 -43.34
CA ASP L 218 31.46 4.53 -43.80
C ASP L 218 32.73 4.45 -42.93
N LYS L 219 33.75 5.21 -43.30
CA LYS L 219 35.04 5.21 -42.60
C LYS L 219 34.98 5.15 -41.07
N ASP L 220 34.39 6.17 -40.45
CA ASP L 220 34.30 6.22 -38.99
C ASP L 220 33.02 5.65 -38.38
N TYR L 221 32.35 4.77 -39.14
CA TYR L 221 31.10 4.13 -38.70
C TYR L 221 29.94 5.07 -38.34
N SER L 222 29.95 6.28 -38.90
CA SER L 222 28.88 7.25 -38.66
C SER L 222 27.56 6.69 -39.19
N ASN L 223 27.65 5.87 -40.24
CA ASN L 223 26.50 5.23 -40.85
C ASN L 223 26.80 3.75 -40.99
N VAL L 224 25.89 2.92 -40.49
CA VAL L 224 26.06 1.48 -40.55
C VAL L 224 24.79 0.77 -41.00
N ASN L 225 24.94 -0.22 -41.87
CA ASN L 225 23.82 -1.01 -42.34
C ASN L 225 24.00 -2.37 -41.69
N LEU L 226 23.09 -2.72 -40.78
CA LEU L 226 23.16 -3.96 -40.02
C LEU L 226 22.06 -4.96 -40.38
N HIS L 227 22.45 -6.23 -40.54
CA HIS L 227 21.52 -7.32 -40.85
C HIS L 227 21.64 -8.46 -39.84
N GLU L 228 20.55 -9.21 -39.66
CA GLU L 228 20.56 -10.37 -38.76
C GLU L 228 19.60 -11.46 -39.22
N HIS L 229 20.08 -12.70 -39.15
CA HIS L 229 19.29 -13.87 -39.53
C HIS L 229 19.22 -14.78 -38.29
N ALA L 230 18.01 -15.05 -37.81
CA ALA L 230 17.82 -15.89 -36.63
C ALA L 230 16.72 -16.93 -36.80
N GLU L 231 16.98 -18.14 -36.30
CA GLU L 231 16.04 -19.25 -36.38
C GLU L 231 16.09 -20.11 -35.12
N ALA L 232 14.92 -20.35 -34.53
CA ALA L 232 14.81 -21.16 -33.32
C ALA L 232 14.69 -22.65 -33.64
N HIS L 233 15.11 -23.47 -32.68
CA HIS L 233 15.05 -24.94 -32.82
C HIS L 233 15.13 -25.57 -31.44
N SER L 234 14.80 -26.86 -31.34
CA SER L 234 14.81 -27.53 -30.04
C SER L 234 14.94 -29.04 -30.06
N GLU L 235 14.40 -29.66 -29.02
CA GLU L 235 14.36 -31.11 -28.77
C GLU L 235 15.70 -31.84 -28.66
MG MG M . 11.86 9.35 -3.33
MG MG N . 17.34 3.94 -18.84
MG MG O . 17.35 -17.25 -8.19
MG MG P . 17.51 -12.15 0.64
MG MG Q . 52.59 -2.07 -14.61
MG MG R . 49.39 -3.67 5.30
MG MG S . -26.01 44.50 20.81
MG MG T . -38.94 18.62 0.59
MG MG U . -44.11 48.21 6.47
MG MG V . -46.64 30.60 -1.87
MG MG W . -25.55 18.81 -0.51
MG MG X . -28.66 15.59 -4.70
MG MG Y . -31.86 52.00 -9.54
MG MG Z . -24.51 29.84 16.62
MG MG AA . -1.79 48.46 -9.22
MG MG BA . -17.16 45.03 -17.50
MG MG CA . -3.71 26.06 -27.30
MG MG DA . -18.88 27.00 -10.22
MG MG EA . -22.37 33.86 -20.61
MG MG FA . -0.52 19.80 -10.64
MG MG GA . -18.72 25.77 -3.97
MG MG HA . -16.79 17.63 3.79
MG MG IA . -22.86 -24.93 44.28
MG MG JA . -28.47 -15.58 41.53
MG MG KA . -26.70 -11.29 40.08
MG MG LA . -34.76 -12.83 39.07
MG MG MA . -20.41 -4.50 32.91
MG MG NA . -33.23 -16.90 14.80
MG MG OA . -17.78 -26.64 2.45
MG MG PA . 10.83 -16.21 14.92
MG MG QA . -5.70 2.85 -2.21
MG MG RA . -29.22 -5.51 15.51
MG MG SA . -23.17 -13.12 -12.56
MG MG TA . 1.06 -7.00 -8.88
MG MG UA . -21.89 6.26 7.53
MG MG VA . -20.31 -2.53 23.28
MG MG WA . -25.83 40.81 -30.13
MG MG XA . -21.23 30.59 -17.56
MG MG YA . -9.01 12.70 -7.83
MG MG ZA . -23.04 4.38 -25.47
MG MG AB . -6.37 21.95 -49.34
MG MG BB . -35.33 49.33 -12.00
MG MG CB . -44.84 36.71 -30.49
MG MG DB . -32.66 8.32 -10.10
MG MG EB . 25.60 -15.77 9.30
MG MG FB . 31.52 -15.25 -3.86
MG MG GB . 56.83 -10.98 -16.69
MG MG HB . 38.91 -20.77 20.55
MG MG IB . -19.59 -34.51 37.80
MG MG JB . -2.04 -30.03 23.00
MG MG KB . -12.56 -14.11 30.59
MG MG LB . -7.09 -37.50 30.65
MG MG MB . 5.68 -23.48 22.87
MG MG NB . 45.39 -16.75 -31.02
MG MG OB . 46.17 -15.72 -24.10
MG MG PB . 41.02 -36.25 -2.58
MG MG QB . 27.70 -31.78 1.09
MG MG RB . 33.53 -40.23 -0.09
MG MG SB . 15.96 -32.59 -23.06
MG MG TB . 27.62 -13.11 -14.68
MG MG UB . 45.77 -6.13 -20.59
MG MG VB . 17.53 7.89 -37.88
#